data_8FW5
#
_entry.id   8FW5
#
_cell.length_a   1.00
_cell.length_b   1.00
_cell.length_c   1.00
_cell.angle_alpha   90.00
_cell.angle_beta   90.00
_cell.angle_gamma   90.00
#
_symmetry.space_group_name_H-M   'P 1'
#
loop_
_entity.id
_entity.type
_entity.pdbx_description
1 polymer 'GATOR complex protein DEPDC5'
2 polymer 'GATOR complex protein NPRL2'
3 polymer 'GATOR complex protein NPRL3'
4 polymer 'GTP-binding protein Gtr1'
5 polymer 'GTP-binding protein Gtr2'
6 polymer 'Schizosaccharomyces pombe LAM1, Human LAMTOR1 ortholog'
7 polymer 'Schizosaccharomyces pombe LAM2, Human LAMTOR2 ortholog'
8 polymer 'Schizosaccharomyces pombe LAM3, Human LAMTOR3 ortholog'
9 polymer 'Schizosaccharomyces pombe LAM4, Human LAMTOR5 ortholog'
10 non-polymer "GUANOSINE-5'-DIPHOSPHATE"
11 non-polymer 'ALUMINUM FLUORIDE'
12 non-polymer 'MAGNESIUM ION'
#
loop_
_entity_poly.entity_id
_entity_poly.type
_entity_poly.pdbx_seq_one_letter_code
_entity_poly.pdbx_strand_id
1 'polypeptide(L)'
;MRTTKVYKLVIHKKGFGGSDDELVVNPKVFPHIKLGDIVEIAHPNDEYSPLLLQVKSLKEDLQKETISVDQTVTQVFRLR
PYQDVYVNVVDPKDVTLDLVELTFKDQYIGRGDMWRLKKSLVSTCAYITQKVEFAGIRAQAGELWVKNEKVMCGYISEDT
RVVFRSTSAMVYIFIQMSCEMWDFDIYGDLYFEKAVNGFLADLFTKWKEKNCSHEVTVVLFSRTFYDAKSVDEFPEINRA
SIRQDHKGRFYEDFYKVVVQNERREEWTSLLVTIKKLFIQYPVLVRLEQAEGFPQGDNSTSAQGNYLEAINLSFNVFDKH
YINRNFDRTGQMSVVITPGVGVFEVDRLLMILTKQRMIDNGIGVDLVCMGEQPLHAVPLFKLHNRSAPRDSRLGDDYNIP
HWINHSFYTSKSQLFCNSFTPRIKLAGKKPASEKAKNGRDTSLGSPKESENALPIQVDYDAYDAQVFRLPGPSRAQCLTT
CRSVRERESHSRKSASSCDVSSSPSLPSRTLPTEEVRSQASDDSSLGKSANILMIPHPHLHQYEVSSSLGYTSTRDVLEN
MMEPPQRDSSAPGRFHVGSAESMLHVRPGGYTPQRALINPFAPSRMPMKLTSNRRRWMHTFPVGPSGEAIQIHHQTRQNM
AELQGSGQRDPTHSSAELLELAYHEAAGRHSNSPQPGDGMSFLNFSGTEELSVGLLSNSGAGMNPRTQNKDSLEDSVSTS
PDPILTLSAPPVVPGFCCTVGVDWKSLTTPACLPLTTDYFPDRQGLQNDYTEGCADLLPEADIDRRDEDGVQMTAQQVFE
EFICQRLMQGYQIIVQPKTQKPNPAVPPPLSSSPLYSRGLVSRNRPEEEDQYWLSMGRTFHKVTLKDKMITVTRYLPKYP
YESAQIHYTYSLCPSHSDSEFVSCWVEFSHERLEEYKWNYLDQYICSAGSEDFSLIESLKFWRTRFLLLPACVTATKRIT
EGEAHCDIYGDRPRADEDEWQLLDGFVRFVEGLNRIRRRHRSDRMMRKGTAMKGLQMTGPISTHSLESTAPPVGKKGTSA
LSALLEMEASQKCLGEQQAAVHGGKSSAQSAESSSVAMTPTYMDSPRKDGAFFMEFVRSPRTASSAFYPQVSVDQTATPM
LDGTSLGICTGQSMDRGNSQTFGNSQNIGEQGYSSTNSSDSSSQQLVASSLTSSSTLTEILEAMKHPSTGVQLLSEQKGL
SPYCFISAEVVHWLVNHVEGIQTQAMAIDIMQKMLEEQLITHASGEAWRTFIYGFYFYKIVTDKEPDRVAMQQPATTWHT
AGVDDFASFQRKWFEVAFVAEELVHSEIPAFLLPWLPSRPASYASRHSSFSRSFGGRSQAAALLAATVPEQRTVTLDVDV
NNRTDRLEWCSCYYHGNFSLNAAFEIKLHWMAVTAAVLFEMVQGWHRKATSCGFLLVPVLEGPFALPSYLYGDPLRAQLF
IPLNISCLLKEGSEHLFDSFEPETYWDRMHLFQEAIAHRFGFVQDKYSASAFNFPAENKPQYIHVTGTVFLQLPYSKRKF
SGQQRRRRNSTSSTNQNMFCEERVGYNWAYNTMLTKTWRSSATGDEKFADRLLKDFTDFCINRDNRLVTFWTSCLEKMHA
SAP
;
A
2 'polypeptide(L)'
;MGYPYDVPDYADLNGGGGGSTMGSGCRIECIFFSEFHPTLGPKITYQVPEDFISRELFDTVQVYIITKPELQNKLITVTA
MEKKLIGCPVCIEHKKYSRNALLFNLGFVCDAQAKTCALEPIVKKLAGYLTTLELESSFVSMEESKQKLVPIMTILLEEL
NASGRCTLPIDESNTIHLKVIEQRPDPPVAQEYDVPVFTKDKEDFFNSQWDLTTQQILPYIDGFRHIQKISAEADVELNL
VRIAIQNLLYYGVVTLVSILQYSNVYCPTPKVQDLVDDKSLQEACLSYVTKQGHKRASLRDVFQLYCSLSPGTTVRDLIG
RHPQQLQHVDERKLIQFGLMKNLIRRLQKYPVRVTREEQSHPARLYTGCHSYDEICCKTGMSYHELDERLENDPNIIICW
K
;
B
3 'polypeptide(L)'
;MGYPYDVPDYADLNGGGGGSTMRDNTSPISVILVSSGSRGNKLLFRYPFQRSQEHPASQTSKPRSRYAASNTGDHADEQD
GDSRFSDVILATILATKSEMCGQKFELKIDNVRFVGHPTLLQHALGQISKTDPSPKREAPTMILFNVVFALRANADPSVI
NCLHNLSRRIATVLQHEERRCQYLTREAKLILALQDEVSAMADGNEGPQSPFHHILPKCKLARDLKEAYDSLCTSGVVRL
HINSWLEVSFCLPHKIHYAASSLIPPEAIERSLKAIRPYHALLLLSDEKSLLGELPIDCSPALVRVIKTTSAVKNLQQLA
QDADLALLQVFQLAAHLVYWGKAIIIYPLCENNVYMLSPNASVCLYSPLAEQFSHQFPSHDLPSVLAKFSLPVSLSEFRN
PLAPAVQETQLIQMVVWMLQRRLLIQLHTYVCLMASPSEEEPRPREDDVPFTARVGGRSLSTPNALSFGSPTSSDDMTLT
SPSMDNSSAELLPSGDSPLNQRMTENLLASLSEHERAAILSVPAAQNPEDLRMFARLLHYFRGRHHLEEIMYNENTRRSQ
LLMLFDKFRSVLVVTTHEDPVIAVFQALLP
;
C
4 'polypeptide(L)'
;MRKKVLLMGRSGSGKSSMRSIVFSNYVAKDTRRLGATIDIEHSHVRFLGNLVLNLWDCGGQEAFMENYLSAQRDHIFRNV
QVLIYVFDVESREFERDLVTFRNCLEATVANSPQARVFCLIHKMDLVQEDLRDLVFEERKAILLETSKDLETTCLATSIW
DETLFKAWSAIVYTLIPNTPTLESHLREFAKAAEAAEVILFERTTFLVISSYSSESNPATDAHRFEKISNIVKQFKLSCS
KMQAQFTTFELRGGNFSAFIVPYTEDTYILVVIADPEIESAVTLMNIQSARRFIEASKSASDGIQLQPGSGGSHHHHHHH
H
;
D
5 'polypeptide(L)'
;MKPRKIILMGLRRSGKSSIQKVVFYKMPPNETLALESTSKLTQDHISSFIDFSVWDFPGQVDVFDAAFDFESIFTQVGAL
IFVIDAQDDYLDALARLHVTVARVVTINPNICIEVFIHKVDGLSDEFKIDTQRDIQQRTQDELADIGLENVPISFHLTSI
FDHSIFEAFSRVIQKLIPQLPTLENLLNIFCSNSLVEKAYLFDVLSKIYVATDSSPVDVQSYEICSDFIDVILDIGSIYG
RSSQLKPGHSPEILDETSSVIRLSNDLVLFLREMNQYLALICIVRADNFEKSGLIEYNVQCLQTAIQSIFSPRT
;
E
6 'polypeptide(L)'
;MSPILGYWKIKGLVQPTRLLLEYLEEKYEEHLYERDEGDKWRNKKFELGLEFPNLPYYIDGDVKLTQSMAIIRYIADKHN
MLGGCPKERAEISMLEGAVLDIRYGVSRIAYSKDFETLKVDFLSKLPEMLKMFEDRLCHKTYLNGDHVTHPDFMLYDALD
VVLYMDPMCLDAFPKLVCFKKRIEAIPQIDKYLKSSKYIAWPLQGWQATFGGGDHPPKSDLVPRGSPNSSFLFNNSDDID
EQTPLLNNDGIQRTPPSAEADMSLRKREEEEEWESKVYDVAKNKFIDVFSLRLRTEAPQRDPRDNIYEEVLDQIDSLNLD
PKYDVAKPTEQETEFIIRKLGVLIDDINNIKLSDKEIKGKMVINLSKVQPNITGSPS
;
F
7 'polypeptide(L)'
;MGSSHHHHHHSLEVLFQGPGSMIKPKKLSSLMKQAVEETVPSIMVFTTTGSLLAYVSFEDPKDGLKRLDLAKRVRSIAAL
AGNMYSLYTATNPSPLVAESTDDVIAHQRDVLFETIIEFERGKLLIAAISIDGAEDKLYSKDPLLLGIVGTENAKEGMMQ
IKSELLKECITNELSTLGKPV
;
G
8 'polypeptide(L)'
;MSVSQQLSELASKEKTVLYVADQNLEEVLCFPESTDRTTLVQLTDACLHANELAKHLEFGKPLSITNQYSRGSCVLQIAK
EKKDGSGMVVSTTIAAHNALRGALKCSNALDQVISQL
;
H
9 'polypeptide(L)'
;MDSQLSENLLKCVNETYRGAMLVRNGLPIATAGDVNAEEQRVICEWNSNAVSEVLHLHDSNTKILIATKESCVLGLIYRN
T
;
I
#
# COMPACT_ATOMS: atom_id res chain seq x y z
N VAL A 6 -4.36 -22.73 23.27
CA VAL A 6 -4.87 -22.87 21.91
C VAL A 6 -6.39 -22.86 21.94
N TYR A 7 -6.98 -21.90 21.22
CA TYR A 7 -8.42 -21.73 21.16
C TYR A 7 -8.82 -21.44 19.72
N LYS A 8 -10.03 -21.86 19.36
CA LYS A 8 -10.53 -21.62 18.01
C LYS A 8 -11.00 -20.18 17.87
N LEU A 9 -10.70 -19.58 16.71
CA LEU A 9 -11.01 -18.18 16.45
C LEU A 9 -12.28 -18.09 15.63
N VAL A 10 -13.36 -17.61 16.26
CA VAL A 10 -14.64 -17.42 15.61
C VAL A 10 -14.81 -15.92 15.35
N ILE A 11 -15.37 -15.58 14.19
CA ILE A 11 -15.64 -14.19 13.86
C ILE A 11 -17.11 -13.90 14.09
N HIS A 12 -17.41 -12.64 14.43
CA HIS A 12 -18.78 -12.18 14.57
C HIS A 12 -18.88 -10.77 14.01
N LYS A 13 -20.10 -10.25 13.97
CA LYS A 13 -20.38 -8.92 13.47
C LYS A 13 -20.85 -8.04 14.62
N LYS A 14 -20.32 -6.83 14.70
CA LYS A 14 -20.70 -5.90 15.77
C LYS A 14 -22.08 -5.32 15.47
N GLY A 15 -22.95 -5.35 16.47
CA GLY A 15 -24.33 -4.93 16.30
C GLY A 15 -25.25 -5.95 15.71
N PHE A 16 -24.77 -7.17 15.45
CA PHE A 16 -25.57 -8.25 14.88
C PHE A 16 -25.61 -9.41 15.85
N GLY A 17 -26.80 -9.93 16.10
CA GLY A 17 -26.95 -11.04 17.03
C GLY A 17 -26.76 -10.69 18.48
N GLY A 18 -26.92 -9.42 18.84
CA GLY A 18 -26.75 -9.00 20.21
C GLY A 18 -25.32 -8.71 20.63
N SER A 19 -24.36 -8.87 19.73
CA SER A 19 -22.95 -8.63 20.04
C SER A 19 -22.61 -7.19 19.68
N ASP A 20 -22.27 -6.39 20.69
CA ASP A 20 -21.98 -4.98 20.51
C ASP A 20 -20.55 -4.62 20.91
N ASP A 21 -19.67 -5.60 21.00
CA ASP A 21 -18.29 -5.38 21.40
C ASP A 21 -17.36 -5.97 20.35
N GLU A 22 -16.10 -5.53 20.39
CA GLU A 22 -15.08 -6.10 19.52
C GLU A 22 -14.68 -7.51 19.98
N LEU A 23 -14.77 -7.78 21.27
CA LEU A 23 -14.36 -9.05 21.84
C LEU A 23 -15.49 -9.63 22.67
N VAL A 24 -15.83 -10.90 22.43
CA VAL A 24 -16.81 -11.62 23.21
C VAL A 24 -16.09 -12.78 23.89
N VAL A 25 -16.10 -12.80 25.22
CA VAL A 25 -15.37 -13.78 26.00
C VAL A 25 -16.38 -14.60 26.80
N ASN A 26 -16.35 -15.92 26.61
CA ASN A 26 -17.20 -16.81 27.38
C ASN A 26 -16.59 -17.03 28.77
N PRO A 27 -17.34 -16.77 29.84
CA PRO A 27 -16.75 -16.94 31.19
C PRO A 27 -16.54 -18.39 31.60
N LYS A 28 -17.28 -19.34 31.03
CA LYS A 28 -17.07 -20.74 31.37
C LYS A 28 -15.89 -21.35 30.62
N VAL A 29 -15.42 -20.68 29.56
CA VAL A 29 -14.17 -21.08 28.90
C VAL A 29 -12.98 -20.39 29.54
N PHE A 30 -13.14 -19.12 29.90
CA PHE A 30 -12.09 -18.32 30.52
C PHE A 30 -12.58 -17.87 31.89
N PRO A 31 -12.41 -18.68 32.94
CA PRO A 31 -12.81 -18.25 34.28
C PRO A 31 -11.86 -17.26 34.92
N HIS A 32 -10.63 -17.16 34.42
CA HIS A 32 -9.63 -16.26 34.96
C HIS A 32 -9.67 -14.88 34.33
N ILE A 33 -10.62 -14.62 33.43
CA ILE A 33 -10.75 -13.33 32.76
C ILE A 33 -11.95 -12.61 33.35
N LYS A 34 -11.70 -11.44 33.91
CA LYS A 34 -12.74 -10.59 34.50
C LYS A 34 -13.06 -9.45 33.54
N LEU A 35 -13.93 -8.55 34.00
CA LEU A 35 -14.31 -7.39 33.21
C LEU A 35 -13.18 -6.37 33.19
N GLY A 36 -12.95 -5.77 32.02
CA GLY A 36 -11.93 -4.76 31.87
C GLY A 36 -10.53 -5.26 31.63
N ASP A 37 -10.33 -6.57 31.52
CA ASP A 37 -9.01 -7.12 31.26
C ASP A 37 -8.61 -6.91 29.81
N ILE A 38 -7.31 -6.90 29.57
CA ILE A 38 -6.75 -6.79 28.22
C ILE A 38 -6.33 -8.18 27.78
N VAL A 39 -6.84 -8.62 26.64
CA VAL A 39 -6.64 -9.98 26.13
C VAL A 39 -5.74 -9.90 24.91
N GLU A 40 -4.61 -10.60 24.95
CA GLU A 40 -3.70 -10.69 23.82
C GLU A 40 -4.07 -11.90 22.97
N ILE A 41 -4.37 -11.67 21.70
CA ILE A 41 -4.70 -12.72 20.76
C ILE A 41 -3.63 -12.74 19.68
N ALA A 42 -2.93 -13.86 19.54
CA ALA A 42 -1.79 -13.96 18.65
C ALA A 42 -1.81 -15.29 17.92
N HIS A 43 -1.13 -15.31 16.77
CA HIS A 43 -0.97 -16.53 16.01
C HIS A 43 0.04 -17.46 16.70
N PRO A 44 -0.11 -18.77 16.51
CA PRO A 44 1.01 -19.67 16.83
C PRO A 44 2.08 -19.54 15.75
N ASN A 45 3.34 -19.51 16.19
CA ASN A 45 4.52 -19.19 15.36
C ASN A 45 4.34 -17.85 14.67
N ASP A 46 4.40 -16.81 15.51
CA ASP A 46 4.00 -15.42 15.23
C ASP A 46 4.62 -14.85 13.96
N GLU A 47 3.76 -14.54 12.99
CA GLU A 47 4.13 -13.91 11.74
C GLU A 47 3.83 -12.42 11.74
N TYR A 48 2.77 -12.01 12.44
CA TYR A 48 2.33 -10.62 12.45
C TYR A 48 2.21 -10.12 13.88
N SER A 49 1.65 -8.92 14.05
CA SER A 49 1.48 -8.34 15.38
C SER A 49 0.31 -9.00 16.11
N PRO A 50 0.42 -9.17 17.42
CA PRO A 50 -0.72 -9.66 18.21
C PRO A 50 -1.79 -8.58 18.35
N LEU A 51 -2.98 -9.03 18.75
CA LEU A 51 -4.12 -8.15 18.90
C LEU A 51 -4.48 -8.02 20.38
N LEU A 52 -4.57 -6.78 20.85
CA LEU A 52 -5.00 -6.49 22.21
C LEU A 52 -6.42 -5.93 22.18
N LEU A 53 -7.31 -6.53 22.97
CA LEU A 53 -8.68 -6.07 23.06
C LEU A 53 -9.10 -6.07 24.53
N GLN A 54 -10.10 -5.24 24.83
CA GLN A 54 -10.59 -5.07 26.19
C GLN A 54 -11.91 -5.81 26.36
N VAL A 55 -12.08 -6.44 27.52
CA VAL A 55 -13.30 -7.19 27.82
C VAL A 55 -14.34 -6.23 28.36
N LYS A 56 -15.49 -6.17 27.69
CA LYS A 56 -16.60 -5.31 28.10
C LYS A 56 -17.88 -6.07 28.40
N SER A 57 -17.97 -7.35 28.05
CA SER A 57 -19.14 -8.16 28.34
C SER A 57 -18.73 -9.61 28.44
N LEU A 58 -19.55 -10.39 29.13
CA LEU A 58 -19.32 -11.82 29.31
C LEU A 58 -20.62 -12.56 28.97
N LYS A 59 -20.64 -13.24 27.83
CA LYS A 59 -21.80 -13.98 27.37
C LYS A 59 -21.43 -15.45 27.18
N GLU A 60 -22.38 -16.34 27.49
CA GLU A 60 -22.15 -17.77 27.49
C GLU A 60 -22.71 -18.47 26.24
N ASP A 61 -22.94 -17.72 25.16
CA ASP A 61 -23.54 -18.31 23.96
C ASP A 61 -22.55 -19.16 23.19
N LEU A 62 -21.25 -18.90 23.33
CA LEU A 62 -20.24 -19.63 22.57
C LEU A 62 -20.03 -21.03 23.15
N GLN A 63 -19.44 -21.89 22.32
CA GLN A 63 -19.05 -23.23 22.76
C GLN A 63 -17.68 -23.18 23.41
N LYS A 64 -17.17 -24.34 23.81
CA LYS A 64 -15.92 -24.41 24.53
C LYS A 64 -14.73 -24.22 23.60
N GLU A 65 -13.67 -23.60 24.15
CA GLU A 65 -12.39 -23.30 23.48
C GLU A 65 -12.58 -22.45 22.23
N THR A 66 -13.50 -21.48 22.30
CA THR A 66 -13.74 -20.54 21.22
C THR A 66 -13.78 -19.13 21.77
N ILE A 67 -13.22 -18.19 21.02
CA ILE A 67 -13.22 -16.77 21.38
C ILE A 67 -13.69 -15.97 20.17
N SER A 68 -14.62 -15.06 20.39
CA SER A 68 -15.29 -14.34 19.31
C SER A 68 -14.72 -12.93 19.20
N VAL A 69 -14.12 -12.62 18.04
CA VAL A 69 -13.59 -11.31 17.72
C VAL A 69 -14.39 -10.76 16.54
N ASP A 70 -14.55 -9.44 16.49
CA ASP A 70 -15.26 -8.77 15.40
C ASP A 70 -14.52 -8.98 14.07
N GLN A 71 -15.29 -8.96 12.98
CA GLN A 71 -14.79 -9.37 11.67
C GLN A 71 -13.80 -8.35 11.09
N THR A 72 -14.08 -7.05 11.26
CA THR A 72 -13.19 -6.02 10.74
C THR A 72 -11.88 -5.96 11.51
N VAL A 73 -11.91 -6.27 12.81
CA VAL A 73 -10.69 -6.32 13.62
C VAL A 73 -9.82 -7.49 13.20
N THR A 74 -10.44 -8.63 12.86
CA THR A 74 -9.66 -9.75 12.34
C THR A 74 -9.16 -9.49 10.92
N GLN A 75 -9.91 -8.70 10.13
CA GLN A 75 -9.46 -8.38 8.79
C GLN A 75 -8.30 -7.38 8.79
N VAL A 76 -8.26 -6.49 9.78
CA VAL A 76 -7.15 -5.54 9.90
C VAL A 76 -5.87 -6.25 10.31
N PHE A 77 -5.96 -7.15 11.29
CA PHE A 77 -4.79 -7.78 11.89
C PHE A 77 -4.41 -9.09 11.23
N ARG A 78 -4.97 -9.39 10.05
CA ARG A 78 -4.71 -10.59 9.24
C ARG A 78 -4.99 -11.88 10.02
N LEU A 79 -6.05 -11.86 10.82
CA LEU A 79 -6.46 -13.04 11.58
C LEU A 79 -7.44 -13.84 10.73
N ARG A 80 -7.03 -15.05 10.33
CA ARG A 80 -7.91 -15.90 9.55
C ARG A 80 -8.99 -16.48 10.46
N PRO A 81 -10.24 -16.53 10.00
CA PRO A 81 -11.28 -17.19 10.80
C PRO A 81 -11.09 -18.69 10.83
N TYR A 82 -11.59 -19.30 11.92
CA TYR A 82 -11.53 -20.74 12.20
C TYR A 82 -10.09 -21.25 12.26
N GLN A 83 -9.28 -20.59 13.09
CA GLN A 83 -7.89 -20.93 13.29
C GLN A 83 -7.59 -21.02 14.77
N ASP A 84 -6.45 -21.63 15.10
CA ASP A 84 -5.97 -21.65 16.47
C ASP A 84 -5.32 -20.31 16.81
N VAL A 85 -5.60 -19.79 18.00
CA VAL A 85 -4.98 -18.57 18.51
C VAL A 85 -4.53 -18.80 19.94
N TYR A 86 -3.60 -17.95 20.38
CA TYR A 86 -3.13 -17.94 21.76
C TYR A 86 -3.84 -16.81 22.50
N VAL A 87 -4.52 -17.14 23.59
CA VAL A 87 -5.23 -16.15 24.40
C VAL A 87 -4.46 -15.96 25.70
N ASN A 88 -3.96 -14.74 25.92
CA ASN A 88 -3.23 -14.40 27.12
C ASN A 88 -3.74 -13.07 27.65
N VAL A 89 -3.58 -12.87 28.94
CA VAL A 89 -3.98 -11.64 29.62
C VAL A 89 -2.71 -10.87 29.97
N VAL A 90 -2.62 -9.62 29.52
CA VAL A 90 -1.45 -8.79 29.75
C VAL A 90 -1.84 -7.62 30.65
N ASP A 91 -0.84 -7.09 31.36
CA ASP A 91 -1.04 -5.96 32.24
C ASP A 91 -1.19 -4.67 31.41
N PRO A 92 -2.05 -3.75 31.84
CA PRO A 92 -2.19 -2.48 31.11
C PRO A 92 -0.98 -1.56 31.22
N LYS A 93 -0.10 -1.76 32.21
CA LYS A 93 1.07 -0.91 32.36
C LYS A 93 2.19 -1.26 31.39
N ASP A 94 2.13 -2.43 30.75
CA ASP A 94 3.18 -2.85 29.84
C ASP A 94 2.89 -2.49 28.38
N VAL A 95 1.63 -2.18 28.05
CA VAL A 95 1.23 -1.91 26.68
C VAL A 95 0.63 -0.51 26.55
N THR A 96 1.07 0.42 27.39
CA THR A 96 0.49 1.75 27.44
C THR A 96 1.09 2.64 26.35
N LEU A 97 0.23 3.23 25.53
CA LEU A 97 0.66 4.17 24.51
C LEU A 97 1.11 5.50 25.13
N ASP A 98 1.96 6.22 24.42
CA ASP A 98 2.26 7.60 24.77
C ASP A 98 1.83 8.60 23.70
N LEU A 99 1.35 8.14 22.55
CA LEU A 99 0.83 9.03 21.52
C LEU A 99 -0.17 8.25 20.66
N VAL A 100 -1.35 8.83 20.45
CA VAL A 100 -2.35 8.29 19.54
C VAL A 100 -2.96 9.45 18.77
N GLU A 101 -3.14 9.28 17.46
CA GLU A 101 -3.64 10.32 16.59
C GLU A 101 -5.01 9.95 16.06
N LEU A 102 -5.95 10.89 16.16
CA LEU A 102 -7.32 10.70 15.68
C LEU A 102 -7.62 11.76 14.62
N THR A 103 -8.11 11.31 13.46
CA THR A 103 -8.37 12.17 12.32
C THR A 103 -9.86 12.29 12.09
N PHE A 104 -10.35 13.52 11.92
CA PHE A 104 -11.74 13.78 11.59
C PHE A 104 -11.90 13.91 10.08
N LYS A 105 -13.15 13.79 9.63
CA LYS A 105 -13.43 13.86 8.19
C LYS A 105 -14.84 14.37 7.99
N ASP A 106 -14.96 15.47 7.23
CA ASP A 106 -16.23 16.04 6.74
C ASP A 106 -17.18 16.42 7.87
N GLN A 107 -16.62 16.90 8.99
CA GLN A 107 -17.42 17.16 10.17
C GLN A 107 -16.70 18.19 11.02
N TYR A 108 -17.44 19.19 11.51
CA TYR A 108 -16.87 20.25 12.33
C TYR A 108 -16.91 19.82 13.79
N ILE A 109 -15.75 19.77 14.43
CA ILE A 109 -15.61 19.34 15.82
C ILE A 109 -15.05 20.50 16.62
N GLY A 110 -15.75 20.89 17.69
CA GLY A 110 -15.24 21.90 18.59
C GLY A 110 -14.15 21.35 19.50
N ARG A 111 -13.48 22.27 20.19
CA ARG A 111 -12.41 21.86 21.09
C ARG A 111 -12.94 21.24 22.37
N GLY A 112 -14.11 21.70 22.85
CA GLY A 112 -14.77 21.02 23.95
C GLY A 112 -15.27 19.64 23.57
N ASP A 113 -15.70 19.47 22.32
CA ASP A 113 -16.08 18.15 21.83
C ASP A 113 -14.87 17.22 21.72
N MET A 114 -13.71 17.78 21.34
CA MET A 114 -12.47 17.00 21.33
C MET A 114 -12.05 16.62 22.75
N TRP A 115 -12.27 17.51 23.72
CA TRP A 115 -11.99 17.19 25.12
C TRP A 115 -12.93 16.11 25.64
N ARG A 116 -14.20 16.15 25.22
CA ARG A 116 -15.16 15.11 25.60
C ARG A 116 -14.82 13.77 24.97
N LEU A 117 -14.32 13.77 23.73
CA LEU A 117 -13.88 12.53 23.10
C LEU A 117 -12.63 11.97 23.76
N LYS A 118 -11.71 12.84 24.17
CA LYS A 118 -10.53 12.42 24.92
C LYS A 118 -10.89 11.85 26.29
N LYS A 119 -11.90 12.44 26.94
CA LYS A 119 -12.41 11.87 28.18
C LYS A 119 -13.14 10.56 27.95
N SER A 120 -13.78 10.39 26.79
CA SER A 120 -14.44 9.12 26.49
C SER A 120 -13.45 8.01 26.13
N LEU A 121 -12.25 8.36 25.69
CA LEU A 121 -11.22 7.39 25.36
C LEU A 121 -10.14 7.31 26.45
N VAL A 122 -10.51 7.40 27.71
CA VAL A 122 -9.52 7.61 28.75
C VAL A 122 -9.00 6.30 29.35
N SER A 123 -9.75 5.21 29.25
CA SER A 123 -9.33 3.92 29.80
C SER A 123 -9.71 2.78 28.87
N THR A 124 -9.51 2.97 27.57
CA THR A 124 -9.92 1.98 26.57
C THR A 124 -8.71 1.54 25.75
N CYS A 125 -8.84 0.36 25.14
CA CYS A 125 -7.84 -0.15 24.23
C CYS A 125 -8.13 0.33 22.82
N ALA A 126 -7.08 0.76 22.12
CA ALA A 126 -7.20 1.27 20.77
C ALA A 126 -6.34 0.46 19.83
N TYR A 127 -6.87 0.19 18.63
CA TYR A 127 -6.13 -0.43 17.55
C TYR A 127 -6.10 0.50 16.36
N ILE A 128 -5.28 0.17 15.37
CA ILE A 128 -5.08 1.06 14.23
C ILE A 128 -6.27 0.95 13.28
N THR A 129 -6.59 2.09 12.62
CA THR A 129 -7.72 2.28 11.71
C THR A 129 -9.06 1.90 12.36
N GLN A 130 -9.25 2.36 13.59
CA GLN A 130 -10.44 2.05 14.37
C GLN A 130 -11.39 3.24 14.37
N LYS A 131 -12.63 3.01 13.94
CA LYS A 131 -13.64 4.07 13.95
C LYS A 131 -14.15 4.27 15.37
N VAL A 132 -13.89 5.45 15.92
CA VAL A 132 -14.31 5.81 17.27
C VAL A 132 -15.43 6.84 17.15
N GLU A 133 -16.61 6.49 17.66
CA GLU A 133 -17.77 7.38 17.60
C GLU A 133 -18.28 7.64 19.02
N PHE A 134 -18.51 8.91 19.34
CA PHE A 134 -18.98 9.31 20.66
C PHE A 134 -19.80 10.58 20.49
N ALA A 135 -21.12 10.46 20.70
CA ALA A 135 -22.10 11.57 20.65
C ALA A 135 -22.07 12.32 19.32
N GLY A 136 -21.97 11.57 18.22
CA GLY A 136 -21.93 12.14 16.89
C GLY A 136 -20.56 12.49 16.39
N ILE A 137 -19.54 12.46 17.25
CA ILE A 137 -18.16 12.76 16.86
C ILE A 137 -17.52 11.46 16.40
N ARG A 138 -17.43 11.26 15.09
CA ARG A 138 -16.76 10.09 14.55
C ARG A 138 -15.30 10.43 14.24
N ALA A 139 -14.41 9.50 14.56
CA ALA A 139 -12.98 9.72 14.35
C ALA A 139 -12.33 8.36 14.09
N GLN A 140 -11.17 8.41 13.45
CA GLN A 140 -10.43 7.21 13.09
C GLN A 140 -9.02 7.30 13.67
N ALA A 141 -8.59 6.24 14.33
CA ALA A 141 -7.26 6.17 14.92
C ALA A 141 -6.24 6.01 13.80
N GLY A 142 -5.53 7.11 13.48
CA GLY A 142 -4.58 7.11 12.39
C GLY A 142 -3.32 6.31 12.66
N GLU A 143 -2.50 6.77 13.59
CA GLU A 143 -1.27 6.08 13.95
C GLU A 143 -1.14 6.03 15.47
N LEU A 144 -0.52 4.95 15.94
CA LEU A 144 -0.36 4.68 17.36
C LEU A 144 1.12 4.52 17.65
N TRP A 145 1.60 5.20 18.69
CA TRP A 145 3.02 5.24 19.01
C TRP A 145 3.27 4.69 20.41
N VAL A 146 4.32 3.88 20.55
CA VAL A 146 4.89 3.51 21.83
C VAL A 146 6.39 3.70 21.72
N LYS A 147 6.93 4.73 22.41
CA LYS A 147 8.35 5.04 22.51
C LYS A 147 9.00 5.27 21.14
N ASN A 148 8.52 6.31 20.45
CA ASN A 148 8.76 6.71 19.06
C ASN A 148 8.81 5.55 18.07
N GLU A 149 7.90 4.60 18.22
CA GLU A 149 7.78 3.45 17.33
C GLU A 149 6.31 3.24 17.01
N LYS A 150 5.99 3.09 15.73
CA LYS A 150 4.61 2.90 15.32
C LYS A 150 4.17 1.47 15.65
N VAL A 151 3.10 1.35 16.43
CA VAL A 151 2.61 0.06 16.87
C VAL A 151 1.20 -0.16 16.32
N MET A 152 0.63 -1.34 16.60
CA MET A 152 -0.69 -1.70 16.10
C MET A 152 -1.77 -1.60 17.16
N CYS A 153 -1.48 -2.02 18.40
CA CYS A 153 -2.42 -1.97 19.51
C CYS A 153 -1.87 -1.07 20.60
N GLY A 154 -2.60 -1.00 21.71
CA GLY A 154 -2.12 -0.25 22.85
C GLY A 154 -3.24 0.03 23.83
N TYR A 155 -2.89 0.76 24.88
CA TYR A 155 -3.81 1.11 25.94
C TYR A 155 -3.63 2.58 26.30
N ILE A 156 -4.73 3.24 26.63
CA ILE A 156 -4.73 4.64 27.06
C ILE A 156 -5.00 4.67 28.55
N SER A 157 -4.08 5.25 29.33
CA SER A 157 -4.14 5.22 30.78
C SER A 157 -3.82 6.58 31.38
N GLU A 158 -4.49 7.62 30.88
CA GLU A 158 -4.49 9.01 31.34
C GLU A 158 -3.16 9.74 31.18
N ASP A 159 -2.14 9.11 30.60
CA ASP A 159 -0.88 9.78 30.32
C ASP A 159 -0.55 9.79 28.83
N THR A 160 -1.40 9.20 28.00
CA THR A 160 -1.21 9.21 26.56
C THR A 160 -1.78 10.51 26.01
N ARG A 161 -0.90 11.36 25.47
CA ARG A 161 -1.38 12.58 24.82
C ARG A 161 -1.98 12.25 23.47
N VAL A 162 -3.12 12.84 23.17
CA VAL A 162 -3.83 12.60 21.92
C VAL A 162 -3.55 13.76 20.97
N VAL A 163 -3.64 13.47 19.67
CA VAL A 163 -3.46 14.46 18.62
C VAL A 163 -4.68 14.40 17.73
N PHE A 164 -5.36 15.53 17.57
CA PHE A 164 -6.56 15.62 16.75
C PHE A 164 -6.19 16.25 15.42
N ARG A 165 -6.05 15.43 14.39
CA ARG A 165 -5.83 15.91 13.04
C ARG A 165 -7.16 16.03 12.30
N SER A 166 -7.13 16.68 11.15
CA SER A 166 -8.34 16.89 10.36
C SER A 166 -8.02 16.65 8.89
N THR A 167 -8.87 15.86 8.24
CA THR A 167 -8.82 15.68 6.80
C THR A 167 -9.85 16.53 6.08
N SER A 168 -10.42 17.52 6.77
CA SER A 168 -11.38 18.45 6.17
C SER A 168 -11.18 19.78 6.87
N ALA A 169 -10.40 20.67 6.24
CA ALA A 169 -9.98 21.91 6.88
C ALA A 169 -10.18 23.08 5.94
N MET A 170 -10.34 24.27 6.52
CA MET A 170 -10.45 25.51 5.75
C MET A 170 -9.04 25.99 5.44
N VAL A 171 -8.44 25.39 4.42
CA VAL A 171 -7.05 25.66 4.09
C VAL A 171 -6.98 26.88 3.18
N TYR A 172 -5.89 27.63 3.31
CA TYR A 172 -5.68 28.86 2.56
C TYR A 172 -4.28 28.83 1.96
N ILE A 173 -4.20 28.98 0.65
CA ILE A 173 -2.93 28.89 -0.06
C ILE A 173 -2.62 30.25 -0.66
N PHE A 174 -1.49 30.83 -0.25
CA PHE A 174 -1.02 32.11 -0.74
C PHE A 174 0.23 31.88 -1.58
N ILE A 175 0.26 32.46 -2.78
CA ILE A 175 1.37 32.28 -3.71
C ILE A 175 1.97 33.65 -3.98
N GLN A 176 3.25 33.82 -3.65
CA GLN A 176 3.93 35.10 -3.81
C GLN A 176 4.46 35.20 -5.23
N MET A 177 3.83 36.05 -6.04
CA MET A 177 4.26 36.25 -7.43
C MET A 177 5.19 37.45 -7.52
N SER A 178 6.36 37.30 -6.89
CA SER A 178 7.36 38.34 -6.86
C SER A 178 8.24 38.25 -8.11
N CYS A 179 9.36 38.97 -8.11
CA CYS A 179 10.22 39.02 -9.29
C CYS A 179 11.01 37.74 -9.50
N GLU A 180 11.13 36.89 -8.47
CA GLU A 180 11.84 35.63 -8.61
C GLU A 180 11.05 34.56 -9.33
N MET A 181 9.73 34.75 -9.53
CA MET A 181 8.92 33.73 -10.20
C MET A 181 9.23 33.60 -11.68
N TRP A 182 9.85 34.60 -12.28
CA TRP A 182 10.28 34.55 -13.67
C TRP A 182 11.76 34.22 -13.82
N ASP A 183 12.42 33.84 -12.73
CA ASP A 183 13.84 33.52 -12.73
C ASP A 183 14.06 32.02 -12.81
N PHE A 184 15.21 31.63 -13.35
CA PHE A 184 15.56 30.23 -13.51
C PHE A 184 16.29 29.74 -12.25
N ASP A 185 16.85 28.53 -12.31
CA ASP A 185 17.58 27.97 -11.19
C ASP A 185 18.81 27.22 -11.71
N ILE A 186 19.37 26.38 -10.84
CA ILE A 186 20.48 25.51 -11.24
C ILE A 186 20.01 24.31 -12.04
N TYR A 187 18.71 24.04 -12.09
CA TYR A 187 18.17 22.94 -12.88
C TYR A 187 17.39 23.41 -14.10
N GLY A 188 17.41 24.72 -14.39
CA GLY A 188 16.77 25.24 -15.58
C GLY A 188 15.28 25.46 -15.49
N ASP A 189 14.67 25.25 -14.33
CA ASP A 189 13.24 25.46 -14.16
C ASP A 189 12.96 26.89 -13.71
N LEU A 190 11.87 27.46 -14.21
CA LEU A 190 11.36 28.68 -13.61
C LEU A 190 10.81 28.39 -12.23
N TYR A 191 10.85 29.40 -11.36
CA TYR A 191 10.44 29.19 -9.98
C TYR A 191 8.93 29.07 -9.85
N PHE A 192 8.18 29.76 -10.72
CA PHE A 192 6.75 29.47 -10.84
C PHE A 192 6.52 28.07 -11.37
N GLU A 193 7.31 27.67 -12.37
CA GLU A 193 7.20 26.33 -12.94
C GLU A 193 7.56 25.27 -11.92
N LYS A 194 8.62 25.50 -11.14
CA LYS A 194 9.01 24.60 -10.07
C LYS A 194 7.94 24.51 -8.99
N ALA A 195 7.39 25.67 -8.58
CA ALA A 195 6.39 25.71 -7.51
C ALA A 195 5.10 25.04 -7.92
N VAL A 196 4.53 25.41 -9.07
CA VAL A 196 3.23 24.89 -9.49
C VAL A 196 3.35 23.44 -9.96
N ASN A 197 4.35 23.15 -10.81
CA ASN A 197 4.47 21.80 -11.34
C ASN A 197 5.00 20.80 -10.32
N GLY A 198 5.79 21.22 -9.34
CA GLY A 198 6.20 20.27 -8.32
C GLY A 198 5.37 20.29 -7.06
N PHE A 199 5.30 21.42 -6.35
CA PHE A 199 4.74 21.38 -5.01
C PHE A 199 3.22 21.33 -5.02
N LEU A 200 2.58 22.13 -5.87
CA LEU A 200 1.11 22.13 -5.90
C LEU A 200 0.58 20.83 -6.50
N ALA A 201 1.27 20.28 -7.50
CA ALA A 201 0.89 18.99 -8.05
C ALA A 201 1.12 17.85 -7.05
N ASP A 202 2.24 17.89 -6.32
CA ASP A 202 2.50 16.88 -5.29
C ASP A 202 1.52 17.00 -4.13
N LEU A 203 1.15 18.22 -3.76
CA LEU A 203 0.18 18.45 -2.69
C LEU A 203 -1.21 17.97 -3.10
N PHE A 204 -1.61 18.20 -4.36
CA PHE A 204 -2.92 17.77 -4.80
C PHE A 204 -2.98 16.26 -4.99
N THR A 205 -1.88 15.64 -5.45
CA THR A 205 -1.87 14.19 -5.56
C THR A 205 -1.77 13.52 -4.19
N LYS A 206 -1.10 14.14 -3.21
CA LYS A 206 -1.11 13.59 -1.86
C LYS A 206 -2.46 13.81 -1.17
N TRP A 207 -3.18 14.87 -1.56
CA TRP A 207 -4.55 15.03 -1.09
C TRP A 207 -5.48 13.98 -1.68
N LYS A 208 -5.23 13.61 -2.95
CA LYS A 208 -6.00 12.53 -3.56
C LYS A 208 -5.63 11.17 -2.96
N GLU A 209 -4.37 11.01 -2.58
CA GLU A 209 -3.92 9.76 -1.95
C GLU A 209 -4.48 9.60 -0.54
N LYS A 210 -4.47 10.68 0.24
CA LYS A 210 -5.00 10.62 1.60
C LYS A 210 -6.51 10.79 1.65
N ASN A 211 -7.15 11.08 0.51
CA ASN A 211 -8.61 11.24 0.35
C ASN A 211 -9.18 12.30 1.28
N CYS A 212 -8.46 13.42 1.42
CA CYS A 212 -8.89 14.50 2.29
C CYS A 212 -9.58 15.57 1.45
N SER A 213 -10.72 16.04 1.94
CA SER A 213 -11.57 17.00 1.23
C SER A 213 -11.51 18.33 1.98
N HIS A 214 -10.56 19.17 1.59
CA HIS A 214 -10.40 20.48 2.20
C HIS A 214 -11.23 21.53 1.46
N GLU A 215 -11.49 22.64 2.13
CA GLU A 215 -12.10 23.81 1.52
C GLU A 215 -10.97 24.79 1.21
N VAL A 216 -10.52 24.79 -0.04
CA VAL A 216 -9.27 25.43 -0.44
C VAL A 216 -9.56 26.84 -0.95
N THR A 217 -8.72 27.80 -0.56
CA THR A 217 -8.71 29.14 -1.12
C THR A 217 -7.31 29.43 -1.64
N VAL A 218 -7.20 29.64 -2.94
CA VAL A 218 -5.92 29.94 -3.59
C VAL A 218 -5.95 31.39 -4.04
N VAL A 219 -4.92 32.14 -3.66
CA VAL A 219 -4.81 33.55 -3.98
C VAL A 219 -3.36 33.88 -4.32
N LEU A 220 -3.16 34.66 -5.37
CA LEU A 220 -1.83 35.10 -5.80
C LEU A 220 -1.63 36.53 -5.32
N PHE A 221 -0.55 36.75 -4.57
CA PHE A 221 -0.30 38.06 -3.98
C PHE A 221 1.08 38.56 -4.37
N SER A 222 1.19 39.87 -4.57
CA SER A 222 2.44 40.49 -5.01
C SER A 222 2.41 41.96 -4.59
N ARG A 223 3.50 42.65 -4.89
CA ARG A 223 3.64 44.08 -4.60
C ARG A 223 4.52 44.69 -5.69
N THR A 224 4.01 45.74 -6.35
CA THR A 224 4.73 46.41 -7.41
C THR A 224 5.11 47.82 -6.96
N PHE A 225 6.40 48.14 -7.04
CA PHE A 225 6.90 49.45 -6.67
C PHE A 225 6.86 50.37 -7.88
N TYR A 226 6.30 51.56 -7.70
CA TYR A 226 6.18 52.54 -8.76
C TYR A 226 7.26 53.60 -8.64
N ASP A 227 7.52 54.29 -9.76
CA ASP A 227 8.47 55.40 -9.83
C ASP A 227 7.67 56.65 -10.16
N ALA A 228 7.20 57.34 -9.14
CA ALA A 228 6.31 58.48 -9.33
C ALA A 228 6.81 59.74 -8.63
N LYS A 229 7.40 59.56 -7.44
CA LYS A 229 7.90 60.58 -6.51
C LYS A 229 6.81 61.51 -5.95
N SER A 230 5.54 61.21 -6.19
CA SER A 230 4.40 61.96 -5.65
C SER A 230 3.19 61.05 -5.70
N VAL A 231 2.02 61.63 -5.46
CA VAL A 231 0.77 60.86 -5.35
C VAL A 231 -0.05 61.15 -6.60
N ASP A 232 0.17 62.31 -7.21
CA ASP A 232 -0.69 62.83 -8.27
C ASP A 232 -0.50 62.14 -9.62
N GLU A 233 0.51 61.28 -9.77
CA GLU A 233 0.68 60.57 -11.05
C GLU A 233 -0.40 59.51 -11.24
N PHE A 234 -0.83 58.87 -10.16
CA PHE A 234 -1.81 57.80 -10.22
C PHE A 234 -3.21 58.36 -10.46
N PRO A 235 -4.09 57.59 -11.09
CA PRO A 235 -5.45 58.06 -11.33
C PRO A 235 -6.28 58.11 -10.06
N GLU A 236 -7.44 58.79 -10.17
CA GLU A 236 -8.26 59.05 -8.99
C GLU A 236 -9.04 57.82 -8.54
N ILE A 237 -9.30 56.89 -9.46
CA ILE A 237 -10.21 55.79 -9.15
C ILE A 237 -9.54 54.74 -8.26
N ASN A 238 -8.21 54.60 -8.34
CA ASN A 238 -7.49 53.62 -7.54
C ASN A 238 -6.31 54.22 -6.79
N ARG A 239 -6.44 55.47 -6.35
CA ARG A 239 -5.39 56.11 -5.56
C ARG A 239 -5.39 55.62 -4.11
N ALA A 240 -6.50 55.02 -3.65
CA ALA A 240 -6.63 54.67 -2.24
C ALA A 240 -5.80 53.46 -1.86
N SER A 241 -5.51 52.57 -2.81
CA SER A 241 -4.78 51.34 -2.53
C SER A 241 -3.28 51.49 -2.71
N ILE A 242 -2.80 52.69 -3.02
CA ILE A 242 -1.39 52.92 -3.29
C ILE A 242 -0.77 53.57 -2.05
N ARG A 243 0.20 52.88 -1.46
CA ARG A 243 0.83 53.29 -0.21
C ARG A 243 2.21 53.86 -0.47
N GLN A 244 2.81 54.39 0.59
CA GLN A 244 4.16 54.94 0.55
C GLN A 244 5.04 54.15 1.50
N ASP A 245 6.21 53.73 1.03
CA ASP A 245 7.15 52.99 1.85
C ASP A 245 7.88 53.92 2.82
N HIS A 246 8.65 53.31 3.71
CA HIS A 246 9.44 54.09 4.65
C HIS A 246 10.66 54.72 3.99
N LYS A 247 11.08 54.20 2.84
CA LYS A 247 12.15 54.80 2.05
C LYS A 247 11.65 55.83 1.05
N GLY A 248 10.35 56.13 1.06
CA GLY A 248 9.77 57.07 0.12
C GLY A 248 9.25 56.46 -1.16
N ARG A 249 9.43 55.15 -1.35
CA ARG A 249 8.93 54.49 -2.55
C ARG A 249 7.42 54.32 -2.49
N PHE A 250 6.80 54.28 -3.65
CA PHE A 250 5.36 54.11 -3.78
C PHE A 250 5.07 52.70 -4.28
N TYR A 251 4.18 51.99 -3.59
CA TYR A 251 3.87 50.62 -3.94
C TYR A 251 2.37 50.40 -3.86
N GLU A 252 1.92 49.33 -4.50
CA GLU A 252 0.54 48.88 -4.45
C GLU A 252 0.52 47.38 -4.25
N ASP A 253 -0.33 46.91 -3.33
CA ASP A 253 -0.44 45.50 -3.02
C ASP A 253 -1.60 44.90 -3.80
N PHE A 254 -1.34 43.84 -4.55
CA PHE A 254 -2.33 43.19 -5.39
C PHE A 254 -2.63 41.80 -4.85
N TYR A 255 -3.91 41.44 -4.82
CA TYR A 255 -4.37 40.15 -4.33
C TYR A 255 -5.35 39.58 -5.35
N LYS A 256 -4.89 38.67 -6.19
CA LYS A 256 -5.71 38.05 -7.22
C LYS A 256 -6.20 36.70 -6.70
N VAL A 257 -7.50 36.61 -6.44
CA VAL A 257 -8.12 35.37 -5.98
C VAL A 257 -8.55 34.57 -7.20
N VAL A 258 -8.15 33.30 -7.24
CA VAL A 258 -8.59 32.40 -8.29
C VAL A 258 -9.60 31.38 -7.80
N VAL A 259 -9.57 31.01 -6.52
CA VAL A 259 -10.54 30.12 -5.89
C VAL A 259 -10.95 30.78 -4.58
N GLN A 260 -12.25 30.98 -4.39
CA GLN A 260 -12.71 31.67 -3.18
C GLN A 260 -12.94 30.69 -2.02
N ASN A 261 -13.89 29.77 -2.19
CA ASN A 261 -14.15 28.79 -1.14
C ASN A 261 -14.53 27.42 -1.70
N GLU A 262 -13.99 27.06 -2.86
CA GLU A 262 -14.45 25.87 -3.56
C GLU A 262 -13.92 24.60 -2.91
N ARG A 263 -14.78 23.59 -2.85
CA ARG A 263 -14.41 22.25 -2.42
C ARG A 263 -14.74 21.27 -3.54
N ARG A 264 -13.73 20.53 -4.00
CA ARG A 264 -13.92 19.64 -5.13
C ARG A 264 -12.84 18.56 -5.09
N GLU A 265 -13.15 17.44 -5.73
CA GLU A 265 -12.15 16.41 -5.98
C GLU A 265 -11.41 16.73 -7.27
N GLU A 266 -10.24 16.11 -7.42
CA GLU A 266 -9.31 16.27 -8.56
C GLU A 266 -8.89 17.72 -8.73
N TRP A 267 -8.12 18.18 -7.75
CA TRP A 267 -7.63 19.57 -7.71
C TRP A 267 -6.55 19.85 -8.75
N THR A 268 -6.02 18.83 -9.44
CA THR A 268 -4.98 19.01 -10.45
C THR A 268 -5.48 19.72 -11.71
N SER A 269 -6.80 19.84 -11.88
CA SER A 269 -7.38 20.69 -12.93
C SER A 269 -7.28 22.17 -12.59
N LEU A 270 -6.92 22.52 -11.36
CA LEU A 270 -6.77 23.93 -10.99
C LEU A 270 -5.54 24.55 -11.65
N LEU A 271 -4.46 23.76 -11.80
CA LEU A 271 -3.12 24.27 -12.11
C LEU A 271 -3.05 24.94 -13.46
N VAL A 272 -3.87 24.48 -14.41
CA VAL A 272 -3.99 25.08 -15.75
C VAL A 272 -4.40 26.54 -15.64
N THR A 273 -5.42 26.80 -14.80
CA THR A 273 -5.85 28.16 -14.55
C THR A 273 -4.77 28.98 -13.88
N ILE A 274 -3.99 28.35 -12.99
CA ILE A 274 -2.86 29.03 -12.36
C ILE A 274 -1.81 29.37 -13.41
N LYS A 275 -1.63 28.46 -14.38
CA LYS A 275 -0.73 28.71 -15.50
C LYS A 275 -1.27 29.83 -16.38
N LYS A 276 -2.59 29.91 -16.54
CA LYS A 276 -3.11 31.01 -17.34
C LYS A 276 -3.22 32.30 -16.53
N LEU A 277 -2.97 32.26 -15.22
CA LEU A 277 -2.72 33.47 -14.47
C LEU A 277 -1.24 33.80 -14.37
N PHE A 278 -0.39 33.08 -15.11
CA PHE A 278 1.02 33.42 -15.18
C PHE A 278 1.36 34.26 -16.40
N ILE A 279 0.68 34.01 -17.52
CA ILE A 279 1.00 34.69 -18.76
C ILE A 279 0.51 36.13 -18.72
N GLN A 280 -0.69 36.36 -18.19
CA GLN A 280 -1.31 37.67 -18.16
C GLN A 280 -1.08 38.40 -16.84
N TYR A 281 -0.23 37.86 -15.97
CA TYR A 281 0.06 38.51 -14.68
C TYR A 281 0.77 39.86 -14.74
N PRO A 282 1.80 40.12 -15.58
CA PRO A 282 2.34 41.50 -15.61
C PRO A 282 1.40 42.54 -16.19
N VAL A 283 0.42 42.12 -17.00
CA VAL A 283 -0.64 43.03 -17.41
C VAL A 283 -1.55 43.36 -16.22
N LEU A 284 -1.77 42.36 -15.34
CA LEU A 284 -2.71 42.51 -14.23
C LEU A 284 -2.22 43.48 -13.17
N VAL A 285 -0.95 43.40 -12.80
CA VAL A 285 -0.42 44.17 -11.68
C VAL A 285 0.30 45.44 -12.17
N ARG A 286 -0.04 45.90 -13.39
CA ARG A 286 0.39 47.17 -13.99
C ARG A 286 1.92 47.25 -14.14
N LEU A 287 2.52 46.17 -14.65
CA LEU A 287 3.92 46.18 -15.01
C LEU A 287 4.14 46.53 -16.47
N GLU A 288 3.23 46.16 -17.36
CA GLU A 288 3.40 46.40 -18.79
C GLU A 288 2.75 47.70 -19.25
N GLN A 289 3.04 48.78 -18.51
CA GLN A 289 2.72 50.19 -18.84
C GLN A 289 1.21 50.39 -19.05
N ALA A 290 0.47 50.25 -17.97
CA ALA A 290 -0.95 50.56 -18.00
C ALA A 290 -1.17 52.07 -18.12
N GLU A 291 -2.33 52.45 -18.66
CA GLU A 291 -2.56 53.84 -19.04
C GLU A 291 -2.83 54.72 -17.83
N GLY A 292 -2.12 55.84 -17.75
CA GLY A 292 -2.24 56.76 -16.63
C GLY A 292 -1.41 56.42 -15.42
N PHE A 293 -0.45 55.51 -15.55
CA PHE A 293 0.37 55.01 -14.46
C PHE A 293 1.85 55.26 -14.71
N PRO A 294 2.67 55.22 -13.65
CA PRO A 294 4.13 55.13 -13.85
C PRO A 294 4.61 53.76 -14.33
N GLN A 295 5.93 53.56 -14.31
CA GLN A 295 6.55 52.37 -14.88
C GLN A 295 6.16 51.11 -14.12
N GLY A 296 6.50 51.03 -12.84
CA GLY A 296 6.10 49.88 -12.05
C GLY A 296 7.07 48.72 -12.17
N ASP A 297 7.57 48.23 -11.04
CA ASP A 297 8.52 47.13 -11.03
C ASP A 297 8.09 46.13 -9.98
N ASN A 298 8.11 44.84 -10.35
CA ASN A 298 7.77 43.79 -9.42
C ASN A 298 8.87 43.65 -8.37
N SER A 299 8.45 43.53 -7.11
CA SER A 299 9.40 43.59 -6.01
C SER A 299 10.11 42.27 -5.80
N THR A 300 11.18 42.32 -5.02
CA THR A 300 11.87 41.13 -4.53
C THR A 300 10.96 40.42 -3.52
N SER A 301 11.14 39.10 -3.39
CA SER A 301 10.38 38.32 -2.43
C SER A 301 10.71 38.70 -0.99
N ALA A 302 11.94 39.18 -0.75
CA ALA A 302 12.27 39.73 0.57
C ALA A 302 11.56 41.05 0.81
N GLN A 303 11.45 41.88 -0.23
CA GLN A 303 10.77 43.17 -0.13
C GLN A 303 9.30 43.06 -0.55
N GLY A 304 8.57 42.12 0.05
CA GLY A 304 7.21 41.83 -0.35
C GLY A 304 6.23 41.92 0.81
N ASN A 305 4.95 41.83 0.45
CA ASN A 305 3.84 41.86 1.41
C ASN A 305 3.53 40.47 1.95
N TYR A 306 4.51 39.92 2.66
CA TYR A 306 4.41 38.57 3.23
C TYR A 306 3.65 38.58 4.54
N LEU A 307 4.06 39.44 5.47
CA LEU A 307 3.38 39.56 6.76
C LEU A 307 1.98 40.16 6.62
N GLU A 308 1.78 40.99 5.61
CA GLU A 308 0.43 41.51 5.33
C GLU A 308 -0.48 40.41 4.80
N ALA A 309 0.06 39.46 4.05
CA ALA A 309 -0.71 38.30 3.61
C ALA A 309 -1.04 37.38 4.77
N ILE A 310 -0.09 37.21 5.70
CA ILE A 310 -0.34 36.41 6.92
C ILE A 310 -1.41 37.08 7.76
N ASN A 311 -1.37 38.41 7.90
CA ASN A 311 -2.36 39.11 8.70
C ASN A 311 -3.71 39.18 8.00
N LEU A 312 -3.74 39.10 6.66
CA LEU A 312 -5.00 38.97 5.95
C LEU A 312 -5.64 37.60 6.18
N SER A 313 -4.81 36.54 6.19
CA SER A 313 -5.33 35.21 6.55
C SER A 313 -5.75 35.15 8.01
N PHE A 314 -5.07 35.90 8.88
CA PHE A 314 -5.46 35.99 10.29
C PHE A 314 -6.76 36.75 10.46
N ASN A 315 -6.98 37.77 9.63
CA ASN A 315 -8.26 38.48 9.63
C ASN A 315 -9.39 37.62 9.10
N VAL A 316 -9.08 36.70 8.18
CA VAL A 316 -10.07 35.72 7.74
C VAL A 316 -10.40 34.77 8.89
N PHE A 317 -9.38 34.21 9.54
CA PHE A 317 -9.59 33.20 10.56
C PHE A 317 -10.00 33.77 11.92
N ASP A 318 -9.99 35.09 12.09
CA ASP A 318 -10.49 35.68 13.33
C ASP A 318 -12.00 35.58 13.41
N LYS A 319 -12.69 35.80 12.30
CA LYS A 319 -14.14 35.70 12.24
C LYS A 319 -14.57 34.33 11.73
N HIS A 320 -14.12 33.30 12.44
CA HIS A 320 -14.46 31.91 12.11
C HIS A 320 -15.84 31.51 12.63
N TYR A 321 -16.42 32.31 13.51
CA TYR A 321 -17.74 32.05 14.09
C TYR A 321 -18.87 32.69 13.31
N ILE A 322 -18.57 33.44 12.25
CA ILE A 322 -19.57 34.28 11.61
C ILE A 322 -20.45 33.47 10.68
N ASN A 323 -19.85 32.63 9.83
CA ASN A 323 -20.59 31.74 8.95
C ASN A 323 -20.03 30.34 9.19
N ARG A 324 -20.58 29.66 10.19
CA ARG A 324 -20.03 28.40 10.67
C ARG A 324 -20.68 27.25 9.90
N ASN A 325 -19.90 26.62 9.02
CA ASN A 325 -20.33 25.38 8.41
C ASN A 325 -20.10 24.22 9.39
N PHE A 326 -20.79 23.11 9.12
CA PHE A 326 -20.76 21.96 10.02
C PHE A 326 -19.93 20.81 9.46
N ASP A 327 -19.05 21.07 8.51
CA ASP A 327 -18.31 19.98 7.87
C ASP A 327 -16.84 20.27 7.63
N ARG A 328 -16.29 21.36 8.17
CA ARG A 328 -14.85 21.61 8.13
C ARG A 328 -14.37 21.93 9.53
N THR A 329 -13.21 21.42 9.91
CA THR A 329 -12.72 21.53 11.28
C THR A 329 -11.48 22.40 11.41
N GLY A 330 -10.40 22.06 10.70
CA GLY A 330 -9.13 22.72 10.92
C GLY A 330 -8.96 24.00 10.12
N GLN A 331 -7.88 24.71 10.42
CA GLN A 331 -7.48 25.91 9.70
C GLN A 331 -5.99 25.86 9.46
N MET A 332 -5.57 26.15 8.24
CA MET A 332 -4.16 26.38 7.96
C MET A 332 -4.03 27.41 6.85
N SER A 333 -2.95 28.19 6.91
CA SER A 333 -2.65 29.22 5.93
C SER A 333 -1.26 28.93 5.39
N VAL A 334 -1.18 28.72 4.08
CA VAL A 334 0.05 28.29 3.41
C VAL A 334 0.55 29.43 2.54
N VAL A 335 1.81 29.80 2.70
CA VAL A 335 2.44 30.83 1.89
C VAL A 335 3.55 30.18 1.08
N ILE A 336 3.47 30.32 -0.25
CA ILE A 336 4.44 29.78 -1.17
C ILE A 336 5.28 30.94 -1.69
N THR A 337 6.59 30.87 -1.48
CA THR A 337 7.45 31.99 -1.84
C THR A 337 8.61 31.52 -2.72
N PRO A 338 9.03 32.36 -3.68
CA PRO A 338 10.24 32.06 -4.47
C PRO A 338 11.52 32.72 -3.94
N GLY A 339 11.49 33.30 -2.75
CA GLY A 339 12.70 33.76 -2.10
C GLY A 339 13.26 32.67 -1.22
N VAL A 340 14.49 32.87 -0.75
CA VAL A 340 15.18 31.84 0.03
C VAL A 340 14.73 31.75 1.47
N GLY A 341 13.84 32.64 1.92
CA GLY A 341 13.35 32.63 3.28
C GLY A 341 13.62 33.89 4.06
N VAL A 342 14.39 34.83 3.52
CA VAL A 342 14.67 36.09 4.20
C VAL A 342 13.58 37.10 3.82
N PHE A 343 13.27 37.99 4.75
CA PHE A 343 12.24 38.99 4.54
C PHE A 343 12.66 40.29 5.22
N GLU A 344 12.31 41.41 4.59
CA GLU A 344 12.56 42.74 5.13
C GLU A 344 11.22 43.30 5.59
N VAL A 345 10.95 43.18 6.89
CA VAL A 345 9.63 43.43 7.45
C VAL A 345 9.70 44.56 8.45
N ASP A 346 8.52 45.06 8.83
CA ASP A 346 8.40 46.07 9.87
C ASP A 346 8.46 45.42 11.23
N ARG A 347 8.94 46.19 12.22
CA ARG A 347 9.05 45.67 13.58
C ARG A 347 7.69 45.57 14.25
N LEU A 348 6.85 46.60 14.07
CA LEU A 348 5.51 46.60 14.68
C LEU A 348 4.60 45.56 14.04
N LEU A 349 4.74 45.35 12.73
CA LEU A 349 3.95 44.32 12.04
C LEU A 349 4.37 42.93 12.48
N MET A 350 5.68 42.72 12.71
CA MET A 350 6.16 41.43 13.19
C MET A 350 5.71 41.17 14.63
N ILE A 351 5.72 42.20 15.47
CA ILE A 351 5.26 42.08 16.86
C ILE A 351 3.77 41.79 16.90
N LEU A 352 2.99 42.47 16.04
CA LEU A 352 1.55 42.23 15.95
C LEU A 352 1.23 40.84 15.41
N THR A 353 2.00 40.37 14.42
CA THR A 353 1.77 39.03 13.85
C THR A 353 2.12 37.94 14.86
N LYS A 354 3.20 38.13 15.63
CA LYS A 354 3.54 37.18 16.68
C LYS A 354 2.51 37.16 17.80
N GLN A 355 2.02 38.35 18.20
CA GLN A 355 1.01 38.44 19.25
C GLN A 355 -0.33 37.87 18.81
N ARG A 356 -0.65 37.97 17.52
CA ARG A 356 -1.85 37.32 17.02
C ARG A 356 -1.66 35.82 16.88
N MET A 357 -0.42 35.35 16.67
CA MET A 357 -0.22 33.91 16.60
C MET A 357 -0.10 33.25 17.98
N ILE A 358 0.16 34.03 19.04
CA ILE A 358 0.11 33.48 20.40
C ILE A 358 -1.31 33.01 20.75
N ASP A 359 -2.33 33.75 20.32
CA ASP A 359 -3.71 33.40 20.62
C ASP A 359 -4.16 32.15 19.88
N ASN A 360 -3.77 32.01 18.61
CA ASN A 360 -4.08 30.83 17.81
C ASN A 360 -3.02 30.61 16.73
N GLY A 361 -2.63 29.35 16.51
CA GLY A 361 -1.50 29.05 15.66
C GLY A 361 -1.86 28.47 14.31
N ILE A 362 -1.65 29.25 13.24
CA ILE A 362 -2.11 28.87 11.91
C ILE A 362 -0.94 28.87 10.92
N GLY A 363 0.01 29.78 11.15
CA GLY A 363 0.88 30.23 10.06
C GLY A 363 1.93 29.22 9.64
N VAL A 364 1.87 28.78 8.39
CA VAL A 364 2.83 27.85 7.79
C VAL A 364 3.33 28.47 6.49
N ASP A 365 4.65 28.66 6.39
CA ASP A 365 5.29 29.14 5.17
C ASP A 365 6.23 28.07 4.66
N LEU A 366 6.29 27.88 3.34
CA LEU A 366 7.37 27.07 2.81
C LEU A 366 7.99 27.77 1.62
N VAL A 367 9.22 27.36 1.33
CA VAL A 367 9.99 27.90 0.23
C VAL A 367 9.94 26.88 -0.91
N CYS A 368 9.40 27.30 -2.05
CA CYS A 368 9.31 26.45 -3.23
C CYS A 368 10.27 26.88 -4.32
N MET A 369 11.47 27.33 -3.96
CA MET A 369 12.49 27.60 -4.95
C MET A 369 13.74 26.76 -4.76
N GLY A 370 13.95 26.18 -3.59
CA GLY A 370 15.14 25.39 -3.31
C GLY A 370 16.17 26.18 -2.53
N GLU A 371 17.44 25.76 -2.69
CA GLU A 371 18.68 26.45 -2.30
C GLU A 371 18.66 26.99 -0.86
N GLN A 372 18.64 26.06 0.08
CA GLN A 372 18.56 26.42 1.50
C GLN A 372 19.85 27.12 1.93
N PRO A 373 19.77 28.37 2.37
CA PRO A 373 20.98 29.18 2.54
C PRO A 373 21.75 28.81 3.82
N LEU A 374 22.98 29.30 3.87
CA LEU A 374 23.90 28.93 4.94
C LEU A 374 23.87 29.94 6.08
N HIS A 375 22.67 30.13 6.63
CA HIS A 375 22.47 30.91 7.86
C HIS A 375 21.20 30.40 8.52
N ALA A 376 20.77 31.10 9.57
CA ALA A 376 19.48 30.83 10.19
C ALA A 376 18.38 31.19 9.21
N VAL A 377 17.61 30.18 8.79
CA VAL A 377 16.88 30.26 7.53
C VAL A 377 15.62 31.14 7.62
N PRO A 378 14.66 31.00 8.59
CA PRO A 378 13.60 32.02 8.65
C PRO A 378 14.14 33.30 9.26
N LEU A 379 14.36 34.31 8.43
CA LEU A 379 15.08 35.50 8.83
C LEU A 379 14.25 36.73 8.53
N PHE A 380 14.12 37.62 9.51
CA PHE A 380 13.37 38.86 9.38
C PHE A 380 14.34 40.02 9.55
N LYS A 381 14.61 40.75 8.47
CA LYS A 381 15.42 41.94 8.53
C LYS A 381 14.53 43.11 8.98
N LEU A 382 14.79 43.61 10.18
CA LEU A 382 13.92 44.62 10.78
C LEU A 382 14.20 46.00 10.19
N HIS A 383 13.37 46.97 10.61
CA HIS A 383 13.41 48.42 10.36
C HIS A 383 12.99 48.78 8.93
N ASN A 384 12.81 47.78 8.07
CA ASN A 384 12.45 47.98 6.68
C ASN A 384 10.93 47.86 6.51
N ARG A 385 10.48 48.14 5.28
CA ARG A 385 9.07 48.11 4.84
C ARG A 385 8.13 48.97 5.70
N ASP A 395 22.80 44.76 9.98
CA ASP A 395 21.38 45.01 10.11
C ASP A 395 20.83 44.43 11.41
N ASP A 396 19.53 44.55 11.61
CA ASP A 396 18.85 44.00 12.79
C ASP A 396 18.10 42.75 12.36
N TYR A 397 18.56 41.60 12.82
CA TYR A 397 18.03 40.31 12.41
C TYR A 397 17.13 39.73 13.49
N ASN A 398 16.03 39.12 13.06
CA ASN A 398 15.16 38.35 13.93
C ASN A 398 14.88 37.01 13.29
N ILE A 399 14.87 35.95 14.10
CA ILE A 399 14.59 34.61 13.61
C ILE A 399 13.26 34.16 14.19
N PRO A 400 12.18 34.16 13.41
CA PRO A 400 10.91 33.64 13.92
C PRO A 400 10.89 32.12 14.02
N HIS A 401 10.81 31.62 15.25
CA HIS A 401 10.64 30.19 15.48
C HIS A 401 9.19 29.76 15.43
N TRP A 402 8.26 30.69 15.25
CA TRP A 402 6.84 30.39 15.16
C TRP A 402 6.39 30.11 13.74
N ILE A 403 7.30 30.09 12.78
CA ILE A 403 6.99 29.78 11.39
C ILE A 403 7.50 28.37 11.10
N ASN A 404 6.60 27.50 10.63
CA ASN A 404 6.96 26.12 10.31
C ASN A 404 7.49 26.10 8.87
N HIS A 405 8.78 26.38 8.73
CA HIS A 405 9.38 26.51 7.41
C HIS A 405 9.69 25.15 6.78
N SER A 406 9.54 25.09 5.46
CA SER A 406 9.79 23.88 4.70
C SER A 406 10.41 24.26 3.36
N PHE A 407 11.12 23.31 2.76
CA PHE A 407 11.85 23.55 1.52
C PHE A 407 11.59 22.44 0.52
N TYR A 408 11.23 22.82 -0.69
CA TYR A 408 10.85 21.86 -1.73
C TYR A 408 11.98 21.72 -2.75
N THR A 409 12.33 20.47 -3.06
CA THR A 409 13.28 20.14 -4.11
C THR A 409 12.61 19.13 -5.04
N SER A 410 12.39 19.54 -6.30
CA SER A 410 11.51 18.74 -7.16
C SER A 410 12.23 17.56 -7.81
N LYS A 411 13.15 17.84 -8.73
CA LYS A 411 13.88 16.84 -9.50
C LYS A 411 15.23 17.43 -9.87
N SER A 412 16.21 16.55 -10.08
CA SER A 412 17.57 17.00 -10.34
C SER A 412 18.31 15.92 -11.13
N GLN A 413 19.57 16.24 -11.45
CA GLN A 413 20.51 15.32 -12.07
C GLN A 413 21.75 15.23 -11.18
N LEU A 414 22.79 14.58 -11.70
CA LEU A 414 24.06 14.49 -10.98
C LEU A 414 24.77 15.84 -11.01
N PHE A 415 25.14 16.31 -9.81
CA PHE A 415 26.18 17.26 -9.36
C PHE A 415 26.08 17.44 -7.86
N CYS A 416 27.00 18.19 -7.28
CA CYS A 416 26.79 18.71 -5.93
C CYS A 416 25.74 19.82 -5.98
N ASN A 417 25.09 20.04 -4.85
CA ASN A 417 23.98 20.99 -4.76
C ASN A 417 24.49 22.34 -4.27
N SER A 418 24.35 23.36 -5.11
CA SER A 418 24.77 24.70 -4.76
C SER A 418 23.76 25.36 -3.82
N PHE A 419 24.26 26.26 -2.97
CA PHE A 419 23.41 27.01 -2.06
C PHE A 419 23.45 28.52 -2.26
N THR A 420 24.45 29.04 -2.97
CA THR A 420 24.59 30.47 -3.21
C THR A 420 24.30 30.80 -4.67
N PRO A 421 23.69 31.95 -4.96
CA PRO A 421 23.46 32.34 -6.36
C PRO A 421 24.62 33.16 -6.94
N ARG A 422 24.71 33.13 -8.26
CA ARG A 422 25.79 33.79 -8.99
C ARG A 422 25.21 34.97 -9.77
N ILE A 423 25.97 36.06 -9.81
CA ILE A 423 25.52 37.35 -10.35
C ILE A 423 26.57 37.79 -11.37
N LYS A 424 26.12 38.31 -12.52
CA LYS A 424 27.01 39.01 -13.43
C LYS A 424 26.49 40.41 -13.70
N LEU A 425 27.40 41.38 -13.71
CA LEU A 425 27.05 42.78 -13.89
C LEU A 425 26.66 43.06 -15.33
N ALA A 426 25.79 44.07 -15.51
CA ALA A 426 25.44 44.52 -16.85
C ALA A 426 26.60 45.24 -17.52
N GLY A 427 27.33 46.06 -16.76
CA GLY A 427 28.47 46.77 -17.29
C GLY A 427 28.10 47.96 -18.16
N ASP A 458 58.52 43.70 9.95
CA ASP A 458 58.55 43.25 8.57
C ASP A 458 58.60 41.72 8.52
N TYR A 459 59.62 41.14 9.14
CA TYR A 459 59.79 39.70 9.22
C TYR A 459 59.72 39.27 10.68
N ASP A 460 59.07 38.11 10.91
CA ASP A 460 58.73 37.45 12.17
C ASP A 460 57.68 38.19 12.99
N ALA A 461 57.22 39.37 12.55
CA ALA A 461 56.03 40.02 13.09
C ALA A 461 54.83 39.81 12.20
N TYR A 462 55.04 39.78 10.88
CA TYR A 462 54.01 39.29 9.97
C TYR A 462 53.75 37.81 10.19
N ASP A 463 54.80 37.03 10.43
CA ASP A 463 54.69 35.59 10.60
C ASP A 463 53.99 35.21 11.91
N ALA A 464 54.10 36.04 12.94
CA ALA A 464 53.41 35.77 14.20
C ALA A 464 51.94 36.14 14.15
N GLN A 465 51.56 37.09 13.30
CA GLN A 465 50.18 37.53 13.15
C GLN A 465 49.42 36.73 12.11
N VAL A 466 50.03 35.69 11.53
CA VAL A 466 49.33 34.80 10.61
C VAL A 466 48.24 34.02 11.33
N PHE A 467 48.58 33.40 12.47
CA PHE A 467 47.64 32.61 13.24
C PHE A 467 47.14 33.35 14.48
N ARG A 468 46.99 34.67 14.40
CA ARG A 468 46.48 35.47 15.49
C ARG A 468 45.05 35.89 15.16
N LEU A 469 44.16 35.72 16.15
CA LEU A 469 42.70 35.67 16.02
C LEU A 469 42.19 34.85 14.83
N PRO A 470 42.35 33.50 14.81
CA PRO A 470 41.56 32.78 13.82
C PRO A 470 40.71 31.68 14.46
N GLU A 628 60.05 16.53 25.40
CA GLU A 628 58.92 16.11 26.24
C GLU A 628 57.73 17.04 26.03
N ALA A 629 57.98 18.19 25.39
CA ALA A 629 56.92 19.15 25.14
C ALA A 629 55.97 18.69 24.04
N ILE A 630 56.44 17.78 23.18
CA ILE A 630 55.59 17.24 22.12
C ILE A 630 54.48 16.36 22.70
N GLN A 631 54.77 15.64 23.79
CA GLN A 631 53.74 14.83 24.43
C GLN A 631 52.76 15.68 25.20
N ILE A 632 53.22 16.81 25.76
CA ILE A 632 52.34 17.78 26.40
C ILE A 632 51.40 18.41 25.38
N HIS A 633 51.93 18.74 24.20
CA HIS A 633 51.12 19.32 23.14
C HIS A 633 50.11 18.32 22.58
N HIS A 634 50.54 17.06 22.43
CA HIS A 634 49.65 16.00 21.95
C HIS A 634 48.56 15.67 22.97
N GLN A 635 48.89 15.66 24.26
CA GLN A 635 47.86 15.37 25.27
C GLN A 635 46.93 16.57 25.47
N THR A 636 47.40 17.80 25.19
CA THR A 636 46.50 18.95 25.14
C THR A 636 45.51 18.83 23.98
N ARG A 637 45.99 18.39 22.81
CA ARG A 637 45.10 18.17 21.68
C ARG A 637 44.15 16.99 21.91
N GLN A 638 44.58 15.98 22.66
CA GLN A 638 43.67 14.91 23.02
C GLN A 638 42.67 15.34 24.09
N ASN A 639 43.04 16.31 24.92
CA ASN A 639 42.13 16.87 25.90
C ASN A 639 41.22 17.94 25.31
N MET A 640 41.44 18.34 24.06
CA MET A 640 40.46 19.16 23.35
C MET A 640 39.15 18.41 23.15
N ALA A 641 39.22 17.13 22.79
CA ALA A 641 38.03 16.33 22.56
C ALA A 641 37.42 15.87 23.89
N LEU A 658 34.27 27.98 18.76
CA LEU A 658 34.99 26.72 18.91
C LEU A 658 36.43 26.90 18.47
N LEU A 659 36.70 27.98 17.74
CA LEU A 659 38.05 28.25 17.24
C LEU A 659 38.90 28.91 18.32
N GLU A 660 38.49 30.11 18.75
CA GLU A 660 39.24 30.86 19.75
C GLU A 660 39.13 30.22 21.13
N LEU A 661 38.04 29.48 21.38
CA LEU A 661 37.90 28.74 22.63
C LEU A 661 38.95 27.63 22.73
N ALA A 662 39.15 26.88 21.64
CA ALA A 662 40.18 25.84 21.64
C ALA A 662 41.58 26.44 21.61
N TYR A 663 41.74 27.62 20.99
CA TYR A 663 43.05 28.27 20.96
C TYR A 663 43.45 28.80 22.34
N HIS A 664 42.50 29.41 23.05
CA HIS A 664 42.75 29.84 24.42
C HIS A 664 42.85 28.65 25.37
N GLU A 665 42.19 27.54 25.04
CA GLU A 665 42.36 26.31 25.83
C GLU A 665 43.76 25.75 25.68
N ALA A 666 44.33 25.81 24.47
CA ALA A 666 45.72 25.40 24.27
C ALA A 666 46.69 26.35 24.97
N ALA A 667 46.41 27.66 24.91
CA ALA A 667 47.27 28.63 25.57
C ALA A 667 47.17 28.57 27.09
N GLY A 668 46.06 28.06 27.61
CA GLY A 668 45.91 27.88 29.05
C GLY A 668 46.49 26.58 29.56
N ARG A 669 46.18 25.47 28.88
CA ARG A 669 46.66 24.17 29.34
C ARG A 669 48.13 23.92 28.98
N HIS A 670 48.70 24.70 28.06
CA HIS A 670 50.12 24.54 27.76
C HIS A 670 51.01 25.06 28.89
N SER A 671 50.51 25.98 29.72
CA SER A 671 51.25 26.39 30.91
C SER A 671 51.24 25.32 31.99
N ASN A 672 50.24 24.44 31.98
CA ASN A 672 50.14 23.37 32.96
C ASN A 672 50.94 22.15 32.51
N SER A 673 51.40 21.37 33.49
CA SER A 673 52.22 20.16 33.39
C SER A 673 53.47 20.38 32.55
N PRO A 674 54.47 21.12 33.05
CA PRO A 674 55.66 21.39 32.24
C PRO A 674 56.68 20.25 32.30
N PRO A 731 33.51 18.85 5.57
CA PRO A 731 32.64 19.96 6.00
C PRO A 731 31.20 19.51 6.24
N VAL A 732 30.95 18.88 7.39
CA VAL A 732 29.61 18.46 7.76
C VAL A 732 28.78 19.69 8.13
N VAL A 733 27.55 19.74 7.65
CA VAL A 733 26.69 20.92 7.82
C VAL A 733 26.25 21.01 9.29
N PRO A 734 26.20 22.20 9.88
CA PRO A 734 25.72 22.31 11.27
C PRO A 734 24.22 22.05 11.38
N GLY A 735 23.81 21.78 12.62
CA GLY A 735 22.44 21.35 12.90
C GLY A 735 21.38 22.39 12.70
N PHE A 736 21.75 23.68 12.75
CA PHE A 736 20.82 24.76 12.47
C PHE A 736 20.79 25.14 11.00
N CYS A 737 21.54 24.44 10.15
CA CYS A 737 21.55 24.71 8.71
C CYS A 737 21.34 23.44 7.89
N CYS A 738 20.80 22.38 8.50
CA CYS A 738 20.57 21.13 7.79
C CYS A 738 19.42 21.26 6.80
N THR A 739 19.32 20.27 5.91
CA THR A 739 18.30 20.28 4.87
C THR A 739 16.94 19.97 5.49
N VAL A 740 16.02 20.92 5.37
CA VAL A 740 14.65 20.78 5.86
C VAL A 740 13.79 20.33 4.69
N GLY A 741 13.04 19.25 4.89
CA GLY A 741 12.11 18.76 3.88
C GLY A 741 10.78 19.47 3.98
N VAL A 742 9.83 18.97 3.20
CA VAL A 742 8.46 19.47 3.22
C VAL A 742 7.69 18.66 4.25
N ASP A 743 7.05 19.35 5.19
CA ASP A 743 6.21 18.69 6.19
C ASP A 743 4.88 18.35 5.51
N TRP A 744 4.84 17.17 4.87
CA TRP A 744 3.65 16.77 4.14
C TRP A 744 2.52 16.35 5.08
N LYS A 745 2.86 15.92 6.30
CA LYS A 745 1.85 15.57 7.30
C LYS A 745 1.09 16.80 7.76
N SER A 746 1.78 17.92 7.93
CA SER A 746 1.12 19.16 8.32
C SER A 746 0.38 19.83 7.17
N LEU A 747 0.65 19.45 5.93
CA LEU A 747 0.02 20.04 4.77
C LEU A 747 -1.11 19.19 4.20
N THR A 748 -1.17 17.89 4.52
CA THR A 748 -2.29 17.06 4.10
C THR A 748 -3.35 16.93 5.20
N THR A 749 -2.93 16.56 6.42
CA THR A 749 -3.83 16.44 7.56
C THR A 749 -3.34 17.38 8.65
N PRO A 750 -3.79 18.65 8.63
CA PRO A 750 -3.28 19.62 9.62
C PRO A 750 -3.83 19.34 11.02
N ALA A 751 -2.91 19.22 11.98
CA ALA A 751 -3.30 18.95 13.35
C ALA A 751 -3.87 20.20 14.00
N CYS A 752 -4.82 20.00 14.91
CA CYS A 752 -5.44 21.11 15.62
C CYS A 752 -4.54 21.58 16.76
N LEU A 753 -4.97 22.63 17.44
CA LEU A 753 -4.27 23.12 18.61
C LEU A 753 -4.42 22.11 19.76
N PRO A 754 -3.36 21.80 20.49
CA PRO A 754 -3.46 20.81 21.57
C PRO A 754 -4.29 21.32 22.74
N LEU A 755 -5.02 20.39 23.35
CA LEU A 755 -5.87 20.71 24.49
C LEU A 755 -5.09 20.84 25.79
N THR A 756 -3.88 20.32 25.84
CA THR A 756 -3.09 20.27 27.06
C THR A 756 -1.75 20.99 26.86
N THR A 757 -1.34 21.74 27.87
CA THR A 757 -0.03 22.38 27.90
C THR A 757 0.64 22.04 29.23
N ASP A 758 1.97 22.13 29.23
CA ASP A 758 2.76 21.81 30.40
C ASP A 758 3.39 23.03 31.07
N TYR A 759 3.27 24.21 30.47
CA TYR A 759 3.85 25.41 31.05
C TYR A 759 3.00 25.90 32.21
N PHE A 760 3.64 26.17 33.33
CA PHE A 760 2.99 26.74 34.51
C PHE A 760 4.05 27.48 35.33
N PRO A 761 3.91 28.80 35.51
CA PRO A 761 4.86 29.53 36.37
C PRO A 761 4.65 29.19 37.83
N ASP A 762 5.67 29.53 38.62
CA ASP A 762 5.69 29.20 40.05
C ASP A 762 4.84 30.18 40.84
N ARG A 763 4.94 30.11 42.18
CA ARG A 763 4.13 30.96 43.04
C ARG A 763 4.61 32.41 43.01
N GLN A 764 5.92 32.61 42.95
CA GLN A 764 6.46 33.97 42.86
C GLN A 764 6.20 34.58 41.48
N GLY A 765 6.19 33.78 40.42
CA GLY A 765 5.79 34.27 39.12
C GLY A 765 4.31 34.60 39.04
N LEU A 766 3.48 33.80 39.72
CA LEU A 766 2.04 34.05 39.71
C LEU A 766 1.67 35.24 40.60
N GLN A 767 2.47 35.52 41.64
CA GLN A 767 2.20 36.65 42.50
C GLN A 767 2.97 37.91 42.09
N ASN A 768 3.90 37.81 41.14
CA ASN A 768 4.73 38.94 40.78
C ASN A 768 4.15 39.77 39.64
N ASP A 769 3.53 39.13 38.66
CA ASP A 769 3.07 39.81 37.45
C ASP A 769 1.59 39.63 37.15
N TYR A 770 0.82 38.98 38.03
CA TYR A 770 -0.56 38.66 37.75
C TYR A 770 -1.46 39.19 38.87
N THR A 771 -2.67 39.61 38.50
CA THR A 771 -3.65 40.12 39.43
C THR A 771 -4.77 39.09 39.60
N GLU A 772 -5.04 38.72 40.85
CA GLU A 772 -5.96 37.64 41.18
C GLU A 772 -7.34 38.22 41.50
N GLY A 773 -8.36 37.71 40.82
CA GLY A 773 -9.74 38.08 41.09
C GLY A 773 -10.66 36.87 41.09
N CYS A 774 -11.45 36.71 42.15
CA CYS A 774 -12.24 35.51 42.35
C CYS A 774 -13.73 35.79 42.18
N ALA A 775 -14.46 34.76 41.79
CA ALA A 775 -15.91 34.84 41.65
C ALA A 775 -16.51 33.49 42.01
N ASP A 776 -17.53 33.50 42.86
CA ASP A 776 -18.14 32.28 43.38
C ASP A 776 -19.52 32.09 42.78
N LEU A 777 -19.84 30.83 42.42
CA LEU A 777 -21.15 30.47 41.89
C LEU A 777 -21.65 29.30 42.74
N LEU A 778 -22.59 29.59 43.63
CA LEU A 778 -23.17 28.53 44.44
C LEU A 778 -24.15 27.71 43.59
N PRO A 779 -24.05 26.39 43.58
CA PRO A 779 -24.91 25.58 42.73
C PRO A 779 -26.21 25.19 43.43
N GLU A 780 -27.16 24.73 42.62
CA GLU A 780 -28.49 24.23 42.97
C GLU A 780 -29.41 25.30 43.58
N ALA A 781 -29.00 26.56 43.60
CA ALA A 781 -29.80 27.71 43.97
C ALA A 781 -29.71 28.82 42.92
N ASP A 782 -28.54 29.01 42.32
CA ASP A 782 -28.37 29.98 41.25
C ASP A 782 -28.57 29.38 39.86
N ILE A 783 -28.59 28.06 39.76
CA ILE A 783 -28.76 27.37 38.48
C ILE A 783 -30.23 27.04 38.28
N ASP A 784 -30.79 27.46 37.14
CA ASP A 784 -32.17 27.12 36.82
C ASP A 784 -32.33 26.70 35.36
N ARG A 785 -31.32 26.03 34.80
CA ARG A 785 -31.45 25.43 33.48
C ARG A 785 -32.21 24.13 33.61
N ARG A 786 -33.39 24.06 33.00
CA ARG A 786 -34.29 22.92 33.16
C ARG A 786 -34.33 22.11 31.87
N ASP A 787 -34.15 20.80 31.99
CA ASP A 787 -34.27 19.86 30.87
C ASP A 787 -35.55 19.06 31.08
N GLU A 788 -36.61 19.47 30.36
CA GLU A 788 -37.97 18.90 30.44
C GLU A 788 -38.52 18.93 31.87
N ASP A 789 -38.24 20.05 32.57
CA ASP A 789 -38.60 20.30 33.98
C ASP A 789 -38.07 19.19 34.90
N GLY A 790 -36.85 18.73 34.62
CA GLY A 790 -36.27 17.65 35.39
C GLY A 790 -35.17 18.12 36.34
N VAL A 791 -33.99 17.52 36.20
CA VAL A 791 -32.85 17.89 37.03
C VAL A 791 -32.33 19.25 36.57
N GLN A 792 -32.12 20.16 37.51
CA GLN A 792 -31.81 21.55 37.18
C GLN A 792 -30.31 21.81 37.00
N MET A 793 -29.66 20.98 36.16
CA MET A 793 -28.28 21.16 35.68
C MET A 793 -27.27 21.19 36.84
N THR A 794 -27.06 20.00 37.42
CA THR A 794 -26.11 19.77 38.52
C THR A 794 -24.69 20.27 38.25
N ALA A 795 -23.93 20.48 39.34
CA ALA A 795 -22.68 21.23 39.29
C ALA A 795 -21.57 20.54 38.52
N GLN A 796 -21.65 19.21 38.35
CA GLN A 796 -20.69 18.52 37.48
C GLN A 796 -20.91 18.91 36.01
N GLN A 797 -22.18 19.03 35.60
CA GLN A 797 -22.50 19.44 34.23
C GLN A 797 -22.11 20.90 33.98
N VAL A 798 -22.33 21.77 34.96
CA VAL A 798 -21.96 23.17 34.84
C VAL A 798 -20.45 23.34 34.85
N PHE A 799 -19.75 22.51 35.65
CA PHE A 799 -18.29 22.53 35.68
C PHE A 799 -17.69 22.05 34.35
N GLU A 800 -18.24 20.97 33.79
CA GLU A 800 -17.81 20.46 32.49
C GLU A 800 -18.13 21.46 31.38
N GLU A 801 -19.27 22.13 31.46
CA GLU A 801 -19.61 23.17 30.50
C GLU A 801 -18.71 24.39 30.64
N PHE A 802 -18.26 24.71 31.85
CA PHE A 802 -17.33 25.81 32.06
C PHE A 802 -15.98 25.51 31.42
N ILE A 803 -15.47 24.29 31.61
CA ILE A 803 -14.21 23.88 30.98
C ILE A 803 -14.36 23.81 29.46
N CYS A 804 -15.52 23.38 28.96
CA CYS A 804 -15.77 23.32 27.53
C CYS A 804 -15.87 24.72 26.91
N GLN A 805 -16.51 25.67 27.61
CA GLN A 805 -16.62 27.03 27.10
C GLN A 805 -15.28 27.76 27.18
N ARG A 806 -14.42 27.40 28.14
CA ARG A 806 -13.08 27.95 28.13
C ARG A 806 -12.25 27.35 27.00
N LEU A 807 -12.38 26.05 26.74
CA LEU A 807 -11.59 25.38 25.71
C LEU A 807 -12.01 25.77 24.31
N MET A 808 -13.30 26.14 24.12
CA MET A 808 -13.78 26.52 22.80
C MET A 808 -13.24 27.87 22.36
N GLN A 809 -12.88 28.74 23.31
CA GLN A 809 -12.29 30.02 22.96
C GLN A 809 -10.80 29.92 22.67
N GLY A 810 -10.14 28.83 23.06
CA GLY A 810 -8.74 28.65 22.73
C GLY A 810 -7.83 28.44 23.93
N TYR A 811 -8.41 28.21 25.10
CA TYR A 811 -7.62 27.95 26.29
C TYR A 811 -7.05 26.53 26.25
N GLN A 812 -6.00 26.31 27.03
CA GLN A 812 -5.35 25.01 27.12
C GLN A 812 -5.27 24.58 28.58
N ILE A 813 -5.48 23.29 28.82
CA ILE A 813 -5.48 22.75 30.17
C ILE A 813 -4.05 22.56 30.63
N ILE A 814 -3.70 23.15 31.77
CA ILE A 814 -2.37 22.96 32.34
C ILE A 814 -2.36 21.63 33.09
N VAL A 815 -1.47 20.73 32.69
CA VAL A 815 -1.38 19.41 33.31
C VAL A 815 -0.48 19.46 34.54
N ASP A 850 -13.38 18.54 41.21
CA ASP A 850 -12.12 18.60 40.49
C ASP A 850 -11.55 20.00 40.46
N GLN A 851 -10.41 20.16 39.79
CA GLN A 851 -9.78 21.46 39.63
C GLN A 851 -8.97 21.45 38.35
N TYR A 852 -9.23 22.43 37.48
CA TYR A 852 -8.53 22.56 36.22
C TYR A 852 -7.86 23.93 36.15
N TRP A 853 -6.64 23.94 35.63
CA TRP A 853 -5.90 25.17 35.39
C TRP A 853 -5.86 25.43 33.89
N LEU A 854 -6.30 26.60 33.48
CA LEU A 854 -6.52 26.93 32.08
C LEU A 854 -5.71 28.16 31.71
N SER A 855 -5.07 28.12 30.54
CA SER A 855 -4.20 29.21 30.11
C SER A 855 -4.44 29.52 28.64
N MET A 856 -4.43 30.81 28.32
CA MET A 856 -4.48 31.26 26.93
C MET A 856 -3.74 32.58 26.85
N GLY A 857 -2.54 32.57 26.27
CA GLY A 857 -1.71 33.74 26.23
C GLY A 857 -1.10 34.05 27.59
N ARG A 858 -1.40 35.22 28.13
CA ARG A 858 -0.89 35.63 29.43
C ARG A 858 -1.95 35.61 30.52
N THR A 859 -3.13 35.06 30.25
CA THR A 859 -4.22 34.98 31.21
C THR A 859 -4.37 33.56 31.71
N PHE A 860 -4.58 33.41 33.02
CA PHE A 860 -4.73 32.11 33.64
C PHE A 860 -6.08 32.01 34.33
N HIS A 861 -6.71 30.84 34.19
CA HIS A 861 -8.02 30.57 34.79
C HIS A 861 -7.92 29.36 35.70
N LYS A 862 -8.55 29.45 36.86
CA LYS A 862 -8.61 28.35 37.82
C LYS A 862 -10.08 28.07 38.13
N VAL A 863 -10.63 27.03 37.54
CA VAL A 863 -12.02 26.64 37.73
C VAL A 863 -12.04 25.44 38.65
N THR A 864 -12.63 25.58 39.83
CA THR A 864 -12.55 24.58 40.89
C THR A 864 -13.94 24.18 41.33
N LEU A 865 -14.21 22.87 41.33
CA LEU A 865 -15.44 22.31 41.87
C LEU A 865 -15.08 21.54 43.13
N LYS A 866 -15.51 22.05 44.29
CA LYS A 866 -15.31 21.39 45.56
C LYS A 866 -16.58 21.54 46.38
N ASP A 867 -16.98 20.42 47.04
CA ASP A 867 -18.11 20.20 47.97
C ASP A 867 -19.38 20.98 47.66
N LYS A 868 -19.85 20.85 46.40
CA LYS A 868 -20.95 21.62 45.81
C LYS A 868 -20.70 23.12 45.92
N MET A 869 -19.65 23.57 45.24
CA MET A 869 -19.34 24.99 45.06
C MET A 869 -18.43 25.12 43.85
N ILE A 870 -18.79 26.00 42.92
CA ILE A 870 -17.99 26.27 41.73
C ILE A 870 -17.32 27.63 41.89
N THR A 871 -15.99 27.63 41.84
CA THR A 871 -15.20 28.84 42.05
C THR A 871 -14.32 29.05 40.82
N VAL A 872 -14.45 30.23 40.19
CA VAL A 872 -13.68 30.58 39.02
C VAL A 872 -12.81 31.79 39.36
N THR A 873 -11.50 31.63 39.22
CA THR A 873 -10.54 32.69 39.49
C THR A 873 -9.79 33.04 38.22
N ARG A 874 -9.73 34.32 37.89
CA ARG A 874 -9.06 34.79 36.69
C ARG A 874 -7.80 35.54 37.07
N TYR A 875 -6.69 35.20 36.41
CA TYR A 875 -5.39 35.81 36.66
C TYR A 875 -4.99 36.62 35.43
N LEU A 876 -5.13 37.94 35.52
CA LEU A 876 -4.79 38.81 34.40
C LEU A 876 -3.44 39.48 34.65
N PRO A 877 -2.64 39.68 33.60
CA PRO A 877 -1.32 40.32 33.79
C PRO A 877 -1.44 41.79 34.12
N LYS A 878 -0.50 42.27 34.94
CA LYS A 878 -0.46 43.67 35.34
C LYS A 878 0.09 44.58 34.26
N TYR A 879 0.86 44.05 33.32
CA TYR A 879 1.44 44.82 32.22
C TYR A 879 0.99 44.17 30.91
N PRO A 880 -0.17 44.52 30.41
CA PRO A 880 -0.68 43.88 29.18
C PRO A 880 0.02 44.39 27.93
N TYR A 881 -0.04 43.56 26.89
CA TYR A 881 0.54 43.89 25.60
C TYR A 881 -0.37 44.88 24.89
N GLU A 882 -0.12 46.17 25.10
CA GLU A 882 -0.93 47.23 24.52
C GLU A 882 -0.40 47.55 23.13
N SER A 883 -0.79 46.72 22.18
CA SER A 883 -0.42 46.94 20.79
C SER A 883 -1.37 47.94 20.14
N ALA A 884 -1.00 48.40 18.95
CA ALA A 884 -1.77 49.38 18.21
C ALA A 884 -2.37 48.74 16.96
N GLN A 885 -3.27 49.49 16.32
CA GLN A 885 -3.90 49.05 15.08
C GLN A 885 -3.08 49.50 13.88
N ILE A 886 -3.08 48.68 12.83
CA ILE A 886 -2.35 48.96 11.61
C ILE A 886 -3.35 49.04 10.47
N HIS A 887 -3.42 50.20 9.83
CA HIS A 887 -4.32 50.40 8.70
C HIS A 887 -3.66 49.87 7.43
N TYR A 888 -4.41 49.07 6.67
CA TYR A 888 -3.88 48.41 5.48
C TYR A 888 -4.79 48.67 4.30
N THR A 889 -4.21 49.02 3.17
CA THR A 889 -4.94 49.23 1.92
C THR A 889 -4.33 48.37 0.83
N TYR A 890 -5.18 47.77 0.00
CA TYR A 890 -4.71 46.84 -1.02
C TYR A 890 -5.70 46.82 -2.17
N SER A 891 -5.25 46.27 -3.30
CA SER A 891 -6.09 46.06 -4.46
C SER A 891 -6.48 44.59 -4.54
N LEU A 892 -7.77 44.32 -4.62
CA LEU A 892 -8.30 42.96 -4.58
C LEU A 892 -9.05 42.65 -5.85
N CYS A 893 -8.69 41.54 -6.50
CA CYS A 893 -9.45 41.01 -7.62
C CYS A 893 -10.16 39.75 -7.16
N PRO A 894 -11.49 39.68 -7.24
CA PRO A 894 -12.22 38.51 -6.72
C PRO A 894 -12.07 37.25 -7.56
N SER A 895 -12.75 36.19 -7.16
CA SER A 895 -12.56 34.88 -7.79
C SER A 895 -13.22 34.80 -9.16
N HIS A 896 -14.33 35.51 -9.37
CA HIS A 896 -15.06 35.47 -10.63
C HIS A 896 -14.93 36.76 -11.42
N SER A 897 -13.83 37.50 -11.21
CA SER A 897 -13.51 38.66 -11.99
C SER A 897 -12.16 38.45 -12.68
N ASP A 898 -12.03 39.00 -13.88
CA ASP A 898 -10.84 38.75 -14.70
C ASP A 898 -9.73 39.76 -14.46
N SER A 899 -10.04 41.06 -14.56
CA SER A 899 -9.01 42.07 -14.44
C SER A 899 -9.45 43.30 -13.64
N GLU A 900 -10.63 43.27 -13.02
CA GLU A 900 -11.13 44.43 -12.27
C GLU A 900 -10.61 44.35 -10.85
N PHE A 901 -9.64 45.18 -10.52
CA PHE A 901 -9.07 45.23 -9.18
C PHE A 901 -9.86 46.22 -8.34
N VAL A 902 -10.41 45.75 -7.23
CA VAL A 902 -11.25 46.56 -6.35
C VAL A 902 -10.40 47.09 -5.21
N SER A 903 -10.47 48.39 -4.98
CA SER A 903 -9.73 49.01 -3.89
C SER A 903 -10.40 48.68 -2.55
N CYS A 904 -9.68 47.98 -1.69
CA CYS A 904 -10.21 47.53 -0.41
C CYS A 904 -9.29 47.98 0.72
N TRP A 905 -9.85 48.09 1.92
CA TRP A 905 -9.08 48.42 3.10
C TRP A 905 -9.57 47.61 4.28
N VAL A 906 -8.63 47.31 5.19
CA VAL A 906 -8.93 46.53 6.39
C VAL A 906 -7.88 46.90 7.43
N GLU A 907 -8.21 46.71 8.70
CA GLU A 907 -7.34 47.10 9.80
C GLU A 907 -6.85 45.85 10.54
N PHE A 908 -5.54 45.78 10.78
CA PHE A 908 -4.94 44.67 11.53
C PHE A 908 -4.90 45.06 12.99
N SER A 909 -5.64 44.31 13.82
CA SER A 909 -5.73 44.60 15.24
C SER A 909 -5.62 43.31 16.03
N HIS A 910 -5.18 43.43 17.27
CA HIS A 910 -5.06 42.30 18.17
C HIS A 910 -6.19 42.36 19.19
N GLU A 911 -6.90 41.24 19.36
CA GLU A 911 -8.01 41.20 20.29
C GLU A 911 -7.50 41.14 21.73
N ARG A 912 -8.35 41.55 22.66
CA ARG A 912 -8.02 41.58 24.08
C ARG A 912 -8.68 40.38 24.76
N LEU A 913 -7.87 39.41 25.16
CA LEU A 913 -8.41 38.22 25.83
C LEU A 913 -8.81 38.52 27.26
N GLU A 914 -8.15 39.50 27.90
CA GLU A 914 -8.50 39.87 29.27
C GLU A 914 -9.75 40.74 29.34
N GLU A 915 -10.21 41.29 28.22
CA GLU A 915 -11.43 42.07 28.18
C GLU A 915 -12.65 41.24 27.80
N TYR A 916 -12.51 39.93 27.66
CA TYR A 916 -13.64 39.06 27.37
C TYR A 916 -14.53 38.96 28.60
N LYS A 917 -15.84 39.09 28.38
CA LYS A 917 -16.81 39.08 29.48
C LYS A 917 -17.13 37.64 29.84
N TRP A 918 -16.27 37.07 30.68
CA TRP A 918 -16.44 35.69 31.09
C TRP A 918 -17.57 35.53 32.11
N ASN A 919 -17.86 36.59 32.88
CA ASN A 919 -18.95 36.53 33.85
C ASN A 919 -20.31 36.47 33.16
N TYR A 920 -20.46 37.17 32.03
CA TYR A 920 -21.69 37.10 31.26
C TYR A 920 -21.88 35.72 30.63
N LEU A 921 -20.80 35.10 30.17
CA LEU A 921 -20.89 33.75 29.61
C LEU A 921 -21.18 32.73 30.69
N ASP A 922 -20.62 32.92 31.89
CA ASP A 922 -20.94 32.04 33.02
C ASP A 922 -22.38 32.20 33.47
N GLN A 923 -22.91 33.43 33.41
CA GLN A 923 -24.32 33.66 33.71
C GLN A 923 -25.22 33.05 32.64
N TYR A 924 -24.77 33.06 31.38
CA TYR A 924 -25.54 32.43 30.31
C TYR A 924 -25.55 30.91 30.45
N ILE A 925 -24.42 30.32 30.84
CA ILE A 925 -24.34 28.87 31.02
C ILE A 925 -25.14 28.42 32.25
N CYS A 926 -24.96 29.12 33.37
CA CYS A 926 -25.59 28.68 34.62
C CYS A 926 -27.06 29.07 34.66
N SER A 927 -27.37 30.35 34.53
CA SER A 927 -28.74 30.81 34.61
C SER A 927 -29.43 30.73 33.26
N ALA A 928 -30.71 30.38 33.30
CA ALA A 928 -31.52 30.23 32.09
C ALA A 928 -32.42 31.43 31.82
N GLY A 929 -32.57 32.33 32.78
CA GLY A 929 -33.49 33.44 32.61
C GLY A 929 -32.99 34.61 31.79
N SER A 930 -31.67 34.71 31.56
CA SER A 930 -31.17 35.88 30.83
C SER A 930 -31.36 35.71 29.34
N GLU A 931 -30.60 34.79 28.74
CA GLU A 931 -30.76 34.17 27.41
C GLU A 931 -30.65 35.15 26.22
N ASP A 932 -30.54 36.46 26.48
CA ASP A 932 -30.38 37.48 25.45
C ASP A 932 -28.91 37.80 25.21
N PHE A 933 -28.01 37.01 25.78
CA PHE A 933 -26.57 37.24 25.64
C PHE A 933 -26.03 36.76 24.31
N SER A 934 -26.86 36.09 23.49
CA SER A 934 -26.46 35.75 22.13
C SER A 934 -26.42 36.99 21.23
N LEU A 935 -27.16 38.04 21.59
CA LEU A 935 -27.11 39.29 20.85
C LEU A 935 -25.92 40.17 21.22
N ILE A 936 -25.17 39.80 22.25
CA ILE A 936 -23.97 40.53 22.62
C ILE A 936 -22.84 40.10 21.70
N GLU A 937 -22.29 41.04 20.94
CA GLU A 937 -21.30 40.72 19.91
C GLU A 937 -19.92 40.42 20.48
N SER A 938 -19.61 40.90 21.68
CA SER A 938 -18.30 40.65 22.26
C SER A 938 -18.18 39.27 22.89
N LEU A 939 -19.27 38.53 23.03
CA LEU A 939 -19.20 37.17 23.54
C LEU A 939 -18.84 36.16 22.47
N LYS A 940 -18.93 36.56 21.19
CA LYS A 940 -18.53 35.79 20.01
C LYS A 940 -19.26 34.46 19.91
N PHE A 941 -20.58 34.55 19.83
CA PHE A 941 -21.42 33.37 19.62
C PHE A 941 -21.24 32.84 18.21
N TRP A 942 -21.18 31.52 18.09
CA TRP A 942 -21.17 30.90 16.76
C TRP A 942 -22.54 31.06 16.12
N ARG A 943 -22.56 31.60 14.91
CA ARG A 943 -23.80 31.91 14.22
C ARG A 943 -23.77 31.37 12.80
N THR A 944 -24.96 31.03 12.30
CA THR A 944 -25.14 30.63 10.92
C THR A 944 -26.57 30.98 10.52
N ARG A 945 -26.81 31.05 9.22
CA ARG A 945 -28.05 31.59 8.68
C ARG A 945 -28.60 30.65 7.62
N PHE A 946 -29.91 30.41 7.68
CA PHE A 946 -30.59 29.53 6.74
C PHE A 946 -31.77 30.28 6.13
N LEU A 947 -32.02 30.03 4.85
CA LEU A 947 -33.13 30.64 4.13
C LEU A 947 -34.04 29.55 3.60
N LEU A 948 -35.35 29.72 3.81
CA LEU A 948 -36.35 28.80 3.29
C LEU A 948 -36.89 29.39 2.00
N LEU A 949 -36.52 28.79 0.88
CA LEU A 949 -36.85 29.31 -0.44
C LEU A 949 -37.88 28.41 -1.12
N PRO A 950 -38.72 28.98 -1.99
CA PRO A 950 -39.58 28.14 -2.83
C PRO A 950 -38.77 27.30 -3.81
N ALA A 951 -39.25 26.09 -4.06
CA ALA A 951 -38.55 25.12 -4.89
C ALA A 951 -39.16 25.14 -6.29
N CYS A 952 -38.62 26.02 -7.14
CA CYS A 952 -39.00 26.05 -8.55
C CYS A 952 -38.16 25.00 -9.28
N VAL A 953 -38.64 23.75 -9.20
CA VAL A 953 -37.88 22.62 -9.71
C VAL A 953 -37.92 22.58 -11.24
N THR A 954 -39.06 22.96 -11.83
CA THR A 954 -39.28 22.78 -13.26
C THR A 954 -38.41 23.73 -14.09
N ALA A 955 -38.37 25.00 -13.72
CA ALA A 955 -37.55 25.97 -14.45
C ALA A 955 -36.06 25.75 -14.23
N THR A 956 -35.68 25.30 -13.03
CA THR A 956 -34.28 24.96 -12.76
C THR A 956 -33.84 23.74 -13.56
N LYS A 957 -34.71 22.75 -13.68
CA LYS A 957 -34.42 21.59 -14.52
C LYS A 957 -34.39 21.96 -16.00
N ARG A 958 -35.20 22.96 -16.40
CA ARG A 958 -35.15 23.46 -17.77
C ARG A 958 -33.82 24.16 -18.07
N ILE A 959 -33.31 24.96 -17.12
CA ILE A 959 -32.05 25.66 -17.33
C ILE A 959 -30.87 24.66 -17.30
N THR A 960 -30.89 23.71 -16.36
CA THR A 960 -29.82 22.72 -16.31
C THR A 960 -29.92 21.69 -17.42
N GLU A 961 -31.07 21.57 -18.08
CA GLU A 961 -31.17 20.73 -19.27
C GLU A 961 -30.58 21.38 -20.51
N GLY A 962 -30.36 22.69 -20.49
CA GLY A 962 -29.72 23.36 -21.61
C GLY A 962 -30.49 24.50 -22.24
N GLU A 963 -31.38 25.14 -21.47
CA GLU A 963 -32.04 26.35 -21.96
C GLU A 963 -31.05 27.51 -22.02
N ALA A 964 -31.06 28.25 -23.13
CA ALA A 964 -30.12 29.36 -23.30
C ALA A 964 -30.53 30.55 -22.45
N HIS A 965 -31.83 30.85 -22.37
CA HIS A 965 -32.33 31.99 -21.63
C HIS A 965 -32.79 31.54 -20.25
N CYS A 966 -32.31 32.22 -19.21
CA CYS A 966 -32.61 31.88 -17.83
C CYS A 966 -33.78 32.67 -17.26
N ASP A 967 -34.38 33.56 -18.03
CA ASP A 967 -35.51 34.37 -17.54
C ASP A 967 -36.84 33.70 -17.89
N ILE A 968 -36.97 32.44 -17.50
CA ILE A 968 -38.19 31.67 -17.75
C ILE A 968 -39.13 31.67 -16.56
N TYR A 969 -38.70 32.18 -15.40
CA TYR A 969 -39.62 32.48 -14.32
C TYR A 969 -40.46 33.69 -14.73
N GLY A 970 -41.79 33.56 -14.62
CA GLY A 970 -42.68 34.53 -15.22
C GLY A 970 -42.73 35.90 -14.55
N ASP A 971 -43.36 35.98 -13.38
CA ASP A 971 -43.33 37.21 -12.60
C ASP A 971 -43.17 36.99 -11.11
N ARG A 972 -43.41 35.79 -10.59
CA ARG A 972 -43.34 35.45 -9.18
C ARG A 972 -42.98 33.97 -9.12
N PRO A 973 -42.18 33.55 -8.14
CA PRO A 973 -41.88 32.12 -7.98
C PRO A 973 -43.10 31.38 -7.48
N ARG A 974 -43.56 30.40 -8.27
CA ARG A 974 -44.81 29.63 -8.08
C ARG A 974 -46.00 30.59 -7.99
N ALA A 975 -46.29 31.19 -9.16
CA ALA A 975 -47.14 32.38 -9.26
C ALA A 975 -48.58 32.10 -8.82
N ASP A 976 -49.19 31.04 -9.34
CA ASP A 976 -50.48 30.61 -8.80
C ASP A 976 -50.43 29.22 -8.18
N GLU A 977 -50.08 28.17 -8.94
CA GLU A 977 -50.19 26.74 -8.60
C GLU A 977 -51.51 26.41 -7.87
N ASP A 978 -51.39 25.95 -6.64
CA ASP A 978 -52.47 26.02 -5.66
C ASP A 978 -51.94 26.82 -4.48
N GLU A 979 -52.59 27.96 -4.18
CA GLU A 979 -52.06 28.89 -3.19
C GLU A 979 -52.18 28.37 -1.77
N TRP A 980 -53.11 27.46 -1.51
CA TRP A 980 -53.24 26.88 -0.18
C TRP A 980 -52.46 25.59 -0.02
N GLN A 981 -51.91 25.03 -1.11
CA GLN A 981 -51.07 23.85 -1.01
C GLN A 981 -49.69 24.22 -0.46
N LEU A 982 -49.16 25.37 -0.89
CA LEU A 982 -47.85 25.82 -0.41
C LEU A 982 -47.93 26.30 1.04
N LEU A 983 -49.06 26.92 1.41
CA LEU A 983 -49.27 27.35 2.79
C LEU A 983 -49.42 26.15 3.72
N ASP A 984 -50.08 25.09 3.25
CA ASP A 984 -50.18 23.87 4.04
C ASP A 984 -48.83 23.18 4.16
N GLY A 985 -47.99 23.29 3.13
CA GLY A 985 -46.63 22.79 3.22
C GLY A 985 -45.79 23.58 4.21
N PHE A 986 -46.01 24.89 4.30
CA PHE A 986 -45.30 25.68 5.30
C PHE A 986 -45.81 25.39 6.71
N VAL A 987 -47.12 25.12 6.86
CA VAL A 987 -47.67 24.71 8.15
C VAL A 987 -47.09 23.37 8.59
N ARG A 988 -46.93 22.43 7.64
CA ARG A 988 -46.25 21.17 7.94
C ARG A 988 -44.77 21.36 8.26
N PHE A 989 -44.12 22.36 7.64
CA PHE A 989 -42.72 22.62 7.94
C PHE A 989 -42.54 23.21 9.34
N VAL A 990 -43.41 24.14 9.75
CA VAL A 990 -43.33 24.68 11.11
C VAL A 990 -43.79 23.64 12.13
N GLU A 991 -44.66 22.71 11.73
CA GLU A 991 -44.95 21.54 12.55
C GLU A 991 -43.72 20.68 12.75
N GLY A 992 -42.91 20.52 11.70
CA GLY A 992 -41.64 19.82 11.85
C GLY A 992 -40.60 20.60 12.65
N LEU A 993 -40.73 21.94 12.67
CA LEU A 993 -39.85 22.75 13.50
C LEU A 993 -40.18 22.58 14.98
N ASN A 994 -41.46 22.41 15.30
CA ASN A 994 -41.92 22.28 16.67
C ASN A 994 -41.96 20.84 17.16
N ARG A 995 -41.48 19.89 16.34
CA ARG A 995 -41.50 18.43 16.58
C ARG A 995 -42.91 17.92 16.86
N ILE A 996 -43.87 18.42 16.10
CA ILE A 996 -45.27 18.03 16.23
C ILE A 996 -45.57 16.96 15.18
N ARG A 997 -45.98 15.79 15.64
CA ARG A 997 -46.29 14.68 14.75
C ARG A 997 -47.80 14.54 14.60
N ARG A 998 -48.25 14.41 13.36
CA ARG A 998 -49.67 14.29 13.07
C ARG A 998 -49.95 13.16 12.09
N LEU A 1177 -69.74 32.50 16.84
CA LEU A 1177 -70.41 32.36 18.12
C LEU A 1177 -70.43 30.89 18.57
N THR A 1178 -71.40 30.53 19.44
CA THR A 1178 -71.38 29.24 20.14
C THR A 1178 -71.59 28.06 19.20
N GLU A 1179 -72.51 28.18 18.24
CA GLU A 1179 -72.78 27.06 17.33
C GLU A 1179 -71.66 26.86 16.33
N ILE A 1180 -70.88 27.91 16.04
CA ILE A 1180 -69.72 27.79 15.17
C ILE A 1180 -68.61 26.99 15.86
N LEU A 1181 -68.41 27.25 17.16
CA LEU A 1181 -67.45 26.47 17.93
C LEU A 1181 -67.94 25.04 18.16
N GLU A 1182 -69.26 24.85 18.28
CA GLU A 1182 -69.81 23.50 18.40
C GLU A 1182 -69.64 22.71 17.11
N ALA A 1183 -69.76 23.38 15.96
CA ALA A 1183 -69.45 22.73 14.69
C ALA A 1183 -67.96 22.49 14.52
N MET A 1184 -67.13 23.36 15.12
CA MET A 1184 -65.68 23.19 15.08
C MET A 1184 -65.23 22.01 15.93
N LYS A 1185 -65.94 21.73 17.03
CA LYS A 1185 -65.57 20.66 17.95
C LYS A 1185 -66.16 19.31 17.58
N HIS A 1186 -66.53 19.10 16.32
CA HIS A 1186 -67.08 17.82 15.88
C HIS A 1186 -65.97 16.78 15.81
N PRO A 1187 -66.16 15.59 16.37
CA PRO A 1187 -65.09 14.59 16.32
C PRO A 1187 -64.92 13.92 14.96
N SER A 1188 -65.95 13.90 14.12
CA SER A 1188 -65.86 13.17 12.87
C SER A 1188 -65.13 13.97 11.79
N THR A 1189 -65.70 15.12 11.38
CA THR A 1189 -65.04 15.96 10.38
C THR A 1189 -64.21 17.04 11.07
N GLY A 1190 -64.90 17.95 11.78
CA GLY A 1190 -64.35 19.00 12.64
C GLY A 1190 -63.15 19.80 12.17
N VAL A 1191 -62.23 20.05 13.10
CA VAL A 1191 -60.91 20.56 12.78
C VAL A 1191 -59.90 19.63 13.44
N GLN A 1192 -58.69 19.61 12.88
CA GLN A 1192 -57.63 18.75 13.40
C GLN A 1192 -57.02 19.44 14.61
N LEU A 1193 -57.63 19.22 15.78
CA LEU A 1193 -57.08 19.73 17.02
C LEU A 1193 -55.81 18.98 17.40
N LEU A 1194 -54.92 19.68 18.10
CA LEU A 1194 -53.63 19.09 18.44
C LEU A 1194 -53.75 18.06 19.54
N SER A 1195 -52.79 17.15 19.57
CA SER A 1195 -52.75 16.03 20.50
C SER A 1195 -52.20 16.45 21.87
N GLU A 1196 -51.78 15.47 22.65
CA GLU A 1196 -51.25 15.68 24.01
C GLU A 1196 -49.74 15.80 24.01
N GLN A 1197 -49.20 16.50 23.01
CA GLN A 1197 -47.80 16.86 22.94
C GLN A 1197 -47.39 17.68 24.17
N LYS A 1198 -46.18 17.42 24.66
CA LYS A 1198 -45.71 17.96 25.93
C LYS A 1198 -45.50 19.47 25.83
N GLY A 1199 -46.03 20.20 26.81
CA GLY A 1199 -46.03 21.64 26.80
C GLY A 1199 -47.24 22.29 26.19
N LEU A 1200 -48.12 21.50 25.56
CA LEU A 1200 -49.30 22.01 24.90
C LEU A 1200 -50.57 21.62 25.66
N SER A 1201 -51.48 22.57 25.77
CA SER A 1201 -52.76 22.32 26.42
C SER A 1201 -53.66 21.47 25.50
N PRO A 1202 -54.64 20.77 26.08
CA PRO A 1202 -55.66 20.12 25.25
C PRO A 1202 -56.54 21.12 24.51
N TYR A 1203 -57.17 20.64 23.43
CA TYR A 1203 -58.02 21.40 22.52
C TYR A 1203 -57.29 22.59 21.90
N CYS A 1204 -56.02 22.41 21.59
CA CYS A 1204 -55.24 23.43 20.90
C CYS A 1204 -55.31 23.23 19.40
N PHE A 1205 -55.24 24.33 18.65
CA PHE A 1205 -55.30 24.25 17.20
C PHE A 1205 -54.42 25.34 16.59
N ILE A 1206 -54.08 25.13 15.33
CA ILE A 1206 -53.38 26.12 14.53
C ILE A 1206 -54.41 27.06 13.92
N SER A 1207 -54.10 28.36 13.88
CA SER A 1207 -55.07 29.35 13.41
C SER A 1207 -55.27 29.28 11.90
N ALA A 1208 -54.24 28.88 11.15
CA ALA A 1208 -54.35 28.84 9.68
C ALA A 1208 -55.29 27.73 9.22
N GLU A 1209 -55.21 26.56 9.87
CA GLU A 1209 -56.06 25.42 9.49
C GLU A 1209 -57.52 25.69 9.83
N VAL A 1210 -57.78 26.35 10.95
CA VAL A 1210 -59.18 26.66 11.26
C VAL A 1210 -59.70 27.86 10.48
N VAL A 1211 -58.84 28.77 10.01
CA VAL A 1211 -59.31 29.78 9.06
C VAL A 1211 -59.65 29.13 7.71
N HIS A 1212 -58.85 28.15 7.29
CA HIS A 1212 -59.17 27.38 6.08
C HIS A 1212 -60.44 26.54 6.24
N TRP A 1213 -60.73 26.09 7.47
CA TRP A 1213 -61.97 25.36 7.71
C TRP A 1213 -63.17 26.30 7.75
N LEU A 1214 -63.01 27.49 8.34
CA LEU A 1214 -64.05 28.51 8.34
C LEU A 1214 -64.27 29.17 6.98
N VAL A 1215 -63.39 28.97 6.01
CA VAL A 1215 -63.73 29.34 4.63
C VAL A 1215 -64.76 28.37 4.07
N ASN A 1216 -64.51 27.06 4.22
CA ASN A 1216 -65.29 26.05 3.52
C ASN A 1216 -66.61 25.75 4.22
N HIS A 1217 -66.53 25.20 5.44
CA HIS A 1217 -67.71 24.70 6.16
C HIS A 1217 -68.18 25.79 7.11
N VAL A 1218 -69.06 26.67 6.61
CA VAL A 1218 -69.46 27.85 7.35
C VAL A 1218 -70.87 28.22 6.87
N GLU A 1219 -71.50 29.17 7.59
CA GLU A 1219 -72.87 29.63 7.37
C GLU A 1219 -72.96 30.68 6.25
N GLY A 1220 -71.89 30.88 5.49
CA GLY A 1220 -71.95 31.78 4.35
C GLY A 1220 -71.00 32.96 4.26
N ILE A 1221 -69.77 32.80 4.73
CA ILE A 1221 -68.72 33.77 4.43
C ILE A 1221 -67.72 33.12 3.48
N GLN A 1222 -67.07 33.95 2.66
CA GLN A 1222 -66.19 33.46 1.61
C GLN A 1222 -64.75 33.91 1.79
N THR A 1223 -64.50 35.21 1.92
CA THR A 1223 -63.13 35.70 1.96
C THR A 1223 -62.54 35.51 3.36
N GLN A 1224 -61.22 35.69 3.44
CA GLN A 1224 -60.49 35.47 4.69
C GLN A 1224 -60.70 36.58 5.71
N ALA A 1225 -61.05 37.79 5.25
CA ALA A 1225 -61.11 38.95 6.15
C ALA A 1225 -62.27 38.84 7.14
N MET A 1226 -63.45 38.45 6.66
CA MET A 1226 -64.55 38.23 7.59
C MET A 1226 -64.40 36.95 8.39
N ALA A 1227 -63.58 35.99 7.93
CA ALA A 1227 -63.24 34.85 8.78
C ALA A 1227 -62.34 35.28 9.95
N ILE A 1228 -61.41 36.20 9.69
CA ILE A 1228 -60.59 36.80 10.74
C ILE A 1228 -61.46 37.63 11.68
N ASP A 1229 -62.49 38.30 11.12
CA ASP A 1229 -63.44 39.06 11.94
C ASP A 1229 -64.28 38.15 12.85
N ILE A 1230 -64.71 36.99 12.33
CA ILE A 1230 -65.46 36.02 13.13
C ILE A 1230 -64.59 35.43 14.23
N MET A 1231 -63.33 35.12 13.91
CA MET A 1231 -62.42 34.61 14.94
C MET A 1231 -62.03 35.68 15.96
N GLN A 1232 -62.00 36.94 15.54
CA GLN A 1232 -61.79 38.04 16.49
C GLN A 1232 -63.01 38.23 17.40
N LYS A 1233 -64.20 38.01 16.85
CA LYS A 1233 -65.42 38.03 17.67
C LYS A 1233 -65.43 36.88 18.67
N MET A 1234 -64.94 35.71 18.27
CA MET A 1234 -64.81 34.59 19.20
C MET A 1234 -63.73 34.83 20.24
N LEU A 1235 -62.66 35.54 19.86
CA LEU A 1235 -61.62 35.89 20.82
C LEU A 1235 -62.09 36.93 21.82
N GLU A 1236 -62.94 37.88 21.39
CA GLU A 1236 -63.40 38.93 22.29
C GLU A 1236 -64.43 38.42 23.29
N GLU A 1237 -65.16 37.36 22.95
CA GLU A 1237 -66.16 36.78 23.83
C GLU A 1237 -65.61 35.65 24.69
N GLN A 1238 -64.29 35.44 24.64
CA GLN A 1238 -63.54 34.41 25.40
C GLN A 1238 -64.03 32.99 25.09
N LEU A 1239 -64.51 32.76 23.87
CA LEU A 1239 -64.81 31.39 23.44
C LEU A 1239 -63.53 30.63 23.16
N ILE A 1240 -62.56 31.30 22.52
CA ILE A 1240 -61.22 30.76 22.33
C ILE A 1240 -60.23 31.78 22.90
N THR A 1241 -59.02 31.32 23.15
CA THR A 1241 -57.95 32.16 23.65
C THR A 1241 -56.62 31.59 23.18
N HIS A 1242 -55.55 32.34 23.42
CA HIS A 1242 -54.21 31.88 23.11
C HIS A 1242 -53.81 30.74 24.04
N ALA A 1243 -52.88 29.91 23.57
CA ALA A 1243 -52.42 28.76 24.35
C ALA A 1243 -51.55 29.16 25.53
N SER A 1244 -51.02 30.39 25.54
CA SER A 1244 -50.26 30.91 26.67
C SER A 1244 -51.13 31.56 27.73
N GLY A 1245 -52.40 31.81 27.44
CA GLY A 1245 -53.23 32.59 28.33
C GLY A 1245 -53.08 34.08 28.19
N GLU A 1246 -52.36 34.55 27.17
CA GLU A 1246 -52.18 35.98 26.92
C GLU A 1246 -53.48 36.52 26.33
N ALA A 1247 -54.36 36.98 27.21
CA ALA A 1247 -55.66 37.49 26.80
C ALA A 1247 -55.64 39.00 26.53
N TRP A 1248 -54.67 39.43 25.71
CA TRP A 1248 -54.58 40.81 25.27
C TRP A 1248 -54.37 40.96 23.78
N ARG A 1249 -54.16 39.87 23.05
CA ARG A 1249 -53.81 39.92 21.64
C ARG A 1249 -55.06 39.82 20.77
N THR A 1250 -54.91 40.26 19.52
CA THR A 1250 -55.92 40.04 18.50
C THR A 1250 -55.69 38.68 17.83
N PHE A 1251 -56.61 38.30 16.97
CA PHE A 1251 -56.47 37.04 16.24
C PHE A 1251 -55.45 37.23 15.11
N ILE A 1252 -54.42 36.39 15.11
CA ILE A 1252 -53.32 36.50 14.16
C ILE A 1252 -53.39 35.30 13.24
N TYR A 1253 -53.55 35.57 11.94
CA TYR A 1253 -53.62 34.51 10.95
C TYR A 1253 -52.23 33.94 10.70
N GLY A 1254 -52.11 32.63 10.78
CA GLY A 1254 -50.85 31.95 10.56
C GLY A 1254 -50.71 30.78 11.50
N PHE A 1255 -49.45 30.41 11.76
CA PHE A 1255 -49.13 29.31 12.67
C PHE A 1255 -49.08 29.85 14.11
N TYR A 1256 -50.25 30.10 14.66
CA TYR A 1256 -50.39 30.57 16.04
C TYR A 1256 -51.27 29.61 16.80
N PHE A 1257 -50.79 29.19 17.98
CA PHE A 1257 -51.53 28.23 18.80
C PHE A 1257 -52.65 28.93 19.55
N TYR A 1258 -53.86 28.40 19.41
CA TYR A 1258 -55.03 28.89 20.13
C TYR A 1258 -55.79 27.70 20.69
N LYS A 1259 -56.35 27.88 21.89
CA LYS A 1259 -57.06 26.81 22.56
C LYS A 1259 -58.50 27.21 22.86
N ILE A 1260 -59.32 26.20 23.11
CA ILE A 1260 -60.75 26.38 23.40
C ILE A 1260 -60.92 26.44 24.91
N VAL A 1261 -61.62 27.48 25.38
CA VAL A 1261 -61.90 27.62 26.80
C VAL A 1261 -62.98 26.63 27.23
N PHE A 1286 -47.50 33.03 29.44
CA PHE A 1286 -46.82 34.31 29.34
C PHE A 1286 -45.66 34.22 28.33
N ALA A 1287 -44.63 35.04 28.49
CA ALA A 1287 -43.53 35.13 27.52
C ALA A 1287 -42.64 33.89 27.48
N SER A 1288 -42.75 32.98 28.46
CA SER A 1288 -42.02 31.72 28.38
C SER A 1288 -42.59 30.79 27.32
N PHE A 1289 -43.85 30.98 26.92
CA PHE A 1289 -44.40 30.25 25.78
C PHE A 1289 -43.78 30.72 24.47
N GLN A 1290 -43.37 31.99 24.41
CA GLN A 1290 -42.76 32.54 23.21
C GLN A 1290 -41.33 32.07 22.99
N ARG A 1291 -40.69 31.47 23.99
CA ARG A 1291 -39.32 30.98 23.88
C ARG A 1291 -39.27 29.47 23.68
N LYS A 1292 -40.39 28.83 23.44
CA LYS A 1292 -40.47 27.38 23.26
C LYS A 1292 -41.00 26.97 21.90
N TRP A 1293 -42.06 27.61 21.42
CA TRP A 1293 -42.75 27.20 20.20
C TRP A 1293 -42.56 28.22 19.09
N PHE A 1294 -42.34 27.72 17.88
CA PHE A 1294 -42.29 28.57 16.70
C PHE A 1294 -43.68 29.11 16.38
N GLU A 1295 -43.77 30.41 16.14
CA GLU A 1295 -45.05 31.04 15.82
C GLU A 1295 -44.81 32.06 14.71
N VAL A 1296 -45.25 31.72 13.49
CA VAL A 1296 -45.05 32.56 12.31
C VAL A 1296 -46.40 33.04 11.83
N ALA A 1297 -46.55 34.35 11.70
CA ALA A 1297 -47.75 34.93 11.13
C ALA A 1297 -47.75 34.79 9.61
N PHE A 1298 -48.94 34.92 9.02
CA PHE A 1298 -49.10 34.83 7.58
C PHE A 1298 -49.47 36.20 7.03
N VAL A 1299 -48.73 36.65 6.03
CA VAL A 1299 -49.01 37.92 5.37
C VAL A 1299 -50.02 37.67 4.26
N ALA A 1300 -51.18 38.32 4.36
CA ALA A 1300 -52.20 38.24 3.32
C ALA A 1300 -51.92 39.30 2.26
N GLU A 1301 -50.86 39.06 1.49
CA GLU A 1301 -50.44 40.00 0.47
C GLU A 1301 -51.39 39.96 -0.73
N GLU A 1302 -51.75 41.14 -1.21
CA GLU A 1302 -52.67 41.24 -2.34
C GLU A 1302 -51.97 40.82 -3.64
N LEU A 1303 -52.69 40.08 -4.47
CA LEU A 1303 -52.18 39.67 -5.76
C LEU A 1303 -52.17 40.87 -6.72
N VAL A 1304 -51.44 40.72 -7.83
CA VAL A 1304 -51.31 41.80 -8.79
C VAL A 1304 -52.57 41.87 -9.62
N HIS A 1305 -53.56 42.63 -9.15
CA HIS A 1305 -54.83 42.76 -9.85
C HIS A 1305 -54.71 43.67 -11.06
N SER A 1306 -53.90 44.72 -10.96
CA SER A 1306 -53.68 45.63 -12.08
C SER A 1306 -52.72 44.97 -13.06
N GLU A 1307 -53.13 44.89 -14.32
CA GLU A 1307 -52.26 44.32 -15.35
C GLU A 1307 -51.12 45.27 -15.72
N ILE A 1308 -51.30 46.56 -15.48
CA ILE A 1308 -50.18 47.51 -15.53
C ILE A 1308 -49.20 47.19 -14.41
N PRO A 1309 -47.89 47.10 -14.69
CA PRO A 1309 -46.93 46.80 -13.63
C PRO A 1309 -46.77 47.99 -12.67
N ALA A 1310 -46.17 47.69 -11.51
CA ALA A 1310 -46.10 48.65 -10.40
C ALA A 1310 -45.17 49.82 -10.69
N PHE A 1311 -44.25 49.69 -11.65
CA PHE A 1311 -43.42 50.80 -12.06
C PHE A 1311 -44.03 51.61 -13.20
N LEU A 1312 -45.24 51.27 -13.64
CA LEU A 1312 -45.94 52.02 -14.67
C LEU A 1312 -47.35 52.44 -14.24
N LEU A 1313 -47.70 52.25 -12.98
CA LEU A 1313 -49.00 52.69 -12.49
C LEU A 1313 -49.03 54.22 -12.39
N PRO A 1314 -50.20 54.83 -12.60
CA PRO A 1314 -50.29 56.29 -12.44
C PRO A 1314 -50.16 56.76 -11.00
N TRP A 1315 -50.49 55.91 -10.03
CA TRP A 1315 -50.36 56.24 -8.61
C TRP A 1315 -49.69 55.06 -7.91
N LEU A 1316 -48.64 55.35 -7.15
CA LEU A 1316 -47.98 54.32 -6.36
C LEU A 1316 -48.86 53.92 -5.18
N PRO A 1317 -48.81 52.64 -4.76
CA PRO A 1317 -49.56 52.23 -3.56
C PRO A 1317 -49.01 52.84 -2.28
N SER A 1318 -47.69 52.74 -2.11
CA SER A 1318 -46.92 53.26 -0.96
C SER A 1318 -47.41 52.79 0.39
N THR A 1347 -48.14 45.43 16.48
CA THR A 1347 -48.63 44.09 16.16
C THR A 1347 -47.52 43.05 16.36
N VAL A 1348 -47.40 42.12 15.41
CA VAL A 1348 -46.37 41.08 15.47
C VAL A 1348 -45.01 41.69 15.18
N PRO A 1349 -43.94 41.19 15.80
CA PRO A 1349 -42.60 41.71 15.49
C PRO A 1349 -42.04 41.12 14.21
N GLU A 1350 -40.99 41.78 13.71
CA GLU A 1350 -40.33 41.30 12.49
C GLU A 1350 -39.51 40.05 12.76
N GLN A 1351 -38.83 40.00 13.90
CA GLN A 1351 -38.01 38.86 14.28
C GLN A 1351 -38.46 38.31 15.62
N ARG A 1352 -38.49 36.99 15.73
CA ARG A 1352 -38.90 36.30 16.95
C ARG A 1352 -37.82 35.32 17.36
N THR A 1353 -37.74 35.05 18.66
CA THR A 1353 -36.68 34.24 19.24
C THR A 1353 -37.28 33.09 20.05
N VAL A 1354 -36.79 31.87 19.82
CA VAL A 1354 -37.12 30.72 20.63
C VAL A 1354 -35.82 30.07 21.09
N THR A 1355 -35.91 29.32 22.18
CA THR A 1355 -34.80 28.52 22.68
C THR A 1355 -35.03 27.07 22.32
N LEU A 1356 -34.06 26.47 21.64
CA LEU A 1356 -34.22 25.14 21.05
C LEU A 1356 -33.59 24.08 21.94
N ASP A 1357 -34.29 22.99 22.14
CA ASP A 1357 -33.69 21.78 22.71
C ASP A 1357 -33.01 21.04 21.57
N VAL A 1358 -31.68 21.15 21.52
CA VAL A 1358 -30.93 20.63 20.39
C VAL A 1358 -30.87 19.11 20.42
N ASP A 1359 -30.55 18.55 21.59
CA ASP A 1359 -30.47 17.09 21.74
C ASP A 1359 -31.88 16.55 21.96
N VAL A 1360 -32.40 15.85 20.96
CA VAL A 1360 -33.73 15.24 21.05
C VAL A 1360 -33.68 13.72 21.05
N ASN A 1361 -32.61 13.11 20.56
CA ASN A 1361 -32.44 11.67 20.59
C ASN A 1361 -31.67 11.18 21.81
N ASN A 1362 -31.31 12.11 22.71
CA ASN A 1362 -30.50 11.86 23.91
C ASN A 1362 -29.16 11.19 23.58
N ARG A 1363 -28.51 11.69 22.53
CA ARG A 1363 -27.18 11.20 22.18
C ARG A 1363 -26.13 11.67 23.18
N THR A 1364 -26.33 12.85 23.76
CA THR A 1364 -25.41 13.42 24.73
C THR A 1364 -26.06 13.42 26.11
N ASP A 1365 -25.26 13.12 27.14
CA ASP A 1365 -25.77 13.14 28.50
C ASP A 1365 -25.97 14.56 29.03
N ARG A 1366 -25.25 15.54 28.49
CA ARG A 1366 -25.31 16.90 28.99
C ARG A 1366 -26.52 17.63 28.41
N LEU A 1367 -26.71 18.87 28.84
CA LEU A 1367 -27.80 19.71 28.39
C LEU A 1367 -27.29 20.68 27.34
N GLU A 1368 -27.91 20.66 26.16
CA GLU A 1368 -27.50 21.50 25.05
C GLU A 1368 -28.67 22.33 24.57
N TRP A 1369 -28.41 23.59 24.26
CA TRP A 1369 -29.47 24.53 23.88
C TRP A 1369 -28.88 25.62 22.99
N CYS A 1370 -29.69 26.06 22.03
CA CYS A 1370 -29.29 27.15 21.14
C CYS A 1370 -30.46 28.09 20.96
N SER A 1371 -30.14 29.33 20.62
CA SER A 1371 -31.15 30.36 20.39
C SER A 1371 -31.42 30.47 18.90
N CYS A 1372 -32.69 30.41 18.52
CA CYS A 1372 -33.09 30.46 17.12
C CYS A 1372 -33.79 31.78 16.84
N TYR A 1373 -33.31 32.51 15.84
CA TYR A 1373 -33.89 33.78 15.42
C TYR A 1373 -34.55 33.57 14.07
N TYR A 1374 -35.87 33.71 14.03
CA TYR A 1374 -36.64 33.47 12.82
C TYR A 1374 -37.53 34.66 12.50
N HIS A 1375 -38.03 34.68 11.27
CA HIS A 1375 -38.93 35.74 10.83
C HIS A 1375 -40.30 35.58 11.47
N GLY A 1376 -40.85 36.68 11.97
CA GLY A 1376 -42.19 36.63 12.55
C GLY A 1376 -43.29 36.58 11.50
N ASN A 1377 -42.99 36.92 10.25
CA ASN A 1377 -43.94 36.94 9.17
C ASN A 1377 -43.52 35.99 8.06
N PHE A 1378 -44.50 35.45 7.34
CA PHE A 1378 -44.24 34.59 6.19
C PHE A 1378 -44.98 35.15 4.98
N SER A 1379 -44.26 35.25 3.87
CA SER A 1379 -44.84 35.64 2.59
C SER A 1379 -44.38 34.66 1.53
N LEU A 1380 -45.25 34.39 0.56
CA LEU A 1380 -44.94 33.40 -0.46
C LEU A 1380 -43.95 33.92 -1.49
N ASN A 1381 -43.79 35.23 -1.60
CA ASN A 1381 -42.79 35.85 -2.48
C ASN A 1381 -41.63 36.46 -1.69
N ALA A 1382 -41.40 35.97 -0.46
CA ALA A 1382 -40.29 36.41 0.36
C ALA A 1382 -39.62 35.17 0.96
N ALA A 1383 -38.34 35.32 1.29
CA ALA A 1383 -37.56 34.23 1.85
C ALA A 1383 -37.70 34.21 3.37
N PHE A 1384 -37.83 33.01 3.93
CA PHE A 1384 -38.01 32.82 5.37
C PHE A 1384 -36.66 32.50 5.99
N GLU A 1385 -36.25 33.31 6.96
CA GLU A 1385 -34.90 33.27 7.52
C GLU A 1385 -34.89 32.55 8.86
N ILE A 1386 -33.87 31.71 9.07
CA ILE A 1386 -33.64 31.05 10.35
C ILE A 1386 -32.17 31.26 10.71
N LYS A 1387 -31.93 31.87 11.88
CA LYS A 1387 -30.59 32.13 12.37
C LYS A 1387 -30.39 31.37 13.68
N LEU A 1388 -29.28 30.64 13.80
CA LEU A 1388 -28.99 29.86 15.00
C LEU A 1388 -27.74 30.42 15.67
N HIS A 1389 -27.87 30.77 16.95
CA HIS A 1389 -26.75 31.23 17.77
C HIS A 1389 -26.51 30.22 18.88
N TRP A 1390 -25.28 29.75 19.02
CA TRP A 1390 -25.01 28.71 20.00
C TRP A 1390 -23.62 28.85 20.60
N MET A 1391 -23.51 28.51 21.89
CA MET A 1391 -22.24 28.22 22.54
C MET A 1391 -22.18 26.80 23.08
N ALA A 1392 -23.20 26.39 23.84
CA ALA A 1392 -23.20 25.11 24.55
C ALA A 1392 -23.89 24.03 23.73
N VAL A 1393 -23.44 23.87 22.49
CA VAL A 1393 -24.02 22.88 21.56
C VAL A 1393 -22.89 22.09 20.93
N THR A 1394 -22.96 20.76 21.06
CA THR A 1394 -22.16 19.88 20.21
C THR A 1394 -22.70 19.96 18.79
N ALA A 1395 -21.84 20.34 17.84
CA ALA A 1395 -22.29 20.73 16.51
C ALA A 1395 -22.75 19.56 15.65
N ALA A 1396 -22.43 18.33 16.04
CA ALA A 1396 -22.91 17.16 15.29
C ALA A 1396 -24.41 16.96 15.48
N VAL A 1397 -24.90 17.16 16.71
CA VAL A 1397 -26.33 17.02 17.00
C VAL A 1397 -27.10 18.16 16.35
N LEU A 1398 -26.51 19.37 16.33
CA LEU A 1398 -27.09 20.50 15.63
C LEU A 1398 -27.14 20.26 14.12
N PHE A 1399 -26.10 19.64 13.56
CA PHE A 1399 -26.09 19.29 12.15
C PHE A 1399 -27.14 18.23 11.83
N GLU A 1400 -27.36 17.29 12.75
CA GLU A 1400 -28.43 16.30 12.58
C GLU A 1400 -29.81 16.95 12.60
N MET A 1401 -30.01 17.94 13.48
CA MET A 1401 -31.29 18.64 13.55
C MET A 1401 -31.53 19.51 12.32
N VAL A 1402 -30.48 20.18 11.82
CA VAL A 1402 -30.60 20.98 10.60
C VAL A 1402 -30.81 20.08 9.37
N GLN A 1403 -30.19 18.90 9.36
CA GLN A 1403 -30.42 17.95 8.27
C GLN A 1403 -31.84 17.39 8.29
N GLY A 1404 -32.40 17.18 9.49
CA GLY A 1404 -33.81 16.81 9.58
C GLY A 1404 -34.74 17.92 9.13
N TRP A 1405 -34.38 19.17 9.43
CA TRP A 1405 -35.12 20.32 8.93
C TRP A 1405 -35.05 20.43 7.42
N HIS A 1406 -33.88 20.12 6.85
CA HIS A 1406 -33.69 20.18 5.40
C HIS A 1406 -34.48 19.08 4.70
N ARG A 1407 -34.53 17.88 5.30
CA ARG A 1407 -35.36 16.80 4.77
C ARG A 1407 -36.85 17.14 4.83
N LYS A 1408 -37.29 17.75 5.95
CA LYS A 1408 -38.69 18.17 6.07
C LYS A 1408 -39.03 19.29 5.10
N ALA A 1409 -38.08 20.20 4.86
CA ALA A 1409 -38.31 21.31 3.92
C ALA A 1409 -38.34 20.81 2.48
N THR A 1410 -37.53 19.79 2.17
CA THR A 1410 -37.58 19.18 0.84
C THR A 1410 -38.87 18.41 0.63
N SER A 1411 -39.37 17.75 1.69
CA SER A 1411 -40.64 17.03 1.58
C SER A 1411 -41.83 17.98 1.53
N CYS A 1412 -41.71 19.18 2.11
CA CYS A 1412 -42.81 20.12 2.16
C CYS A 1412 -42.90 21.01 0.93
N GLY A 1413 -41.99 20.87 -0.03
CA GLY A 1413 -42.02 21.68 -1.22
C GLY A 1413 -41.24 22.97 -1.14
N PHE A 1414 -40.33 23.10 -0.18
CA PHE A 1414 -39.50 24.28 -0.02
C PHE A 1414 -38.03 23.88 -0.20
N LEU A 1415 -37.14 24.83 0.10
CA LEU A 1415 -35.70 24.60 -0.02
C LEU A 1415 -35.00 25.34 1.10
N LEU A 1416 -34.44 24.59 2.05
CA LEU A 1416 -33.70 25.17 3.18
C LEU A 1416 -32.21 25.01 2.90
N VAL A 1417 -31.53 26.13 2.66
CA VAL A 1417 -30.11 26.11 2.31
C VAL A 1417 -29.36 27.05 3.23
N PRO A 1418 -28.09 26.78 3.54
CA PRO A 1418 -27.29 27.77 4.28
C PRO A 1418 -26.88 28.91 3.37
N VAL A 1419 -26.91 30.12 3.94
CA VAL A 1419 -26.63 31.32 3.18
C VAL A 1419 -25.59 32.16 3.90
N LEU A 1420 -24.92 33.02 3.15
CA LEU A 1420 -24.02 34.00 3.74
C LEU A 1420 -24.81 35.06 4.48
N GLU A 1421 -24.29 35.50 5.62
CA GLU A 1421 -24.96 36.51 6.42
C GLU A 1421 -24.57 37.92 6.03
N GLY A 1422 -23.34 38.11 5.56
CA GLY A 1422 -22.86 39.40 5.15
C GLY A 1422 -22.39 39.52 3.71
N PRO A 1423 -23.20 39.06 2.73
CA PRO A 1423 -22.65 38.80 1.38
C PRO A 1423 -22.28 40.04 0.58
N PHE A 1424 -22.69 41.23 1.00
CA PHE A 1424 -22.31 42.48 0.35
C PHE A 1424 -21.61 43.43 1.31
N ALA A 1425 -20.99 42.90 2.36
CA ALA A 1425 -20.34 43.73 3.36
C ALA A 1425 -18.89 43.99 2.97
N LEU A 1426 -18.37 45.12 3.43
CA LEU A 1426 -16.99 45.51 3.18
C LEU A 1426 -16.05 44.62 4.00
N PRO A 1427 -14.78 44.50 3.58
CA PRO A 1427 -13.80 43.72 4.36
C PRO A 1427 -13.52 44.25 5.76
N SER A 1428 -13.75 45.53 6.03
CA SER A 1428 -13.53 46.06 7.37
C SER A 1428 -14.70 45.83 8.31
N TYR A 1429 -15.83 45.31 7.81
CA TYR A 1429 -17.01 45.17 8.64
C TYR A 1429 -16.95 43.87 9.44
N LEU A 1430 -17.97 43.66 10.27
CA LEU A 1430 -18.02 42.47 11.11
C LEU A 1430 -18.39 41.22 10.30
N TYR A 1431 -19.35 41.36 9.38
CA TYR A 1431 -19.83 40.24 8.60
C TYR A 1431 -19.13 40.11 7.25
N GLY A 1432 -18.11 40.93 7.00
CA GLY A 1432 -17.42 40.92 5.73
C GLY A 1432 -16.15 40.08 5.74
N ASP A 1433 -15.70 39.73 4.53
CA ASP A 1433 -14.53 38.92 4.31
C ASP A 1433 -13.44 39.73 3.61
N PRO A 1434 -12.17 39.57 4.01
CA PRO A 1434 -11.08 40.34 3.38
C PRO A 1434 -10.82 40.01 1.92
N LEU A 1435 -11.16 38.81 1.46
CA LEU A 1435 -10.89 38.40 0.08
C LEU A 1435 -12.15 38.32 -0.76
N ARG A 1436 -13.25 38.91 -0.30
CA ARG A 1436 -14.52 38.86 -1.01
C ARG A 1436 -14.91 40.28 -1.42
N ALA A 1437 -15.27 40.45 -2.69
CA ALA A 1437 -15.79 41.71 -3.19
C ALA A 1437 -16.89 41.40 -4.21
N GLN A 1438 -17.91 42.25 -4.23
CA GLN A 1438 -19.06 42.00 -5.08
C GLN A 1438 -18.76 42.36 -6.54
N LEU A 1439 -19.40 41.65 -7.45
CA LEU A 1439 -19.31 41.94 -8.88
C LEU A 1439 -20.46 42.84 -9.29
N PHE A 1440 -20.18 43.75 -10.22
CA PHE A 1440 -21.15 44.72 -10.70
C PHE A 1440 -21.60 44.35 -12.10
N ILE A 1441 -22.91 44.28 -12.30
CA ILE A 1441 -23.51 44.05 -13.60
C ILE A 1441 -24.26 45.32 -14.01
N PRO A 1442 -23.77 46.07 -14.99
CA PRO A 1442 -24.46 47.32 -15.37
C PRO A 1442 -25.72 47.06 -16.16
N LEU A 1443 -26.76 47.83 -15.86
CA LEU A 1443 -28.03 47.74 -16.55
C LEU A 1443 -28.11 48.88 -17.57
N ASN A 1444 -28.27 48.53 -18.83
CA ASN A 1444 -28.27 49.51 -19.92
C ASN A 1444 -29.67 50.10 -20.06
N ILE A 1445 -29.94 51.16 -19.29
CA ILE A 1445 -31.21 51.87 -19.39
C ILE A 1445 -31.17 53.00 -20.40
N SER A 1446 -30.02 53.22 -21.04
CA SER A 1446 -29.92 54.26 -22.07
C SER A 1446 -30.63 53.84 -23.35
N CYS A 1447 -30.61 52.54 -23.68
CA CYS A 1447 -31.31 52.06 -24.87
C CYS A 1447 -32.82 52.04 -24.69
N LEU A 1448 -33.31 52.00 -23.45
CA LEU A 1448 -34.74 52.05 -23.19
C LEU A 1448 -35.28 53.47 -23.19
N LEU A 1449 -34.42 54.48 -23.23
CA LEU A 1449 -34.87 55.86 -23.25
C LEU A 1449 -35.48 56.21 -24.60
N LYS A 1450 -36.41 57.17 -24.58
CA LYS A 1450 -37.03 57.61 -25.82
C LYS A 1450 -36.13 58.65 -26.50
N GLU A 1451 -36.60 59.16 -27.63
CA GLU A 1451 -35.82 60.12 -28.43
C GLU A 1451 -35.84 61.48 -27.75
N GLY A 1452 -34.75 61.81 -27.06
CA GLY A 1452 -34.64 63.08 -26.39
C GLY A 1452 -35.07 63.06 -24.95
N SER A 1453 -34.48 62.18 -24.14
CA SER A 1453 -34.82 62.11 -22.72
C SER A 1453 -33.61 61.65 -21.93
N GLU A 1454 -33.62 61.99 -20.64
CA GLU A 1454 -32.59 61.55 -19.70
C GLU A 1454 -33.16 60.80 -18.50
N HIS A 1455 -34.47 60.79 -18.32
CA HIS A 1455 -35.11 60.06 -17.24
C HIS A 1455 -36.03 59.00 -17.84
N LEU A 1456 -35.99 57.80 -17.27
CA LEU A 1456 -36.80 56.70 -17.81
C LEU A 1456 -38.27 56.87 -17.51
N PHE A 1457 -38.61 57.52 -16.39
CA PHE A 1457 -39.99 57.72 -16.00
C PHE A 1457 -40.32 59.20 -15.91
N ASP A 1458 -39.94 59.96 -16.94
CA ASP A 1458 -40.15 61.40 -16.95
C ASP A 1458 -41.61 61.78 -17.18
N SER A 1459 -42.44 60.85 -17.67
CA SER A 1459 -43.86 61.13 -17.84
C SER A 1459 -44.59 61.21 -16.50
N PHE A 1460 -44.13 60.48 -15.50
CA PHE A 1460 -44.72 60.52 -14.17
C PHE A 1460 -44.05 61.62 -13.36
N GLU A 1461 -44.34 61.66 -12.06
CA GLU A 1461 -43.67 62.61 -11.17
C GLU A 1461 -42.22 62.17 -10.93
N PRO A 1462 -41.30 63.13 -10.75
CA PRO A 1462 -39.90 62.75 -10.55
C PRO A 1462 -39.57 62.27 -9.15
N GLU A 1463 -40.34 62.69 -8.13
CA GLU A 1463 -39.98 62.42 -6.74
C GLU A 1463 -40.13 60.95 -6.37
N THR A 1464 -41.00 60.22 -7.06
CA THR A 1464 -41.12 58.78 -6.89
C THR A 1464 -40.30 58.01 -7.91
N TYR A 1465 -39.57 58.72 -8.78
CA TYR A 1465 -39.00 58.17 -10.02
C TYR A 1465 -38.00 57.05 -9.74
N TRP A 1466 -37.07 57.30 -8.82
CA TRP A 1466 -36.08 56.30 -8.42
C TRP A 1466 -36.75 55.08 -7.81
N ASP A 1467 -37.82 55.30 -7.04
CA ASP A 1467 -38.62 54.20 -6.48
C ASP A 1467 -39.24 53.38 -7.60
N ARG A 1468 -39.74 54.07 -8.64
CA ARG A 1468 -40.22 53.40 -9.85
C ARG A 1468 -39.12 52.60 -10.51
N MET A 1469 -37.91 53.18 -10.57
CA MET A 1469 -36.74 52.50 -11.11
C MET A 1469 -36.41 51.27 -10.28
N HIS A 1470 -36.56 51.41 -8.95
CA HIS A 1470 -36.34 50.29 -8.02
C HIS A 1470 -37.31 49.16 -8.32
N LEU A 1471 -38.58 49.51 -8.54
CA LEU A 1471 -39.60 48.51 -8.86
C LEU A 1471 -39.32 47.89 -10.21
N PHE A 1472 -38.87 48.71 -11.17
CA PHE A 1472 -38.53 48.22 -12.50
C PHE A 1472 -37.34 47.27 -12.42
N GLN A 1473 -36.38 47.62 -11.56
CA GLN A 1473 -35.20 46.78 -11.40
C GLN A 1473 -35.58 45.49 -10.70
N GLU A 1474 -36.53 45.60 -9.75
CA GLU A 1474 -37.05 44.43 -9.04
C GLU A 1474 -37.82 43.53 -10.00
N ALA A 1475 -38.46 44.12 -11.01
CA ALA A 1475 -39.20 43.36 -12.01
C ALA A 1475 -38.26 42.48 -12.82
N ILE A 1476 -37.07 43.00 -13.15
CA ILE A 1476 -36.09 42.19 -13.86
C ILE A 1476 -35.55 41.10 -12.93
N ALA A 1477 -35.43 41.42 -11.63
CA ALA A 1477 -35.06 40.42 -10.65
C ALA A 1477 -36.17 39.40 -10.45
N HIS A 1478 -37.42 39.77 -10.73
CA HIS A 1478 -38.48 38.78 -10.68
C HIS A 1478 -38.55 37.94 -11.94
N ARG A 1479 -37.86 38.35 -13.01
CA ARG A 1479 -37.89 37.52 -14.21
C ARG A 1479 -36.86 36.39 -14.13
N PHE A 1480 -35.77 36.59 -13.41
CA PHE A 1480 -34.70 35.60 -13.30
C PHE A 1480 -34.81 34.76 -12.04
N GLY A 1481 -35.90 34.90 -11.28
CA GLY A 1481 -36.12 34.05 -10.13
C GLY A 1481 -35.47 34.49 -8.84
N PHE A 1482 -35.32 35.80 -8.62
CA PHE A 1482 -34.78 36.29 -7.37
C PHE A 1482 -35.91 36.66 -6.42
N VAL A 1483 -35.82 36.15 -5.20
CA VAL A 1483 -36.82 36.37 -4.16
C VAL A 1483 -36.26 37.40 -3.19
N GLN A 1484 -37.13 38.29 -2.70
CA GLN A 1484 -36.71 39.34 -1.79
C GLN A 1484 -36.31 38.77 -0.45
N ASP A 1485 -35.14 39.17 0.03
CA ASP A 1485 -34.56 38.69 1.28
C ASP A 1485 -34.58 39.84 2.28
N LYS A 1486 -35.60 39.85 3.16
CA LYS A 1486 -35.75 40.89 4.16
C LYS A 1486 -34.91 40.52 5.38
N TYR A 1487 -33.61 40.81 5.26
CA TYR A 1487 -32.67 40.52 6.34
C TYR A 1487 -32.88 41.48 7.50
N SER A 1488 -32.70 40.97 8.72
CA SER A 1488 -32.85 41.78 9.93
C SER A 1488 -31.50 42.41 10.25
N ALA A 1489 -31.48 43.74 10.31
CA ALA A 1489 -30.24 44.45 10.61
C ALA A 1489 -29.92 44.34 12.10
N SER A 1490 -28.68 43.94 12.40
CA SER A 1490 -28.25 43.70 13.77
C SER A 1490 -27.98 45.05 14.44
N ALA A 1491 -29.05 45.61 15.03
CA ALA A 1491 -29.06 46.89 15.76
C ALA A 1491 -28.54 48.06 14.92
N PHE A 1492 -28.93 48.09 13.65
CA PHE A 1492 -28.48 49.11 12.71
C PHE A 1492 -29.65 50.02 12.37
N ASN A 1493 -29.54 51.29 12.77
CA ASN A 1493 -30.49 52.34 12.40
C ASN A 1493 -30.01 52.99 11.11
N PHE A 1494 -30.57 54.18 10.78
CA PHE A 1494 -30.28 55.01 9.60
C PHE A 1494 -30.56 54.22 8.32
N PRO A 1495 -31.84 54.07 7.92
CA PRO A 1495 -32.19 53.11 6.87
C PRO A 1495 -31.78 53.48 5.45
N ALA A 1496 -31.01 54.55 5.23
CA ALA A 1496 -30.47 54.84 3.90
C ALA A 1496 -29.19 54.09 3.59
N GLU A 1497 -28.52 53.51 4.60
CA GLU A 1497 -27.24 52.84 4.40
C GLU A 1497 -27.35 51.33 4.28
N ASN A 1498 -28.54 50.74 4.37
CA ASN A 1498 -28.73 49.33 4.07
C ASN A 1498 -29.60 49.19 2.82
N LYS A 1499 -29.13 48.36 1.90
CA LYS A 1499 -29.72 48.21 0.59
C LYS A 1499 -30.54 46.93 0.51
N PRO A 1500 -31.57 46.88 -0.35
CA PRO A 1500 -32.38 45.65 -0.47
C PRO A 1500 -31.60 44.52 -1.12
N GLN A 1501 -31.78 43.32 -0.57
CA GLN A 1501 -31.08 42.13 -1.02
C GLN A 1501 -32.05 41.15 -1.63
N TYR A 1502 -31.58 40.41 -2.64
CA TYR A 1502 -32.40 39.42 -3.33
C TYR A 1502 -31.64 38.11 -3.40
N ILE A 1503 -32.36 37.01 -3.21
CA ILE A 1503 -31.79 35.67 -3.20
C ILE A 1503 -32.53 34.83 -4.24
N HIS A 1504 -31.78 34.05 -4.99
CA HIS A 1504 -32.34 33.21 -6.05
C HIS A 1504 -33.11 32.05 -5.43
N VAL A 1505 -33.98 31.43 -6.25
CA VAL A 1505 -34.79 30.30 -5.78
C VAL A 1505 -33.93 29.07 -5.52
N THR A 1506 -32.77 28.97 -6.17
CA THR A 1506 -31.84 27.87 -5.92
C THR A 1506 -30.91 28.13 -4.74
N GLY A 1507 -30.86 29.37 -4.24
CA GLY A 1507 -29.96 29.68 -3.14
C GLY A 1507 -28.51 29.77 -3.52
N THR A 1508 -28.21 29.91 -4.81
CA THR A 1508 -26.82 29.98 -5.27
C THR A 1508 -26.28 31.40 -5.30
N VAL A 1509 -27.13 32.38 -5.57
CA VAL A 1509 -26.69 33.73 -5.96
C VAL A 1509 -27.41 34.75 -5.10
N PHE A 1510 -26.63 35.64 -4.47
CA PHE A 1510 -27.17 36.85 -3.86
C PHE A 1510 -27.19 37.99 -4.85
N LEU A 1511 -28.13 38.91 -4.67
CA LEU A 1511 -28.30 40.06 -5.55
C LEU A 1511 -28.69 41.27 -4.71
N GLN A 1512 -28.03 42.39 -4.95
CA GLN A 1512 -28.29 43.63 -4.21
C GLN A 1512 -28.47 44.78 -5.18
N LEU A 1513 -29.47 45.61 -4.91
CA LEU A 1513 -29.65 46.85 -5.64
C LEU A 1513 -28.91 47.97 -4.91
N PRO A 1514 -27.96 48.66 -5.55
CA PRO A 1514 -27.27 49.78 -4.88
C PRO A 1514 -28.12 51.04 -4.77
N TYR A 1515 -27.48 52.15 -4.38
CA TYR A 1515 -28.04 53.51 -4.18
C TYR A 1515 -29.37 53.57 -3.41
N GLU A 1542 -27.14 56.95 -10.29
CA GLU A 1542 -25.70 56.87 -10.13
C GLU A 1542 -25.21 55.44 -10.34
N ARG A 1543 -24.81 55.15 -11.58
CA ARG A 1543 -24.29 53.84 -12.03
C ARG A 1543 -25.31 52.73 -11.77
N VAL A 1544 -26.42 52.82 -12.51
CA VAL A 1544 -27.55 51.92 -12.32
C VAL A 1544 -27.19 50.51 -12.75
N GLY A 1545 -27.33 49.56 -11.84
CA GLY A 1545 -26.99 48.19 -12.13
C GLY A 1545 -27.24 47.29 -10.94
N TYR A 1546 -26.55 46.16 -10.91
CA TYR A 1546 -26.75 45.14 -9.90
C TYR A 1546 -25.45 44.82 -9.18
N ASN A 1547 -25.56 44.45 -7.92
CA ASN A 1547 -24.44 43.91 -7.15
C ASN A 1547 -24.63 42.41 -7.06
N TRP A 1548 -23.61 41.66 -7.47
CA TRP A 1548 -23.70 40.22 -7.62
C TRP A 1548 -22.75 39.54 -6.64
N ALA A 1549 -23.29 38.61 -5.85
CA ALA A 1549 -22.50 37.85 -4.91
C ALA A 1549 -22.86 36.37 -5.02
N TYR A 1550 -21.89 35.53 -4.72
CA TYR A 1550 -22.08 34.09 -4.73
C TYR A 1550 -22.33 33.59 -3.31
N ASN A 1551 -23.25 32.63 -3.18
CA ASN A 1551 -23.48 31.97 -1.90
C ASN A 1551 -22.50 30.82 -1.80
N THR A 1552 -21.36 31.08 -1.15
CA THR A 1552 -20.33 30.07 -0.97
C THR A 1552 -20.66 29.06 0.12
N MET A 1553 -21.69 29.30 0.91
CA MET A 1553 -22.11 28.36 1.94
C MET A 1553 -22.89 27.18 1.37
N LEU A 1554 -23.36 27.27 0.13
CA LEU A 1554 -24.10 26.19 -0.50
C LEU A 1554 -23.11 25.17 -1.06
N THR A 1555 -23.01 24.03 -0.40
CA THR A 1555 -22.07 22.98 -0.74
C THR A 1555 -22.80 21.81 -1.40
N LYS A 1556 -22.07 20.71 -1.59
CA LYS A 1556 -22.59 19.55 -2.31
C LYS A 1556 -23.68 18.84 -1.51
N THR A 1557 -23.55 18.80 -0.18
CA THR A 1557 -24.47 18.04 0.65
C THR A 1557 -25.85 18.67 0.73
N TRP A 1558 -25.98 19.97 0.49
CA TRP A 1558 -27.28 20.61 0.43
C TRP A 1558 -27.85 20.70 -0.98
N ARG A 1559 -27.10 20.26 -1.99
CA ARG A 1559 -27.54 20.36 -3.37
C ARG A 1559 -28.58 19.30 -3.69
N SER A 1560 -29.53 19.66 -4.53
CA SER A 1560 -30.60 18.76 -4.96
C SER A 1560 -30.99 19.15 -6.37
N SER A 1561 -32.16 18.68 -6.82
CA SER A 1561 -32.65 19.06 -8.15
C SER A 1561 -33.18 20.49 -8.18
N ALA A 1562 -33.54 21.05 -7.01
CA ALA A 1562 -34.03 22.42 -6.93
C ALA A 1562 -32.92 23.44 -6.81
N THR A 1563 -31.67 23.01 -6.65
CA THR A 1563 -30.53 23.91 -6.59
C THR A 1563 -29.70 23.91 -7.87
N GLY A 1564 -30.03 23.07 -8.84
CA GLY A 1564 -29.24 22.97 -10.03
C GLY A 1564 -27.95 22.20 -9.79
N ASP A 1565 -27.03 22.34 -10.75
CA ASP A 1565 -25.72 21.73 -10.67
C ASP A 1565 -24.72 22.76 -10.13
N GLU A 1566 -23.44 22.41 -10.18
CA GLU A 1566 -22.39 23.30 -9.69
C GLU A 1566 -22.07 24.43 -10.67
N LYS A 1567 -22.51 24.33 -11.92
CA LYS A 1567 -22.27 25.35 -12.92
C LYS A 1567 -23.54 26.13 -13.26
N PHE A 1568 -24.55 26.09 -12.39
CA PHE A 1568 -25.78 26.84 -12.61
C PHE A 1568 -25.55 28.34 -12.46
N ALA A 1569 -24.72 28.74 -11.49
CA ALA A 1569 -24.54 30.16 -11.20
C ALA A 1569 -23.73 30.86 -12.29
N ASP A 1570 -22.82 30.15 -12.94
CA ASP A 1570 -22.06 30.75 -14.05
C ASP A 1570 -22.95 30.99 -15.26
N ARG A 1571 -23.84 30.05 -15.57
CA ARG A 1571 -24.79 30.24 -16.67
C ARG A 1571 -25.80 31.33 -16.34
N LEU A 1572 -26.22 31.41 -15.07
CA LEU A 1572 -27.11 32.48 -14.63
C LEU A 1572 -26.43 33.85 -14.72
N LEU A 1573 -25.13 33.91 -14.36
CA LEU A 1573 -24.36 35.14 -14.47
C LEU A 1573 -24.21 35.58 -15.92
N LYS A 1574 -23.94 34.61 -16.82
CA LYS A 1574 -23.80 34.91 -18.24
C LYS A 1574 -25.11 35.41 -18.85
N ASP A 1575 -26.23 34.77 -18.50
CA ASP A 1575 -27.51 35.19 -19.06
C ASP A 1575 -28.00 36.50 -18.46
N PHE A 1576 -27.70 36.75 -17.18
CA PHE A 1576 -28.08 38.01 -16.55
C PHE A 1576 -27.23 39.17 -17.09
N THR A 1577 -25.95 38.91 -17.35
CA THR A 1577 -25.08 39.91 -17.97
C THR A 1577 -25.51 40.21 -19.40
N ASP A 1578 -25.96 39.17 -20.12
CA ASP A 1578 -26.48 39.38 -21.48
C ASP A 1578 -27.79 40.15 -21.47
N PHE A 1579 -28.67 39.88 -20.51
CA PHE A 1579 -29.94 40.58 -20.43
C PHE A 1579 -29.76 42.03 -20.02
N CYS A 1580 -28.83 42.31 -19.10
CA CYS A 1580 -28.65 43.67 -18.62
C CYS A 1580 -27.88 44.55 -19.59
N ILE A 1581 -27.19 43.96 -20.57
CA ILE A 1581 -26.44 44.72 -21.56
C ILE A 1581 -27.23 44.93 -22.85
N ASN A 1582 -28.48 44.46 -22.89
CA ASN A 1582 -29.39 44.45 -24.05
C ASN A 1582 -28.76 43.71 -25.23
N ARG A 1583 -28.48 42.44 -25.00
CA ARG A 1583 -28.07 41.54 -26.08
C ARG A 1583 -29.31 41.07 -26.82
N ASP A 1584 -29.22 41.09 -28.16
CA ASP A 1584 -30.25 40.64 -29.11
C ASP A 1584 -31.56 41.40 -28.98
N ASN A 1585 -31.49 42.64 -28.47
CA ASN A 1585 -32.63 43.48 -28.08
C ASN A 1585 -33.59 42.74 -27.15
N ARG A 1586 -33.03 42.02 -26.18
CA ARG A 1586 -33.86 41.25 -25.25
C ARG A 1586 -34.58 42.16 -24.26
N LEU A 1587 -33.84 43.12 -23.68
CA LEU A 1587 -34.36 43.98 -22.62
C LEU A 1587 -35.47 44.89 -23.14
N VAL A 1588 -35.30 45.42 -24.36
CA VAL A 1588 -36.35 46.18 -25.04
C VAL A 1588 -37.56 45.29 -25.30
N THR A 1589 -37.31 44.00 -25.62
CA THR A 1589 -38.39 43.02 -25.74
C THR A 1589 -39.12 42.82 -24.42
N PHE A 1590 -38.42 42.96 -23.30
CA PHE A 1590 -39.10 43.08 -22.02
C PHE A 1590 -39.85 44.41 -21.93
N TRP A 1591 -39.14 45.51 -22.20
CA TRP A 1591 -39.57 46.83 -21.75
C TRP A 1591 -40.77 47.34 -22.54
N THR A 1592 -40.72 47.19 -23.87
CA THR A 1592 -41.86 47.53 -24.72
C THR A 1592 -43.05 46.63 -24.44
N SER A 1593 -42.81 45.38 -23.97
CA SER A 1593 -43.90 44.52 -23.54
C SER A 1593 -44.59 45.10 -22.32
N CYS A 1594 -43.82 45.74 -21.43
CA CYS A 1594 -44.40 46.50 -20.33
C CYS A 1594 -45.19 47.69 -20.87
N LEU A 1595 -44.71 48.30 -21.97
CA LEU A 1595 -45.49 49.32 -22.66
C LEU A 1595 -46.74 48.74 -23.29
N GLU A 1596 -46.71 47.45 -23.65
CA GLU A 1596 -47.92 46.76 -24.09
C GLU A 1596 -48.91 46.52 -22.97
N LYS A 1597 -48.49 46.65 -21.70
CA LYS A 1597 -49.42 46.67 -20.59
C LYS A 1597 -49.92 48.06 -20.26
N MET A 1598 -49.57 49.07 -21.07
CA MET A 1598 -50.01 50.44 -20.84
C MET A 1598 -51.13 50.84 -21.79
N HIS A 1599 -52.07 49.94 -22.05
CA HIS A 1599 -53.20 50.22 -22.93
C HIS A 1599 -54.18 51.21 -22.31
N ARG B 27 25.37 23.53 -31.70
CA ARG B 27 25.66 22.24 -31.09
C ARG B 27 24.58 21.22 -31.44
N ILE B 28 23.32 21.61 -31.27
CA ILE B 28 22.20 20.76 -31.67
C ILE B 28 22.09 20.79 -33.19
N GLU B 29 22.10 19.61 -33.81
CA GLU B 29 22.15 19.52 -35.25
C GLU B 29 20.81 19.10 -35.86
N CYS B 30 20.00 18.36 -35.11
CA CYS B 30 18.65 18.00 -35.52
C CYS B 30 17.80 17.74 -34.28
N ILE B 31 16.55 18.15 -34.36
CA ILE B 31 15.55 17.85 -33.34
C ILE B 31 14.50 16.97 -33.99
N PHE B 32 14.30 15.78 -33.42
CA PHE B 32 13.43 14.77 -34.01
C PHE B 32 12.34 14.40 -33.03
N PHE B 33 11.15 14.12 -33.55
CA PHE B 33 10.01 13.68 -32.74
C PHE B 33 9.51 12.36 -33.32
N SER B 34 9.70 11.29 -32.56
CA SER B 34 9.24 9.97 -32.95
C SER B 34 8.07 9.54 -32.07
N GLU B 35 7.25 8.64 -32.60
CA GLU B 35 6.13 8.10 -31.84
C GLU B 35 5.89 6.67 -32.30
N PHE B 36 5.17 5.91 -31.47
CA PHE B 36 4.88 4.51 -31.73
C PHE B 36 3.53 4.42 -32.43
N HIS B 37 3.55 3.96 -33.68
CA HIS B 37 2.34 3.82 -34.47
C HIS B 37 1.58 2.56 -34.05
N PRO B 38 0.28 2.49 -34.33
CA PRO B 38 -0.39 1.19 -34.37
C PRO B 38 -0.18 0.53 -35.73
N THR B 39 0.19 -0.76 -35.67
CA THR B 39 0.52 -1.69 -36.77
C THR B 39 1.77 -1.32 -37.56
N LEU B 40 2.44 -0.24 -37.19
CA LEU B 40 3.82 0.03 -37.59
C LEU B 40 4.61 0.24 -36.31
N GLY B 41 5.93 0.07 -36.37
CA GLY B 41 6.73 0.14 -35.17
C GLY B 41 7.03 1.56 -34.74
N PRO B 42 8.23 1.76 -34.18
CA PRO B 42 8.73 3.12 -33.98
C PRO B 42 9.01 3.77 -35.32
N LYS B 43 8.31 4.88 -35.58
CA LYS B 43 8.52 5.62 -36.81
C LYS B 43 8.91 7.04 -36.45
N ILE B 44 9.60 7.70 -37.38
CA ILE B 44 9.98 9.09 -37.20
C ILE B 44 8.93 9.94 -37.92
N THR B 45 8.41 10.94 -37.22
CA THR B 45 7.33 11.74 -37.80
C THR B 45 7.86 13.05 -38.37
N TYR B 46 8.54 13.84 -37.55
CA TYR B 46 9.02 15.16 -37.97
C TYR B 46 10.49 15.32 -37.64
N GLN B 47 11.24 15.87 -38.58
CA GLN B 47 12.63 16.28 -38.38
C GLN B 47 12.79 17.69 -38.93
N VAL B 48 13.72 18.46 -38.37
CA VAL B 48 13.84 19.86 -38.74
C VAL B 48 14.66 20.06 -40.03
N PRO B 49 15.90 19.48 -40.25
CA PRO B 49 16.51 19.71 -41.57
C PRO B 49 16.15 18.63 -42.59
N GLU B 50 14.84 18.50 -42.85
CA GLU B 50 14.21 17.56 -43.81
C GLU B 50 14.59 16.13 -43.42
N ASP B 51 15.29 15.38 -44.26
CA ASP B 51 15.66 14.00 -43.95
C ASP B 51 17.09 13.91 -43.40
N PHE B 52 17.24 14.29 -42.14
CA PHE B 52 18.55 14.15 -41.50
C PHE B 52 18.79 12.71 -41.06
N ILE B 53 17.93 12.16 -40.22
CA ILE B 53 18.10 10.83 -39.68
C ILE B 53 17.68 9.83 -40.74
N SER B 54 18.60 8.99 -41.18
CA SER B 54 18.31 7.98 -42.18
C SER B 54 17.52 6.83 -41.56
N ARG B 55 17.01 5.96 -42.44
CA ARG B 55 16.26 4.80 -41.97
C ARG B 55 17.20 3.76 -41.34
N GLU B 56 18.43 3.67 -41.84
CA GLU B 56 19.41 2.77 -41.24
C GLU B 56 19.87 3.28 -39.89
N LEU B 57 20.07 4.60 -39.78
CA LEU B 57 20.47 5.21 -38.51
C LEU B 57 19.37 5.11 -37.47
N PHE B 58 18.11 5.30 -37.89
CA PHE B 58 17.00 5.17 -36.94
C PHE B 58 16.73 3.71 -36.60
N ASP B 59 16.99 2.79 -37.53
CA ASP B 59 16.83 1.37 -37.24
C ASP B 59 17.95 0.86 -36.33
N THR B 60 19.09 1.54 -36.32
CA THR B 60 20.17 1.15 -35.41
C THR B 60 19.82 1.45 -33.96
N VAL B 61 19.18 2.59 -33.70
CA VAL B 61 18.95 3.05 -32.33
C VAL B 61 17.46 3.12 -31.99
N GLN B 62 16.62 2.32 -32.64
CA GLN B 62 15.20 2.32 -32.29
C GLN B 62 14.91 1.58 -30.99
N VAL B 63 15.88 0.82 -30.47
CA VAL B 63 15.73 0.19 -29.17
C VAL B 63 15.75 1.23 -28.06
N TYR B 64 16.63 2.23 -28.19
CA TYR B 64 16.82 3.24 -27.15
C TYR B 64 15.95 4.47 -27.36
N ILE B 65 15.14 4.51 -28.40
CA ILE B 65 14.29 5.67 -28.69
C ILE B 65 12.84 5.40 -28.29
N ILE B 66 12.28 4.28 -28.73
CA ILE B 66 11.00 3.79 -28.22
C ILE B 66 11.31 2.49 -27.49
N THR B 67 11.27 2.54 -26.16
CA THR B 67 11.91 1.53 -25.33
C THR B 67 10.87 0.65 -24.64
N LYS B 68 11.40 -0.34 -23.91
CA LYS B 68 10.62 -1.18 -23.02
C LYS B 68 10.21 -0.37 -21.78
N PRO B 69 9.18 -0.81 -21.05
CA PRO B 69 8.76 -0.06 -19.84
C PRO B 69 9.78 0.00 -18.71
N GLU B 70 10.84 -0.80 -18.73
CA GLU B 70 11.90 -0.65 -17.74
C GLU B 70 12.80 0.55 -18.03
N LEU B 71 12.74 1.12 -19.24
CA LEU B 71 13.57 2.24 -19.62
C LEU B 71 12.80 3.53 -19.86
N GLN B 72 11.48 3.53 -19.72
CA GLN B 72 10.71 4.71 -20.02
C GLN B 72 10.84 5.74 -18.90
N ASN B 73 10.57 7.00 -19.26
CA ASN B 73 10.77 8.20 -18.41
C ASN B 73 12.19 8.30 -17.88
N LYS B 74 13.16 8.00 -18.74
CA LYS B 74 14.57 8.07 -18.40
C LYS B 74 15.31 8.83 -19.50
N LEU B 75 16.43 9.43 -19.13
CA LEU B 75 17.12 10.41 -19.96
C LEU B 75 18.21 9.70 -20.76
N ILE B 76 17.80 8.88 -21.70
CA ILE B 76 18.69 7.96 -22.40
C ILE B 76 19.39 8.70 -23.53
N THR B 77 20.71 8.78 -23.46
CA THR B 77 21.52 9.23 -24.58
C THR B 77 22.45 8.10 -25.00
N VAL B 78 22.65 7.96 -26.30
CA VAL B 78 23.39 6.83 -26.87
C VAL B 78 24.27 7.34 -28.00
N THR B 79 25.46 6.77 -28.12
CA THR B 79 26.38 7.12 -29.20
C THR B 79 26.05 6.29 -30.42
N ALA B 80 25.76 6.95 -31.54
CA ALA B 80 25.40 6.30 -32.79
C ALA B 80 26.64 5.88 -33.57
N MET B 81 26.45 5.58 -34.87
CA MET B 81 27.56 5.28 -35.75
C MET B 81 28.52 6.46 -35.89
N GLU B 82 27.97 7.67 -36.04
CA GLU B 82 28.78 8.89 -36.02
C GLU B 82 28.17 9.99 -35.16
N LYS B 83 27.05 9.74 -34.48
CA LYS B 83 26.25 10.77 -33.84
C LYS B 83 26.01 10.43 -32.37
N LYS B 84 25.21 11.27 -31.72
CA LYS B 84 24.86 11.11 -30.31
C LYS B 84 23.36 11.34 -30.16
N LEU B 85 22.59 10.27 -30.05
CA LEU B 85 21.12 10.36 -30.01
C LEU B 85 20.68 10.57 -28.57
N ILE B 86 20.34 11.81 -28.23
CA ILE B 86 19.81 12.15 -26.91
C ILE B 86 18.30 12.02 -26.95
N GLY B 87 17.71 11.43 -25.91
CA GLY B 87 16.27 11.28 -25.90
C GLY B 87 15.72 11.00 -24.52
N CYS B 88 14.40 11.00 -24.44
CA CYS B 88 13.68 10.69 -23.21
C CYS B 88 12.31 10.14 -23.57
N PRO B 89 12.14 8.81 -23.55
CA PRO B 89 10.84 8.25 -23.95
C PRO B 89 9.77 8.45 -22.89
N VAL B 90 8.57 8.81 -23.34
CA VAL B 90 7.46 9.16 -22.46
C VAL B 90 6.34 8.14 -22.66
N CYS B 91 5.81 7.63 -21.56
CA CYS B 91 4.67 6.71 -21.57
C CYS B 91 3.58 7.28 -20.68
N ILE B 92 2.33 7.20 -21.13
CA ILE B 92 1.20 7.84 -20.47
C ILE B 92 0.30 6.82 -19.77
N GLU B 93 -0.08 5.75 -20.49
CA GLU B 93 -0.90 4.62 -20.01
C GLU B 93 -2.28 5.06 -19.50
N HIS B 94 -3.07 5.58 -20.43
CA HIS B 94 -4.48 5.87 -20.19
C HIS B 94 -5.32 4.68 -20.63
N LYS B 95 -6.62 4.86 -20.81
CA LYS B 95 -7.48 3.88 -21.44
C LYS B 95 -7.95 4.33 -22.82
N LYS B 96 -7.95 5.62 -23.10
CA LYS B 96 -8.51 6.21 -24.31
C LYS B 96 -7.58 6.12 -25.51
N TYR B 97 -6.36 5.61 -25.34
CA TYR B 97 -5.37 5.62 -26.41
C TYR B 97 -5.55 4.42 -27.33
N SER B 98 -4.55 4.14 -28.16
CA SER B 98 -4.59 3.10 -29.18
C SER B 98 -4.73 1.71 -28.59
N ARG B 99 -3.70 1.22 -27.89
CA ARG B 99 -3.92 0.05 -27.06
C ARG B 99 -4.14 0.49 -25.62
N ASN B 100 -3.10 1.05 -25.01
CA ASN B 100 -3.24 1.72 -23.71
C ASN B 100 -2.45 3.01 -23.59
N ALA B 101 -1.38 3.22 -24.36
CA ALA B 101 -0.48 4.32 -24.10
C ALA B 101 -0.12 5.00 -25.42
N LEU B 102 0.68 6.07 -25.31
CA LEU B 102 1.03 6.92 -26.42
C LEU B 102 2.40 6.60 -27.01
N LEU B 103 3.44 6.57 -26.16
CA LEU B 103 4.82 6.20 -26.49
C LEU B 103 5.41 7.11 -27.57
N PHE B 104 5.57 8.38 -27.22
CA PHE B 104 6.27 9.34 -28.06
C PHE B 104 7.65 9.63 -27.48
N ASN B 105 8.49 10.27 -28.31
CA ASN B 105 9.84 10.62 -27.90
C ASN B 105 10.31 11.80 -28.74
N LEU B 106 10.58 12.92 -28.09
CA LEU B 106 11.22 14.07 -28.71
C LEU B 106 12.65 14.16 -28.18
N GLY B 107 13.62 14.26 -29.09
CA GLY B 107 15.01 14.26 -28.67
C GLY B 107 15.89 15.09 -29.58
N PHE B 108 17.13 15.25 -29.16
CA PHE B 108 18.16 15.94 -29.93
C PHE B 108 19.19 14.93 -30.41
N VAL B 109 19.86 15.27 -31.51
CA VAL B 109 21.01 14.51 -31.96
C VAL B 109 22.11 15.49 -32.38
N CYS B 110 23.32 15.26 -31.88
CA CYS B 110 24.47 16.12 -32.09
C CYS B 110 25.62 15.29 -32.63
N ASP B 111 26.79 15.91 -32.74
CA ASP B 111 28.00 15.19 -33.10
C ASP B 111 28.46 14.32 -31.93
N ALA B 112 29.14 13.22 -32.27
CA ALA B 112 29.55 12.25 -31.25
C ALA B 112 30.72 12.75 -30.41
N GLN B 113 31.49 13.73 -30.90
CA GLN B 113 32.61 14.27 -30.16
C GLN B 113 32.24 15.50 -29.35
N ALA B 114 30.97 15.90 -29.34
CA ALA B 114 30.54 17.05 -28.57
C ALA B 114 30.38 16.67 -27.09
N LYS B 115 30.14 17.70 -26.27
CA LYS B 115 29.97 17.48 -24.83
C LYS B 115 28.62 16.85 -24.54
N THR B 116 27.54 17.56 -24.89
CA THR B 116 26.13 17.15 -24.76
C THR B 116 25.75 16.76 -23.33
N CYS B 117 26.31 17.49 -22.36
CA CYS B 117 25.94 17.33 -20.96
C CYS B 117 25.01 18.43 -20.47
N ALA B 118 24.76 19.44 -21.28
CA ALA B 118 23.86 20.54 -20.91
C ALA B 118 22.52 20.48 -21.60
N LEU B 119 22.39 19.71 -22.68
CA LEU B 119 21.13 19.57 -23.39
C LEU B 119 20.25 18.48 -22.80
N GLU B 120 20.78 17.65 -21.91
CA GLU B 120 19.97 16.60 -21.28
C GLU B 120 18.89 17.14 -20.34
N PRO B 121 19.13 18.13 -19.44
CA PRO B 121 17.97 18.72 -18.74
C PRO B 121 17.03 19.49 -19.63
N ILE B 122 17.51 20.02 -20.76
CA ILE B 122 16.66 20.71 -21.72
C ILE B 122 15.69 19.73 -22.38
N VAL B 123 16.19 18.56 -22.80
CA VAL B 123 15.32 17.59 -23.46
C VAL B 123 14.43 16.87 -22.43
N LYS B 124 14.87 16.76 -21.17
CA LYS B 124 13.98 16.21 -20.15
C LYS B 124 12.87 17.20 -19.79
N LYS B 125 13.18 18.50 -19.78
CA LYS B 125 12.17 19.52 -19.56
C LYS B 125 11.21 19.61 -20.74
N LEU B 126 11.69 19.36 -21.96
CA LEU B 126 10.82 19.32 -23.12
C LEU B 126 9.91 18.10 -23.10
N ALA B 127 10.42 16.97 -22.60
CA ALA B 127 9.58 15.79 -22.41
C ALA B 127 8.51 16.03 -21.35
N GLY B 128 8.87 16.74 -20.27
CA GLY B 128 7.87 17.12 -19.27
C GLY B 128 6.85 18.11 -19.79
N TYR B 129 7.28 19.05 -20.65
CA TYR B 129 6.39 19.99 -21.32
C TYR B 129 5.39 19.26 -22.22
N LEU B 130 5.88 18.28 -23.00
CA LEU B 130 5.00 17.52 -23.87
C LEU B 130 4.06 16.62 -23.07
N THR B 131 4.52 16.10 -21.93
CA THR B 131 3.67 15.28 -21.06
C THR B 131 2.54 16.11 -20.45
N THR B 132 2.86 17.30 -19.95
CA THR B 132 1.84 18.17 -19.39
C THR B 132 0.90 18.71 -20.47
N LEU B 133 1.43 18.98 -21.66
CA LEU B 133 0.60 19.47 -22.76
C LEU B 133 -0.36 18.39 -23.27
N GLU B 134 0.09 17.14 -23.29
CA GLU B 134 -0.79 16.03 -23.67
C GLU B 134 -1.82 15.75 -22.58
N LEU B 135 -1.41 15.82 -21.30
CA LEU B 135 -2.36 15.60 -20.21
C LEU B 135 -3.35 16.75 -20.04
N GLU B 136 -3.03 17.93 -20.56
CA GLU B 136 -3.96 19.07 -20.45
C GLU B 136 -4.85 19.20 -21.68
N SER B 137 -4.27 19.37 -22.87
CA SER B 137 -5.03 19.74 -24.05
C SER B 137 -5.00 18.70 -25.16
N SER B 138 -4.42 17.51 -24.89
CA SER B 138 -4.21 16.41 -25.84
C SER B 138 -3.45 16.88 -27.09
N PHE B 139 -2.22 17.33 -26.86
CA PHE B 139 -1.43 17.94 -27.91
C PHE B 139 -0.86 16.91 -28.87
N VAL B 140 -0.54 15.72 -28.38
CA VAL B 140 0.06 14.69 -29.23
C VAL B 140 -1.03 13.77 -29.81
N SER B 141 -2.16 13.62 -29.11
CA SER B 141 -3.23 12.74 -29.58
C SER B 141 -3.96 13.34 -30.78
N MET B 142 -4.29 14.63 -30.72
CA MET B 142 -5.05 15.27 -31.79
C MET B 142 -4.15 15.58 -32.98
N GLU B 143 -4.69 15.37 -34.18
CA GLU B 143 -3.90 15.55 -35.40
C GLU B 143 -3.70 17.02 -35.73
N GLU B 144 -4.63 17.89 -35.31
CA GLU B 144 -4.51 19.31 -35.60
C GLU B 144 -3.44 20.00 -34.76
N SER B 145 -2.99 19.39 -33.66
CA SER B 145 -1.90 19.93 -32.87
C SER B 145 -0.57 19.23 -33.15
N LYS B 146 -0.57 18.14 -33.93
CA LYS B 146 0.67 17.57 -34.42
C LYS B 146 1.34 18.45 -35.45
N GLN B 147 0.56 19.23 -36.20
CA GLN B 147 1.14 20.12 -37.21
C GLN B 147 1.85 21.31 -36.60
N LYS B 148 1.56 21.64 -35.34
CA LYS B 148 2.23 22.73 -34.66
C LYS B 148 3.61 22.34 -34.12
N LEU B 149 3.94 21.05 -34.09
CA LEU B 149 5.24 20.62 -33.56
C LEU B 149 6.40 21.00 -34.49
N VAL B 150 6.15 21.07 -35.80
CA VAL B 150 7.21 21.47 -36.73
C VAL B 150 7.63 22.94 -36.59
N PRO B 151 6.70 23.94 -36.48
CA PRO B 151 7.18 25.30 -36.16
C PRO B 151 7.84 25.44 -34.79
N ILE B 152 7.36 24.68 -33.79
CA ILE B 152 7.96 24.67 -32.46
C ILE B 152 9.40 24.16 -32.52
N MET B 153 9.63 23.08 -33.27
CA MET B 153 10.97 22.51 -33.34
C MET B 153 11.90 23.32 -34.24
N THR B 154 11.38 24.00 -35.28
CA THR B 154 12.23 24.92 -36.05
C THR B 154 12.66 26.11 -35.21
N ILE B 155 11.75 26.66 -34.40
CA ILE B 155 12.08 27.76 -33.51
C ILE B 155 13.06 27.30 -32.42
N LEU B 156 12.88 26.06 -31.92
CA LEU B 156 13.77 25.49 -30.92
C LEU B 156 15.18 25.29 -31.45
N LEU B 157 15.31 24.75 -32.66
CA LEU B 157 16.64 24.57 -33.25
C LEU B 157 17.25 25.90 -33.67
N GLU B 158 16.42 26.90 -34.00
CA GLU B 158 16.94 28.21 -34.37
C GLU B 158 17.52 28.95 -33.16
N GLU B 159 16.79 28.99 -32.05
CA GLU B 159 17.21 29.83 -30.94
C GLU B 159 17.71 29.03 -29.72
N LEU B 160 17.98 27.74 -29.87
CA LEU B 160 18.78 27.03 -28.88
C LEU B 160 20.24 26.93 -29.28
N ASN B 161 20.52 26.87 -30.58
CA ASN B 161 21.89 26.88 -31.07
C ASN B 161 22.51 28.26 -31.00
N ALA B 162 21.72 29.30 -31.29
CA ALA B 162 22.27 30.65 -31.41
C ALA B 162 22.48 31.29 -30.04
N SER B 163 21.39 31.49 -29.29
CA SER B 163 21.47 32.19 -28.02
C SER B 163 21.48 31.26 -26.81
N GLY B 164 21.04 30.02 -26.96
CA GLY B 164 20.95 29.13 -25.81
C GLY B 164 19.84 29.48 -24.85
N ARG B 165 18.78 30.11 -25.34
CA ARG B 165 17.66 30.51 -24.49
C ARG B 165 16.43 30.63 -25.37
N CYS B 166 15.38 29.88 -25.03
CA CYS B 166 14.15 29.88 -25.81
C CYS B 166 12.97 30.27 -24.93
N THR B 167 12.11 31.13 -25.46
CA THR B 167 10.87 31.55 -24.81
C THR B 167 9.78 31.45 -25.87
N LEU B 168 9.11 30.29 -25.92
CA LEU B 168 8.15 30.00 -26.98
C LEU B 168 6.76 29.78 -26.40
N PRO B 169 5.82 30.72 -26.60
CA PRO B 169 4.45 30.48 -26.14
C PRO B 169 3.75 29.45 -27.03
N ILE B 170 3.11 28.47 -26.37
CA ILE B 170 2.46 27.38 -27.09
C ILE B 170 0.96 27.53 -27.03
N ASP B 171 0.41 27.54 -25.82
CA ASP B 171 -1.02 27.59 -25.58
C ASP B 171 -1.37 28.88 -24.83
N GLU B 172 -2.62 28.96 -24.39
CA GLU B 172 -3.05 30.08 -23.56
C GLU B 172 -2.42 30.04 -22.19
N SER B 173 -2.10 28.85 -21.69
CA SER B 173 -1.51 28.69 -20.37
C SER B 173 -0.09 28.15 -20.37
N ASN B 174 0.40 27.63 -21.50
CA ASN B 174 1.70 26.99 -21.55
C ASN B 174 2.67 27.79 -22.40
N THR B 175 3.91 27.91 -21.91
CA THR B 175 4.97 28.61 -22.61
C THR B 175 6.29 27.90 -22.29
N ILE B 176 7.03 27.52 -23.33
CA ILE B 176 8.28 26.80 -23.16
C ILE B 176 9.36 27.77 -22.71
N HIS B 177 9.93 27.53 -21.54
CA HIS B 177 11.04 28.31 -20.99
C HIS B 177 12.25 27.39 -20.84
N LEU B 178 13.30 27.66 -21.61
CA LEU B 178 14.50 26.85 -21.59
C LEU B 178 15.73 27.74 -21.47
N LYS B 179 16.76 27.20 -20.82
CA LYS B 179 18.00 27.93 -20.60
C LYS B 179 19.14 26.93 -20.44
N VAL B 180 20.24 27.15 -21.14
CA VAL B 180 21.40 26.28 -21.03
C VAL B 180 22.23 26.66 -19.82
N ILE B 181 22.49 25.69 -18.96
CA ILE B 181 23.36 25.85 -17.81
C ILE B 181 24.77 25.43 -18.23
N GLU B 182 25.79 26.08 -17.66
CA GLU B 182 27.17 25.94 -18.11
C GLU B 182 27.77 24.59 -17.75
N GLN B 183 27.17 23.86 -16.80
CA GLN B 183 27.58 22.51 -16.34
C GLN B 183 29.03 22.51 -15.82
N ARG B 184 29.22 23.24 -14.72
CA ARG B 184 30.52 23.34 -14.09
C ARG B 184 30.87 22.04 -13.37
N PRO B 185 32.15 21.68 -13.29
CA PRO B 185 32.54 20.45 -12.59
C PRO B 185 32.44 20.61 -11.07
N ASP B 186 32.64 19.48 -10.39
CA ASP B 186 32.51 19.45 -8.94
C ASP B 186 33.71 20.15 -8.28
N PRO B 187 33.48 20.98 -7.26
CA PRO B 187 34.57 21.69 -6.63
C PRO B 187 35.30 20.81 -5.63
N PRO B 188 36.58 21.09 -5.37
CA PRO B 188 37.29 20.34 -4.32
C PRO B 188 36.83 20.77 -2.93
N VAL B 189 37.10 19.90 -1.97
CA VAL B 189 36.73 20.17 -0.58
C VAL B 189 37.72 21.18 -0.01
N ALA B 190 37.21 22.30 0.51
CA ALA B 190 38.04 23.35 1.06
C ALA B 190 38.38 23.04 2.50
N GLN B 191 39.67 22.93 2.80
CA GLN B 191 40.13 22.68 4.15
C GLN B 191 40.30 23.99 4.92
N GLU B 192 40.51 23.86 6.24
CA GLU B 192 40.52 25.02 7.13
C GLU B 192 41.75 25.91 6.93
N TYR B 193 42.84 25.36 6.41
CA TYR B 193 44.09 26.08 6.23
C TYR B 193 44.20 26.72 4.85
N ASP B 194 43.22 26.53 3.97
CA ASP B 194 43.30 27.05 2.61
C ASP B 194 42.98 28.53 2.59
N VAL B 195 43.54 29.22 1.59
CA VAL B 195 43.37 30.67 1.45
C VAL B 195 42.62 30.97 0.15
N PRO B 196 41.41 31.52 0.22
CA PRO B 196 40.70 31.88 -1.02
C PRO B 196 41.20 33.19 -1.61
N VAL B 197 41.44 33.18 -2.92
CA VAL B 197 41.95 34.33 -3.65
C VAL B 197 41.00 34.63 -4.81
N PHE B 198 40.59 35.89 -4.93
CA PHE B 198 39.71 36.30 -6.02
C PHE B 198 40.42 36.23 -7.36
N THR B 199 39.65 35.85 -8.39
CA THR B 199 40.09 35.93 -9.78
C THR B 199 39.10 36.68 -10.65
N LYS B 200 38.07 37.30 -10.07
CA LYS B 200 36.95 37.74 -10.89
C LYS B 200 36.44 39.14 -10.55
N ASP B 201 37.24 39.96 -9.82
CA ASP B 201 37.07 41.41 -9.70
C ASP B 201 35.74 41.86 -9.08
N LYS B 202 35.61 41.74 -7.75
CA LYS B 202 34.42 42.01 -6.91
C LYS B 202 33.53 43.18 -7.28
N GLU B 203 34.11 44.28 -7.77
CA GLU B 203 33.35 45.46 -8.18
C GLU B 203 32.51 45.23 -9.43
N ASP B 204 32.75 44.14 -10.17
CA ASP B 204 31.89 43.74 -11.28
C ASP B 204 30.77 42.80 -10.85
N PHE B 205 30.32 42.91 -9.60
CA PHE B 205 29.24 42.10 -9.07
C PHE B 205 28.21 43.01 -8.40
N PHE B 206 26.93 42.71 -8.60
CA PHE B 206 25.88 43.41 -7.86
C PHE B 206 25.83 42.81 -6.45
N ASN B 207 26.36 43.56 -5.49
CA ASN B 207 26.49 43.05 -4.12
C ASN B 207 25.16 43.00 -3.37
N SER B 208 24.14 43.70 -3.87
CA SER B 208 22.85 43.72 -3.19
C SER B 208 22.06 42.43 -3.34
N GLN B 209 22.38 41.61 -4.35
CA GLN B 209 21.62 40.39 -4.61
C GLN B 209 22.49 39.13 -4.50
N TRP B 210 23.57 39.20 -3.72
CA TRP B 210 24.30 38.02 -3.30
C TRP B 210 23.53 37.29 -2.20
N ASP B 211 24.05 36.12 -1.81
CA ASP B 211 23.57 35.47 -0.60
C ASP B 211 24.02 36.27 0.62
N LEU B 212 23.23 36.20 1.70
CA LEU B 212 23.54 36.97 2.90
C LEU B 212 24.78 36.45 3.61
N THR B 213 24.97 35.12 3.60
CA THR B 213 26.21 34.54 4.10
C THR B 213 27.39 34.95 3.24
N THR B 214 27.20 34.95 1.91
CA THR B 214 28.26 35.39 1.00
C THR B 214 28.49 36.90 1.14
N GLN B 215 27.44 37.67 1.42
CA GLN B 215 27.61 39.10 1.70
C GLN B 215 28.38 39.34 2.98
N GLN B 216 28.26 38.45 3.97
CA GLN B 216 29.08 38.57 5.16
C GLN B 216 30.53 38.15 4.91
N ILE B 217 30.75 37.15 4.06
CA ILE B 217 32.09 36.57 3.90
C ILE B 217 32.95 37.37 2.92
N LEU B 218 32.35 37.88 1.83
CA LEU B 218 33.10 38.49 0.73
C LEU B 218 34.00 39.71 1.05
N PRO B 219 33.65 40.68 1.92
CA PRO B 219 34.62 41.75 2.22
C PRO B 219 35.82 41.32 3.05
N TYR B 220 35.82 40.12 3.64
CA TYR B 220 36.94 39.67 4.47
C TYR B 220 37.79 38.61 3.79
N ILE B 221 37.61 38.39 2.48
CA ILE B 221 38.30 37.30 1.80
C ILE B 221 39.78 37.63 1.59
N ASP B 222 40.05 38.82 1.02
CA ASP B 222 41.31 39.30 0.43
C ASP B 222 42.07 38.21 -0.32
N GLY B 223 43.38 38.10 -0.11
CA GLY B 223 44.13 37.01 -0.73
C GLY B 223 45.11 36.33 0.19
N PHE B 224 45.08 36.67 1.49
CA PHE B 224 46.07 36.19 2.44
C PHE B 224 45.45 35.70 3.75
N ARG B 225 44.14 35.46 3.77
CA ARG B 225 43.43 35.12 4.99
C ARG B 225 42.94 33.68 4.94
N HIS B 226 43.03 32.98 6.08
CA HIS B 226 42.59 31.59 6.17
C HIS B 226 41.07 31.51 6.17
N ILE B 227 40.58 30.28 6.03
CA ILE B 227 39.14 30.04 6.18
C ILE B 227 38.72 30.18 7.64
N GLN B 228 39.55 29.70 8.59
CA GLN B 228 39.27 29.94 10.00
C GLN B 228 39.44 31.40 10.37
N LYS B 229 40.37 32.11 9.73
CA LYS B 229 40.56 33.51 10.03
C LYS B 229 39.41 34.36 9.48
N ILE B 230 38.81 33.94 8.36
CA ILE B 230 37.59 34.57 7.87
C ILE B 230 36.42 34.26 8.80
N SER B 231 36.36 33.01 9.29
CA SER B 231 35.25 32.57 10.15
C SER B 231 35.30 33.24 11.52
N ALA B 232 36.49 33.55 12.02
CA ALA B 232 36.61 34.22 13.30
C ALA B 232 36.66 35.73 13.19
N GLU B 233 37.15 36.27 12.07
CA GLU B 233 37.12 37.71 11.86
C GLU B 233 35.69 38.18 11.60
N ALA B 234 34.91 37.37 10.90
CA ALA B 234 33.47 37.54 10.84
C ALA B 234 32.83 36.70 11.96
N ASP B 235 31.51 36.52 11.89
CA ASP B 235 30.81 35.66 12.84
C ASP B 235 30.23 34.42 12.17
N VAL B 236 30.65 34.13 10.95
CA VAL B 236 30.17 32.95 10.23
C VAL B 236 30.86 31.71 10.81
N GLU B 237 30.10 30.62 10.94
CA GLU B 237 30.66 29.36 11.42
C GLU B 237 31.63 28.76 10.41
N LEU B 238 32.49 27.87 10.91
CA LEU B 238 33.56 27.28 10.09
C LEU B 238 33.02 26.38 9.00
N ASN B 239 32.00 25.57 9.29
CA ASN B 239 31.44 24.70 8.28
C ASN B 239 30.66 25.49 7.24
N LEU B 240 30.02 26.59 7.67
CA LEU B 240 29.29 27.44 6.74
C LEU B 240 30.22 28.18 5.80
N VAL B 241 31.35 28.69 6.30
CA VAL B 241 32.30 29.35 5.42
C VAL B 241 33.05 28.34 4.56
N ARG B 242 33.18 27.08 5.03
CA ARG B 242 33.77 26.04 4.18
C ARG B 242 32.86 25.67 3.01
N ILE B 243 31.55 25.53 3.27
CA ILE B 243 30.59 25.24 2.20
C ILE B 243 30.45 26.45 1.26
N ALA B 244 30.55 27.68 1.81
CA ALA B 244 30.46 28.87 0.98
C ALA B 244 31.70 29.03 0.08
N ILE B 245 32.89 28.70 0.60
CA ILE B 245 34.10 28.75 -0.22
C ILE B 245 34.08 27.63 -1.27
N GLN B 246 33.50 26.47 -0.92
CA GLN B 246 33.31 25.39 -1.89
C GLN B 246 32.33 25.79 -3.00
N ASN B 247 31.26 26.52 -2.64
CA ASN B 247 30.30 26.98 -3.64
C ASN B 247 30.87 28.09 -4.52
N LEU B 248 31.75 28.93 -3.95
CA LEU B 248 32.44 29.92 -4.77
C LEU B 248 33.50 29.27 -5.66
N LEU B 249 34.06 28.15 -5.22
CA LEU B 249 34.95 27.35 -6.06
C LEU B 249 34.19 26.68 -7.19
N TYR B 250 32.92 26.31 -6.94
CA TYR B 250 32.08 25.70 -7.97
C TYR B 250 31.80 26.65 -9.11
N TYR B 251 31.53 27.92 -8.80
CA TYR B 251 31.20 28.92 -9.80
C TYR B 251 32.44 29.59 -10.40
N GLY B 252 33.63 29.23 -9.94
CA GLY B 252 34.84 29.80 -10.48
C GLY B 252 35.14 31.22 -10.04
N VAL B 253 34.57 31.64 -8.91
CA VAL B 253 34.81 33.00 -8.44
C VAL B 253 36.15 33.10 -7.73
N VAL B 254 36.41 32.19 -6.78
CA VAL B 254 37.64 32.18 -6.02
C VAL B 254 38.43 30.92 -6.34
N THR B 255 39.70 30.93 -5.94
CA THR B 255 40.56 29.76 -6.06
C THR B 255 41.37 29.62 -4.77
N LEU B 256 41.83 28.40 -4.51
CA LEU B 256 42.45 28.05 -3.23
C LEU B 256 43.97 28.00 -3.38
N VAL B 257 44.67 28.76 -2.55
CA VAL B 257 46.11 28.67 -2.42
C VAL B 257 46.40 28.32 -0.96
N SER B 258 47.68 28.20 -0.60
CA SER B 258 48.07 27.87 0.75
C SER B 258 48.45 29.14 1.51
N ILE B 259 48.90 28.94 2.76
CA ILE B 259 49.34 30.04 3.61
C ILE B 259 50.68 30.57 3.10
N LEU B 260 50.87 31.88 3.23
CA LEU B 260 51.98 32.55 2.56
C LEU B 260 52.87 33.16 3.64
N GLN B 261 53.25 32.33 4.61
CA GLN B 261 54.26 32.72 5.58
C GLN B 261 55.60 32.92 4.89
N TYR B 262 56.43 33.78 5.47
CA TYR B 262 57.73 34.11 4.88
C TYR B 262 58.77 33.02 5.07
N SER B 263 58.48 31.98 5.85
CA SER B 263 59.36 30.84 6.02
C SER B 263 58.96 29.66 5.14
N ASN B 264 58.04 29.86 4.20
CA ASN B 264 57.61 28.79 3.32
C ASN B 264 58.69 28.46 2.29
N VAL B 265 58.76 27.18 1.92
CA VAL B 265 59.72 26.69 0.94
C VAL B 265 58.94 26.20 -0.26
N TYR B 266 59.28 26.72 -1.44
CA TYR B 266 58.57 26.40 -2.67
C TYR B 266 59.51 25.76 -3.68
N CYS B 267 58.95 24.85 -4.47
CA CYS B 267 59.67 24.16 -5.54
C CYS B 267 59.00 24.43 -6.88
N PRO B 268 59.77 24.55 -7.96
CA PRO B 268 59.17 24.75 -9.27
C PRO B 268 58.70 23.45 -9.89
N THR B 269 57.61 23.54 -10.58
CA THR B 269 56.78 22.69 -11.42
C THR B 269 57.30 22.79 -12.86
N PRO B 270 57.17 21.75 -13.71
CA PRO B 270 57.53 21.89 -15.14
C PRO B 270 56.73 22.89 -15.99
N LYS B 271 55.73 23.57 -15.42
CA LYS B 271 54.93 24.56 -16.12
C LYS B 271 55.55 25.95 -16.12
N VAL B 272 56.76 26.11 -15.57
CA VAL B 272 57.47 27.40 -15.59
C VAL B 272 57.81 27.79 -17.03
N GLN B 273 58.18 26.80 -17.86
CA GLN B 273 58.34 27.01 -19.29
C GLN B 273 57.02 27.35 -19.97
N ASP B 274 55.90 26.91 -19.38
CA ASP B 274 54.58 27.35 -19.84
C ASP B 274 54.32 28.83 -19.58
N LEU B 275 55.12 29.47 -18.72
CA LEU B 275 55.13 30.92 -18.66
C LEU B 275 55.62 31.52 -19.98
N VAL B 276 56.72 30.99 -20.53
CA VAL B 276 57.29 31.59 -21.74
C VAL B 276 56.83 30.90 -23.01
N ASP B 277 55.98 29.88 -22.91
CA ASP B 277 55.32 29.31 -24.08
C ASP B 277 53.93 29.87 -24.31
N ASP B 278 53.43 30.70 -23.39
CA ASP B 278 52.10 31.29 -23.50
C ASP B 278 52.21 32.78 -23.25
N LYS B 279 51.71 33.59 -24.20
CA LYS B 279 51.82 35.05 -24.08
C LYS B 279 50.79 35.61 -23.10
N SER B 280 49.61 34.97 -23.01
CA SER B 280 48.57 35.44 -22.11
C SER B 280 48.94 35.26 -20.65
N LEU B 281 49.69 34.19 -20.34
CA LEU B 281 50.22 34.02 -18.99
C LEU B 281 51.27 35.08 -18.67
N GLN B 282 52.06 35.49 -19.65
CA GLN B 282 53.00 36.59 -19.47
C GLN B 282 52.29 37.91 -19.20
N GLU B 283 51.20 38.17 -19.93
CA GLU B 283 50.42 39.39 -19.72
C GLU B 283 49.72 39.38 -18.36
N ALA B 284 49.24 38.21 -17.93
CA ALA B 284 48.62 38.09 -16.62
C ALA B 284 49.63 38.24 -15.49
N CYS B 285 50.86 37.74 -15.68
CA CYS B 285 51.93 37.95 -14.71
C CYS B 285 52.34 39.42 -14.63
N LEU B 286 52.48 40.07 -15.78
CA LEU B 286 52.90 41.47 -15.75
C LEU B 286 51.78 42.41 -15.34
N SER B 287 50.52 41.97 -15.36
CA SER B 287 49.44 42.76 -14.81
C SER B 287 49.11 42.42 -13.35
N TYR B 288 49.57 41.27 -12.85
CA TYR B 288 49.22 40.82 -11.51
C TYR B 288 50.37 40.96 -10.50
N VAL B 289 51.59 40.58 -10.88
CA VAL B 289 52.68 40.48 -9.91
C VAL B 289 53.22 41.86 -9.54
N THR B 290 53.22 42.79 -10.49
CA THR B 290 53.81 44.12 -10.29
C THR B 290 52.99 44.95 -9.31
N LYS B 291 53.70 45.85 -8.61
CA LYS B 291 53.09 46.64 -7.54
C LYS B 291 52.20 47.74 -8.11
N GLN B 292 51.43 48.34 -7.22
CA GLN B 292 50.51 49.41 -7.61
C GLN B 292 51.28 50.71 -7.83
N GLY B 293 51.09 51.32 -8.99
CA GLY B 293 51.73 52.57 -9.33
C GLY B 293 53.13 52.46 -9.88
N HIS B 294 53.68 51.25 -9.97
CA HIS B 294 55.03 51.05 -10.50
C HIS B 294 54.98 50.71 -11.98
N LYS B 295 56.16 50.64 -12.58
CA LYS B 295 56.29 50.27 -13.97
C LYS B 295 56.10 48.76 -14.13
N ARG B 296 55.90 48.34 -15.38
CA ARG B 296 55.75 46.92 -15.68
C ARG B 296 57.11 46.24 -15.58
N ALA B 297 57.15 45.11 -14.87
CA ALA B 297 58.39 44.39 -14.65
C ALA B 297 58.81 43.64 -15.92
N SER B 298 60.09 43.33 -15.99
CA SER B 298 60.62 42.53 -17.09
C SER B 298 60.28 41.06 -16.90
N LEU B 299 60.19 40.33 -18.01
CA LEU B 299 59.94 38.90 -17.97
C LEU B 299 61.14 38.14 -17.41
N ARG B 300 62.35 38.67 -17.63
CA ARG B 300 63.57 38.04 -17.15
C ARG B 300 63.65 38.02 -15.62
N ASP B 301 63.19 39.10 -14.98
CA ASP B 301 63.22 39.18 -13.52
C ASP B 301 62.22 38.22 -12.88
N VAL B 302 61.01 38.13 -13.43
CA VAL B 302 59.99 37.23 -12.90
C VAL B 302 60.37 35.77 -13.15
N PHE B 303 60.97 35.49 -14.32
CA PHE B 303 61.42 34.13 -14.64
C PHE B 303 62.59 33.71 -13.76
N GLN B 304 63.52 34.63 -13.48
CA GLN B 304 64.63 34.30 -12.60
C GLN B 304 64.19 34.21 -11.15
N LEU B 305 63.12 34.92 -10.77
CA LEU B 305 62.60 34.79 -9.41
C LEU B 305 61.86 33.47 -9.24
N TYR B 306 61.15 33.01 -10.27
CA TYR B 306 60.56 31.68 -10.25
C TYR B 306 61.61 30.58 -10.24
N CYS B 307 62.69 30.75 -11.02
CA CYS B 307 63.69 29.70 -11.14
C CYS B 307 64.71 29.70 -10.00
N SER B 308 64.74 30.74 -9.17
CA SER B 308 65.62 30.74 -8.01
C SER B 308 65.02 30.02 -6.81
N LEU B 309 63.75 29.62 -6.89
CA LEU B 309 63.13 28.87 -5.81
C LEU B 309 63.69 27.45 -5.78
N SER B 310 64.42 27.15 -4.71
CA SER B 310 65.00 25.84 -4.49
C SER B 310 64.56 25.36 -3.11
N PRO B 311 64.44 24.04 -2.93
CA PRO B 311 64.17 23.53 -1.58
C PRO B 311 65.34 23.78 -0.64
N GLY B 312 65.01 24.07 0.61
CA GLY B 312 65.98 24.52 1.59
C GLY B 312 66.16 26.02 1.67
N THR B 313 65.57 26.77 0.75
CA THR B 313 65.62 28.23 0.76
C THR B 313 64.20 28.77 0.91
N THR B 314 64.02 29.70 1.83
CA THR B 314 62.71 30.26 2.13
C THR B 314 62.48 31.52 1.29
N VAL B 315 61.42 32.26 1.61
CA VAL B 315 61.12 33.52 0.93
C VAL B 315 62.13 34.60 1.32
N ARG B 316 62.63 34.55 2.57
CA ARG B 316 63.59 35.55 3.04
C ARG B 316 64.93 35.41 2.33
N ASP B 317 65.33 34.18 2.01
CA ASP B 317 66.55 33.96 1.22
C ASP B 317 66.38 34.45 -0.21
N LEU B 318 65.17 34.32 -0.76
CA LEU B 318 64.86 34.88 -2.08
C LEU B 318 64.89 36.41 -2.06
N ILE B 319 64.43 37.00 -0.96
CA ILE B 319 64.43 38.46 -0.85
C ILE B 319 65.85 38.99 -0.70
N GLY B 320 66.65 38.36 0.16
CA GLY B 320 68.02 38.80 0.34
C GLY B 320 68.93 38.47 -0.83
N ARG B 321 68.60 37.43 -1.60
CA ARG B 321 69.44 37.06 -2.73
C ARG B 321 69.23 37.97 -3.93
N HIS B 322 67.98 38.41 -4.18
CA HIS B 322 67.64 39.16 -5.38
C HIS B 322 66.93 40.46 -5.01
N PRO B 323 67.68 41.52 -4.69
CA PRO B 323 67.03 42.81 -4.42
C PRO B 323 66.73 43.62 -5.67
N GLN B 324 67.43 43.38 -6.78
CA GLN B 324 67.18 44.12 -8.01
C GLN B 324 65.89 43.68 -8.69
N GLN B 325 65.62 42.38 -8.72
CA GLN B 325 64.44 41.85 -9.38
C GLN B 325 63.16 42.06 -8.56
N LEU B 326 63.28 42.40 -7.29
CA LEU B 326 62.12 42.67 -6.44
C LEU B 326 61.91 44.16 -6.22
N GLN B 327 62.50 45.01 -7.08
CA GLN B 327 62.31 46.45 -6.95
C GLN B 327 60.90 46.88 -7.35
N HIS B 328 60.35 46.27 -8.39
CA HIS B 328 58.99 46.56 -8.84
C HIS B 328 58.11 45.31 -8.80
N VAL B 329 58.52 44.31 -8.03
CA VAL B 329 57.82 43.02 -7.96
C VAL B 329 57.43 42.77 -6.50
N ASP B 330 56.15 42.56 -6.26
CA ASP B 330 55.68 42.12 -4.95
C ASP B 330 55.84 40.60 -4.85
N GLU B 331 56.54 40.16 -3.81
CA GLU B 331 56.79 38.73 -3.66
C GLU B 331 55.54 37.98 -3.20
N ARG B 332 54.60 38.67 -2.54
CA ARG B 332 53.36 38.05 -2.12
C ARG B 332 52.48 37.73 -3.33
N LYS B 333 52.35 38.68 -4.26
CA LYS B 333 51.60 38.44 -5.49
C LYS B 333 52.34 37.47 -6.40
N LEU B 334 53.68 37.46 -6.34
CA LEU B 334 54.48 36.50 -7.09
C LEU B 334 54.21 35.07 -6.63
N ILE B 335 54.21 34.85 -5.32
CA ILE B 335 53.95 33.53 -4.76
C ILE B 335 52.49 33.12 -4.98
N GLN B 336 51.58 34.10 -4.89
CA GLN B 336 50.15 33.85 -5.10
C GLN B 336 49.85 33.44 -6.53
N PHE B 337 50.42 34.15 -7.52
CA PHE B 337 50.19 33.77 -8.90
C PHE B 337 50.99 32.55 -9.32
N GLY B 338 52.09 32.25 -8.64
CA GLY B 338 52.76 30.98 -8.87
C GLY B 338 51.94 29.80 -8.39
N LEU B 339 51.32 29.93 -7.22
CA LEU B 339 50.47 28.86 -6.70
C LEU B 339 49.12 28.77 -7.40
N MET B 340 48.64 29.88 -7.98
CA MET B 340 47.32 29.87 -8.62
C MET B 340 47.34 29.10 -9.94
N LYS B 341 48.36 29.34 -10.77
CA LYS B 341 48.46 28.73 -12.08
C LYS B 341 49.33 27.49 -12.08
N ASN B 342 49.65 26.96 -10.88
CA ASN B 342 50.51 25.78 -10.66
C ASN B 342 51.89 25.96 -11.28
N LEU B 343 52.43 27.18 -11.21
CA LEU B 343 53.79 27.42 -11.67
C LEU B 343 54.81 26.92 -10.66
N ILE B 344 54.50 27.00 -9.37
CA ILE B 344 55.34 26.46 -8.31
C ILE B 344 54.49 25.63 -7.39
N ARG B 345 55.11 24.61 -6.79
CA ARG B 345 54.48 23.83 -5.74
C ARG B 345 55.09 24.22 -4.40
N ARG B 346 54.60 23.62 -3.33
CA ARG B 346 55.04 23.95 -1.99
C ARG B 346 55.63 22.72 -1.31
N LEU B 347 56.48 22.98 -0.31
CA LEU B 347 57.04 21.94 0.55
C LEU B 347 56.59 22.23 1.98
N GLN B 348 55.62 21.47 2.45
CA GLN B 348 55.19 21.54 3.84
C GLN B 348 55.88 20.42 4.61
N LYS B 349 56.26 20.73 5.85
CA LYS B 349 56.93 19.75 6.67
C LYS B 349 55.90 18.90 7.42
N TYR B 350 56.01 17.58 7.27
CA TYR B 350 55.05 16.65 7.83
C TYR B 350 55.69 15.88 8.97
N PRO B 351 55.37 16.20 10.23
CA PRO B 351 55.90 15.43 11.37
C PRO B 351 55.10 14.16 11.63
N LEU B 365 47.84 15.84 16.61
CA LEU B 365 48.40 14.58 16.13
C LEU B 365 49.73 14.81 15.42
N TYR B 366 50.74 14.02 15.78
CA TYR B 366 52.06 14.18 15.19
C TYR B 366 52.36 13.04 14.21
N THR B 367 51.32 12.55 13.54
CA THR B 367 51.49 11.52 12.53
C THR B 367 51.91 12.16 11.21
N GLY B 368 52.13 11.32 10.20
CA GLY B 368 52.58 11.80 8.90
C GLY B 368 51.49 12.33 8.01
N CYS B 369 50.23 12.29 8.44
CA CYS B 369 49.14 12.79 7.61
C CYS B 369 49.06 14.32 7.62
N HIS B 370 49.44 14.96 8.73
CA HIS B 370 49.27 16.39 8.90
C HIS B 370 50.60 17.13 8.74
N SER B 371 50.53 18.34 8.20
CA SER B 371 51.69 19.20 8.04
C SER B 371 51.72 20.24 9.16
N TYR B 372 52.69 21.17 9.11
CA TYR B 372 52.70 22.27 10.07
C TYR B 372 51.56 23.26 9.84
N ASP B 373 51.03 23.35 8.63
CA ASP B 373 49.89 24.23 8.39
C ASP B 373 48.63 23.68 9.05
N GLU B 374 48.44 22.36 9.01
CA GLU B 374 47.28 21.75 9.66
C GLU B 374 47.38 21.81 11.18
N ILE B 375 48.58 21.58 11.72
CA ILE B 375 48.78 21.62 13.17
C ILE B 375 48.71 23.06 13.69
N CYS B 376 49.29 24.02 12.96
CA CYS B 376 49.19 25.42 13.35
C CYS B 376 47.77 25.97 13.17
N CYS B 377 47.01 25.39 12.24
CA CYS B 377 45.61 25.74 12.08
C CYS B 377 44.72 25.12 13.15
N LYS B 378 45.11 23.95 13.67
CA LYS B 378 44.29 23.26 14.67
C LYS B 378 44.60 23.74 16.09
N THR B 379 45.87 23.73 16.49
CA THR B 379 46.23 23.99 17.88
C THR B 379 46.21 25.49 18.20
N GLY B 380 47.08 26.26 17.55
CA GLY B 380 47.13 27.68 17.81
C GLY B 380 48.51 28.31 17.76
N MET B 381 49.56 27.49 17.75
CA MET B 381 50.91 28.01 17.72
C MET B 381 51.27 28.52 16.32
N SER B 382 52.30 29.36 16.26
CA SER B 382 52.82 29.86 15.01
C SER B 382 53.86 28.87 14.47
N TYR B 383 54.58 29.27 13.41
CA TYR B 383 55.60 28.40 12.85
C TYR B 383 56.81 28.29 13.77
N HIS B 384 57.20 29.41 14.38
CA HIS B 384 58.42 29.45 15.19
C HIS B 384 58.26 28.66 16.48
N GLU B 385 57.09 28.76 17.13
CA GLU B 385 56.83 28.00 18.34
C GLU B 385 56.74 26.51 18.07
N LEU B 386 56.06 26.12 16.98
CA LEU B 386 55.95 24.70 16.63
C LEU B 386 57.29 24.13 16.17
N ASP B 387 58.13 24.96 15.54
CA ASP B 387 59.47 24.52 15.19
C ASP B 387 60.36 24.43 16.42
N GLU B 388 60.09 25.24 17.45
CA GLU B 388 60.81 25.09 18.71
C GLU B 388 60.40 23.81 19.44
N ARG B 389 59.12 23.44 19.39
CA ARG B 389 58.69 22.19 20.02
C ARG B 389 59.18 20.97 19.26
N LEU B 390 59.13 21.02 17.93
CA LEU B 390 59.29 19.83 17.10
C LEU B 390 60.69 19.66 16.53
N GLU B 391 61.65 20.49 16.94
CA GLU B 391 63.03 20.30 16.51
C GLU B 391 63.64 19.07 17.18
N ASN B 392 63.44 18.94 18.49
CA ASN B 392 63.93 17.79 19.23
C ASN B 392 62.86 16.70 19.24
N ASP B 393 62.74 16.04 18.09
CA ASP B 393 61.74 14.99 17.89
C ASP B 393 62.43 13.65 17.68
N PRO B 394 62.57 12.83 18.72
CA PRO B 394 63.26 11.53 18.57
C PRO B 394 62.35 10.36 18.23
N ASN B 395 61.07 10.60 17.92
CA ASN B 395 60.13 9.53 17.59
C ASN B 395 59.68 9.57 16.14
N ILE B 396 59.20 10.72 15.67
CA ILE B 396 58.77 10.88 14.28
C ILE B 396 59.70 11.87 13.62
N ILE B 397 60.21 11.51 12.44
CA ILE B 397 61.22 12.30 11.76
C ILE B 397 60.52 13.15 10.71
N ILE B 398 60.97 14.40 10.57
CA ILE B 398 60.29 15.40 9.75
C ILE B 398 60.39 15.05 8.27
N CYS B 399 59.25 15.03 7.57
CA CYS B 399 59.18 14.69 6.15
C CYS B 399 58.77 15.92 5.36
N TRP B 400 59.55 16.25 4.33
CA TRP B 400 59.24 17.37 3.44
C TRP B 400 58.48 16.82 2.23
N LYS B 401 57.21 16.50 2.45
CA LYS B 401 56.38 15.97 1.38
C LYS B 401 55.94 17.08 0.43
N SER C 27 37.56 5.86 -11.65
CA SER C 27 37.02 4.79 -10.82
C SER C 27 35.62 4.40 -11.27
N PRO C 28 35.50 3.28 -11.98
CA PRO C 28 34.18 2.84 -12.44
C PRO C 28 33.34 2.24 -11.33
N ILE C 29 32.03 2.22 -11.56
CA ILE C 29 31.10 1.63 -10.59
C ILE C 29 31.20 0.11 -10.62
N SER C 30 31.14 -0.48 -11.80
CA SER C 30 31.01 -1.92 -11.91
C SER C 30 31.60 -2.39 -13.24
N VAL C 31 31.87 -3.68 -13.31
CA VAL C 31 32.30 -4.35 -14.53
C VAL C 31 31.22 -5.36 -14.91
N ILE C 32 30.62 -5.17 -16.08
CA ILE C 32 29.51 -6.00 -16.55
C ILE C 32 29.94 -6.72 -17.81
N LEU C 33 29.75 -8.04 -17.85
CA LEU C 33 30.00 -8.85 -19.03
C LEU C 33 28.67 -9.38 -19.56
N VAL C 34 28.29 -8.94 -20.75
CA VAL C 34 27.01 -9.25 -21.34
C VAL C 34 27.24 -10.03 -22.64
N SER C 35 26.66 -11.21 -22.74
CA SER C 35 26.71 -12.02 -23.95
C SER C 35 25.40 -11.89 -24.72
N SER C 36 25.45 -12.26 -26.00
CA SER C 36 24.28 -12.24 -26.85
C SER C 36 24.43 -13.29 -27.93
N GLY C 37 23.31 -13.90 -28.31
CA GLY C 37 23.34 -14.96 -29.29
C GLY C 37 21.96 -15.53 -29.52
N SER C 38 21.93 -16.78 -29.99
CA SER C 38 20.67 -17.45 -30.28
C SER C 38 19.94 -17.95 -29.04
N ARG C 39 20.59 -17.95 -27.88
CA ARG C 39 19.94 -18.30 -26.62
C ARG C 39 19.38 -17.09 -25.89
N GLY C 40 19.48 -15.90 -26.47
CA GLY C 40 18.99 -14.69 -25.86
C GLY C 40 20.12 -13.85 -25.27
N ASN C 41 19.75 -12.66 -24.83
CA ASN C 41 20.70 -11.74 -24.21
C ASN C 41 20.85 -12.09 -22.74
N LYS C 42 22.08 -12.43 -22.34
CA LYS C 42 22.36 -12.90 -20.99
C LYS C 42 23.48 -12.08 -20.37
N LEU C 43 23.42 -11.93 -19.05
CA LEU C 43 24.47 -11.28 -18.27
C LEU C 43 25.31 -12.38 -17.63
N LEU C 44 26.60 -12.40 -17.96
CA LEU C 44 27.46 -13.47 -17.46
C LEU C 44 28.09 -13.09 -16.11
N PHE C 45 28.53 -11.84 -15.95
CA PHE C 45 29.24 -11.46 -14.74
C PHE C 45 28.96 -9.99 -14.41
N ARG C 46 28.88 -9.72 -13.12
CA ARG C 46 28.74 -8.36 -12.59
C ARG C 46 29.32 -8.39 -11.19
N TYR C 47 30.49 -7.77 -11.00
CA TYR C 47 31.29 -8.05 -9.80
C TYR C 47 30.74 -7.41 -8.51
N PRO C 48 30.38 -6.08 -8.46
CA PRO C 48 29.78 -5.61 -7.20
C PRO C 48 28.33 -6.07 -7.05
N PHE C 49 28.11 -7.03 -6.15
CA PHE C 49 26.78 -7.58 -5.96
C PHE C 49 25.97 -6.70 -5.00
N PHE C 85 18.97 -1.52 -11.47
CA PHE C 85 18.89 -2.45 -12.60
C PHE C 85 19.19 -3.88 -12.16
N SER C 86 18.36 -4.82 -12.60
CA SER C 86 18.60 -6.23 -12.36
C SER C 86 19.45 -6.81 -13.49
N ASP C 87 19.64 -8.13 -13.46
CA ASP C 87 20.47 -8.78 -14.47
C ASP C 87 19.76 -8.90 -15.80
N VAL C 88 18.44 -9.13 -15.78
CA VAL C 88 17.66 -9.28 -17.01
C VAL C 88 17.54 -7.94 -17.73
N ILE C 89 17.31 -6.87 -16.98
CA ILE C 89 17.18 -5.54 -17.56
C ILE C 89 18.51 -5.05 -18.12
N LEU C 90 19.61 -5.29 -17.40
CA LEU C 90 20.93 -4.92 -17.91
C LEU C 90 21.35 -5.77 -19.10
N ALA C 91 20.93 -7.05 -19.13
CA ALA C 91 21.22 -7.89 -20.29
C ALA C 91 20.42 -7.42 -21.51
N THR C 92 19.20 -6.92 -21.29
CA THR C 92 18.42 -6.36 -22.38
C THR C 92 19.00 -5.02 -22.87
N ILE C 93 19.48 -4.21 -21.94
CA ILE C 93 19.99 -2.88 -22.28
C ILE C 93 21.33 -2.97 -23.00
N LEU C 94 22.27 -3.73 -22.45
CA LEU C 94 23.65 -3.67 -22.92
C LEU C 94 23.90 -4.55 -24.13
N ALA C 95 22.94 -5.35 -24.57
CA ALA C 95 23.12 -6.18 -25.75
C ALA C 95 22.98 -5.34 -27.00
N THR C 96 23.92 -5.50 -27.92
CA THR C 96 23.92 -4.78 -29.19
C THR C 96 23.66 -5.75 -30.33
N LYS C 97 23.75 -5.25 -31.55
CA LYS C 97 23.59 -6.05 -32.76
C LYS C 97 24.94 -6.23 -33.42
N SER C 98 24.94 -7.01 -34.52
CA SER C 98 26.19 -7.29 -35.22
C SER C 98 26.69 -6.10 -36.04
N GLU C 99 25.81 -5.13 -36.34
CA GLU C 99 26.24 -3.94 -37.05
C GLU C 99 26.96 -2.95 -36.14
N MET C 100 26.82 -3.08 -34.83
CA MET C 100 27.45 -2.18 -33.87
C MET C 100 28.76 -2.75 -33.32
N CYS C 101 29.21 -3.90 -33.83
CA CYS C 101 30.42 -4.52 -33.35
C CYS C 101 31.65 -3.80 -33.90
N GLY C 102 32.72 -3.81 -33.11
CA GLY C 102 33.97 -3.20 -33.50
C GLY C 102 34.06 -1.70 -33.30
N GLN C 103 32.99 -1.07 -32.82
CA GLN C 103 32.96 0.36 -32.57
C GLN C 103 32.79 0.63 -31.08
N LYS C 104 32.93 1.90 -30.72
CA LYS C 104 32.79 2.30 -29.33
C LYS C 104 31.32 2.32 -28.93
N PHE C 105 31.00 1.65 -27.83
CA PHE C 105 29.64 1.59 -27.28
C PHE C 105 29.60 2.50 -26.05
N GLU C 106 28.91 3.62 -26.17
CA GLU C 106 28.76 4.58 -25.08
C GLU C 106 27.28 4.86 -24.88
N LEU C 107 26.75 4.47 -23.72
CA LEU C 107 25.33 4.60 -23.41
C LEU C 107 25.16 5.09 -21.99
N LYS C 108 24.33 6.11 -21.80
CA LYS C 108 24.07 6.71 -20.50
C LYS C 108 22.57 6.69 -20.25
N ILE C 109 22.13 6.11 -19.13
CA ILE C 109 20.71 5.91 -18.93
C ILE C 109 20.10 7.02 -18.07
N ASP C 110 20.48 7.12 -16.80
CA ASP C 110 20.07 8.29 -16.02
C ASP C 110 21.28 9.05 -15.50
N ASN C 111 22.10 8.36 -14.72
CA ASN C 111 23.31 8.90 -14.12
C ASN C 111 24.50 8.00 -14.34
N VAL C 112 24.27 6.74 -14.71
CA VAL C 112 25.33 5.79 -14.99
C VAL C 112 25.64 5.85 -16.48
N ARG C 113 26.92 5.76 -16.83
CA ARG C 113 27.35 5.73 -18.22
C ARG C 113 28.03 4.40 -18.48
N PHE C 114 27.58 3.71 -19.53
CA PHE C 114 28.09 2.39 -19.88
C PHE C 114 29.04 2.51 -21.05
N VAL C 115 30.32 2.21 -20.82
CA VAL C 115 31.35 2.28 -21.84
C VAL C 115 31.82 0.86 -22.13
N GLY C 116 31.79 0.46 -23.39
CA GLY C 116 32.18 -0.89 -23.75
C GLY C 116 32.55 -0.97 -25.22
N HIS C 117 32.89 -2.18 -25.63
CA HIS C 117 33.30 -2.47 -27.01
C HIS C 117 32.79 -3.85 -27.39
N PRO C 118 31.66 -3.93 -28.10
CA PRO C 118 31.14 -5.24 -28.49
C PRO C 118 31.95 -5.87 -29.62
N THR C 119 32.17 -7.17 -29.50
CA THR C 119 33.04 -7.90 -30.42
C THR C 119 32.35 -9.18 -30.86
N LEU C 120 32.36 -9.43 -32.17
CA LEU C 120 31.79 -10.66 -32.71
C LEU C 120 32.63 -11.86 -32.30
N LEU C 121 31.95 -12.90 -31.79
CA LEU C 121 32.63 -14.13 -31.39
C LEU C 121 32.85 -15.00 -32.62
N GLN C 122 34.08 -15.01 -33.12
CA GLN C 122 34.43 -15.84 -34.27
C GLN C 122 35.90 -16.24 -34.22
N PRO C 140 28.64 -23.03 -31.46
CA PRO C 140 28.28 -22.27 -30.26
C PRO C 140 27.09 -21.33 -30.50
N THR C 141 26.24 -21.19 -29.48
CA THR C 141 25.06 -20.35 -29.60
C THR C 141 25.36 -18.86 -29.51
N MET C 142 26.51 -18.49 -28.93
CA MET C 142 26.82 -17.09 -28.72
C MET C 142 27.37 -16.44 -30.00
N ILE C 143 26.83 -15.27 -30.33
CA ILE C 143 27.30 -14.49 -31.46
C ILE C 143 28.06 -13.25 -31.01
N LEU C 144 27.66 -12.66 -29.88
CA LEU C 144 28.15 -11.37 -29.45
C LEU C 144 28.53 -11.42 -27.98
N PHE C 145 29.53 -10.64 -27.60
CA PHE C 145 29.84 -10.43 -26.19
C PHE C 145 30.36 -9.01 -26.03
N ASN C 146 30.27 -8.51 -24.79
CA ASN C 146 30.60 -7.12 -24.50
C ASN C 146 31.13 -7.01 -23.08
N VAL C 147 32.23 -6.29 -22.92
CA VAL C 147 32.79 -5.98 -21.62
C VAL C 147 32.44 -4.52 -21.31
N VAL C 148 31.56 -4.32 -20.34
CA VAL C 148 30.94 -3.03 -20.09
C VAL C 148 31.39 -2.51 -18.73
N PHE C 149 31.91 -1.29 -18.70
CA PHE C 149 32.27 -0.60 -17.47
C PHE C 149 31.24 0.49 -17.19
N ALA C 150 30.70 0.50 -15.97
CA ALA C 150 29.72 1.48 -15.56
C ALA C 150 30.42 2.63 -14.83
N LEU C 151 30.14 3.86 -15.27
CA LEU C 151 30.77 5.05 -14.73
C LEU C 151 29.73 6.01 -14.17
N ARG C 152 30.09 6.73 -13.13
CA ARG C 152 29.39 7.95 -12.80
C ARG C 152 29.64 8.97 -13.91
N ALA C 153 28.58 9.61 -14.40
CA ALA C 153 28.68 10.41 -15.61
C ALA C 153 29.16 11.84 -15.36
N ASN C 154 29.78 12.11 -14.22
CA ASN C 154 30.52 13.35 -13.99
C ASN C 154 32.01 13.22 -14.32
N ALA C 155 32.43 12.09 -14.87
CA ALA C 155 33.83 11.83 -15.13
C ALA C 155 34.32 12.57 -16.38
N ASP C 156 35.64 12.67 -16.49
CA ASP C 156 36.27 13.31 -17.62
C ASP C 156 36.18 12.42 -18.86
N PRO C 157 36.25 13.01 -20.06
CA PRO C 157 36.33 12.19 -21.29
C PRO C 157 37.59 11.36 -21.42
N SER C 158 38.67 11.70 -20.71
CA SER C 158 39.87 10.87 -20.70
C SER C 158 39.62 9.54 -19.99
N VAL C 159 38.77 9.56 -18.95
CA VAL C 159 38.37 8.33 -18.27
C VAL C 159 37.56 7.44 -19.19
N ILE C 160 36.67 8.05 -19.99
CA ILE C 160 35.87 7.31 -20.95
C ILE C 160 36.74 6.73 -22.06
N ASN C 161 37.75 7.49 -22.50
CA ASN C 161 38.65 7.03 -23.56
C ASN C 161 39.54 5.88 -23.09
N CYS C 162 40.10 5.98 -21.87
CA CYS C 162 40.96 4.90 -21.39
C CYS C 162 40.14 3.68 -20.99
N LEU C 163 38.89 3.87 -20.56
CA LEU C 163 38.05 2.71 -20.27
C LEU C 163 37.58 2.02 -21.54
N HIS C 164 37.35 2.80 -22.61
CA HIS C 164 37.04 2.18 -23.91
C HIS C 164 38.24 1.44 -24.46
N ASN C 165 39.45 1.98 -24.27
CA ASN C 165 40.67 1.28 -24.69
C ASN C 165 40.88 0.00 -23.90
N LEU C 166 40.62 0.03 -22.59
CA LEU C 166 40.74 -1.17 -21.77
C LEU C 166 39.69 -2.21 -22.14
N SER C 167 38.46 -1.77 -22.44
CA SER C 167 37.40 -2.68 -22.83
C SER C 167 37.67 -3.34 -24.18
N ARG C 168 38.20 -2.56 -25.15
CA ARG C 168 38.50 -3.17 -26.45
C ARG C 168 39.74 -4.05 -26.39
N ARG C 169 40.69 -3.77 -25.48
CA ARG C 169 41.84 -4.66 -25.32
C ARG C 169 41.44 -5.98 -24.65
N ILE C 170 40.58 -5.91 -23.64
CA ILE C 170 40.07 -7.11 -22.97
C ILE C 170 39.19 -7.93 -23.93
N ALA C 171 38.42 -7.24 -24.78
CA ALA C 171 37.59 -7.93 -25.76
C ALA C 171 38.42 -8.60 -26.84
N THR C 172 39.52 -7.96 -27.28
CA THR C 172 40.42 -8.58 -28.24
C THR C 172 41.16 -9.78 -27.64
N VAL C 173 41.54 -9.68 -26.35
CA VAL C 173 42.17 -10.79 -25.64
C VAL C 173 41.21 -11.98 -25.51
N LEU C 174 39.94 -11.71 -25.18
CA LEU C 174 38.96 -12.78 -25.05
C LEU C 174 38.57 -13.38 -26.40
N GLN C 175 38.56 -12.57 -27.47
CA GLN C 175 38.34 -13.10 -28.81
C GLN C 175 39.48 -14.00 -29.26
N HIS C 176 40.72 -13.63 -28.93
CA HIS C 176 41.85 -14.49 -29.27
C HIS C 176 41.89 -15.75 -28.40
N GLU C 177 41.39 -15.67 -27.16
CA GLU C 177 41.26 -16.86 -26.33
C GLU C 177 40.18 -17.80 -26.87
N GLU C 178 39.08 -17.24 -27.39
CA GLU C 178 38.04 -18.04 -28.03
C GLU C 178 38.56 -18.68 -29.32
N ARG C 179 39.40 -17.97 -30.06
CA ARG C 179 40.05 -18.55 -31.25
C ARG C 179 41.04 -19.65 -30.86
N ARG C 180 41.72 -19.49 -29.72
CA ARG C 180 42.75 -20.45 -29.35
C ARG C 180 42.16 -21.72 -28.74
N CYS C 181 41.48 -21.59 -27.60
CA CYS C 181 41.12 -22.78 -26.82
C CYS C 181 39.67 -22.78 -26.34
N GLN C 182 38.81 -21.96 -26.98
CA GLN C 182 37.37 -21.82 -26.66
C GLN C 182 37.13 -21.47 -25.20
N TYR C 183 37.87 -20.45 -24.74
CA TYR C 183 37.85 -20.07 -23.32
C TYR C 183 36.53 -19.42 -22.93
N LEU C 184 36.01 -18.53 -23.78
CA LEU C 184 34.85 -17.73 -23.44
C LEU C 184 33.57 -18.56 -23.43
N THR C 185 33.43 -19.47 -24.39
CA THR C 185 32.24 -20.34 -24.44
C THR C 185 32.22 -21.33 -23.29
N ARG C 186 33.40 -21.87 -22.93
CA ARG C 186 33.50 -22.80 -21.80
C ARG C 186 33.23 -22.10 -20.47
N GLU C 187 33.75 -20.88 -20.29
CA GLU C 187 33.47 -20.16 -19.06
C GLU C 187 32.04 -19.65 -19.01
N ALA C 188 31.42 -19.36 -20.17
CA ALA C 188 30.02 -18.98 -20.19
C ALA C 188 29.12 -20.17 -19.86
N LYS C 189 29.49 -21.37 -20.32
CA LYS C 189 28.75 -22.57 -19.95
C LYS C 189 28.92 -22.90 -18.47
N LEU C 190 30.11 -22.61 -17.92
CA LEU C 190 30.33 -22.78 -16.48
C LEU C 190 29.53 -21.75 -15.68
N ILE C 191 29.34 -20.56 -16.23
CA ILE C 191 28.53 -19.54 -15.56
C ILE C 191 27.05 -19.93 -15.60
N LEU C 192 26.58 -20.38 -16.77
CA LEU C 192 25.17 -20.75 -16.92
C LEU C 192 24.84 -22.07 -16.22
N ALA C 193 25.84 -22.90 -15.93
CA ALA C 193 25.60 -24.09 -15.12
C ALA C 193 25.32 -23.71 -13.66
N LEU C 194 25.90 -22.62 -13.19
CA LEU C 194 25.68 -22.16 -11.81
C LEU C 194 24.29 -21.54 -11.66
N HIS C 213 30.81 -14.36 -4.87
CA HIS C 213 31.29 -15.02 -3.66
C HIS C 213 32.08 -16.28 -4.02
N HIS C 214 31.37 -17.38 -4.17
CA HIS C 214 31.96 -18.64 -4.59
C HIS C 214 32.27 -18.69 -6.08
N ILE C 215 31.72 -17.75 -6.86
CA ILE C 215 31.94 -17.73 -8.30
C ILE C 215 33.37 -17.30 -8.63
N LEU C 216 33.97 -16.45 -7.77
CA LEU C 216 35.31 -15.93 -8.03
C LEU C 216 36.44 -16.98 -8.02
N PRO C 217 36.52 -17.95 -7.09
CA PRO C 217 37.56 -18.99 -7.29
C PRO C 217 37.21 -19.99 -8.38
N LYS C 218 35.92 -20.22 -8.65
CA LYS C 218 35.54 -21.20 -9.66
C LYS C 218 35.75 -20.69 -11.08
N CYS C 219 35.74 -19.38 -11.29
CA CYS C 219 35.81 -18.79 -12.61
C CYS C 219 37.06 -17.93 -12.73
N LYS C 220 37.87 -18.18 -13.76
CA LYS C 220 39.05 -17.37 -14.02
C LYS C 220 38.69 -16.02 -14.63
N LEU C 221 37.61 -15.98 -15.43
CA LEU C 221 37.16 -14.73 -16.04
C LEU C 221 36.67 -13.74 -15.00
N ALA C 222 36.00 -14.26 -13.96
CA ALA C 222 35.60 -13.43 -12.82
C ALA C 222 36.81 -12.90 -12.08
N ARG C 223 37.87 -13.71 -11.97
CA ARG C 223 39.10 -13.28 -11.33
C ARG C 223 39.80 -12.18 -12.10
N ASP C 224 39.90 -12.29 -13.43
CA ASP C 224 40.60 -11.24 -14.16
C ASP C 224 39.74 -9.98 -14.32
N LEU C 225 38.41 -10.10 -14.35
CA LEU C 225 37.58 -8.90 -14.34
C LEU C 225 37.62 -8.21 -12.97
N LYS C 226 37.71 -8.99 -11.89
CA LYS C 226 37.92 -8.42 -10.55
C LYS C 226 39.28 -7.74 -10.45
N GLU C 227 40.31 -8.33 -11.07
CA GLU C 227 41.64 -7.72 -11.09
C GLU C 227 41.66 -6.44 -11.90
N ALA C 228 40.90 -6.40 -13.01
CA ALA C 228 40.78 -5.17 -13.79
C ALA C 228 40.06 -4.08 -13.03
N TYR C 229 38.99 -4.44 -12.30
CA TYR C 229 38.26 -3.47 -11.46
C TYR C 229 39.12 -2.95 -10.32
N ASP C 230 39.92 -3.83 -9.70
CA ASP C 230 40.80 -3.41 -8.62
C ASP C 230 41.97 -2.58 -9.12
N SER C 231 42.45 -2.84 -10.34
CA SER C 231 43.48 -2.00 -10.93
C SER C 231 42.94 -0.65 -11.33
N LEU C 232 41.66 -0.58 -11.72
CA LEU C 232 41.06 0.71 -12.05
C LEU C 232 40.77 1.53 -10.81
N CYS C 233 40.31 0.88 -9.73
CA CYS C 233 39.86 1.61 -8.56
C CYS C 233 41.00 2.13 -7.69
N THR C 234 42.24 1.69 -7.91
CA THR C 234 43.37 2.11 -7.09
C THR C 234 44.49 2.63 -8.00
N SER C 235 45.27 3.55 -7.46
CA SER C 235 46.40 4.13 -8.17
C SER C 235 47.70 3.39 -7.90
N GLY C 236 47.69 2.37 -7.05
CA GLY C 236 48.88 1.60 -6.75
C GLY C 236 49.15 0.52 -7.79
N VAL C 237 50.11 -0.33 -7.47
CA VAL C 237 50.53 -1.41 -8.35
C VAL C 237 49.66 -2.64 -8.06
N VAL C 238 48.75 -2.95 -8.97
CA VAL C 238 47.91 -4.14 -8.89
C VAL C 238 48.27 -5.04 -10.07
N ARG C 239 48.56 -6.30 -9.80
CA ARG C 239 48.94 -7.23 -10.85
C ARG C 239 47.72 -7.66 -11.66
N LEU C 240 47.84 -7.55 -12.98
CA LEU C 240 46.77 -7.92 -13.90
C LEU C 240 47.06 -9.32 -14.41
N HIS C 241 46.41 -10.31 -13.80
CA HIS C 241 46.57 -11.71 -14.21
C HIS C 241 45.50 -12.10 -15.23
N ILE C 242 45.44 -11.35 -16.33
CA ILE C 242 44.46 -11.67 -17.36
C ILE C 242 45.12 -12.54 -18.41
N ASN C 243 46.01 -11.93 -19.20
CA ASN C 243 46.74 -12.47 -20.35
C ASN C 243 47.71 -11.39 -20.83
N SER C 244 48.84 -11.83 -21.38
CA SER C 244 49.71 -10.88 -22.08
C SER C 244 49.24 -10.68 -23.51
N TRP C 245 49.36 -11.74 -24.34
CA TRP C 245 48.84 -11.91 -25.70
C TRP C 245 49.00 -10.74 -26.66
N LEU C 246 50.09 -9.98 -26.52
CA LEU C 246 50.39 -8.74 -27.26
C LEU C 246 49.25 -7.71 -27.25
N LYS C 274 54.73 6.21 -26.59
CA LYS C 274 54.88 7.07 -27.75
C LYS C 274 56.06 8.03 -27.58
N ALA C 275 56.20 8.58 -26.37
CA ALA C 275 57.28 9.49 -26.04
C ALA C 275 58.43 8.78 -25.33
N ILE C 276 58.67 7.51 -25.66
CA ILE C 276 59.72 6.74 -25.01
C ILE C 276 61.07 7.17 -25.57
N ARG C 277 62.01 7.50 -24.69
CA ARG C 277 63.34 7.97 -25.04
C ARG C 277 64.35 6.85 -24.92
N PRO C 278 65.43 6.88 -25.72
CA PRO C 278 66.45 5.82 -25.62
C PRO C 278 67.26 5.84 -24.33
N TYR C 279 67.33 6.96 -23.63
CA TYR C 279 68.10 7.01 -22.38
C TYR C 279 67.31 6.48 -21.18
N HIS C 280 66.03 6.19 -21.34
CA HIS C 280 65.23 5.66 -20.26
C HIS C 280 65.56 4.20 -20.01
N ALA C 281 65.12 3.69 -18.86
CA ALA C 281 65.35 2.31 -18.48
C ALA C 281 64.03 1.65 -18.13
N LEU C 282 63.95 0.34 -18.40
CA LEU C 282 62.76 -0.44 -18.14
C LEU C 282 62.96 -1.20 -16.82
N LEU C 283 62.16 -0.85 -15.82
CA LEU C 283 62.23 -1.50 -14.50
C LEU C 283 60.97 -2.30 -14.29
N LEU C 284 61.15 -3.59 -13.98
CA LEU C 284 60.01 -4.47 -13.74
C LEU C 284 59.37 -4.15 -12.40
N LEU C 285 58.04 -4.21 -12.35
CA LEU C 285 57.30 -3.95 -11.13
C LEU C 285 57.18 -5.17 -10.22
N SER C 286 57.64 -6.34 -10.67
CA SER C 286 57.60 -7.56 -9.88
C SER C 286 58.87 -8.35 -10.14
N ASP C 287 58.88 -9.60 -9.69
CA ASP C 287 60.01 -10.47 -9.92
C ASP C 287 60.07 -10.91 -11.38
N GLU C 288 61.29 -11.12 -11.88
CA GLU C 288 61.48 -11.61 -13.23
C GLU C 288 61.04 -13.06 -13.37
N LYS C 289 61.26 -13.85 -12.31
CA LYS C 289 60.85 -15.26 -12.30
C LYS C 289 59.33 -15.39 -12.31
N SER C 290 58.64 -14.49 -11.62
CA SER C 290 57.17 -14.48 -11.66
C SER C 290 56.64 -14.06 -13.03
N LEU C 291 57.34 -13.15 -13.72
CA LEU C 291 56.91 -12.75 -15.06
C LEU C 291 57.16 -13.86 -16.08
N LEU C 292 58.25 -14.62 -15.93
CA LEU C 292 58.43 -15.79 -16.79
C LEU C 292 57.47 -16.91 -16.43
N GLY C 293 57.04 -16.99 -15.15
CA GLY C 293 56.02 -17.96 -14.80
C GLY C 293 54.66 -17.63 -15.37
N GLU C 294 54.31 -16.34 -15.41
CA GLU C 294 53.00 -15.94 -15.93
C GLU C 294 52.92 -15.99 -17.44
N LEU C 295 54.05 -15.95 -18.14
CA LEU C 295 54.04 -15.98 -19.59
C LEU C 295 53.76 -17.39 -20.12
N PRO C 296 53.01 -17.51 -21.22
CA PRO C 296 52.59 -18.84 -21.69
C PRO C 296 53.66 -19.57 -22.49
N ILE C 297 53.27 -20.73 -23.04
CA ILE C 297 54.17 -21.50 -23.89
C ILE C 297 54.39 -20.82 -25.23
N ASP C 298 53.32 -20.25 -25.80
CA ASP C 298 53.37 -19.65 -27.12
C ASP C 298 53.71 -18.16 -27.10
N CYS C 299 54.44 -17.71 -26.08
CA CYS C 299 54.88 -16.32 -26.03
C CYS C 299 55.99 -16.06 -27.04
N SER C 300 56.14 -14.79 -27.41
CA SER C 300 57.14 -14.40 -28.39
C SER C 300 58.54 -14.47 -27.78
N PRO C 301 59.56 -14.78 -28.58
CA PRO C 301 60.95 -14.74 -28.06
C PRO C 301 61.42 -13.34 -27.71
N ALA C 302 60.88 -12.31 -28.38
CA ALA C 302 61.27 -10.94 -28.12
C ALA C 302 60.86 -10.48 -26.73
N LEU C 303 59.66 -10.87 -26.29
CA LEU C 303 59.15 -10.45 -24.98
C LEU C 303 59.93 -11.10 -23.83
N VAL C 304 60.22 -12.42 -23.95
CA VAL C 304 60.99 -13.09 -22.90
C VAL C 304 62.45 -12.63 -22.94
N ARG C 305 62.96 -12.25 -24.12
CA ARG C 305 64.31 -11.68 -24.18
C ARG C 305 64.39 -10.30 -23.53
N VAL C 306 63.35 -9.48 -23.72
CA VAL C 306 63.28 -8.16 -23.08
C VAL C 306 63.17 -8.30 -21.56
N ILE C 307 62.33 -9.22 -21.08
CA ILE C 307 62.15 -9.39 -19.64
C ILE C 307 63.38 -10.01 -19.00
N LYS C 308 63.99 -11.01 -19.65
CA LYS C 308 65.18 -11.66 -19.09
C LYS C 308 66.43 -10.80 -19.20
N THR C 309 66.47 -9.84 -20.11
CA THR C 309 67.68 -9.05 -20.34
C THR C 309 67.73 -7.77 -19.52
N THR C 310 66.57 -7.13 -19.25
CA THR C 310 66.54 -5.77 -18.73
C THR C 310 66.96 -5.69 -17.26
N SER C 311 67.26 -4.47 -16.85
CA SER C 311 67.72 -4.19 -15.49
C SER C 311 67.40 -2.73 -15.18
N ALA C 312 67.56 -2.36 -13.92
CA ALA C 312 67.30 -0.98 -13.50
C ALA C 312 68.40 -0.04 -13.97
N VAL C 313 69.64 -0.52 -14.05
CA VAL C 313 70.76 0.32 -14.46
C VAL C 313 70.90 0.36 -15.98
N LYS C 314 70.65 -0.76 -16.65
CA LYS C 314 70.79 -0.84 -18.10
C LYS C 314 69.63 -0.11 -18.78
N ASN C 315 69.95 0.82 -19.66
CA ASN C 315 68.95 1.61 -20.35
C ASN C 315 68.39 0.85 -21.55
N LEU C 316 67.48 1.50 -22.28
CA LEU C 316 66.74 0.83 -23.35
C LEU C 316 67.58 0.64 -24.61
N GLN C 317 68.58 1.50 -24.83
CA GLN C 317 69.49 1.30 -25.96
C GLN C 317 70.38 0.09 -25.74
N GLN C 318 70.90 -0.07 -24.52
CA GLN C 318 71.67 -1.26 -24.19
C GLN C 318 70.77 -2.49 -24.08
N LEU C 319 69.50 -2.30 -23.74
CA LEU C 319 68.53 -3.39 -23.79
C LEU C 319 68.27 -3.84 -25.23
N ALA C 320 68.26 -2.90 -26.17
CA ALA C 320 68.03 -3.26 -27.56
C ALA C 320 69.26 -3.91 -28.17
N GLN C 321 70.45 -3.40 -27.87
CA GLN C 321 71.66 -3.98 -28.45
C GLN C 321 72.17 -5.20 -27.70
N ASP C 322 71.63 -5.49 -26.50
CA ASP C 322 72.03 -6.66 -25.75
C ASP C 322 71.08 -7.83 -25.89
N ALA C 323 69.80 -7.58 -26.17
CA ALA C 323 68.83 -8.63 -26.41
C ALA C 323 68.55 -8.85 -27.89
N ASP C 324 69.46 -8.37 -28.76
CA ASP C 324 69.49 -8.45 -30.24
C ASP C 324 68.14 -8.19 -30.90
N LEU C 325 67.50 -7.09 -30.48
CA LEU C 325 66.23 -6.67 -31.04
C LEU C 325 66.34 -5.23 -31.54
N ALA C 326 65.40 -4.87 -32.42
CA ALA C 326 65.32 -3.50 -32.90
C ALA C 326 64.78 -2.58 -31.81
N LEU C 327 65.09 -1.29 -31.95
CA LEU C 327 64.71 -0.31 -30.93
C LEU C 327 63.20 -0.04 -30.91
N LEU C 328 62.55 -0.07 -32.08
CA LEU C 328 61.12 0.18 -32.13
C LEU C 328 60.34 -1.00 -31.56
N GLN C 329 60.84 -2.23 -31.75
CA GLN C 329 60.21 -3.40 -31.15
C GLN C 329 60.37 -3.40 -29.63
N VAL C 330 61.54 -2.94 -29.15
CA VAL C 330 61.77 -2.79 -27.71
C VAL C 330 60.86 -1.72 -27.12
N PHE C 331 60.64 -0.63 -27.87
CA PHE C 331 59.73 0.43 -27.44
C PHE C 331 58.28 -0.05 -27.40
N GLN C 332 57.87 -0.86 -28.39
CA GLN C 332 56.52 -1.41 -28.41
C GLN C 332 56.29 -2.40 -27.29
N LEU C 333 57.29 -3.25 -27.01
CA LEU C 333 57.18 -4.20 -25.91
C LEU C 333 57.20 -3.49 -24.55
N ALA C 334 57.94 -2.38 -24.45
CA ALA C 334 57.94 -1.58 -23.23
C ALA C 334 56.60 -0.89 -23.02
N ALA C 335 55.98 -0.39 -24.10
CA ALA C 335 54.65 0.21 -24.01
C ALA C 335 53.59 -0.81 -23.63
N HIS C 336 53.69 -2.03 -24.18
CA HIS C 336 52.79 -3.11 -23.81
C HIS C 336 53.00 -3.55 -22.37
N LEU C 337 54.24 -3.52 -21.88
CA LEU C 337 54.51 -3.88 -20.49
C LEU C 337 53.99 -2.81 -19.52
N VAL C 338 54.18 -1.52 -19.85
CA VAL C 338 53.71 -0.47 -18.94
C VAL C 338 52.21 -0.21 -19.07
N TYR C 339 51.54 -0.73 -20.11
CA TYR C 339 50.10 -0.59 -20.16
C TYR C 339 49.42 -1.54 -19.17
N TRP C 340 49.91 -2.77 -19.06
CA TRP C 340 49.26 -3.78 -18.25
C TRP C 340 49.76 -3.83 -16.81
N GLY C 341 50.62 -2.89 -16.43
CA GLY C 341 51.08 -2.83 -15.05
C GLY C 341 52.14 -3.85 -14.68
N LYS C 342 53.01 -4.22 -15.61
CA LYS C 342 54.09 -5.16 -15.34
C LYS C 342 55.45 -4.50 -15.32
N ALA C 343 55.57 -3.26 -15.77
CA ALA C 343 56.85 -2.55 -15.80
C ALA C 343 56.56 -1.06 -15.77
N ILE C 344 57.62 -0.28 -15.52
CA ILE C 344 57.55 1.18 -15.54
C ILE C 344 58.77 1.71 -16.31
N ILE C 345 58.62 2.92 -16.83
CA ILE C 345 59.68 3.61 -17.54
C ILE C 345 60.22 4.69 -16.61
N ILE C 346 61.48 4.53 -16.20
CA ILE C 346 62.16 5.47 -15.32
C ILE C 346 63.54 5.76 -15.89
N TYR C 347 64.14 6.83 -15.37
CA TYR C 347 65.56 7.06 -15.61
C TYR C 347 66.38 6.00 -14.86
N PRO C 348 67.48 5.51 -15.45
CA PRO C 348 68.28 4.48 -14.78
C PRO C 348 69.00 4.99 -13.53
N LEU C 349 69.35 4.03 -12.67
CA LEU C 349 69.97 4.35 -11.40
C LEU C 349 71.43 4.78 -11.60
N CYS C 350 71.78 5.92 -11.03
CA CYS C 350 73.14 6.44 -11.11
C CYS C 350 73.40 7.30 -9.89
N GLU C 351 74.69 7.48 -9.58
CA GLU C 351 75.09 8.26 -8.42
C GLU C 351 74.94 9.77 -8.63
N ASN C 352 74.79 10.22 -9.87
CA ASN C 352 74.55 11.63 -10.17
C ASN C 352 73.07 11.96 -10.26
N ASN C 353 72.20 11.01 -9.96
CA ASN C 353 70.75 11.21 -10.04
C ASN C 353 70.26 11.77 -8.70
N VAL C 354 69.84 13.02 -8.71
CA VAL C 354 69.33 13.67 -7.50
C VAL C 354 67.86 13.31 -7.34
N TYR C 355 67.53 12.65 -6.24
CA TYR C 355 66.18 12.20 -5.98
C TYR C 355 65.45 13.18 -5.08
N MET C 356 64.14 12.99 -4.95
CA MET C 356 63.27 13.92 -4.26
C MET C 356 62.04 13.16 -3.78
N LEU C 357 61.51 13.57 -2.63
CA LEU C 357 60.29 12.97 -2.12
C LEU C 357 59.10 13.41 -2.97
N SER C 358 58.29 12.45 -3.39
CA SER C 358 57.15 12.76 -4.25
C SER C 358 56.03 13.40 -3.43
N PRO C 359 55.27 14.33 -4.02
CA PRO C 359 54.12 14.91 -3.30
C PRO C 359 52.97 13.92 -3.11
N ASN C 360 52.89 12.88 -3.92
CA ASN C 360 51.84 11.88 -3.79
C ASN C 360 52.22 10.72 -2.88
N ALA C 361 53.41 10.76 -2.28
CA ALA C 361 53.82 9.73 -1.34
C ALA C 361 53.07 9.86 -0.02
N SER C 362 52.99 8.76 0.71
CA SER C 362 52.33 8.72 2.01
C SER C 362 53.35 8.32 3.06
N VAL C 363 53.54 9.17 4.06
CA VAL C 363 54.47 8.91 5.14
C VAL C 363 53.73 8.46 6.41
N CYS C 364 52.51 7.94 6.26
CA CYS C 364 51.74 7.47 7.41
C CYS C 364 52.25 6.10 7.85
N LEU C 365 52.30 5.89 9.17
CA LEU C 365 52.75 4.61 9.70
C LEU C 365 51.70 3.52 9.57
N TYR C 366 50.43 3.88 9.41
CA TYR C 366 49.35 2.92 9.27
C TYR C 366 49.01 2.62 7.81
N SER C 367 49.79 3.15 6.88
CA SER C 367 49.57 2.88 5.47
C SER C 367 49.97 1.44 5.13
N PRO C 368 49.27 0.81 4.17
CA PRO C 368 49.68 -0.55 3.75
C PRO C 368 51.02 -0.60 3.04
N LEU C 369 51.46 0.50 2.43
CA LEU C 369 52.80 0.55 1.85
C LEU C 369 53.87 0.53 2.93
N ALA C 370 53.59 1.13 4.08
CA ALA C 370 54.48 1.04 5.23
C ALA C 370 54.54 -0.38 5.78
N GLU C 371 53.40 -1.09 5.76
CA GLU C 371 53.37 -2.48 6.18
C GLU C 371 54.15 -3.38 5.21
N GLN C 372 54.06 -3.10 3.91
CA GLN C 372 54.84 -3.86 2.94
C GLN C 372 56.32 -3.56 3.03
N PHE C 373 56.68 -2.31 3.35
CA PHE C 373 58.08 -1.95 3.55
C PHE C 373 58.63 -2.58 4.83
N SER C 374 57.81 -2.70 5.87
CA SER C 374 58.25 -3.39 7.08
C SER C 374 58.32 -4.89 6.89
N HIS C 375 57.48 -5.45 6.01
CA HIS C 375 57.53 -6.87 5.73
C HIS C 375 58.72 -7.24 4.87
N GLN C 376 59.04 -6.42 3.86
CA GLN C 376 60.15 -6.75 2.98
C GLN C 376 61.49 -6.26 3.52
N PHE C 377 61.48 -5.17 4.28
CA PHE C 377 62.70 -4.61 4.89
C PHE C 377 62.43 -4.41 6.38
N PRO C 378 62.66 -5.44 7.21
CA PRO C 378 62.40 -5.29 8.65
C PRO C 378 63.45 -4.48 9.39
N SER C 379 64.59 -4.16 8.75
CA SER C 379 65.64 -3.40 9.41
C SER C 379 65.29 -1.92 9.53
N HIS C 380 64.47 -1.40 8.62
CA HIS C 380 64.15 0.03 8.59
C HIS C 380 62.64 0.21 8.54
N ASP C 381 62.22 1.47 8.63
CA ASP C 381 60.81 1.86 8.53
C ASP C 381 60.65 2.90 7.44
N LEU C 382 59.49 2.85 6.77
CA LEU C 382 59.23 3.71 5.62
C LEU C 382 59.21 5.23 5.88
N PRO C 383 58.58 5.78 6.94
CA PRO C 383 58.67 7.24 7.14
C PRO C 383 60.06 7.77 7.44
N SER C 384 60.94 6.96 8.05
CA SER C 384 62.31 7.40 8.33
C SER C 384 63.12 7.51 7.04
N VAL C 385 63.04 6.49 6.17
CA VAL C 385 63.76 6.51 4.90
C VAL C 385 63.17 7.55 3.95
N LEU C 386 61.85 7.75 3.98
CA LEU C 386 61.26 8.81 3.18
C LEU C 386 61.60 10.19 3.74
N ALA C 387 61.87 10.29 5.04
CA ALA C 387 62.39 11.53 5.61
C ALA C 387 63.85 11.75 5.28
N LYS C 388 64.60 10.69 4.97
CA LYS C 388 65.95 10.88 4.44
C LYS C 388 65.96 11.46 3.02
N PHE C 389 64.87 11.28 2.27
CA PHE C 389 64.74 11.84 0.93
C PHE C 389 63.95 13.13 0.93
N SER C 390 63.85 13.81 2.08
CA SER C 390 63.11 15.06 2.19
C SER C 390 63.78 16.19 1.42
N LEU C 391 65.07 16.37 1.63
CA LEU C 391 65.88 17.30 0.86
C LEU C 391 66.38 16.62 -0.42
N PRO C 392 66.63 17.38 -1.48
CA PRO C 392 67.16 16.77 -2.72
C PRO C 392 68.61 16.35 -2.56
N VAL C 393 68.82 15.06 -2.40
CA VAL C 393 70.16 14.48 -2.27
C VAL C 393 70.31 13.38 -3.31
N SER C 394 71.54 13.13 -3.70
CA SER C 394 71.86 12.05 -4.64
C SER C 394 72.24 10.79 -3.87
N LEU C 395 72.50 9.72 -4.63
CA LEU C 395 72.89 8.46 -4.01
C LEU C 395 74.33 8.51 -3.51
N SER C 396 75.15 9.41 -4.06
CA SER C 396 76.53 9.56 -3.62
C SER C 396 76.59 10.26 -2.27
N GLU C 397 75.61 11.11 -1.97
CA GLU C 397 75.62 11.83 -0.69
C GLU C 397 75.19 10.93 0.46
N PHE C 398 74.51 9.82 0.16
CA PHE C 398 74.19 8.85 1.19
C PHE C 398 75.42 8.06 1.61
N ARG C 399 76.38 7.90 0.71
CA ARG C 399 77.54 7.04 0.97
C ARG C 399 78.52 7.74 1.90
N ASN C 400 78.56 7.27 3.15
CA ASN C 400 79.44 7.75 4.20
C ASN C 400 80.60 6.78 4.35
N PRO C 401 81.77 7.25 4.80
CA PRO C 401 82.88 6.31 5.08
C PRO C 401 82.61 5.37 6.24
N LEU C 402 81.76 5.77 7.19
CA LEU C 402 81.38 4.87 8.27
C LEU C 402 80.38 3.81 7.82
N ALA C 403 79.54 4.15 6.84
CA ALA C 403 78.51 3.22 6.36
C ALA C 403 79.14 2.15 5.46
N PRO C 404 78.79 0.89 5.64
CA PRO C 404 79.34 -0.16 4.77
C PRO C 404 78.63 -0.22 3.43
N ALA C 405 79.19 -1.02 2.52
CA ALA C 405 78.63 -1.16 1.19
C ALA C 405 77.38 -2.03 1.17
N VAL C 406 77.20 -2.90 2.17
CA VAL C 406 76.00 -3.72 2.26
C VAL C 406 74.78 -2.86 2.58
N GLN C 407 74.97 -1.86 3.46
CA GLN C 407 73.93 -0.88 3.73
C GLN C 407 73.60 -0.05 2.49
N GLU C 408 74.62 0.27 1.68
CA GLU C 408 74.41 0.99 0.43
C GLU C 408 73.64 0.17 -0.59
N THR C 409 73.93 -1.14 -0.70
CA THR C 409 73.20 -1.97 -1.64
C THR C 409 71.77 -2.23 -1.17
N GLN C 410 71.57 -2.33 0.14
CA GLN C 410 70.22 -2.42 0.71
C GLN C 410 69.44 -1.14 0.46
N LEU C 411 70.12 0.02 0.52
CA LEU C 411 69.49 1.29 0.19
C LEU C 411 69.15 1.38 -1.29
N ILE C 412 70.00 0.83 -2.16
CA ILE C 412 69.71 0.78 -3.60
C ILE C 412 68.48 -0.09 -3.87
N GLN C 413 68.36 -1.23 -3.18
CA GLN C 413 67.17 -2.08 -3.30
C GLN C 413 65.92 -1.38 -2.77
N MET C 414 66.06 -0.60 -1.70
CA MET C 414 64.92 0.16 -1.18
C MET C 414 64.51 1.29 -2.11
N VAL C 415 65.48 1.93 -2.78
CA VAL C 415 65.21 2.97 -3.78
C VAL C 415 64.46 2.38 -4.97
N VAL C 416 64.88 1.17 -5.41
CA VAL C 416 64.18 0.46 -6.49
C VAL C 416 62.76 0.08 -6.07
N TRP C 417 62.60 -0.33 -4.79
CA TRP C 417 61.28 -0.70 -4.26
C TRP C 417 60.33 0.49 -4.20
N MET C 418 60.79 1.64 -3.73
CA MET C 418 59.87 2.79 -3.66
C MET C 418 59.81 3.58 -4.96
N LEU C 419 60.69 3.30 -5.92
CA LEU C 419 60.47 3.77 -7.29
C LEU C 419 59.43 2.90 -7.99
N GLN C 420 59.31 1.64 -7.59
CA GLN C 420 58.23 0.80 -8.10
C GLN C 420 56.86 1.25 -7.57
N ARG C 421 56.83 1.86 -6.39
CA ARG C 421 55.60 2.38 -5.81
C ARG C 421 55.39 3.85 -6.11
N ARG C 422 56.27 4.46 -6.93
CA ARG C 422 56.23 5.88 -7.33
C ARG C 422 56.28 6.82 -6.13
N LEU C 423 57.11 6.49 -5.14
CA LEU C 423 57.27 7.32 -3.95
C LEU C 423 58.41 8.32 -4.08
N LEU C 424 59.15 8.30 -5.18
CA LEU C 424 60.26 9.22 -5.39
C LEU C 424 60.17 9.82 -6.79
N ILE C 425 60.70 11.04 -6.92
CA ILE C 425 60.78 11.73 -8.19
C ILE C 425 62.22 12.20 -8.38
N GLN C 426 62.68 12.20 -9.64
CA GLN C 426 64.03 12.59 -9.97
C GLN C 426 64.05 14.02 -10.49
N LEU C 427 64.90 14.85 -9.90
CA LEU C 427 65.02 16.25 -10.29
C LEU C 427 66.07 16.39 -11.39
N HIS C 428 65.66 16.92 -12.53
CA HIS C 428 66.55 17.13 -13.67
C HIS C 428 66.76 18.62 -13.88
N THR C 429 67.96 18.97 -14.35
CA THR C 429 68.32 20.37 -14.59
C THR C 429 67.84 20.79 -15.97
N TYR C 430 66.99 21.80 -16.02
CA TYR C 430 66.45 22.33 -17.26
C TYR C 430 66.93 23.75 -17.47
N VAL C 431 67.30 24.08 -18.71
CA VAL C 431 67.87 25.37 -19.05
C VAL C 431 67.01 26.02 -20.13
N CYS C 432 66.54 27.24 -19.87
CA CYS C 432 65.79 28.03 -20.82
C CYS C 432 66.66 29.15 -21.38
N LEU C 433 66.17 29.78 -22.44
CA LEU C 433 66.88 30.86 -23.12
C LEU C 433 66.15 32.17 -22.93
N MET C 434 66.90 33.23 -22.60
CA MET C 434 66.34 34.55 -22.40
C MET C 434 67.32 35.58 -22.96
N ALA C 435 67.10 36.84 -22.65
CA ALA C 435 67.97 37.92 -23.11
C ALA C 435 68.61 38.66 -21.94
N GLN C 501 81.67 26.75 -38.94
CA GLN C 501 82.01 28.13 -39.29
C GLN C 501 80.80 28.84 -39.89
N ARG C 502 80.42 28.44 -41.10
CA ARG C 502 79.24 29.03 -41.73
C ARG C 502 77.96 28.51 -41.10
N MET C 503 77.95 27.23 -40.68
CA MET C 503 76.78 26.68 -40.00
C MET C 503 76.60 27.25 -38.60
N THR C 504 77.71 27.61 -37.93
CA THR C 504 77.64 28.26 -36.64
C THR C 504 77.04 29.65 -36.75
N GLU C 505 77.44 30.41 -37.78
CA GLU C 505 76.88 31.73 -38.01
C GLU C 505 75.43 31.66 -38.46
N ASN C 506 75.08 30.61 -39.23
CA ASN C 506 73.69 30.41 -39.65
C ASN C 506 72.79 30.06 -38.45
N LEU C 507 73.29 29.22 -37.54
CA LEU C 507 72.53 28.89 -36.35
C LEU C 507 72.44 30.07 -35.39
N LEU C 508 73.48 30.90 -35.33
CA LEU C 508 73.44 32.08 -34.47
C LEU C 508 72.52 33.16 -35.03
N ALA C 509 72.45 33.28 -36.36
CA ALA C 509 71.55 34.24 -37.00
C ALA C 509 70.18 33.67 -37.29
N SER C 510 69.93 32.41 -36.93
CA SER C 510 68.59 31.84 -37.06
C SER C 510 67.60 32.46 -36.08
N LEU C 511 68.09 32.88 -34.91
CA LEU C 511 67.26 33.55 -33.92
C LEU C 511 67.33 35.07 -34.12
N SER C 512 66.65 35.81 -33.24
CA SER C 512 66.45 37.24 -33.42
C SER C 512 67.72 38.03 -33.14
N GLU C 513 67.79 39.22 -33.73
CA GLU C 513 69.01 40.03 -33.65
C GLU C 513 69.17 40.70 -32.29
N HIS C 514 68.10 40.84 -31.51
CA HIS C 514 68.22 41.40 -30.17
C HIS C 514 68.92 40.41 -29.23
N GLU C 515 68.51 39.14 -29.29
CA GLU C 515 69.20 38.11 -28.52
C GLU C 515 70.58 37.81 -29.09
N ARG C 516 70.77 38.01 -30.40
CA ARG C 516 72.10 37.91 -31.01
C ARG C 516 73.03 38.99 -30.49
N ALA C 517 72.52 40.22 -30.34
CA ALA C 517 73.33 41.30 -29.76
C ALA C 517 73.55 41.10 -28.26
N ALA C 518 72.60 40.45 -27.57
CA ALA C 518 72.80 40.11 -26.16
C ALA C 518 73.85 39.01 -26.00
N ILE C 519 73.93 38.09 -26.97
CA ILE C 519 74.99 37.08 -26.98
C ILE C 519 76.33 37.73 -27.28
N LEU C 520 76.36 38.67 -28.23
CA LEU C 520 77.58 39.40 -28.57
C LEU C 520 78.06 40.30 -27.44
N SER C 521 77.13 40.77 -26.59
CA SER C 521 77.52 41.55 -25.42
C SER C 521 78.24 40.73 -24.37
N VAL C 522 78.05 39.41 -24.35
CA VAL C 522 78.79 38.51 -23.48
C VAL C 522 80.21 38.37 -24.05
N PRO C 523 81.25 38.67 -23.27
CA PRO C 523 82.63 38.50 -23.80
C PRO C 523 83.05 37.06 -23.97
N ALA C 524 82.39 36.11 -23.28
CA ALA C 524 82.72 34.69 -23.37
C ALA C 524 82.35 34.06 -24.71
N ALA C 525 81.59 34.76 -25.55
CA ALA C 525 81.36 34.36 -26.93
C ALA C 525 82.51 34.75 -27.85
N GLN C 526 83.57 35.38 -27.34
CA GLN C 526 84.74 35.65 -28.16
C GLN C 526 85.57 34.40 -28.43
N ASN C 527 85.38 33.34 -27.65
CA ASN C 527 86.05 32.08 -27.92
C ASN C 527 85.44 31.40 -29.14
N PRO C 528 86.24 30.69 -29.95
CA PRO C 528 85.66 30.01 -31.12
C PRO C 528 84.86 28.77 -30.77
N GLU C 529 85.25 28.02 -29.75
CA GLU C 529 84.55 26.79 -29.41
C GLU C 529 83.24 27.05 -28.69
N ASP C 530 83.16 28.14 -27.92
CA ASP C 530 81.96 28.43 -27.13
C ASP C 530 80.78 28.83 -28.00
N LEU C 531 81.06 29.52 -29.12
CA LEU C 531 79.99 29.87 -30.06
C LEU C 531 79.39 28.63 -30.72
N ARG C 532 80.25 27.66 -31.10
CA ARG C 532 79.76 26.43 -31.68
C ARG C 532 79.02 25.56 -30.66
N MET C 533 79.49 25.58 -29.41
CA MET C 533 78.82 24.85 -28.34
C MET C 533 77.46 25.45 -28.00
N PHE C 534 77.35 26.78 -28.08
CA PHE C 534 76.06 27.41 -27.84
C PHE C 534 75.12 27.24 -29.02
N ALA C 535 75.62 27.36 -30.25
CA ALA C 535 74.77 27.26 -31.44
C ALA C 535 74.37 25.82 -31.76
N ARG C 536 75.12 24.83 -31.28
CA ARG C 536 74.75 23.44 -31.54
C ARG C 536 73.58 23.01 -30.67
N LEU C 537 73.39 23.64 -29.51
CA LEU C 537 72.39 23.24 -28.54
C LEU C 537 71.25 24.26 -28.42
N LEU C 538 70.96 24.98 -29.50
CA LEU C 538 69.94 26.02 -29.44
C LEU C 538 68.53 25.44 -29.42
N HIS C 539 68.32 24.29 -30.06
CA HIS C 539 67.02 23.64 -29.96
C HIS C 539 66.82 22.98 -28.61
N TYR C 540 67.91 22.55 -27.96
CA TYR C 540 67.83 21.95 -26.65
C TYR C 540 67.69 22.99 -25.53
N PHE C 541 67.98 24.25 -25.81
CA PHE C 541 67.96 25.30 -24.78
C PHE C 541 66.62 26.03 -24.78
N ARG C 542 65.54 25.26 -24.61
CA ARG C 542 64.21 25.81 -24.52
C ARG C 542 63.47 25.38 -23.26
N GLY C 543 64.11 24.64 -22.37
CA GLY C 543 63.46 24.20 -21.14
C GLY C 543 62.61 22.97 -21.28
N ARG C 544 62.61 22.31 -22.44
CA ARG C 544 61.90 21.06 -22.61
C ARG C 544 62.81 19.84 -22.58
N HIS C 545 64.11 20.03 -22.82
CA HIS C 545 65.09 18.96 -22.78
C HIS C 545 66.06 19.22 -21.63
N HIS C 546 66.23 18.23 -20.76
CA HIS C 546 67.08 18.40 -19.59
C HIS C 546 68.54 18.14 -19.95
N LEU C 547 69.40 18.17 -18.94
CA LEU C 547 70.85 18.06 -19.16
C LEU C 547 71.26 16.63 -19.48
N GLU C 548 70.53 15.63 -18.99
CA GLU C 548 70.86 14.25 -19.27
C GLU C 548 70.59 13.90 -20.74
N GLU C 549 69.51 14.46 -21.30
CA GLU C 549 69.21 14.29 -22.72
C GLU C 549 70.27 14.96 -23.60
N ILE C 550 70.77 16.11 -23.17
CA ILE C 550 71.82 16.82 -23.91
C ILE C 550 73.13 16.03 -23.86
N MET C 551 73.50 15.55 -22.68
CA MET C 551 74.76 14.80 -22.57
C MET C 551 74.67 13.38 -23.12
N TYR C 552 73.47 12.85 -23.33
CA TYR C 552 73.33 11.55 -23.96
C TYR C 552 73.23 11.64 -25.48
N ASN C 553 72.48 12.62 -25.99
CA ASN C 553 72.28 12.73 -27.43
C ASN C 553 73.52 13.24 -28.15
N GLU C 554 74.25 14.16 -27.53
CA GLU C 554 75.44 14.73 -28.13
C GLU C 554 76.72 14.00 -27.73
N ASN C 555 76.60 13.00 -26.83
CA ASN C 555 77.71 12.18 -26.29
C ASN C 555 78.78 13.05 -25.64
N THR C 556 78.36 14.08 -24.92
CA THR C 556 79.25 15.03 -24.27
C THR C 556 79.25 14.82 -22.76
N ARG C 557 80.28 15.36 -22.12
CA ARG C 557 80.43 15.27 -20.67
C ARG C 557 79.60 16.35 -19.99
N ARG C 558 79.33 16.13 -18.69
CA ARG C 558 78.58 17.10 -17.91
C ARG C 558 79.41 18.35 -17.60
N SER C 559 80.74 18.18 -17.49
CA SER C 559 81.62 19.29 -17.13
C SER C 559 81.71 20.32 -18.26
N GLN C 560 81.67 19.86 -19.51
CA GLN C 560 81.67 20.77 -20.65
C GLN C 560 80.39 21.58 -20.71
N LEU C 561 79.26 20.96 -20.40
CA LEU C 561 77.98 21.67 -20.41
C LEU C 561 77.88 22.65 -19.23
N LEU C 562 78.45 22.27 -18.07
CA LEU C 562 78.49 23.19 -16.94
C LEU C 562 79.43 24.36 -17.20
N MET C 563 80.53 24.11 -17.92
CA MET C 563 81.42 25.18 -18.37
C MET C 563 80.71 26.11 -19.35
N LEU C 564 79.89 25.53 -20.24
CA LEU C 564 79.11 26.34 -21.18
C LEU C 564 78.06 27.18 -20.46
N PHE C 565 77.47 26.64 -19.39
CA PHE C 565 76.54 27.44 -18.59
C PHE C 565 77.27 28.52 -17.80
N ASP C 566 78.51 28.26 -17.39
CA ASP C 566 79.31 29.28 -16.73
C ASP C 566 79.74 30.39 -17.68
N LYS C 567 79.95 30.06 -18.96
CA LYS C 567 80.28 31.08 -19.95
C LYS C 567 79.09 31.98 -20.26
N PHE C 568 77.88 31.43 -20.22
CA PHE C 568 76.69 32.20 -20.59
C PHE C 568 75.73 32.30 -19.41
N ARG C 569 76.25 32.64 -18.23
CA ARG C 569 75.42 32.73 -17.03
C ARG C 569 74.51 33.95 -17.04
N SER C 570 74.80 34.96 -17.86
CA SER C 570 73.98 36.16 -17.93
C SER C 570 72.89 36.08 -18.99
N VAL C 571 72.78 34.95 -19.68
CA VAL C 571 71.78 34.79 -20.75
C VAL C 571 70.83 33.66 -20.38
N LEU C 572 71.39 32.49 -20.11
CA LEU C 572 70.58 31.30 -19.81
C LEU C 572 70.03 31.36 -18.39
N VAL C 573 68.88 30.72 -18.20
CA VAL C 573 68.24 30.57 -16.90
C VAL C 573 68.21 29.10 -16.56
N VAL C 574 68.73 28.74 -15.39
CA VAL C 574 68.92 27.35 -15.00
C VAL C 574 67.94 27.04 -13.87
N THR C 575 67.13 26.01 -14.07
CA THR C 575 66.18 25.55 -13.06
C THR C 575 66.25 24.03 -12.95
N THR C 576 65.77 23.52 -11.81
CA THR C 576 65.72 22.08 -11.54
C THR C 576 64.29 21.71 -11.17
N HIS C 577 63.71 20.77 -11.90
CA HIS C 577 62.40 20.23 -11.57
C HIS C 577 62.30 18.81 -12.11
N GLU C 578 61.20 18.15 -11.79
CA GLU C 578 61.00 16.77 -12.18
C GLU C 578 60.66 16.66 -13.67
N ASP C 579 60.78 15.45 -14.20
CA ASP C 579 60.51 15.20 -15.60
C ASP C 579 59.03 14.89 -15.80
N PRO C 580 58.30 15.65 -16.63
CA PRO C 580 56.88 15.34 -16.86
C PRO C 580 56.65 14.16 -17.79
N VAL C 581 57.69 13.65 -18.44
CA VAL C 581 57.55 12.51 -19.34
C VAL C 581 57.26 11.23 -18.56
N ILE C 582 57.84 11.12 -17.36
CA ILE C 582 57.76 9.89 -16.54
C ILE C 582 56.34 9.66 -16.02
N ALA C 583 55.59 10.73 -15.77
CA ALA C 583 54.22 10.59 -15.28
C ALA C 583 53.25 10.12 -16.36
N VAL C 584 53.62 10.22 -17.63
CA VAL C 584 52.76 9.75 -18.71
C VAL C 584 52.69 8.22 -18.73
N PHE C 585 53.84 7.56 -18.51
CA PHE C 585 53.91 6.10 -18.55
C PHE C 585 53.29 5.53 -17.28
N GLN C 586 52.06 5.04 -17.40
CA GLN C 586 51.33 4.50 -16.26
C GLN C 586 50.39 3.41 -16.77
N ALA C 587 49.98 2.54 -15.86
CA ALA C 587 49.08 1.43 -16.18
C ALA C 587 47.67 1.97 -16.37
N LEU C 588 47.23 2.04 -17.63
CA LEU C 588 45.89 2.54 -17.94
C LEU C 588 44.90 1.38 -18.05
N MET D 1 17.58 -28.85 -19.81
CA MET D 1 17.03 -28.97 -21.16
C MET D 1 16.23 -27.73 -21.52
N ARG D 2 16.75 -26.94 -22.46
CA ARG D 2 16.13 -25.70 -22.89
C ARG D 2 15.53 -25.89 -24.27
N LYS D 3 14.26 -25.51 -24.41
CA LYS D 3 13.57 -25.51 -25.69
C LYS D 3 13.21 -24.08 -26.07
N LYS D 4 13.60 -23.66 -27.26
CA LYS D 4 13.39 -22.31 -27.73
C LYS D 4 12.13 -22.27 -28.58
N VAL D 5 11.14 -21.50 -28.15
CA VAL D 5 9.85 -21.40 -28.81
C VAL D 5 9.66 -19.98 -29.29
N LEU D 6 9.44 -19.81 -30.59
CA LEU D 6 9.15 -18.51 -31.18
C LEU D 6 7.64 -18.27 -31.19
N LEU D 7 7.25 -17.07 -30.76
CA LEU D 7 5.85 -16.66 -30.76
C LEU D 7 5.75 -15.42 -31.64
N MET D 8 5.58 -15.62 -32.93
CA MET D 8 5.50 -14.54 -33.91
C MET D 8 4.07 -14.36 -34.39
N GLY D 9 3.85 -13.29 -35.12
CA GLY D 9 2.52 -12.98 -35.62
C GLY D 9 2.41 -11.51 -35.96
N ARG D 10 1.24 -11.14 -36.46
CA ARG D 10 1.02 -9.76 -36.85
C ARG D 10 0.76 -8.89 -35.62
N SER D 11 0.65 -7.58 -35.87
CA SER D 11 0.45 -6.62 -34.80
C SER D 11 -0.98 -6.71 -34.26
N GLY D 12 -1.11 -6.94 -32.96
CA GLY D 12 -2.42 -7.07 -32.35
C GLY D 12 -3.08 -8.40 -32.56
N SER D 13 -2.33 -9.44 -32.92
CA SER D 13 -2.91 -10.76 -33.13
C SER D 13 -3.24 -11.46 -31.81
N GLY D 14 -2.63 -11.04 -30.71
CA GLY D 14 -2.95 -11.59 -29.41
C GLY D 14 -1.94 -12.55 -28.84
N LYS D 15 -0.64 -12.39 -29.14
CA LYS D 15 0.37 -13.32 -28.66
C LYS D 15 0.64 -13.15 -27.17
N SER D 16 0.71 -11.89 -26.72
CA SER D 16 0.95 -11.63 -25.30
C SER D 16 -0.25 -12.01 -24.45
N SER D 17 -1.46 -11.98 -25.03
CA SER D 17 -2.65 -12.46 -24.34
C SER D 17 -2.59 -13.96 -24.09
N MET D 18 -2.14 -14.74 -25.08
CA MET D 18 -1.98 -16.18 -24.92
C MET D 18 -0.87 -16.50 -23.93
N ARG D 19 0.24 -15.75 -23.99
CA ARG D 19 1.35 -15.95 -23.07
C ARG D 19 0.95 -15.62 -21.63
N SER D 20 0.14 -14.56 -21.45
CA SER D 20 -0.30 -14.18 -20.11
C SER D 20 -1.34 -15.14 -19.57
N ILE D 21 -2.26 -15.62 -20.41
CA ILE D 21 -3.33 -16.48 -19.93
C ILE D 21 -2.81 -17.88 -19.62
N VAL D 22 -1.99 -18.44 -20.53
CA VAL D 22 -1.52 -19.82 -20.36
C VAL D 22 -0.47 -19.90 -19.26
N PHE D 23 0.52 -19.01 -19.28
CA PHE D 23 1.69 -19.13 -18.43
C PHE D 23 1.72 -18.18 -17.25
N SER D 24 1.21 -16.95 -17.40
CA SER D 24 1.32 -15.94 -16.34
C SER D 24 0.06 -15.81 -15.51
N ASN D 25 -0.88 -16.78 -15.64
CA ASN D 25 -2.10 -16.91 -14.83
C ASN D 25 -3.02 -15.70 -14.94
N TYR D 26 -3.13 -15.15 -16.15
CA TYR D 26 -4.09 -14.09 -16.40
C TYR D 26 -5.47 -14.68 -16.68
N VAL D 27 -6.45 -13.80 -16.87
CA VAL D 27 -7.76 -14.22 -17.36
C VAL D 27 -7.99 -13.51 -18.69
N ALA D 28 -9.14 -13.77 -19.32
CA ALA D 28 -9.40 -13.21 -20.64
C ALA D 28 -9.74 -11.73 -20.57
N LYS D 29 -10.39 -11.29 -19.50
CA LYS D 29 -10.76 -9.89 -19.37
C LYS D 29 -9.59 -9.00 -18.95
N ASP D 30 -8.52 -9.58 -18.42
CA ASP D 30 -7.36 -8.81 -18.00
C ASP D 30 -6.35 -8.59 -19.11
N THR D 31 -6.55 -9.22 -20.27
CA THR D 31 -5.64 -9.01 -21.40
C THR D 31 -5.99 -7.78 -22.23
N ARG D 32 -7.10 -7.12 -21.93
CA ARG D 32 -7.44 -5.87 -22.61
C ARG D 32 -6.55 -4.72 -22.15
N ARG D 33 -5.96 -4.82 -20.96
CA ARG D 33 -5.06 -3.80 -20.44
C ARG D 33 -3.60 -4.07 -20.77
N LEU D 34 -3.32 -5.09 -21.59
CA LEU D 34 -1.95 -5.37 -21.99
C LEU D 34 -1.47 -4.36 -23.02
N GLY D 35 -0.30 -3.80 -22.78
CA GLY D 35 0.28 -2.84 -23.71
C GLY D 35 0.96 -3.53 -24.88
N ALA D 36 1.51 -2.69 -25.76
CA ALA D 36 2.24 -3.19 -26.91
C ALA D 36 3.58 -3.76 -26.49
N THR D 37 3.99 -4.84 -27.14
CA THR D 37 5.27 -5.48 -26.85
C THR D 37 6.35 -4.84 -27.72
N ILE D 38 7.32 -4.20 -27.07
CA ILE D 38 8.44 -3.59 -27.77
C ILE D 38 9.53 -4.62 -27.91
N ASP D 39 9.88 -4.94 -29.15
CA ASP D 39 10.90 -5.92 -29.59
C ASP D 39 10.49 -7.29 -29.05
N ILE D 40 11.37 -8.02 -28.37
CA ILE D 40 11.13 -9.40 -27.96
C ILE D 40 11.12 -9.47 -26.44
N GLU D 41 10.08 -10.06 -25.87
CA GLU D 41 10.00 -10.33 -24.45
C GLU D 41 10.34 -11.80 -24.23
N HIS D 42 11.52 -12.06 -23.68
CA HIS D 42 11.97 -13.42 -23.41
C HIS D 42 11.37 -13.90 -22.10
N SER D 43 10.84 -15.12 -22.10
CA SER D 43 10.24 -15.72 -20.92
C SER D 43 10.83 -17.10 -20.68
N HIS D 44 11.14 -17.41 -19.43
CA HIS D 44 11.62 -18.72 -19.02
C HIS D 44 10.55 -19.37 -18.16
N VAL D 45 10.05 -20.52 -18.62
CA VAL D 45 8.98 -21.24 -17.95
C VAL D 45 9.53 -22.59 -17.51
N ARG D 46 9.42 -22.87 -16.21
CA ARG D 46 9.79 -24.19 -15.68
C ARG D 46 8.60 -25.11 -15.87
N PHE D 47 8.68 -25.98 -16.87
CA PHE D 47 7.59 -26.88 -17.25
C PHE D 47 8.12 -28.30 -17.13
N LEU D 48 7.55 -29.06 -16.18
CA LEU D 48 7.91 -30.46 -15.88
C LEU D 48 9.38 -30.61 -15.49
N GLY D 49 9.77 -29.89 -14.45
CA GLY D 49 11.08 -30.07 -13.85
C GLY D 49 12.26 -29.53 -14.63
N ASN D 50 13.06 -30.43 -15.20
CA ASN D 50 14.30 -30.04 -15.87
C ASN D 50 14.07 -29.35 -17.21
N LEU D 51 12.91 -29.57 -17.83
CA LEU D 51 12.62 -28.94 -19.11
C LEU D 51 12.26 -27.48 -18.90
N VAL D 52 12.92 -26.59 -19.66
CA VAL D 52 12.70 -25.15 -19.57
C VAL D 52 12.29 -24.66 -20.95
N LEU D 53 11.17 -23.94 -21.02
CA LEU D 53 10.67 -23.39 -22.27
C LEU D 53 11.15 -21.95 -22.40
N ASN D 54 11.86 -21.66 -23.49
CA ASN D 54 12.29 -20.30 -23.82
C ASN D 54 11.25 -19.73 -24.78
N LEU D 55 10.38 -18.87 -24.26
CA LEU D 55 9.32 -18.26 -25.05
C LEU D 55 9.78 -16.89 -25.51
N TRP D 56 9.84 -16.70 -26.83
CA TRP D 56 10.30 -15.45 -27.43
C TRP D 56 9.06 -14.72 -27.95
N ASP D 57 8.46 -13.90 -27.09
CA ASP D 57 7.27 -13.14 -27.43
C ASP D 57 7.70 -11.95 -28.29
N CYS D 58 7.75 -12.16 -29.59
CA CYS D 58 8.22 -11.15 -30.52
C CYS D 58 7.14 -10.10 -30.77
N GLY D 59 7.59 -8.87 -31.02
CA GLY D 59 6.66 -7.82 -31.37
C GLY D 59 6.16 -7.95 -32.79
N GLY D 60 4.88 -7.67 -32.97
CA GLY D 60 4.21 -7.88 -34.24
C GLY D 60 4.18 -6.70 -35.18
N GLN D 61 4.80 -5.58 -34.83
CA GLN D 61 4.77 -4.40 -35.68
C GLN D 61 5.71 -4.55 -36.87
N GLU D 62 5.55 -3.65 -37.83
CA GLU D 62 6.27 -3.78 -39.11
C GLU D 62 7.74 -3.39 -38.99
N ALA D 63 8.03 -2.34 -38.22
CA ALA D 63 9.43 -1.92 -38.07
C ALA D 63 10.22 -2.85 -37.16
N PHE D 64 9.53 -3.54 -36.25
CA PHE D 64 10.18 -4.60 -35.48
C PHE D 64 10.52 -5.80 -36.36
N MET D 65 9.58 -6.21 -37.20
CA MET D 65 9.72 -7.48 -37.89
C MET D 65 10.43 -7.34 -39.24
N GLU D 66 10.61 -6.11 -39.72
CA GLU D 66 11.64 -5.88 -40.73
C GLU D 66 13.04 -6.00 -40.13
N ASN D 67 13.19 -5.62 -38.85
CA ASN D 67 14.47 -5.71 -38.17
C ASN D 67 14.76 -7.16 -37.78
N TYR D 68 13.71 -7.96 -37.55
CA TYR D 68 13.89 -9.38 -37.21
C TYR D 68 14.47 -10.18 -38.36
N LEU D 69 14.05 -9.89 -39.58
CA LEU D 69 14.48 -10.65 -40.75
C LEU D 69 15.75 -10.12 -41.40
N SER D 70 16.29 -8.99 -40.92
CA SER D 70 17.46 -8.38 -41.53
C SER D 70 18.69 -8.42 -40.63
N ALA D 71 18.59 -7.85 -39.44
CA ALA D 71 19.74 -7.73 -38.53
C ALA D 71 19.76 -8.82 -37.47
N GLN D 72 18.60 -9.16 -36.90
CA GLN D 72 18.51 -10.18 -35.86
C GLN D 72 18.10 -11.54 -36.41
N ARG D 73 18.50 -11.83 -37.66
CA ARG D 73 18.12 -13.10 -38.28
C ARG D 73 18.88 -14.28 -37.68
N ASP D 74 20.15 -14.07 -37.34
CA ASP D 74 20.94 -15.12 -36.71
C ASP D 74 20.58 -15.29 -35.24
N HIS D 75 20.13 -14.23 -34.58
CA HIS D 75 19.79 -14.32 -33.16
C HIS D 75 18.45 -15.02 -32.93
N ILE D 76 17.49 -14.84 -33.83
CA ILE D 76 16.13 -15.31 -33.59
C ILE D 76 15.90 -16.70 -34.14
N PHE D 77 16.18 -16.91 -35.42
CA PHE D 77 15.72 -18.12 -36.09
C PHE D 77 16.67 -19.31 -35.93
N ARG D 78 17.80 -19.12 -35.26
CA ARG D 78 18.73 -20.21 -35.00
C ARG D 78 18.31 -20.97 -33.75
N ASN D 79 18.44 -22.30 -33.82
CA ASN D 79 18.12 -23.26 -32.73
C ASN D 79 16.67 -23.14 -32.26
N VAL D 80 15.75 -23.07 -33.21
CA VAL D 80 14.33 -22.94 -32.93
C VAL D 80 13.70 -24.32 -32.88
N GLN D 81 13.02 -24.62 -31.77
CA GLN D 81 12.31 -25.89 -31.63
C GLN D 81 10.91 -25.81 -32.25
N VAL D 82 10.09 -24.88 -31.77
CA VAL D 82 8.71 -24.72 -32.22
C VAL D 82 8.52 -23.27 -32.63
N LEU D 83 8.08 -23.04 -33.87
CA LEU D 83 7.72 -21.72 -34.34
C LEU D 83 6.19 -21.59 -34.31
N ILE D 84 5.69 -20.62 -33.56
CA ILE D 84 4.26 -20.36 -33.49
C ILE D 84 3.98 -19.05 -34.20
N TYR D 85 3.24 -19.10 -35.29
CA TYR D 85 2.80 -17.90 -35.99
C TYR D 85 1.31 -17.72 -35.75
N VAL D 86 0.92 -16.53 -35.33
CA VAL D 86 -0.45 -16.23 -34.92
C VAL D 86 -1.10 -15.41 -36.02
N PHE D 87 -2.25 -15.89 -36.51
CA PHE D 87 -3.00 -15.23 -37.57
C PHE D 87 -4.28 -14.66 -36.99
N ASP D 88 -4.49 -13.37 -37.19
CA ASP D 88 -5.77 -12.75 -36.84
C ASP D 88 -6.76 -13.02 -37.98
N VAL D 89 -7.88 -13.65 -37.65
CA VAL D 89 -8.87 -13.97 -38.67
C VAL D 89 -9.70 -12.75 -39.05
N GLU D 90 -9.75 -11.74 -38.17
CA GLU D 90 -10.46 -10.50 -38.47
C GLU D 90 -9.56 -9.45 -39.10
N SER D 91 -8.31 -9.79 -39.39
CA SER D 91 -7.41 -8.88 -40.06
C SER D 91 -7.81 -8.70 -41.52
N ARG D 92 -7.80 -7.45 -41.98
CA ARG D 92 -8.11 -7.13 -43.36
C ARG D 92 -6.89 -7.21 -44.27
N GLU D 93 -5.73 -7.57 -43.73
CA GLU D 93 -4.49 -7.62 -44.49
C GLU D 93 -3.90 -9.02 -44.46
N PHE D 94 -4.73 -10.03 -44.74
CA PHE D 94 -4.29 -11.42 -44.70
C PHE D 94 -3.30 -11.74 -45.81
N GLU D 95 -3.44 -11.09 -46.97
CA GLU D 95 -2.46 -11.24 -48.03
C GLU D 95 -1.13 -10.57 -47.66
N ARG D 96 -1.17 -9.52 -46.84
CA ARG D 96 0.06 -8.97 -46.28
C ARG D 96 0.63 -9.84 -45.19
N ASP D 97 -0.23 -10.60 -44.49
CA ASP D 97 0.26 -11.52 -43.47
C ASP D 97 0.91 -12.74 -44.07
N LEU D 98 0.45 -13.17 -45.25
CA LEU D 98 0.98 -14.38 -45.89
C LEU D 98 2.42 -14.19 -46.36
N VAL D 99 2.76 -13.00 -46.86
CA VAL D 99 4.12 -12.72 -47.32
C VAL D 99 5.09 -12.68 -46.14
N THR D 100 4.65 -12.09 -45.02
CA THR D 100 5.49 -12.04 -43.82
C THR D 100 5.65 -13.42 -43.19
N PHE D 101 4.59 -14.24 -43.24
CA PHE D 101 4.68 -15.62 -42.78
C PHE D 101 5.61 -16.45 -43.66
N ARG D 102 5.61 -16.18 -44.97
CA ARG D 102 6.54 -16.84 -45.88
C ARG D 102 7.99 -16.42 -45.61
N ASN D 103 8.19 -15.14 -45.27
CA ASN D 103 9.54 -14.66 -44.93
C ASN D 103 10.04 -15.28 -43.63
N CYS D 104 9.16 -15.40 -42.63
CA CYS D 104 9.52 -16.05 -41.38
C CYS D 104 9.78 -17.54 -41.56
N LEU D 105 9.00 -18.19 -42.45
CA LEU D 105 9.23 -19.59 -42.78
C LEU D 105 10.56 -19.80 -43.50
N GLU D 106 10.90 -18.89 -44.42
CA GLU D 106 12.16 -18.99 -45.15
C GLU D 106 13.36 -18.77 -44.23
N ALA D 107 13.24 -17.83 -43.29
CA ALA D 107 14.30 -17.61 -42.31
C ALA D 107 14.44 -18.79 -41.36
N THR D 108 13.32 -19.40 -40.96
CA THR D 108 13.34 -20.55 -40.06
C THR D 108 13.93 -21.78 -40.74
N VAL D 109 13.61 -22.00 -42.03
CA VAL D 109 14.18 -23.12 -42.77
C VAL D 109 15.67 -22.89 -43.03
N ALA D 110 16.06 -21.66 -43.39
CA ALA D 110 17.46 -21.35 -43.65
C ALA D 110 18.32 -21.34 -42.39
N ASN D 111 17.73 -21.19 -41.21
CA ASN D 111 18.52 -21.20 -39.98
C ASN D 111 18.36 -22.47 -39.15
N SER D 112 17.14 -22.96 -38.96
CA SER D 112 16.89 -24.15 -38.14
C SER D 112 15.98 -25.13 -38.88
N PRO D 113 16.56 -26.03 -39.67
CA PRO D 113 15.74 -26.89 -40.56
C PRO D 113 14.98 -27.99 -39.84
N GLN D 114 15.22 -28.23 -38.56
CA GLN D 114 14.48 -29.22 -37.78
C GLN D 114 13.62 -28.46 -36.77
N ALA D 115 12.43 -28.07 -37.20
CA ALA D 115 11.52 -27.30 -36.35
C ALA D 115 10.08 -27.62 -36.75
N ARG D 116 9.17 -27.34 -35.84
CA ARG D 116 7.74 -27.55 -36.05
C ARG D 116 7.03 -26.20 -36.08
N VAL D 117 6.10 -26.05 -37.02
CA VAL D 117 5.36 -24.82 -37.22
C VAL D 117 3.94 -25.02 -36.72
N PHE D 118 3.45 -24.07 -35.93
CA PHE D 118 2.06 -24.06 -35.48
C PHE D 118 1.43 -22.75 -35.93
N CYS D 119 0.37 -22.84 -36.73
CA CYS D 119 -0.33 -21.66 -37.23
C CYS D 119 -1.63 -21.51 -36.43
N LEU D 120 -1.58 -20.69 -35.38
CA LEU D 120 -2.73 -20.46 -34.53
C LEU D 120 -3.58 -19.36 -35.14
N ILE D 121 -4.73 -19.72 -35.69
CA ILE D 121 -5.64 -18.75 -36.27
C ILE D 121 -6.50 -18.17 -35.16
N HIS D 122 -6.08 -17.05 -34.60
CA HIS D 122 -6.63 -16.51 -33.38
C HIS D 122 -7.92 -15.74 -33.64
N LYS D 123 -8.55 -15.31 -32.54
CA LYS D 123 -9.73 -14.42 -32.51
C LYS D 123 -10.93 -15.04 -33.22
N MET D 124 -11.14 -16.34 -33.01
CA MET D 124 -12.26 -17.04 -33.63
C MET D 124 -13.60 -16.70 -33.00
N ASP D 125 -13.60 -16.09 -31.81
CA ASP D 125 -14.84 -15.69 -31.16
C ASP D 125 -15.48 -14.47 -31.82
N LEU D 126 -14.74 -13.72 -32.63
CA LEU D 126 -15.31 -12.61 -33.37
C LEU D 126 -16.03 -13.05 -34.64
N VAL D 127 -15.90 -14.32 -35.02
CA VAL D 127 -16.60 -14.90 -36.16
C VAL D 127 -17.87 -15.56 -35.63
N GLN D 128 -18.98 -15.40 -36.36
CA GLN D 128 -20.24 -16.06 -36.01
C GLN D 128 -20.11 -17.57 -36.12
N GLU D 129 -20.95 -18.28 -35.34
CA GLU D 129 -20.67 -19.67 -34.96
C GLU D 129 -20.80 -20.63 -36.15
N ASP D 130 -21.87 -20.51 -36.93
CA ASP D 130 -22.07 -21.38 -38.08
C ASP D 130 -21.08 -21.12 -39.22
N LEU D 131 -20.45 -19.95 -39.22
CA LEU D 131 -19.35 -19.66 -40.15
C LEU D 131 -17.99 -19.97 -39.55
N ARG D 132 -17.92 -20.49 -38.32
CA ARG D 132 -16.64 -20.65 -37.65
C ARG D 132 -15.82 -21.84 -38.16
N ASP D 133 -16.42 -22.75 -38.92
CA ASP D 133 -15.68 -23.91 -39.41
C ASP D 133 -15.13 -23.69 -40.82
N LEU D 134 -16.01 -23.41 -41.78
CA LEU D 134 -15.62 -23.31 -43.19
C LEU D 134 -14.79 -22.08 -43.50
N VAL D 135 -14.80 -21.07 -42.63
CA VAL D 135 -13.80 -20.00 -42.72
C VAL D 135 -12.42 -20.54 -42.38
N PHE D 136 -12.33 -21.30 -41.27
CA PHE D 136 -11.05 -21.81 -40.77
C PHE D 136 -10.41 -22.80 -41.75
N GLU D 137 -11.23 -23.71 -42.29
CA GLU D 137 -10.78 -24.62 -43.36
C GLU D 137 -10.44 -23.87 -44.64
N GLU D 138 -10.97 -22.66 -44.83
CA GLU D 138 -10.51 -21.82 -45.92
C GLU D 138 -9.08 -21.34 -45.69
N ARG D 139 -8.73 -20.97 -44.45
CA ARG D 139 -7.35 -20.57 -44.19
C ARG D 139 -6.43 -21.77 -44.10
N LYS D 140 -6.93 -22.88 -43.54
CA LYS D 140 -6.12 -24.09 -43.36
C LYS D 140 -5.74 -24.72 -44.69
N ALA D 141 -6.55 -24.53 -45.72
CA ALA D 141 -6.17 -24.96 -47.06
C ALA D 141 -5.06 -24.10 -47.66
N ILE D 142 -4.92 -22.85 -47.21
CA ILE D 142 -3.91 -21.96 -47.75
C ILE D 142 -2.55 -22.21 -47.11
N LEU D 143 -2.51 -22.18 -45.77
CA LEU D 143 -1.25 -22.26 -45.02
C LEU D 143 -0.58 -23.61 -45.18
N LEU D 144 -1.36 -24.69 -45.24
CA LEU D 144 -0.80 -26.01 -45.53
C LEU D 144 -0.29 -26.11 -46.97
N GLU D 145 -0.85 -25.30 -47.87
CA GLU D 145 -0.23 -25.15 -49.18
C GLU D 145 1.07 -24.36 -49.07
N THR D 146 1.11 -23.36 -48.19
CA THR D 146 2.30 -22.54 -48.01
C THR D 146 3.40 -23.31 -47.28
N SER D 147 3.05 -23.98 -46.19
CA SER D 147 4.04 -24.58 -45.30
C SER D 147 4.34 -26.03 -45.65
N LYS D 148 4.79 -26.27 -46.88
CA LYS D 148 5.24 -27.60 -47.27
C LYS D 148 6.70 -27.84 -46.89
N ASP D 149 7.39 -26.81 -46.38
CA ASP D 149 8.80 -26.95 -46.04
C ASP D 149 9.01 -27.70 -44.73
N LEU D 150 8.15 -27.47 -43.75
CA LEU D 150 8.27 -28.10 -42.43
C LEU D 150 6.95 -28.74 -42.01
N GLU D 151 7.00 -29.45 -40.89
CA GLU D 151 5.81 -30.04 -40.30
C GLU D 151 4.92 -28.94 -39.71
N THR D 152 3.65 -28.92 -40.12
CA THR D 152 2.78 -27.78 -39.82
C THR D 152 1.37 -28.28 -39.52
N THR D 153 0.84 -27.90 -38.37
CA THR D 153 -0.56 -28.08 -38.03
C THR D 153 -1.19 -26.72 -37.73
N CYS D 154 -2.39 -26.50 -38.28
CA CYS D 154 -3.11 -25.24 -38.11
C CYS D 154 -4.27 -25.46 -37.15
N LEU D 155 -4.40 -24.58 -36.16
CA LEU D 155 -5.40 -24.71 -35.11
C LEU D 155 -6.16 -23.40 -34.95
N ALA D 156 -7.47 -23.50 -34.73
CA ALA D 156 -8.32 -22.34 -34.53
C ALA D 156 -8.42 -22.05 -33.04
N THR D 157 -7.89 -20.90 -32.62
CA THR D 157 -7.80 -20.56 -31.20
C THR D 157 -8.63 -19.31 -30.90
N SER D 158 -9.03 -19.20 -29.64
CA SER D 158 -9.61 -17.98 -29.09
C SER D 158 -9.41 -18.02 -27.58
N ILE D 159 -9.25 -16.84 -26.97
CA ILE D 159 -9.04 -16.77 -25.54
C ILE D 159 -10.32 -16.78 -24.73
N TRP D 160 -11.47 -16.78 -25.39
CA TRP D 160 -12.77 -16.74 -24.71
C TRP D 160 -13.45 -18.10 -24.66
N ASP D 161 -12.74 -19.17 -25.00
CA ASP D 161 -13.30 -20.52 -24.93
C ASP D 161 -12.16 -21.49 -24.60
N GLU D 162 -12.41 -22.77 -24.84
CA GLU D 162 -11.49 -23.84 -24.46
C GLU D 162 -10.48 -24.20 -25.54
N THR D 163 -10.54 -23.56 -26.72
CA THR D 163 -9.64 -23.93 -27.81
C THR D 163 -8.21 -23.50 -27.58
N LEU D 164 -8.00 -22.48 -26.74
CA LEU D 164 -6.66 -22.00 -26.42
C LEU D 164 -5.86 -23.05 -25.65
N PHE D 165 -6.49 -23.71 -24.69
CA PHE D 165 -5.80 -24.75 -23.94
C PHE D 165 -5.58 -26.00 -24.75
N LYS D 166 -6.48 -26.30 -25.70
CA LYS D 166 -6.26 -27.40 -26.64
C LYS D 166 -5.06 -27.14 -27.53
N ALA D 167 -4.94 -25.90 -28.03
CA ALA D 167 -3.83 -25.54 -28.90
C ALA D 167 -2.50 -25.52 -28.14
N TRP D 168 -2.49 -24.96 -26.92
CA TRP D 168 -1.23 -24.93 -26.19
C TRP D 168 -0.86 -26.28 -25.60
N SER D 169 -1.83 -27.15 -25.32
CA SER D 169 -1.53 -28.53 -24.97
C SER D 169 -0.93 -29.29 -26.15
N ALA D 170 -1.46 -29.06 -27.36
CA ALA D 170 -0.87 -29.65 -28.55
C ALA D 170 0.51 -29.08 -28.86
N ILE D 171 0.76 -27.83 -28.49
CA ILE D 171 2.09 -27.25 -28.68
C ILE D 171 3.09 -27.86 -27.70
N VAL D 172 2.74 -27.91 -26.41
CA VAL D 172 3.70 -28.39 -25.42
C VAL D 172 3.75 -29.91 -25.32
N TYR D 173 2.86 -30.64 -26.02
CA TYR D 173 2.96 -32.09 -26.06
C TYR D 173 4.15 -32.55 -26.89
N THR D 174 4.51 -31.79 -27.94
CA THR D 174 5.66 -32.15 -28.75
C THR D 174 6.98 -31.84 -28.06
N LEU D 175 6.98 -30.83 -27.18
CA LEU D 175 8.22 -30.44 -26.50
C LEU D 175 8.61 -31.40 -25.38
N ILE D 176 7.64 -32.11 -24.80
CA ILE D 176 7.90 -33.03 -23.70
C ILE D 176 8.50 -34.31 -24.28
N PRO D 177 9.69 -34.72 -23.83
CA PRO D 177 10.26 -35.98 -24.32
C PRO D 177 9.64 -37.18 -23.61
N ASN D 178 9.94 -38.37 -24.19
CA ASN D 178 9.46 -39.72 -23.82
C ASN D 178 7.97 -39.77 -23.43
N THR D 179 7.14 -39.16 -24.27
CA THR D 179 5.69 -39.26 -24.11
C THR D 179 5.05 -40.63 -24.35
N PRO D 180 5.58 -41.55 -25.19
CA PRO D 180 5.07 -42.94 -25.11
C PRO D 180 5.31 -43.63 -23.78
N THR D 181 6.37 -43.27 -23.05
CA THR D 181 6.57 -43.83 -21.70
C THR D 181 5.49 -43.36 -20.73
N LEU D 182 5.12 -42.08 -20.81
CA LEU D 182 4.04 -41.57 -19.96
C LEU D 182 2.69 -42.11 -20.39
N GLU D 183 2.49 -42.33 -21.70
CA GLU D 183 1.25 -42.93 -22.18
C GLU D 183 1.12 -44.39 -21.74
N SER D 184 2.23 -45.14 -21.75
CA SER D 184 2.22 -46.52 -21.28
C SER D 184 2.03 -46.58 -19.76
N HIS D 185 2.61 -45.60 -19.03
CA HIS D 185 2.41 -45.51 -17.60
C HIS D 185 0.95 -45.21 -17.25
N LEU D 186 0.32 -44.30 -18.01
CA LEU D 186 -1.08 -43.98 -17.75
C LEU D 186 -2.00 -45.12 -18.15
N ARG D 187 -1.65 -45.86 -19.22
CA ARG D 187 -2.41 -47.04 -19.62
C ARG D 187 -2.32 -48.15 -18.58
N GLU D 188 -1.13 -48.39 -18.04
CA GLU D 188 -0.98 -49.42 -17.01
C GLU D 188 -1.60 -48.99 -15.69
N PHE D 189 -1.62 -47.69 -15.39
CA PHE D 189 -2.30 -47.21 -14.19
C PHE D 189 -3.81 -47.33 -14.32
N ALA D 190 -4.35 -47.07 -15.52
CA ALA D 190 -5.79 -47.22 -15.72
C ALA D 190 -6.21 -48.68 -15.78
N LYS D 191 -5.32 -49.56 -16.26
CA LYS D 191 -5.64 -50.99 -16.25
C LYS D 191 -5.53 -51.56 -14.83
N ALA D 192 -4.58 -51.08 -14.03
CA ALA D 192 -4.37 -51.61 -12.69
C ALA D 192 -5.45 -51.13 -11.72
N ALA D 193 -5.83 -49.85 -11.80
CA ALA D 193 -6.78 -49.26 -10.87
C ALA D 193 -8.22 -49.31 -11.36
N GLU D 194 -8.46 -49.96 -12.51
CA GLU D 194 -9.79 -50.08 -13.17
C GLU D 194 -10.43 -48.73 -13.43
N ALA D 195 -9.63 -47.77 -13.91
CA ALA D 195 -10.09 -46.42 -14.16
C ALA D 195 -10.57 -46.25 -15.58
N ALA D 196 -11.66 -45.51 -15.76
CA ALA D 196 -12.18 -45.25 -17.10
C ALA D 196 -11.32 -44.23 -17.83
N GLU D 197 -10.87 -43.18 -17.15
CA GLU D 197 -10.11 -42.12 -17.79
C GLU D 197 -9.07 -41.60 -16.81
N VAL D 198 -7.81 -41.58 -17.24
CA VAL D 198 -6.71 -41.03 -16.46
C VAL D 198 -6.07 -39.91 -17.26
N ILE D 199 -6.14 -38.69 -16.73
CA ILE D 199 -5.60 -37.49 -17.38
C ILE D 199 -4.54 -36.89 -16.47
N LEU D 200 -3.38 -36.61 -17.02
CA LEU D 200 -2.26 -36.02 -16.29
C LEU D 200 -2.10 -34.56 -16.72
N PHE D 201 -2.16 -33.65 -15.76
CA PHE D 201 -2.00 -32.22 -15.99
C PHE D 201 -0.63 -31.77 -15.51
N GLU D 202 -0.34 -30.49 -15.77
CA GLU D 202 0.79 -29.82 -15.16
C GLU D 202 0.32 -29.08 -13.92
N ARG D 203 1.25 -28.79 -13.00
CA ARG D 203 0.87 -28.21 -11.73
C ARG D 203 0.47 -26.74 -11.87
N THR D 204 1.26 -25.95 -12.61
CA THR D 204 1.04 -24.51 -12.68
C THR D 204 0.11 -24.13 -13.82
N THR D 205 0.48 -24.46 -15.05
CA THR D 205 -0.29 -24.03 -16.21
C THR D 205 -1.54 -24.87 -16.46
N PHE D 206 -1.60 -26.07 -15.85
CA PHE D 206 -2.68 -27.05 -15.99
C PHE D 206 -2.92 -27.44 -17.46
N LEU D 207 -1.84 -27.59 -18.21
CA LEU D 207 -1.94 -28.12 -19.56
C LEU D 207 -1.92 -29.64 -19.52
N VAL D 208 -2.66 -30.25 -20.44
CA VAL D 208 -2.79 -31.71 -20.47
C VAL D 208 -1.51 -32.33 -21.02
N ILE D 209 -0.71 -32.92 -20.13
CA ILE D 209 0.53 -33.55 -20.54
C ILE D 209 0.24 -34.87 -21.28
N SER D 210 -0.59 -35.71 -20.68
CA SER D 210 -0.95 -36.99 -21.28
C SER D 210 -2.33 -37.39 -20.78
N SER D 211 -2.96 -38.29 -21.53
CA SER D 211 -4.28 -38.78 -21.16
C SER D 211 -4.45 -40.20 -21.67
N TYR D 212 -5.37 -40.92 -21.04
CA TYR D 212 -5.74 -42.26 -21.49
C TYR D 212 -7.20 -42.50 -21.15
N SER D 213 -8.01 -42.75 -22.17
CA SER D 213 -9.42 -43.03 -22.00
C SER D 213 -9.71 -44.46 -22.43
N SER D 214 -10.32 -45.23 -21.54
CA SER D 214 -10.65 -46.63 -21.84
C SER D 214 -11.97 -46.71 -22.60
N GLU D 215 -12.38 -47.93 -22.94
CA GLU D 215 -13.62 -48.15 -23.65
C GLU D 215 -14.85 -48.02 -22.74
N SER D 216 -14.67 -48.05 -21.43
CA SER D 216 -15.76 -47.87 -20.47
C SER D 216 -15.91 -46.42 -20.03
N ASN D 217 -15.35 -45.48 -20.79
CA ASN D 217 -15.44 -44.07 -20.44
C ASN D 217 -16.84 -43.54 -20.70
N PRO D 218 -17.53 -42.98 -19.70
CA PRO D 218 -18.87 -42.45 -19.94
C PRO D 218 -18.89 -41.14 -20.72
N ALA D 219 -17.78 -40.41 -20.78
CA ALA D 219 -17.75 -39.12 -21.45
C ALA D 219 -17.66 -39.30 -22.96
N THR D 220 -18.51 -38.57 -23.69
CA THR D 220 -18.51 -38.59 -25.15
C THR D 220 -18.02 -37.29 -25.76
N ASP D 221 -17.70 -36.29 -24.95
CA ASP D 221 -17.22 -35.01 -25.45
C ASP D 221 -15.77 -35.14 -25.89
N ALA D 222 -15.49 -34.69 -27.12
CA ALA D 222 -14.14 -34.76 -27.66
C ALA D 222 -13.25 -33.62 -27.18
N HIS D 223 -13.83 -32.56 -26.61
CA HIS D 223 -13.08 -31.41 -26.12
C HIS D 223 -13.12 -31.32 -24.59
N ARG D 224 -13.07 -32.47 -23.92
CA ARG D 224 -13.27 -32.50 -22.48
C ARG D 224 -12.02 -32.12 -21.71
N PHE D 225 -10.82 -32.36 -22.28
CA PHE D 225 -9.56 -32.19 -21.56
C PHE D 225 -9.29 -30.72 -21.26
N GLU D 226 -9.44 -29.87 -22.28
CA GLU D 226 -9.24 -28.43 -22.12
C GLU D 226 -10.34 -27.80 -21.27
N LYS D 227 -11.55 -28.38 -21.31
CA LYS D 227 -12.64 -27.92 -20.45
C LYS D 227 -12.33 -28.18 -18.98
N ILE D 228 -11.82 -29.39 -18.68
CA ILE D 228 -11.44 -29.74 -17.30
C ILE D 228 -10.24 -28.90 -16.85
N SER D 229 -9.33 -28.59 -17.79
CA SER D 229 -8.21 -27.70 -17.50
C SER D 229 -8.68 -26.29 -17.16
N ASN D 230 -9.70 -25.79 -17.87
CA ASN D 230 -10.28 -24.48 -17.55
C ASN D 230 -11.00 -24.50 -16.21
N ILE D 231 -11.66 -25.63 -15.89
CA ILE D 231 -12.34 -25.79 -14.60
C ILE D 231 -11.35 -25.73 -13.44
N VAL D 232 -10.25 -26.48 -13.56
CA VAL D 232 -9.30 -26.53 -12.44
C VAL D 232 -8.45 -25.27 -12.38
N LYS D 233 -8.27 -24.55 -13.50
CA LYS D 233 -7.60 -23.26 -13.43
C LYS D 233 -8.47 -22.20 -12.78
N GLN D 234 -9.78 -22.22 -13.08
CA GLN D 234 -10.70 -21.29 -12.43
C GLN D 234 -10.83 -21.58 -10.94
N PHE D 235 -10.81 -22.85 -10.55
CA PHE D 235 -10.86 -23.16 -9.13
C PHE D 235 -9.52 -22.87 -8.44
N LYS D 236 -8.40 -22.99 -9.15
CA LYS D 236 -7.12 -22.60 -8.58
C LYS D 236 -7.04 -21.10 -8.35
N LEU D 237 -7.61 -20.31 -9.27
CA LEU D 237 -7.70 -18.86 -9.05
C LEU D 237 -8.66 -18.52 -7.90
N SER D 238 -9.74 -19.31 -7.75
CA SER D 238 -10.65 -19.14 -6.63
C SER D 238 -9.98 -19.45 -5.30
N CYS D 239 -9.13 -20.48 -5.27
CA CYS D 239 -8.38 -20.80 -4.05
C CYS D 239 -7.30 -19.75 -3.78
N SER D 240 -6.69 -19.21 -4.85
CA SER D 240 -5.66 -18.19 -4.69
C SER D 240 -6.25 -16.85 -4.28
N LYS D 241 -7.55 -16.63 -4.50
CA LYS D 241 -8.20 -15.48 -3.89
C LYS D 241 -8.26 -15.59 -2.38
N MET D 242 -8.39 -16.81 -1.85
CA MET D 242 -8.47 -17.05 -0.42
C MET D 242 -7.09 -17.28 0.21
N GLN D 243 -6.01 -17.10 -0.58
CA GLN D 243 -4.61 -17.35 -0.19
C GLN D 243 -4.41 -18.79 0.30
N ALA D 244 -5.03 -19.74 -0.39
CA ALA D 244 -4.93 -21.15 -0.06
C ALA D 244 -4.60 -21.94 -1.33
N GLN D 245 -3.94 -23.07 -1.16
CA GLN D 245 -3.56 -23.93 -2.26
C GLN D 245 -4.53 -25.12 -2.30
N PHE D 246 -5.15 -25.33 -3.46
CA PHE D 246 -5.98 -26.51 -3.68
C PHE D 246 -5.09 -27.75 -3.73
N THR D 247 -5.43 -28.77 -2.95
CA THR D 247 -4.64 -29.99 -2.92
C THR D 247 -5.40 -31.18 -3.49
N THR D 248 -6.53 -31.57 -2.91
CA THR D 248 -7.24 -32.76 -3.35
C THR D 248 -8.68 -32.42 -3.71
N PHE D 249 -9.15 -33.03 -4.78
CA PHE D 249 -10.56 -33.00 -5.17
C PHE D 249 -11.08 -34.42 -5.20
N GLU D 250 -12.27 -34.63 -4.66
CA GLU D 250 -12.92 -35.93 -4.67
C GLU D 250 -14.37 -35.71 -5.07
N LEU D 251 -14.89 -36.56 -5.95
CA LEU D 251 -16.27 -36.48 -6.37
C LEU D 251 -16.89 -37.87 -6.32
N ARG D 252 -18.18 -37.92 -6.03
CA ARG D 252 -18.98 -39.15 -6.07
C ARG D 252 -20.28 -38.85 -6.80
N GLY D 253 -20.27 -39.03 -8.11
CA GLY D 253 -21.45 -38.78 -8.91
C GLY D 253 -22.42 -39.94 -8.87
N GLY D 254 -23.43 -39.85 -9.74
CA GLY D 254 -24.42 -40.91 -9.83
C GLY D 254 -23.87 -42.19 -10.41
N ASN D 255 -22.99 -42.09 -11.41
CA ASN D 255 -22.40 -43.25 -12.05
C ASN D 255 -20.90 -43.13 -12.23
N PHE D 256 -20.27 -42.12 -11.63
CA PHE D 256 -18.84 -41.89 -11.79
C PHE D 256 -18.26 -41.36 -10.49
N SER D 257 -16.93 -41.26 -10.45
CA SER D 257 -16.23 -40.70 -9.31
C SER D 257 -14.90 -40.15 -9.79
N ALA D 258 -14.72 -38.84 -9.68
CA ALA D 258 -13.53 -38.15 -10.18
C ALA D 258 -12.66 -37.71 -9.02
N PHE D 259 -11.35 -37.97 -9.12
CA PHE D 259 -10.39 -37.64 -8.08
C PHE D 259 -9.25 -36.85 -8.69
N ILE D 260 -8.99 -35.65 -8.17
CA ILE D 260 -7.89 -34.81 -8.62
C ILE D 260 -6.92 -34.65 -7.45
N VAL D 261 -5.80 -35.35 -7.51
CA VAL D 261 -4.78 -35.36 -6.46
C VAL D 261 -3.43 -35.07 -7.11
N PRO D 262 -2.45 -34.57 -6.35
CA PRO D 262 -1.11 -34.39 -6.93
C PRO D 262 -0.43 -35.74 -7.15
N TYR D 263 0.23 -35.88 -8.30
CA TYR D 263 0.89 -37.13 -8.67
C TYR D 263 2.39 -37.07 -8.44
N THR D 264 3.06 -36.13 -9.08
CA THR D 264 4.46 -35.81 -8.84
C THR D 264 4.55 -34.41 -8.25
N GLU D 265 5.76 -33.88 -8.15
CA GLU D 265 5.97 -32.51 -7.68
C GLU D 265 5.53 -31.47 -8.70
N ASP D 266 5.31 -31.85 -9.97
CA ASP D 266 4.92 -30.90 -11.00
C ASP D 266 3.67 -31.32 -11.77
N THR D 267 2.92 -32.32 -11.29
CA THR D 267 1.75 -32.81 -12.02
C THR D 267 0.54 -32.91 -11.10
N TYR D 268 -0.62 -32.92 -11.73
CA TYR D 268 -1.90 -33.30 -11.12
C TYR D 268 -2.51 -34.40 -11.97
N ILE D 269 -3.17 -35.35 -11.34
CA ILE D 269 -3.76 -36.49 -12.05
C ILE D 269 -5.27 -36.49 -11.79
N LEU D 270 -6.05 -36.67 -12.85
CA LEU D 270 -7.50 -36.84 -12.75
C LEU D 270 -7.82 -38.29 -13.03
N VAL D 271 -8.42 -38.97 -12.06
CA VAL D 271 -8.78 -40.38 -12.18
C VAL D 271 -10.30 -40.48 -12.10
N VAL D 272 -10.91 -41.05 -13.13
CA VAL D 272 -12.35 -41.20 -13.22
C VAL D 272 -12.67 -42.68 -13.23
N ILE D 273 -13.46 -43.14 -12.26
CA ILE D 273 -13.88 -44.53 -12.16
C ILE D 273 -15.33 -44.62 -12.63
N ALA D 274 -15.57 -45.49 -13.61
CA ALA D 274 -16.92 -45.67 -14.15
C ALA D 274 -17.76 -46.64 -13.35
N ASP D 275 -17.19 -47.27 -12.33
CA ASP D 275 -17.92 -48.23 -11.51
C ASP D 275 -18.33 -47.54 -10.21
N PRO D 276 -19.63 -47.40 -9.93
CA PRO D 276 -20.05 -46.80 -8.64
C PRO D 276 -19.87 -47.73 -7.44
N GLU D 277 -19.60 -49.01 -7.66
CA GLU D 277 -19.37 -49.93 -6.54
C GLU D 277 -18.00 -49.74 -5.91
N ILE D 278 -17.06 -49.12 -6.61
CA ILE D 278 -15.74 -48.86 -6.07
C ILE D 278 -15.81 -47.57 -5.23
N GLU D 279 -15.41 -47.67 -3.97
CA GLU D 279 -15.51 -46.55 -3.05
C GLU D 279 -14.39 -45.54 -3.30
N SER D 280 -14.51 -44.39 -2.63
CA SER D 280 -13.50 -43.34 -2.78
C SER D 280 -12.21 -43.70 -2.06
N ALA D 281 -12.31 -44.40 -0.93
CA ALA D 281 -11.12 -44.69 -0.14
C ALA D 281 -10.26 -45.78 -0.75
N VAL D 282 -10.81 -46.62 -1.62
CA VAL D 282 -10.00 -47.58 -2.35
C VAL D 282 -9.14 -46.86 -3.39
N THR D 283 -9.76 -45.98 -4.17
CA THR D 283 -9.07 -45.30 -5.27
C THR D 283 -8.10 -44.24 -4.75
N LEU D 284 -8.44 -43.59 -3.63
CA LEU D 284 -7.62 -42.52 -3.07
C LEU D 284 -6.29 -43.01 -2.52
N MET D 285 -6.16 -44.30 -2.20
CA MET D 285 -4.85 -44.88 -1.91
C MET D 285 -4.36 -45.83 -2.99
N ASN D 286 -5.21 -46.18 -3.97
CA ASN D 286 -4.71 -46.81 -5.19
C ASN D 286 -3.84 -45.85 -5.99
N ILE D 287 -4.18 -44.55 -5.97
CA ILE D 287 -3.30 -43.54 -6.54
C ILE D 287 -2.03 -43.39 -5.71
N GLN D 288 -2.16 -43.50 -4.38
CA GLN D 288 -1.00 -43.36 -3.49
C GLN D 288 -0.04 -44.53 -3.60
N SER D 289 -0.54 -45.70 -4.02
CA SER D 289 0.35 -46.83 -4.32
C SER D 289 1.28 -46.52 -5.49
N ALA D 290 0.72 -45.97 -6.57
CA ALA D 290 1.54 -45.56 -7.71
C ALA D 290 2.42 -44.37 -7.38
N ARG D 291 1.95 -43.48 -6.51
CA ARG D 291 2.77 -42.35 -6.06
C ARG D 291 3.97 -42.81 -5.23
N ARG D 292 3.76 -43.80 -4.36
CA ARG D 292 4.87 -44.38 -3.59
C ARG D 292 5.81 -45.16 -4.49
N PHE D 293 5.28 -45.82 -5.54
CA PHE D 293 6.12 -46.53 -6.49
C PHE D 293 7.01 -45.58 -7.29
N ILE D 294 6.45 -44.46 -7.77
CA ILE D 294 7.28 -43.53 -8.54
C ILE D 294 8.20 -42.73 -7.62
N GLU D 295 7.84 -42.56 -6.34
CA GLU D 295 8.77 -41.95 -5.39
C GLU D 295 9.94 -42.88 -5.09
N ALA D 296 9.68 -44.17 -4.95
CA ALA D 296 10.76 -45.15 -4.76
C ALA D 296 11.60 -45.30 -6.02
N SER D 297 11.02 -45.11 -7.20
CA SER D 297 11.80 -45.15 -8.43
C SER D 297 12.66 -43.91 -8.59
N LYS D 298 12.13 -42.73 -8.26
CA LYS D 298 12.87 -41.49 -8.42
C LYS D 298 13.83 -41.21 -7.26
N SER D 299 13.71 -41.93 -6.14
CA SER D 299 14.69 -41.77 -5.07
C SER D 299 16.03 -42.40 -5.45
N ALA D 300 16.00 -43.59 -6.06
CA ALA D 300 17.24 -44.23 -6.50
C ALA D 300 17.81 -43.55 -7.74
N SER D 301 16.95 -43.21 -8.69
CA SER D 301 17.40 -42.55 -9.92
C SER D 301 17.54 -41.06 -9.73
N ARG E 4 -45.55 -17.05 -5.09
CA ARG E 4 -45.24 -15.63 -4.99
C ARG E 4 -44.11 -15.25 -5.95
N LYS E 5 -44.11 -13.99 -6.38
CA LYS E 5 -43.13 -13.50 -7.34
C LYS E 5 -42.25 -12.44 -6.70
N ILE E 6 -41.14 -12.13 -7.39
CA ILE E 6 -40.20 -11.10 -6.97
C ILE E 6 -40.18 -10.05 -8.06
N ILE E 7 -40.47 -8.80 -7.69
CA ILE E 7 -40.54 -7.69 -8.62
C ILE E 7 -39.31 -6.82 -8.42
N LEU E 8 -38.56 -6.61 -9.50
CA LEU E 8 -37.32 -5.82 -9.48
C LEU E 8 -37.65 -4.44 -10.06
N MET E 9 -37.95 -3.49 -9.16
CA MET E 9 -38.30 -2.14 -9.57
C MET E 9 -37.03 -1.30 -9.70
N GLY E 10 -37.21 0.01 -9.92
CA GLY E 10 -36.12 0.94 -10.07
C GLY E 10 -36.41 1.91 -11.19
N LEU E 11 -35.39 2.69 -11.55
CA LEU E 11 -35.47 3.66 -12.64
C LEU E 11 -34.64 3.18 -13.82
N ARG E 12 -34.57 4.04 -14.84
CA ARG E 12 -33.75 3.75 -16.01
C ARG E 12 -32.27 3.87 -15.67
N ARG E 13 -31.46 2.99 -16.27
CA ARG E 13 -30.01 2.87 -16.06
C ARG E 13 -29.66 2.64 -14.59
N SER E 14 -30.44 1.79 -13.92
CA SER E 14 -30.20 1.43 -12.53
C SER E 14 -29.46 0.11 -12.37
N GLY E 15 -29.56 -0.79 -13.33
CA GLY E 15 -28.86 -2.06 -13.30
C GLY E 15 -29.72 -3.30 -13.18
N LYS E 16 -31.02 -3.21 -13.46
CA LYS E 16 -31.94 -4.34 -13.27
C LYS E 16 -31.72 -5.44 -14.31
N SER E 17 -31.51 -5.05 -15.57
CA SER E 17 -31.30 -6.02 -16.64
C SER E 17 -29.97 -6.74 -16.47
N SER E 18 -28.94 -6.04 -15.97
CA SER E 18 -27.68 -6.69 -15.68
C SER E 18 -27.78 -7.64 -14.48
N ILE E 19 -28.67 -7.33 -13.52
CA ILE E 19 -28.94 -8.22 -12.40
C ILE E 19 -29.60 -9.51 -12.89
N GLN E 20 -30.58 -9.40 -13.79
CA GLN E 20 -31.20 -10.61 -14.31
C GLN E 20 -30.32 -11.33 -15.33
N LYS E 21 -29.35 -10.63 -15.93
CA LYS E 21 -28.35 -11.32 -16.75
C LYS E 21 -27.38 -12.13 -15.89
N VAL E 22 -26.96 -11.57 -14.75
CA VAL E 22 -25.99 -12.26 -13.91
C VAL E 22 -26.65 -13.38 -13.10
N VAL E 23 -27.75 -13.06 -12.41
CA VAL E 23 -28.36 -13.99 -11.47
C VAL E 23 -29.31 -14.94 -12.19
N PHE E 24 -30.32 -14.38 -12.85
CA PHE E 24 -31.40 -15.20 -13.39
C PHE E 24 -30.99 -15.93 -14.67
N TYR E 25 -30.15 -15.30 -15.49
CA TYR E 25 -29.72 -15.88 -16.76
C TYR E 25 -28.32 -16.48 -16.68
N LYS E 26 -27.80 -16.70 -15.47
CA LYS E 26 -26.47 -17.26 -15.17
C LYS E 26 -25.32 -16.49 -15.81
N SER E 53 -40.16 -16.63 -9.25
CA SER E 53 -40.57 -15.79 -10.36
C SER E 53 -39.97 -14.39 -10.24
N VAL E 54 -38.95 -14.12 -11.04
CA VAL E 54 -38.26 -12.83 -11.01
C VAL E 54 -38.74 -12.02 -12.20
N TRP E 55 -39.40 -10.89 -11.92
CA TRP E 55 -39.98 -10.04 -12.94
C TRP E 55 -39.34 -8.66 -12.90
N ASP E 56 -39.07 -8.09 -14.08
CA ASP E 56 -38.43 -6.79 -14.20
C ASP E 56 -39.45 -5.79 -14.74
N PHE E 57 -40.02 -4.98 -13.87
CA PHE E 57 -40.77 -3.83 -14.32
C PHE E 57 -39.81 -2.76 -14.84
N PRO E 58 -40.18 -2.02 -15.89
CA PRO E 58 -39.28 -1.00 -16.44
C PRO E 58 -39.18 0.21 -15.54
N GLY E 59 -38.20 1.05 -15.84
CA GLY E 59 -37.95 2.27 -15.08
C GLY E 59 -38.96 3.38 -15.28
N GLN E 60 -39.79 3.26 -16.31
CA GLN E 60 -40.89 4.17 -16.60
C GLN E 60 -42.20 3.38 -16.47
N VAL E 61 -43.30 4.04 -16.88
CA VAL E 61 -44.73 3.67 -16.76
C VAL E 61 -45.05 2.96 -15.44
N ASP E 62 -44.89 3.69 -14.33
CA ASP E 62 -45.03 3.16 -12.98
C ASP E 62 -46.49 3.03 -12.55
N VAL E 63 -46.70 2.90 -11.23
CA VAL E 63 -48.00 2.55 -10.65
C VAL E 63 -49.09 3.61 -10.86
N PHE E 64 -48.70 4.86 -11.19
CA PHE E 64 -49.70 5.86 -11.56
C PHE E 64 -50.33 5.53 -12.92
N ASP E 65 -49.54 4.97 -13.83
CA ASP E 65 -50.08 4.56 -15.12
C ASP E 65 -50.92 3.29 -14.98
N ALA E 66 -51.97 3.19 -15.78
CA ALA E 66 -52.88 2.04 -15.77
C ALA E 66 -52.58 1.08 -16.92
N ALA E 67 -51.32 0.95 -17.32
CA ALA E 67 -50.96 0.03 -18.39
C ALA E 67 -50.99 -1.42 -17.94
N PHE E 68 -50.90 -1.68 -16.63
CA PHE E 68 -50.95 -3.01 -16.08
C PHE E 68 -51.89 -3.02 -14.88
N ASP E 69 -52.41 -4.20 -14.56
CA ASP E 69 -53.24 -4.39 -13.37
C ASP E 69 -52.29 -4.53 -12.18
N PHE E 70 -51.92 -3.38 -11.60
CA PHE E 70 -50.90 -3.37 -10.56
C PHE E 70 -51.43 -3.92 -9.24
N GLU E 71 -52.71 -3.68 -8.93
CA GLU E 71 -53.28 -4.16 -7.68
C GLU E 71 -53.48 -5.67 -7.69
N SER E 72 -53.67 -6.27 -8.86
CA SER E 72 -53.76 -7.73 -8.95
C SER E 72 -52.40 -8.39 -8.79
N ILE E 73 -51.36 -7.79 -9.38
CA ILE E 73 -50.01 -8.35 -9.30
C ILE E 73 -49.44 -8.18 -7.90
N PHE E 74 -49.61 -6.99 -7.30
CA PHE E 74 -49.00 -6.69 -6.01
C PHE E 74 -49.63 -7.44 -4.84
N THR E 75 -50.83 -8.00 -5.02
CA THR E 75 -51.40 -8.85 -3.98
C THR E 75 -50.67 -10.19 -3.92
N GLN E 76 -50.28 -10.73 -5.08
CA GLN E 76 -49.61 -12.02 -5.15
C GLN E 76 -48.10 -11.93 -5.01
N VAL E 77 -47.56 -10.72 -4.82
CA VAL E 77 -46.12 -10.50 -4.74
C VAL E 77 -45.77 -10.15 -3.30
N GLY E 78 -44.84 -10.91 -2.71
CA GLY E 78 -44.45 -10.70 -1.34
C GLY E 78 -43.16 -9.92 -1.16
N ALA E 79 -42.33 -9.87 -2.19
CA ALA E 79 -41.05 -9.19 -2.12
C ALA E 79 -40.99 -8.10 -3.19
N LEU E 80 -40.72 -6.87 -2.76
CA LEU E 80 -40.54 -5.74 -3.67
C LEU E 80 -39.10 -5.26 -3.52
N ILE E 81 -38.37 -5.22 -4.64
CA ILE E 81 -36.97 -4.78 -4.65
C ILE E 81 -36.88 -3.53 -5.50
N PHE E 82 -36.32 -2.47 -4.93
CA PHE E 82 -36.06 -1.23 -5.65
C PHE E 82 -34.56 -1.04 -5.81
N VAL E 83 -34.12 -0.83 -7.04
CA VAL E 83 -32.71 -0.67 -7.37
C VAL E 83 -32.39 0.83 -7.44
N ILE E 84 -31.43 1.26 -6.62
CA ILE E 84 -31.03 2.66 -6.54
C ILE E 84 -29.56 2.76 -6.92
N ASP E 85 -29.26 3.59 -7.91
CA ASP E 85 -27.88 3.83 -8.31
C ASP E 85 -27.19 4.72 -7.28
N ALA E 86 -26.00 4.30 -6.83
CA ALA E 86 -25.27 5.07 -5.84
C ALA E 86 -24.60 6.28 -6.47
N GLN E 87 -24.08 6.14 -7.69
CA GLN E 87 -23.36 7.22 -8.34
C GLN E 87 -24.31 8.30 -8.84
N ASP E 88 -25.45 7.89 -9.41
CA ASP E 88 -26.41 8.85 -9.93
C ASP E 88 -27.23 9.47 -8.81
N ASP E 89 -27.88 10.59 -9.13
CA ASP E 89 -28.80 11.23 -8.19
C ASP E 89 -30.04 10.36 -8.00
N TYR E 90 -30.50 10.28 -6.75
CA TYR E 90 -31.52 9.30 -6.40
C TYR E 90 -32.73 9.88 -5.68
N LEU E 91 -32.88 11.22 -5.65
CA LEU E 91 -34.00 11.82 -4.93
C LEU E 91 -35.33 11.59 -5.65
N ASP E 92 -35.32 11.67 -6.98
CA ASP E 92 -36.49 11.28 -7.75
C ASP E 92 -36.75 9.77 -7.64
N ALA E 93 -35.67 8.99 -7.57
CA ALA E 93 -35.79 7.55 -7.31
C ALA E 93 -36.32 7.28 -5.92
N LEU E 94 -35.94 8.11 -4.94
CA LEU E 94 -36.45 7.95 -3.57
C LEU E 94 -37.93 8.33 -3.48
N ALA E 95 -38.34 9.35 -4.24
CA ALA E 95 -39.75 9.74 -4.26
C ALA E 95 -40.61 8.67 -4.96
N ARG E 96 -40.07 8.10 -6.05
CA ARG E 96 -40.75 6.99 -6.73
C ARG E 96 -40.82 5.76 -5.83
N LEU E 97 -39.76 5.50 -5.07
CA LEU E 97 -39.75 4.39 -4.11
C LEU E 97 -40.77 4.62 -2.99
N HIS E 98 -40.88 5.85 -2.50
CA HIS E 98 -41.82 6.15 -1.43
C HIS E 98 -43.27 6.05 -1.90
N VAL E 99 -43.56 6.51 -3.12
CA VAL E 99 -44.93 6.38 -3.62
C VAL E 99 -45.23 4.93 -4.02
N THR E 100 -44.22 4.14 -4.39
CA THR E 100 -44.43 2.72 -4.66
C THR E 100 -44.66 1.94 -3.37
N VAL E 101 -43.95 2.29 -2.30
CA VAL E 101 -44.17 1.70 -0.98
C VAL E 101 -45.56 2.03 -0.46
N ALA E 102 -46.00 3.29 -0.65
CA ALA E 102 -47.35 3.68 -0.25
C ALA E 102 -48.42 2.95 -1.06
N ARG E 103 -48.17 2.75 -2.36
CA ARG E 103 -49.08 1.99 -3.22
C ARG E 103 -49.18 0.53 -2.80
N VAL E 104 -48.05 -0.12 -2.50
CA VAL E 104 -48.12 -1.54 -2.17
C VAL E 104 -48.60 -1.77 -0.74
N VAL E 105 -48.39 -0.81 0.18
CA VAL E 105 -48.98 -0.92 1.52
C VAL E 105 -50.49 -0.72 1.45
N THR E 106 -50.97 0.21 0.60
CA THR E 106 -52.41 0.31 0.39
C THR E 106 -52.98 -0.86 -0.39
N ILE E 107 -52.16 -1.65 -1.08
CA ILE E 107 -52.65 -2.88 -1.68
C ILE E 107 -52.63 -4.03 -0.68
N ASN E 108 -51.47 -4.32 -0.07
CA ASN E 108 -51.41 -5.43 0.90
C ASN E 108 -50.38 -5.17 2.00
N PRO E 109 -50.68 -5.50 3.26
CA PRO E 109 -49.74 -5.19 4.34
C PRO E 109 -48.66 -6.23 4.60
N ASN E 110 -48.59 -7.30 3.81
CA ASN E 110 -47.63 -8.37 4.05
C ASN E 110 -46.47 -8.38 3.07
N ILE E 111 -46.26 -7.29 2.33
CA ILE E 111 -45.20 -7.24 1.34
C ILE E 111 -43.89 -6.89 2.04
N CYS E 112 -42.77 -7.42 1.51
CA CYS E 112 -41.44 -7.11 2.00
C CYS E 112 -40.76 -6.17 1.02
N ILE E 113 -40.15 -5.11 1.54
CA ILE E 113 -39.52 -4.08 0.73
C ILE E 113 -38.03 -4.09 1.00
N GLU E 114 -37.23 -4.18 -0.06
CA GLU E 114 -35.78 -4.16 0.04
C GLU E 114 -35.24 -3.14 -0.96
N VAL E 115 -34.14 -2.50 -0.59
CA VAL E 115 -33.52 -1.46 -1.41
C VAL E 115 -32.14 -1.95 -1.84
N PHE E 116 -31.92 -1.99 -3.15
CA PHE E 116 -30.67 -2.49 -3.73
C PHE E 116 -29.84 -1.31 -4.17
N ILE E 117 -28.85 -0.93 -3.35
CA ILE E 117 -27.88 0.08 -3.75
C ILE E 117 -26.89 -0.58 -4.70
N HIS E 118 -26.81 -0.07 -5.92
CA HIS E 118 -26.16 -0.76 -7.02
C HIS E 118 -25.02 0.09 -7.56
N LYS E 119 -24.19 -0.56 -8.40
CA LYS E 119 -23.01 0.02 -9.06
C LYS E 119 -21.99 0.55 -8.04
N VAL E 120 -21.54 -0.35 -7.16
CA VAL E 120 -20.53 -0.02 -6.16
C VAL E 120 -19.18 -0.66 -6.49
N ASP E 121 -19.02 -1.18 -7.70
CA ASP E 121 -17.74 -1.77 -8.09
C ASP E 121 -16.67 -0.72 -8.32
N GLY E 122 -17.06 0.43 -8.90
CA GLY E 122 -16.13 1.52 -9.13
C GLY E 122 -15.93 2.45 -7.95
N LEU E 123 -16.65 2.24 -6.86
CA LEU E 123 -16.55 3.11 -5.69
C LEU E 123 -15.51 2.57 -4.72
N SER E 124 -14.96 3.49 -3.91
CA SER E 124 -13.94 3.14 -2.93
C SER E 124 -14.58 2.61 -1.65
N ASP E 125 -13.74 2.22 -0.70
CA ASP E 125 -14.24 1.68 0.56
C ASP E 125 -14.80 2.78 1.46
N GLU E 126 -14.23 3.99 1.36
CA GLU E 126 -14.76 5.12 2.12
C GLU E 126 -16.08 5.62 1.55
N PHE E 127 -16.29 5.46 0.24
CA PHE E 127 -17.48 5.99 -0.42
C PHE E 127 -18.71 5.15 -0.12
N LYS E 128 -18.55 3.82 0.03
CA LYS E 128 -19.70 2.92 0.20
C LYS E 128 -20.39 3.13 1.53
N ILE E 129 -19.62 3.32 2.61
CA ILE E 129 -20.19 3.50 3.94
C ILE E 129 -20.91 4.84 4.03
N ASP E 130 -20.33 5.88 3.45
CA ASP E 130 -20.96 7.21 3.46
C ASP E 130 -22.22 7.22 2.59
N THR E 131 -22.19 6.52 1.45
CA THR E 131 -23.37 6.43 0.59
C THR E 131 -24.49 5.63 1.26
N GLN E 132 -24.14 4.54 1.96
CA GLN E 132 -25.11 3.74 2.69
C GLN E 132 -25.72 4.53 3.85
N ARG E 133 -24.88 5.29 4.57
CA ARG E 133 -25.37 6.12 5.68
C ARG E 133 -26.27 7.24 5.19
N ASP E 134 -25.89 7.89 4.08
CA ASP E 134 -26.71 8.96 3.50
C ASP E 134 -28.04 8.45 2.98
N ILE E 135 -28.03 7.29 2.29
CA ILE E 135 -29.27 6.72 1.73
C ILE E 135 -30.19 6.23 2.85
N GLN E 136 -29.63 5.58 3.87
CA GLN E 136 -30.44 5.07 4.98
C GLN E 136 -31.00 6.20 5.84
N GLN E 137 -30.21 7.25 6.08
CA GLN E 137 -30.70 8.39 6.85
C GLN E 137 -31.71 9.21 6.06
N ARG E 138 -31.56 9.26 4.73
CA ARG E 138 -32.53 9.97 3.90
C ARG E 138 -33.82 9.18 3.77
N THR E 139 -33.76 7.85 3.86
CA THR E 139 -34.95 7.04 3.64
C THR E 139 -35.73 6.81 4.93
N GLN E 140 -35.05 6.49 6.04
CA GLN E 140 -35.75 6.08 7.25
C GLN E 140 -36.40 7.24 7.99
N ASP E 141 -36.02 8.48 7.67
CA ASP E 141 -36.72 9.64 8.23
C ASP E 141 -37.92 10.04 7.40
N GLU E 142 -37.85 9.88 6.07
CA GLU E 142 -39.03 10.10 5.26
C GLU E 142 -40.06 8.98 5.41
N LEU E 143 -39.62 7.79 5.84
CA LEU E 143 -40.57 6.75 6.23
C LEU E 143 -41.39 7.18 7.44
N ALA E 144 -40.76 7.84 8.42
CA ALA E 144 -41.49 8.38 9.56
C ALA E 144 -42.31 9.60 9.16
N ASP E 145 -41.84 10.35 8.15
CA ASP E 145 -42.59 11.50 7.67
C ASP E 145 -43.87 11.08 6.94
N ILE E 146 -43.83 9.95 6.22
CA ILE E 146 -45.03 9.40 5.62
C ILE E 146 -45.97 8.87 6.70
N GLY E 147 -45.44 8.09 7.63
CA GLY E 147 -46.22 7.52 8.71
C GLY E 147 -46.32 6.01 8.70
N LEU E 148 -45.76 5.33 7.71
CA LEU E 148 -45.78 3.87 7.64
C LEU E 148 -44.51 3.31 8.28
N GLU E 149 -44.46 3.45 9.61
CA GLU E 149 -43.31 2.99 10.38
C GLU E 149 -43.39 1.51 10.76
N ASN E 150 -44.54 0.86 10.53
CA ASN E 150 -44.69 -0.53 10.90
C ASN E 150 -43.99 -1.48 9.93
N VAL E 151 -43.94 -1.14 8.65
CA VAL E 151 -43.36 -2.02 7.63
C VAL E 151 -41.83 -2.00 7.72
N PRO E 152 -41.17 -3.16 7.55
CA PRO E 152 -39.70 -3.16 7.54
C PRO E 152 -39.12 -3.00 6.13
N ILE E 153 -38.18 -2.07 5.98
CA ILE E 153 -37.50 -1.84 4.71
C ILE E 153 -36.02 -2.11 4.91
N SER E 154 -35.48 -3.05 4.12
CA SER E 154 -34.09 -3.44 4.20
C SER E 154 -33.26 -2.73 3.13
N PHE E 155 -31.94 -2.71 3.35
CA PHE E 155 -31.01 -2.03 2.47
C PHE E 155 -29.86 -2.97 2.14
N HIS E 156 -29.51 -3.07 0.87
CA HIS E 156 -28.48 -3.99 0.40
C HIS E 156 -27.52 -3.28 -0.54
N LEU E 157 -26.25 -3.68 -0.46
CA LEU E 157 -25.18 -3.15 -1.31
C LEU E 157 -24.85 -4.20 -2.36
N THR E 158 -25.27 -3.95 -3.60
CA THR E 158 -25.16 -4.92 -4.67
C THR E 158 -24.22 -4.42 -5.76
N SER E 159 -23.58 -5.38 -6.43
CA SER E 159 -22.74 -5.11 -7.59
C SER E 159 -22.71 -6.38 -8.44
N ILE E 160 -22.89 -6.24 -9.75
CA ILE E 160 -22.96 -7.39 -10.63
C ILE E 160 -21.61 -8.04 -10.84
N PHE E 161 -20.51 -7.31 -10.64
CA PHE E 161 -19.18 -7.87 -10.78
C PHE E 161 -18.68 -8.59 -9.54
N ASP E 162 -19.43 -8.50 -8.43
CA ASP E 162 -19.11 -9.20 -7.19
C ASP E 162 -20.16 -10.29 -6.95
N HIS E 163 -20.04 -10.96 -5.80
CA HIS E 163 -21.03 -11.92 -5.34
C HIS E 163 -21.98 -11.34 -4.31
N SER E 164 -21.97 -10.02 -4.13
CA SER E 164 -22.85 -9.39 -3.15
C SER E 164 -24.29 -9.34 -3.65
N ILE E 165 -24.50 -9.39 -4.97
CA ILE E 165 -25.85 -9.44 -5.51
C ILE E 165 -26.50 -10.79 -5.20
N PHE E 166 -25.71 -11.87 -5.22
CA PHE E 166 -26.22 -13.19 -4.85
C PHE E 166 -26.56 -13.27 -3.38
N GLU E 167 -25.74 -12.65 -2.52
CA GLU E 167 -26.03 -12.62 -1.08
C GLU E 167 -27.25 -11.76 -0.77
N ALA E 168 -27.40 -10.63 -1.48
CA ALA E 168 -28.56 -9.77 -1.29
C ALA E 168 -29.85 -10.44 -1.76
N PHE E 169 -29.79 -11.16 -2.89
CA PHE E 169 -30.96 -11.89 -3.36
C PHE E 169 -31.26 -13.09 -2.48
N SER E 170 -30.22 -13.67 -1.85
CA SER E 170 -30.44 -14.73 -0.87
C SER E 170 -31.14 -14.21 0.38
N ARG E 171 -30.75 -13.02 0.86
CA ARG E 171 -31.45 -12.43 2.00
C ARG E 171 -32.86 -11.96 1.65
N VAL E 172 -33.09 -11.64 0.37
CA VAL E 172 -34.46 -11.37 -0.09
C VAL E 172 -35.29 -12.66 -0.08
N ILE E 173 -34.72 -13.75 -0.60
CA ILE E 173 -35.41 -15.04 -0.72
C ILE E 173 -35.69 -15.65 0.67
N GLN E 174 -34.81 -15.39 1.64
CA GLN E 174 -34.99 -15.88 3.01
C GLN E 174 -36.21 -15.28 3.70
N LYS E 175 -36.61 -14.07 3.31
CA LYS E 175 -37.82 -13.47 3.87
C LYS E 175 -39.08 -14.15 3.35
N LEU E 176 -39.07 -14.60 2.09
CA LEU E 176 -40.26 -15.20 1.50
C LEU E 176 -40.50 -16.63 1.99
N ILE E 177 -39.45 -17.35 2.35
CA ILE E 177 -39.59 -18.72 2.83
C ILE E 177 -40.11 -18.67 4.26
N PRO E 178 -41.26 -19.27 4.56
CA PRO E 178 -41.76 -19.27 5.95
C PRO E 178 -41.11 -20.29 6.85
N GLN E 179 -40.21 -21.11 6.30
CA GLN E 179 -39.57 -22.21 7.00
C GLN E 179 -38.12 -21.90 7.37
N LEU E 180 -37.76 -20.61 7.32
CA LEU E 180 -36.40 -20.17 7.63
C LEU E 180 -35.93 -20.41 9.07
N PRO E 181 -36.71 -20.12 10.15
CA PRO E 181 -36.15 -20.37 11.51
C PRO E 181 -35.97 -21.85 11.85
N THR E 182 -36.78 -22.74 11.29
CA THR E 182 -36.60 -24.18 11.53
C THR E 182 -35.32 -24.69 10.88
N LEU E 183 -35.07 -24.29 9.62
CA LEU E 183 -33.84 -24.66 8.94
C LEU E 183 -32.62 -24.00 9.56
N GLU E 184 -32.77 -22.76 10.04
CA GLU E 184 -31.67 -22.08 10.69
C GLU E 184 -31.32 -22.70 12.03
N ASN E 185 -32.32 -23.12 12.80
CA ASN E 185 -32.06 -23.82 14.06
C ASN E 185 -31.47 -25.20 13.82
N LEU E 186 -31.90 -25.87 12.75
CA LEU E 186 -31.33 -27.17 12.37
C LEU E 186 -29.86 -27.03 11.97
N LEU E 187 -29.53 -26.00 11.20
CA LEU E 187 -28.15 -25.75 10.82
C LEU E 187 -27.30 -25.30 12.01
N ASN E 188 -27.92 -24.58 12.96
CA ASN E 188 -27.20 -24.17 14.17
C ASN E 188 -26.84 -25.37 15.04
N ILE E 189 -27.79 -26.28 15.27
CA ILE E 189 -27.49 -27.43 16.11
C ILE E 189 -26.62 -28.44 15.36
N PHE E 190 -26.67 -28.45 14.02
CA PHE E 190 -25.79 -29.32 13.26
C PHE E 190 -24.35 -28.77 13.26
N CYS E 191 -24.19 -27.45 13.19
CA CYS E 191 -22.85 -26.87 13.28
C CYS E 191 -22.27 -26.97 14.69
N SER E 192 -23.13 -26.88 15.71
CA SER E 192 -22.63 -27.01 17.08
C SER E 192 -22.29 -28.45 17.42
N ASN E 193 -23.08 -29.41 16.92
CA ASN E 193 -22.83 -30.81 17.26
C ASN E 193 -21.65 -31.40 16.49
N SER E 194 -21.51 -31.06 15.21
CA SER E 194 -20.54 -31.72 14.33
C SER E 194 -19.23 -30.97 14.20
N LEU E 195 -19.04 -29.87 14.94
CA LEU E 195 -17.86 -28.98 14.89
C LEU E 195 -17.65 -28.42 13.48
N VAL E 196 -18.75 -28.09 12.81
CA VAL E 196 -18.72 -27.50 11.48
C VAL E 196 -18.67 -25.99 11.63
N GLU E 197 -17.69 -25.36 10.96
CA GLU E 197 -17.49 -23.92 11.12
C GLU E 197 -18.59 -23.10 10.46
N LYS E 198 -19.01 -23.51 9.26
CA LYS E 198 -19.96 -22.73 8.47
C LYS E 198 -20.74 -23.69 7.59
N ALA E 199 -22.05 -23.44 7.45
CA ALA E 199 -22.89 -24.26 6.61
C ALA E 199 -23.84 -23.39 5.80
N TYR E 200 -24.07 -23.78 4.55
CA TYR E 200 -25.03 -23.12 3.68
C TYR E 200 -25.90 -24.18 3.02
N LEU E 201 -27.12 -23.80 2.67
CA LEU E 201 -28.03 -24.67 1.93
C LEU E 201 -28.28 -24.03 0.56
N PHE E 202 -27.37 -24.29 -0.39
CA PHE E 202 -27.46 -23.69 -1.71
C PHE E 202 -28.53 -24.33 -2.58
N ASP E 203 -29.00 -23.55 -3.54
CA ASP E 203 -29.66 -24.06 -4.74
C ASP E 203 -28.59 -24.08 -5.83
N VAL E 204 -28.41 -25.25 -6.46
CA VAL E 204 -27.26 -25.42 -7.34
C VAL E 204 -27.46 -24.73 -8.69
N LEU E 205 -28.71 -24.49 -9.09
CA LEU E 205 -28.95 -23.87 -10.39
C LEU E 205 -28.71 -22.36 -10.37
N SER E 206 -28.96 -21.70 -9.23
CA SER E 206 -28.90 -20.25 -9.15
C SER E 206 -27.79 -19.73 -8.24
N LYS E 207 -27.10 -20.63 -7.52
CA LYS E 207 -26.06 -20.31 -6.52
C LYS E 207 -26.56 -19.35 -5.44
N ILE E 208 -27.80 -19.58 -5.01
CA ILE E 208 -28.44 -18.77 -3.97
C ILE E 208 -28.73 -19.70 -2.80
N TYR E 209 -28.21 -19.35 -1.63
CA TYR E 209 -28.32 -20.22 -0.47
C TYR E 209 -29.64 -19.98 0.26
N VAL E 210 -30.38 -21.07 0.47
CA VAL E 210 -31.69 -20.98 1.12
C VAL E 210 -31.54 -20.65 2.60
N ALA E 211 -30.61 -21.33 3.28
CA ALA E 211 -30.42 -21.10 4.71
C ALA E 211 -28.95 -21.21 5.06
N THR E 212 -28.57 -20.56 6.15
CA THR E 212 -27.22 -20.62 6.69
C THR E 212 -27.32 -20.62 8.21
N ASP E 213 -26.18 -20.77 8.87
CA ASP E 213 -26.14 -20.77 10.32
C ASP E 213 -26.04 -19.35 10.85
N SER E 214 -25.93 -19.23 12.18
CA SER E 214 -25.95 -17.92 12.84
C SER E 214 -24.63 -17.16 12.71
N SER E 215 -23.54 -17.83 12.36
CA SER E 215 -22.26 -17.15 12.17
C SER E 215 -22.28 -16.32 10.89
N PRO E 216 -21.53 -15.21 10.85
CA PRO E 216 -21.55 -14.34 9.67
C PRO E 216 -20.91 -14.97 8.44
N VAL E 217 -21.37 -14.51 7.28
CA VAL E 217 -20.94 -15.04 5.98
C VAL E 217 -19.72 -14.26 5.52
N ASP E 218 -18.56 -14.92 5.48
CA ASP E 218 -17.37 -14.32 4.91
C ASP E 218 -17.45 -14.34 3.38
N VAL E 219 -16.93 -13.28 2.76
CA VAL E 219 -16.93 -13.20 1.31
C VAL E 219 -15.90 -14.19 0.72
N GLN E 220 -14.78 -14.40 1.41
CA GLN E 220 -13.77 -15.36 0.97
C GLN E 220 -14.28 -16.80 1.09
N SER E 221 -15.14 -17.06 2.07
CA SER E 221 -15.78 -18.37 2.15
C SER E 221 -16.86 -18.52 1.08
N TYR E 222 -17.62 -17.45 0.82
CA TYR E 222 -18.74 -17.52 -0.10
C TYR E 222 -18.30 -17.66 -1.55
N GLU E 223 -17.15 -17.07 -1.90
CA GLU E 223 -16.63 -17.19 -3.27
C GLU E 223 -16.22 -18.63 -3.59
N ILE E 224 -15.52 -19.28 -2.64
CA ILE E 224 -15.11 -20.66 -2.88
C ILE E 224 -16.29 -21.61 -2.74
N CYS E 225 -17.31 -21.25 -1.93
CA CYS E 225 -18.51 -22.07 -1.87
C CYS E 225 -19.35 -21.94 -3.13
N SER E 226 -19.31 -20.77 -3.79
CA SER E 226 -20.02 -20.60 -5.05
C SER E 226 -19.30 -21.30 -6.20
N ASP E 227 -17.97 -21.27 -6.20
CA ASP E 227 -17.23 -21.91 -7.29
C ASP E 227 -17.09 -23.43 -7.09
N PHE E 228 -17.31 -23.92 -5.88
CA PHE E 228 -17.39 -25.36 -5.62
C PHE E 228 -18.54 -26.01 -6.39
N ILE E 229 -19.69 -25.31 -6.44
CA ILE E 229 -20.85 -25.77 -7.22
C ILE E 229 -20.53 -25.74 -8.70
N ASP E 230 -19.75 -24.75 -9.15
CA ASP E 230 -19.38 -24.65 -10.56
C ASP E 230 -18.49 -25.81 -10.99
N VAL E 231 -17.50 -26.17 -10.15
CA VAL E 231 -16.62 -27.31 -10.44
C VAL E 231 -17.41 -28.62 -10.43
N ILE E 232 -18.31 -28.79 -9.45
CA ILE E 232 -19.09 -30.03 -9.33
C ILE E 232 -20.05 -30.18 -10.51
N LEU E 233 -20.77 -29.10 -10.85
CA LEU E 233 -21.75 -29.15 -11.93
C LEU E 233 -21.08 -29.31 -13.29
N ASP E 234 -19.90 -28.70 -13.48
CA ASP E 234 -19.24 -28.81 -14.78
C ASP E 234 -18.62 -30.20 -14.98
N ILE E 235 -17.99 -30.76 -13.93
CA ILE E 235 -17.44 -32.12 -14.05
C ILE E 235 -18.56 -33.16 -14.16
N GLY E 236 -19.67 -32.95 -13.44
CA GLY E 236 -20.80 -33.85 -13.57
C GLY E 236 -21.56 -33.70 -14.88
N SER E 237 -21.44 -32.53 -15.53
CA SER E 237 -21.98 -32.39 -16.87
C SER E 237 -21.09 -33.05 -17.92
N ILE E 238 -19.77 -33.04 -17.69
CA ILE E 238 -18.85 -33.69 -18.63
C ILE E 238 -18.97 -35.21 -18.53
N TYR E 239 -18.91 -35.75 -17.31
CA TYR E 239 -18.80 -37.20 -17.12
C TYR E 239 -20.12 -37.89 -16.77
N GLY E 240 -21.18 -37.15 -16.51
CA GLY E 240 -22.46 -37.78 -16.21
C GLY E 240 -23.32 -37.95 -17.45
N ARG E 241 -22.83 -38.72 -18.41
CA ARG E 241 -23.54 -38.93 -19.68
C ARG E 241 -24.25 -40.27 -19.76
N SER E 242 -23.62 -41.34 -19.27
CA SER E 242 -24.26 -42.65 -19.23
C SER E 242 -25.32 -42.65 -18.14
N SER E 243 -26.51 -43.16 -18.49
CA SER E 243 -27.78 -43.07 -17.73
C SER E 243 -28.04 -41.58 -17.47
N GLN E 244 -28.19 -41.15 -16.21
CA GLN E 244 -28.25 -39.76 -15.75
C GLN E 244 -29.44 -38.98 -16.33
N LEU E 245 -29.38 -38.70 -17.63
CA LEU E 245 -30.44 -37.97 -18.33
C LEU E 245 -31.23 -38.87 -19.27
N LYS E 246 -31.54 -40.10 -18.83
CA LYS E 246 -32.36 -41.06 -19.55
C LYS E 246 -33.77 -40.51 -19.71
N PRO E 247 -34.35 -40.57 -20.91
CA PRO E 247 -35.70 -39.98 -21.10
C PRO E 247 -36.83 -40.72 -20.40
N GLY E 248 -36.84 -42.06 -20.46
CA GLY E 248 -37.87 -42.82 -19.79
C GLY E 248 -37.77 -42.82 -18.29
N HIS E 249 -36.76 -43.54 -17.77
CA HIS E 249 -36.46 -43.65 -16.34
C HIS E 249 -35.11 -44.31 -16.18
N SER E 250 -34.41 -43.97 -15.11
CA SER E 250 -33.17 -44.67 -14.77
C SER E 250 -33.51 -46.05 -14.21
N PRO E 251 -32.92 -47.12 -14.75
CA PRO E 251 -33.16 -48.46 -14.19
C PRO E 251 -32.61 -48.65 -12.79
N GLU E 252 -31.50 -47.99 -12.47
CA GLU E 252 -30.94 -47.98 -11.11
C GLU E 252 -30.99 -46.57 -10.58
N ILE E 253 -31.35 -46.43 -9.30
CA ILE E 253 -31.38 -45.12 -8.66
C ILE E 253 -29.95 -44.66 -8.40
N LEU E 254 -29.62 -43.46 -8.87
CA LEU E 254 -28.27 -42.95 -8.77
C LEU E 254 -27.97 -42.48 -7.35
N ASP E 255 -26.68 -42.46 -7.02
CA ASP E 255 -26.23 -41.91 -5.75
C ASP E 255 -26.36 -40.39 -5.75
N GLU E 256 -26.49 -39.83 -4.55
CA GLU E 256 -26.44 -38.38 -4.39
C GLU E 256 -25.02 -37.89 -4.64
N THR E 257 -24.90 -36.71 -5.23
CA THR E 257 -23.60 -36.14 -5.55
C THR E 257 -22.96 -35.64 -4.26
N SER E 258 -21.87 -36.28 -3.85
CA SER E 258 -21.11 -35.90 -2.67
C SER E 258 -19.67 -35.64 -3.08
N SER E 259 -19.11 -34.54 -2.58
CA SER E 259 -17.75 -34.16 -2.92
C SER E 259 -17.01 -33.74 -1.65
N VAL E 260 -15.67 -33.87 -1.69
CA VAL E 260 -14.79 -33.46 -0.60
C VAL E 260 -13.57 -32.78 -1.22
N ILE E 261 -13.27 -31.55 -0.78
CA ILE E 261 -12.05 -30.86 -1.18
C ILE E 261 -11.27 -30.49 0.07
N ARG E 262 -10.02 -30.93 0.15
CA ARG E 262 -9.10 -30.55 1.21
C ARG E 262 -8.18 -29.45 0.69
N LEU E 263 -8.04 -28.38 1.46
CA LEU E 263 -7.20 -27.25 1.12
C LEU E 263 -5.94 -27.24 1.97
N SER E 264 -5.02 -26.34 1.63
CA SER E 264 -3.73 -26.27 2.30
C SER E 264 -3.76 -25.43 3.57
N ASN E 265 -4.82 -24.68 3.83
CA ASN E 265 -4.91 -23.84 5.01
C ASN E 265 -5.71 -24.49 6.14
N ASP E 266 -5.61 -25.83 6.25
CA ASP E 266 -6.23 -26.65 7.31
C ASP E 266 -7.76 -26.50 7.30
N LEU E 267 -8.34 -26.49 6.10
CA LEU E 267 -9.78 -26.35 5.92
C LEU E 267 -10.26 -27.33 4.86
N VAL E 268 -11.42 -27.94 5.11
CA VAL E 268 -12.03 -28.91 4.20
C VAL E 268 -13.42 -28.42 3.83
N LEU E 269 -13.69 -28.32 2.53
CA LEU E 269 -15.03 -28.05 2.03
C LEU E 269 -15.64 -29.35 1.54
N PHE E 270 -16.91 -29.59 1.88
CA PHE E 270 -17.59 -30.77 1.35
C PHE E 270 -19.05 -30.47 1.06
N LEU E 271 -19.56 -31.10 -0.01
CA LEU E 271 -20.94 -30.96 -0.45
C LEU E 271 -21.65 -32.30 -0.30
N ARG E 272 -22.93 -32.25 0.02
CA ARG E 272 -23.82 -33.40 -0.10
C ARG E 272 -25.12 -32.92 -0.75
N GLU E 273 -25.56 -33.64 -1.78
CA GLU E 273 -26.82 -33.33 -2.45
C GLU E 273 -27.99 -33.67 -1.53
N MET E 274 -28.82 -32.68 -1.23
CA MET E 274 -29.94 -32.85 -0.31
C MET E 274 -31.23 -33.24 -1.04
N ASN E 275 -31.62 -32.46 -2.02
CA ASN E 275 -32.82 -32.67 -2.81
C ASN E 275 -32.44 -32.71 -4.29
N GLN E 276 -33.45 -32.64 -5.15
CA GLN E 276 -33.20 -32.56 -6.59
C GLN E 276 -32.62 -31.21 -7.00
N TYR E 277 -32.78 -30.17 -6.18
CA TYR E 277 -32.25 -28.86 -6.48
C TYR E 277 -31.39 -28.27 -5.36
N LEU E 278 -31.29 -28.92 -4.21
CA LEU E 278 -30.57 -28.37 -3.06
C LEU E 278 -29.29 -29.13 -2.80
N ALA E 279 -28.39 -28.47 -2.06
CA ALA E 279 -27.12 -29.06 -1.65
C ALA E 279 -26.67 -28.37 -0.37
N LEU E 280 -25.79 -29.03 0.37
CA LEU E 280 -25.29 -28.52 1.64
C LEU E 280 -23.77 -28.48 1.58
N ILE E 281 -23.20 -27.28 1.48
CA ILE E 281 -21.76 -27.10 1.55
C ILE E 281 -21.38 -26.67 2.94
N CYS E 282 -20.47 -27.42 3.55
CA CYS E 282 -20.00 -27.12 4.89
C CYS E 282 -18.50 -26.91 4.89
N ILE E 283 -18.05 -25.97 5.72
CA ILE E 283 -16.64 -25.69 5.91
C ILE E 283 -16.24 -26.26 7.27
N VAL E 284 -15.27 -27.16 7.25
CA VAL E 284 -14.84 -27.85 8.47
C VAL E 284 -13.31 -27.90 8.46
N ARG E 285 -12.71 -27.71 9.63
CA ARG E 285 -11.27 -27.88 9.78
C ARG E 285 -10.90 -29.34 9.58
N ALA E 286 -9.68 -29.57 9.07
CA ALA E 286 -9.22 -30.93 8.84
C ALA E 286 -8.84 -31.64 10.14
N ASP E 287 -8.65 -30.89 11.23
CA ASP E 287 -8.55 -31.51 12.54
C ASP E 287 -9.87 -32.16 12.94
N ASN E 288 -10.99 -31.50 12.63
CA ASN E 288 -12.31 -32.03 12.92
C ASN E 288 -12.83 -32.95 11.83
N PHE E 289 -12.17 -33.01 10.67
CA PHE E 289 -12.56 -33.91 9.60
C PHE E 289 -11.91 -35.29 9.72
N GLU E 290 -11.12 -35.52 10.76
CA GLU E 290 -10.66 -36.88 11.04
C GLU E 290 -11.81 -37.77 11.49
N LYS E 291 -12.78 -37.21 12.20
CA LYS E 291 -14.02 -37.91 12.54
C LYS E 291 -15.11 -37.56 11.53
N SER E 292 -14.83 -37.84 10.26
CA SER E 292 -15.75 -37.48 9.18
C SER E 292 -16.95 -38.40 9.11
N GLY E 293 -16.89 -39.58 9.72
CA GLY E 293 -18.04 -40.47 9.73
C GLY E 293 -19.20 -39.95 10.57
N LEU E 294 -18.89 -39.30 11.70
CA LEU E 294 -19.92 -38.71 12.53
C LEU E 294 -20.56 -37.51 11.86
N ILE E 295 -19.74 -36.72 11.13
CA ILE E 295 -20.27 -35.62 10.34
C ILE E 295 -21.12 -36.13 9.19
N GLU E 296 -20.74 -37.28 8.61
CA GLU E 296 -21.55 -37.91 7.56
C GLU E 296 -22.88 -38.41 8.10
N TYR E 297 -22.88 -38.97 9.31
CA TYR E 297 -24.12 -39.40 9.96
C TYR E 297 -25.04 -38.22 10.29
N ASN E 298 -24.46 -37.10 10.75
CA ASN E 298 -25.28 -35.92 11.02
C ASN E 298 -25.77 -35.26 9.74
N VAL E 299 -25.00 -35.35 8.66
CA VAL E 299 -25.46 -34.90 7.34
C VAL E 299 -26.61 -35.76 6.85
N GLN E 300 -26.56 -37.07 7.11
CA GLN E 300 -27.67 -37.96 6.74
C GLN E 300 -28.93 -37.68 7.56
N CYS E 301 -28.77 -37.37 8.86
CA CYS E 301 -29.91 -37.02 9.69
C CYS E 301 -30.50 -35.66 9.28
N LEU E 302 -29.65 -34.70 8.90
CA LEU E 302 -30.14 -33.44 8.37
C LEU E 302 -30.81 -33.61 7.01
N GLN E 303 -30.35 -34.58 6.22
CA GLN E 303 -31.00 -34.92 4.95
C GLN E 303 -32.39 -35.47 5.19
N THR E 304 -32.54 -36.34 6.20
CA THR E 304 -33.85 -36.87 6.58
C THR E 304 -34.78 -35.76 7.07
N ALA E 305 -34.23 -34.82 7.87
CA ALA E 305 -35.01 -33.69 8.37
C ALA E 305 -35.46 -32.76 7.26
N ILE E 306 -34.58 -32.47 6.29
CA ILE E 306 -34.90 -31.57 5.19
C ILE E 306 -35.91 -32.23 4.24
N GLN E 307 -35.72 -33.52 3.95
CA GLN E 307 -36.64 -34.23 3.06
C GLN E 307 -38.00 -34.47 3.72
N SER E 308 -38.06 -34.51 5.05
CA SER E 308 -39.36 -34.60 5.71
C SER E 308 -40.03 -33.24 5.85
N ILE E 309 -39.25 -32.16 5.96
CA ILE E 309 -39.83 -30.81 6.00
C ILE E 309 -40.40 -30.43 4.64
N PHE E 310 -39.65 -30.67 3.57
CA PHE E 310 -40.05 -30.21 2.25
C PHE E 310 -40.97 -31.19 1.52
N SER E 311 -41.31 -32.32 2.13
CA SER E 311 -42.27 -33.23 1.53
C SER E 311 -43.69 -32.65 1.65
N PRO E 312 -44.57 -32.98 0.70
CA PRO E 312 -45.99 -32.62 0.88
C PRO E 312 -46.62 -33.42 2.00
N ARG E 313 -47.44 -32.75 2.81
CA ARG E 313 -48.02 -33.36 4.00
C ARG E 313 -49.51 -33.07 4.09
N THR E 314 -50.12 -33.45 5.20
CA THR E 314 -51.54 -33.21 5.43
C THR E 314 -51.77 -31.96 6.27
N ARG F 265 -55.35 -21.79 10.66
CA ARG F 265 -55.91 -23.03 11.19
C ARG F 265 -55.11 -24.23 10.69
N LYS F 266 -54.34 -24.02 9.61
CA LYS F 266 -53.49 -25.07 9.06
C LYS F 266 -52.00 -24.77 9.19
N ARG F 267 -51.62 -23.51 9.42
CA ARG F 267 -50.21 -23.17 9.57
C ARG F 267 -49.66 -23.61 10.92
N GLU F 268 -50.51 -23.64 11.95
CA GLU F 268 -50.07 -24.08 13.28
C GLU F 268 -49.78 -25.56 13.33
N GLU F 269 -50.54 -26.36 12.55
CA GLU F 269 -50.23 -27.79 12.44
C GLU F 269 -48.92 -28.02 11.72
N GLU F 270 -48.61 -27.20 10.71
CA GLU F 270 -47.31 -27.24 10.04
C GLU F 270 -46.19 -26.84 10.99
N GLU F 271 -46.43 -25.85 11.85
CA GLU F 271 -45.42 -25.43 12.83
C GLU F 271 -45.18 -26.51 13.89
N GLU F 272 -46.25 -27.20 14.30
CA GLU F 272 -46.08 -28.32 15.23
C GLU F 272 -45.35 -29.50 14.58
N TRP F 273 -45.62 -29.74 13.29
CA TRP F 273 -44.90 -30.77 12.54
C TRP F 273 -43.41 -30.44 12.41
N GLU F 274 -43.09 -29.17 12.16
CA GLU F 274 -41.69 -28.78 12.06
C GLU F 274 -41.01 -28.79 13.42
N SER F 275 -41.76 -28.49 14.49
CA SER F 275 -41.19 -28.58 15.84
C SER F 275 -40.90 -30.03 16.24
N LYS F 276 -41.80 -30.96 15.90
CA LYS F 276 -41.54 -32.35 16.28
C LYS F 276 -40.47 -32.99 15.39
N VAL F 277 -40.36 -32.58 14.11
CA VAL F 277 -39.28 -33.14 13.31
C VAL F 277 -37.94 -32.46 13.66
N TYR F 278 -37.98 -31.23 14.18
CA TYR F 278 -36.77 -30.61 14.71
C TYR F 278 -36.33 -31.30 16.00
N ASP F 279 -37.28 -31.73 16.82
CA ASP F 279 -36.95 -32.51 18.02
C ASP F 279 -36.39 -33.88 17.66
N VAL F 280 -36.93 -34.50 16.60
CA VAL F 280 -36.43 -35.80 16.13
C VAL F 280 -35.00 -35.68 15.60
N ALA F 281 -34.74 -34.65 14.79
CA ALA F 281 -33.39 -34.46 14.25
C ALA F 281 -32.43 -33.94 15.31
N LYS F 282 -32.93 -33.30 16.37
CA LYS F 282 -32.07 -32.92 17.48
C LYS F 282 -31.68 -34.12 18.31
N ASN F 283 -32.62 -35.05 18.52
CA ASN F 283 -32.32 -36.26 19.27
C ASN F 283 -31.50 -37.26 18.46
N LYS F 284 -31.51 -37.16 17.14
CA LYS F 284 -30.79 -38.12 16.31
C LYS F 284 -29.36 -37.71 15.98
N PHE F 285 -28.92 -36.53 16.41
CA PHE F 285 -27.57 -36.07 16.13
C PHE F 285 -26.56 -36.71 17.08
N ILE F 286 -25.29 -36.54 16.75
CA ILE F 286 -24.17 -37.04 17.56
C ILE F 286 -23.33 -35.85 18.00
N ASP F 287 -23.14 -35.71 19.30
CA ASP F 287 -22.27 -34.67 19.84
C ASP F 287 -20.82 -35.12 19.66
N VAL F 288 -20.15 -34.55 18.66
CA VAL F 288 -18.77 -34.90 18.36
C VAL F 288 -17.83 -34.34 19.42
N PHE F 289 -18.17 -33.17 19.99
CA PHE F 289 -17.32 -32.51 20.97
C PHE F 289 -17.27 -33.26 22.30
N SER F 290 -18.35 -33.96 22.65
CA SER F 290 -18.33 -34.82 23.84
C SER F 290 -17.55 -36.10 23.59
N LEU F 291 -17.33 -36.47 22.33
CA LEU F 291 -16.69 -37.74 21.97
C LEU F 291 -15.18 -37.56 21.81
N ARG F 292 -14.53 -37.12 22.89
CA ARG F 292 -13.09 -36.91 22.89
C ARG F 292 -12.54 -37.32 24.24
N LEU F 293 -11.22 -37.19 24.38
CA LEU F 293 -10.53 -37.58 25.61
C LEU F 293 -10.61 -36.44 26.61
N ARG F 294 -11.60 -36.53 27.49
CA ARG F 294 -11.75 -35.60 28.61
C ARG F 294 -11.08 -36.10 29.88
N THR F 295 -10.13 -37.02 29.76
CA THR F 295 -9.49 -37.66 30.90
C THR F 295 -8.39 -36.76 31.47
N GLU F 296 -7.58 -37.34 32.37
CA GLU F 296 -6.58 -36.64 33.21
C GLU F 296 -7.22 -35.49 33.98
N ALA F 297 -8.40 -35.74 34.54
CA ALA F 297 -9.20 -34.79 35.29
C ALA F 297 -9.15 -35.12 36.78
N PRO F 298 -9.25 -34.11 37.65
CA PRO F 298 -9.36 -34.40 39.08
C PRO F 298 -10.71 -35.01 39.44
N GLN F 299 -10.74 -35.65 40.60
CA GLN F 299 -11.95 -36.33 41.06
C GLN F 299 -13.02 -35.32 41.46
N ARG F 300 -14.27 -35.77 41.43
CA ARG F 300 -15.41 -34.91 41.70
C ARG F 300 -16.18 -35.34 42.95
N ASP F 301 -16.56 -36.62 43.04
CA ASP F 301 -17.30 -37.14 44.19
C ASP F 301 -16.61 -38.38 44.72
N PRO F 302 -15.58 -38.22 45.57
CA PRO F 302 -14.94 -39.38 46.19
C PRO F 302 -15.52 -39.76 47.55
N ARG F 303 -16.57 -39.08 48.00
CA ARG F 303 -17.12 -39.30 49.34
C ARG F 303 -18.32 -40.23 49.34
N ASP F 304 -19.14 -40.21 48.28
CA ASP F 304 -20.37 -41.00 48.22
C ASP F 304 -20.04 -42.45 47.82
N ASN F 305 -19.46 -43.18 48.77
CA ASN F 305 -19.14 -44.58 48.61
C ASN F 305 -19.74 -45.48 49.66
N ILE F 306 -20.31 -44.92 50.75
CA ILE F 306 -20.93 -45.71 51.80
C ILE F 306 -22.28 -46.29 51.35
N TYR F 307 -22.83 -45.76 50.24
CA TYR F 307 -24.02 -46.34 49.64
C TYR F 307 -23.76 -47.74 49.10
N GLU F 308 -22.51 -48.02 48.69
CA GLU F 308 -22.14 -49.34 48.20
C GLU F 308 -22.21 -50.39 49.30
N GLU F 309 -21.69 -50.08 50.50
CA GLU F 309 -21.76 -51.05 51.59
C GLU F 309 -23.17 -51.15 52.18
N VAL F 310 -23.91 -50.03 52.27
CA VAL F 310 -25.23 -50.14 52.90
C VAL F 310 -26.24 -50.77 51.93
N LEU F 311 -25.97 -50.75 50.62
CA LEU F 311 -26.80 -51.52 49.70
C LEU F 311 -26.31 -52.96 49.57
N ASP F 312 -25.01 -53.16 49.38
CA ASP F 312 -24.42 -54.50 49.35
C ASP F 312 -23.90 -54.91 50.72
N GLN F 313 -24.75 -54.79 51.74
CA GLN F 313 -24.48 -55.50 52.98
C GLN F 313 -24.72 -57.00 52.81
N ILE F 314 -25.93 -57.38 52.41
CA ILE F 314 -26.24 -58.74 51.99
C ILE F 314 -26.92 -58.74 50.62
N ASP F 315 -28.04 -58.00 50.54
CA ASP F 315 -29.03 -57.95 49.43
C ASP F 315 -29.43 -59.31 48.85
N SER F 316 -29.39 -60.37 49.67
CA SER F 316 -29.92 -61.71 49.45
C SER F 316 -29.30 -62.45 48.26
N LEU F 317 -28.22 -61.95 47.66
CA LEU F 317 -27.63 -62.63 46.50
C LEU F 317 -26.12 -62.36 46.49
N ASN F 318 -25.37 -63.30 47.06
CA ASN F 318 -23.92 -63.36 46.98
C ASN F 318 -23.50 -64.76 46.58
N LEU F 319 -24.27 -65.39 45.70
CA LEU F 319 -24.32 -66.82 45.56
C LEU F 319 -23.38 -67.28 44.45
N ASP F 320 -22.60 -68.34 44.75
CA ASP F 320 -21.61 -68.89 43.83
C ASP F 320 -22.29 -69.58 42.66
N PRO F 321 -21.57 -69.78 41.54
CA PRO F 321 -22.09 -70.62 40.45
C PRO F 321 -22.37 -72.03 40.93
N LYS F 322 -23.57 -72.52 40.64
CA LYS F 322 -24.10 -73.68 41.36
C LYS F 322 -23.52 -75.00 40.85
N TYR F 323 -23.86 -75.38 39.59
CA TYR F 323 -23.48 -76.58 38.82
C TYR F 323 -23.26 -77.85 39.64
N ASP F 324 -24.29 -78.27 40.39
CA ASP F 324 -24.19 -79.27 41.46
C ASP F 324 -23.69 -80.62 40.98
N VAL F 325 -22.52 -81.01 41.46
CA VAL F 325 -21.70 -82.02 40.81
C VAL F 325 -22.17 -83.41 41.18
N ALA F 326 -22.58 -84.18 40.18
CA ALA F 326 -22.68 -85.62 40.29
C ALA F 326 -21.48 -86.24 39.57
N LYS F 327 -21.27 -87.54 39.80
CA LYS F 327 -20.09 -88.21 39.28
C LYS F 327 -20.41 -88.91 37.96
N PRO F 328 -19.60 -88.74 36.93
CA PRO F 328 -19.91 -89.36 35.64
C PRO F 328 -19.53 -90.84 35.61
N THR F 329 -20.33 -91.59 34.86
CA THR F 329 -19.97 -92.96 34.52
C THR F 329 -18.95 -92.95 33.38
N GLU F 330 -18.26 -94.08 33.23
CA GLU F 330 -17.22 -94.18 32.21
C GLU F 330 -17.78 -94.28 30.80
N GLN F 331 -19.04 -94.73 30.65
CA GLN F 331 -19.65 -94.83 29.33
C GLN F 331 -19.93 -93.45 28.75
N GLU F 332 -20.54 -92.55 29.55
CA GLU F 332 -20.83 -91.20 29.08
C GLU F 332 -19.57 -90.37 28.93
N THR F 333 -18.58 -90.60 29.82
CA THR F 333 -17.28 -89.93 29.72
C THR F 333 -16.54 -90.35 28.45
N GLU F 334 -16.56 -91.65 28.13
CA GLU F 334 -15.95 -92.16 26.91
C GLU F 334 -16.67 -91.63 25.67
N PHE F 335 -18.00 -91.55 25.74
CA PHE F 335 -18.81 -91.01 24.63
C PHE F 335 -18.49 -89.54 24.37
N ILE F 336 -18.41 -88.74 25.43
CA ILE F 336 -18.16 -87.32 25.22
C ILE F 336 -16.69 -87.04 24.89
N ILE F 337 -15.75 -87.88 25.34
CA ILE F 337 -14.35 -87.64 24.97
C ILE F 337 -14.08 -88.17 23.56
N ARG F 338 -14.90 -89.10 23.06
CA ARG F 338 -14.81 -89.47 21.65
C ARG F 338 -15.47 -88.42 20.77
N LYS F 339 -16.55 -87.80 21.25
CA LYS F 339 -17.25 -86.81 20.44
C LYS F 339 -16.50 -85.47 20.40
N LEU F 340 -15.88 -85.08 21.51
CA LEU F 340 -15.19 -83.79 21.59
C LEU F 340 -13.93 -83.77 20.73
N GLY F 341 -13.25 -84.90 20.60
CA GLY F 341 -12.06 -84.95 19.75
C GLY F 341 -12.37 -84.77 18.27
N VAL F 342 -13.42 -85.43 17.78
CA VAL F 342 -13.79 -85.26 16.38
C VAL F 342 -14.49 -83.93 16.14
N LEU F 343 -15.11 -83.32 17.16
CA LEU F 343 -15.62 -81.97 16.99
C LEU F 343 -14.48 -80.94 16.97
N ILE F 344 -13.41 -81.19 17.73
CA ILE F 344 -12.21 -80.36 17.68
C ILE F 344 -11.53 -80.49 16.32
N ASP F 345 -11.50 -81.70 15.77
CA ASP F 345 -10.97 -81.91 14.42
C ASP F 345 -11.85 -81.26 13.36
N ASP F 346 -13.17 -81.21 13.58
CA ASP F 346 -14.07 -80.47 12.71
C ASP F 346 -13.82 -78.96 12.80
N ILE F 347 -13.46 -78.48 14.00
CA ILE F 347 -13.16 -77.06 14.18
C ILE F 347 -11.87 -76.68 13.46
N ASN F 348 -10.82 -77.48 13.62
CA ASN F 348 -9.56 -77.15 12.94
C ASN F 348 -9.54 -77.59 11.47
N ASN F 349 -10.57 -78.31 11.02
CA ASN F 349 -10.70 -78.70 9.62
C ASN F 349 -11.52 -77.67 8.82
N ILE F 350 -11.78 -76.49 9.41
CA ILE F 350 -12.57 -75.47 8.74
C ILE F 350 -11.76 -74.82 7.62
N LYS F 351 -12.47 -74.24 6.65
CA LYS F 351 -11.86 -73.62 5.49
C LYS F 351 -12.81 -72.56 4.94
N LEU F 352 -12.23 -71.50 4.36
CA LEU F 352 -13.04 -70.43 3.81
C LEU F 352 -13.66 -70.82 2.48
N SER F 353 -12.91 -71.49 1.61
CA SER F 353 -13.37 -71.84 0.27
C SER F 353 -14.04 -73.20 0.32
N ASP F 354 -15.37 -73.20 0.48
CA ASP F 354 -16.26 -74.37 0.54
C ASP F 354 -15.87 -75.39 1.61
N MET G 22 -2.16 -51.85 -5.73
CA MET G 22 -3.55 -51.72 -6.12
C MET G 22 -4.42 -52.76 -5.42
N ILE G 23 -5.59 -52.33 -4.96
CA ILE G 23 -6.55 -53.21 -4.31
C ILE G 23 -7.73 -53.39 -5.24
N LYS G 24 -8.14 -54.63 -5.46
CA LYS G 24 -9.31 -54.94 -6.26
C LYS G 24 -10.47 -55.21 -5.32
N PRO G 25 -11.50 -54.36 -5.26
CA PRO G 25 -12.63 -54.62 -4.36
C PRO G 25 -13.52 -55.77 -4.79
N LYS G 26 -13.47 -56.17 -6.06
CA LYS G 26 -14.21 -57.36 -6.50
C LYS G 26 -13.56 -58.62 -5.95
N LYS G 27 -12.24 -58.64 -5.83
CA LYS G 27 -11.54 -59.74 -5.20
C LYS G 27 -11.88 -59.85 -3.71
N LEU G 28 -11.96 -58.70 -3.03
CA LEU G 28 -12.34 -58.70 -1.62
C LEU G 28 -13.80 -59.09 -1.42
N SER G 29 -14.68 -58.70 -2.35
CA SER G 29 -16.08 -59.09 -2.27
C SER G 29 -16.25 -60.59 -2.54
N SER G 30 -15.47 -61.14 -3.47
CA SER G 30 -15.51 -62.58 -3.70
C SER G 30 -14.87 -63.36 -2.55
N LEU G 31 -13.91 -62.75 -1.86
CA LEU G 31 -13.29 -63.42 -0.72
C LEU G 31 -14.19 -63.40 0.51
N MET G 32 -14.95 -62.32 0.70
CA MET G 32 -15.87 -62.22 1.83
C MET G 32 -17.26 -62.78 1.53
N LYS G 33 -17.55 -63.12 0.27
CA LYS G 33 -18.87 -63.67 -0.05
C LYS G 33 -19.01 -65.11 0.42
N GLN G 34 -17.90 -65.84 0.51
CA GLN G 34 -17.94 -67.25 0.89
C GLN G 34 -17.99 -67.45 2.40
N ALA G 35 -17.90 -66.38 3.19
CA ALA G 35 -17.96 -66.47 4.65
C ALA G 35 -19.26 -65.87 5.19
N VAL G 36 -20.31 -65.83 4.38
CA VAL G 36 -21.56 -65.20 4.74
C VAL G 36 -22.64 -66.28 4.82
N GLU G 37 -23.31 -66.35 5.97
CA GLU G 37 -24.42 -67.27 6.20
C GLU G 37 -25.68 -66.44 6.49
N GLU G 38 -26.74 -67.13 6.92
CA GLU G 38 -27.99 -66.44 7.24
C GLU G 38 -27.85 -65.59 8.49
N THR G 39 -27.13 -66.09 9.50
CA THR G 39 -26.95 -65.37 10.75
C THR G 39 -25.94 -64.23 10.65
N VAL G 40 -25.13 -64.20 9.59
CA VAL G 40 -24.17 -63.12 9.38
C VAL G 40 -24.57 -62.41 8.08
N PRO G 41 -25.37 -61.33 8.15
CA PRO G 41 -25.78 -60.64 6.92
C PRO G 41 -24.67 -59.88 6.21
N SER G 42 -23.93 -59.02 6.91
CA SER G 42 -23.00 -58.10 6.28
C SER G 42 -21.60 -58.28 6.86
N ILE G 43 -20.62 -58.36 5.97
CA ILE G 43 -19.20 -58.36 6.34
C ILE G 43 -18.53 -57.24 5.54
N MET G 44 -17.85 -56.33 6.24
CA MET G 44 -17.30 -55.15 5.60
C MET G 44 -15.87 -54.93 6.06
N VAL G 45 -15.09 -54.26 5.21
CA VAL G 45 -13.72 -53.87 5.50
C VAL G 45 -13.63 -52.36 5.40
N PHE G 46 -13.17 -51.70 6.46
CA PHE G 46 -13.13 -50.25 6.52
C PHE G 46 -11.86 -49.82 7.26
N THR G 47 -11.64 -48.51 7.30
CA THR G 47 -10.51 -47.93 8.00
C THR G 47 -10.96 -47.42 9.37
N THR G 48 -10.01 -46.87 10.13
CA THR G 48 -10.31 -46.40 11.47
C THR G 48 -11.10 -45.09 11.47
N THR G 49 -11.10 -44.36 10.35
CA THR G 49 -11.89 -43.14 10.21
C THR G 49 -13.29 -43.40 9.69
N GLY G 50 -13.67 -44.67 9.50
CA GLY G 50 -14.99 -45.00 9.00
C GLY G 50 -15.12 -45.07 7.50
N SER G 51 -14.02 -44.89 6.77
CA SER G 51 -14.07 -44.94 5.30
C SER G 51 -14.16 -46.39 4.84
N LEU G 52 -15.25 -46.72 4.15
CA LEU G 52 -15.51 -48.08 3.72
C LEU G 52 -14.68 -48.42 2.48
N LEU G 53 -14.13 -49.64 2.46
CA LEU G 53 -13.40 -50.14 1.30
C LEU G 53 -14.25 -51.08 0.46
N ALA G 54 -14.73 -52.17 1.06
CA ALA G 54 -15.54 -53.15 0.36
C ALA G 54 -16.48 -53.81 1.35
N TYR G 55 -17.61 -54.32 0.85
CA TYR G 55 -18.60 -54.96 1.70
C TYR G 55 -19.38 -55.97 0.86
N VAL G 56 -20.01 -56.90 1.57
CA VAL G 56 -20.88 -57.91 0.97
C VAL G 56 -22.22 -57.87 1.68
N SER G 57 -23.11 -58.77 1.27
CA SER G 57 -24.42 -58.90 1.88
C SER G 57 -24.90 -60.34 1.71
N PHE G 58 -25.91 -60.70 2.51
CA PHE G 58 -26.46 -62.05 2.41
C PHE G 58 -27.29 -62.20 1.14
N GLU G 59 -28.33 -61.39 1.00
CA GLU G 59 -29.14 -61.35 -0.21
C GLU G 59 -28.67 -60.17 -1.07
N ASP G 60 -28.53 -60.42 -2.38
CA ASP G 60 -28.15 -59.37 -3.30
C ASP G 60 -29.39 -58.62 -3.75
N PRO G 61 -29.49 -57.32 -3.52
CA PRO G 61 -30.68 -56.57 -3.95
C PRO G 61 -30.73 -56.41 -5.46
N LYS G 62 -31.94 -56.36 -5.99
CA LYS G 62 -32.18 -56.15 -7.41
C LYS G 62 -32.65 -54.74 -7.74
N ASP G 63 -33.42 -54.12 -6.85
CA ASP G 63 -33.82 -52.74 -7.04
C ASP G 63 -32.63 -51.82 -6.77
N GLY G 64 -32.65 -50.64 -7.41
CA GLY G 64 -31.62 -49.66 -7.18
C GLY G 64 -31.67 -49.06 -5.78
N LEU G 65 -32.89 -48.73 -5.31
CA LEU G 65 -33.06 -48.16 -3.97
C LEU G 65 -32.78 -49.20 -2.89
N LYS G 66 -33.05 -50.47 -3.17
CA LYS G 66 -32.70 -51.56 -2.27
C LYS G 66 -31.19 -51.77 -2.16
N ARG G 67 -30.43 -51.35 -3.17
CA ARG G 67 -28.98 -51.31 -3.04
C ARG G 67 -28.51 -50.05 -2.32
N LEU G 68 -29.21 -48.92 -2.57
CA LEU G 68 -28.75 -47.64 -2.02
C LEU G 68 -28.95 -47.55 -0.52
N ASP G 69 -30.09 -48.04 0.00
CA ASP G 69 -30.32 -47.97 1.44
C ASP G 69 -29.44 -48.97 2.18
N LEU G 70 -29.14 -50.11 1.56
CA LEU G 70 -28.20 -51.07 2.13
C LEU G 70 -26.79 -50.50 2.17
N ALA G 71 -26.37 -49.80 1.12
CA ALA G 71 -25.06 -49.17 1.10
C ALA G 71 -24.96 -48.03 2.11
N LYS G 72 -26.04 -47.27 2.29
CA LYS G 72 -26.07 -46.21 3.30
C LYS G 72 -26.02 -46.78 4.72
N ARG G 73 -26.74 -47.89 4.95
CA ARG G 73 -26.71 -48.55 6.25
C ARG G 73 -25.34 -49.14 6.57
N VAL G 74 -24.69 -49.76 5.57
CA VAL G 74 -23.36 -50.34 5.76
C VAL G 74 -22.32 -49.24 5.96
N ARG G 75 -22.46 -48.10 5.25
CA ARG G 75 -21.57 -46.97 5.45
C ARG G 75 -21.73 -46.33 6.82
N SER G 76 -22.97 -46.25 7.33
CA SER G 76 -23.19 -45.71 8.67
C SER G 76 -22.67 -46.66 9.75
N ILE G 77 -22.82 -47.97 9.53
CA ILE G 77 -22.29 -48.98 10.46
C ILE G 77 -20.77 -48.92 10.52
N ALA G 78 -20.12 -48.80 9.36
CA ALA G 78 -18.67 -48.68 9.30
C ALA G 78 -18.18 -47.36 9.90
N ALA G 79 -18.93 -46.28 9.69
CA ALA G 79 -18.58 -44.97 10.23
C ALA G 79 -18.66 -44.94 11.74
N LEU G 80 -19.66 -45.60 12.32
CA LEU G 80 -19.73 -45.65 13.78
C LEU G 80 -18.73 -46.65 14.34
N ALA G 81 -18.48 -47.76 13.63
CA ALA G 81 -17.62 -48.81 14.15
C ALA G 81 -16.14 -48.42 14.11
N GLY G 82 -15.74 -47.60 13.13
CA GLY G 82 -14.37 -47.11 13.12
C GLY G 82 -14.05 -46.18 14.27
N ASN G 83 -14.99 -45.31 14.63
CA ASN G 83 -14.80 -44.45 15.78
C ASN G 83 -14.91 -45.22 17.10
N MET G 84 -15.76 -46.27 17.14
CA MET G 84 -15.84 -47.11 18.32
C MET G 84 -14.59 -47.94 18.51
N TYR G 85 -13.89 -48.29 17.42
CA TYR G 85 -12.57 -48.91 17.57
C TYR G 85 -11.53 -47.89 17.97
N SER G 86 -11.60 -46.67 17.41
CA SER G 86 -10.59 -45.66 17.68
C SER G 86 -10.69 -45.08 19.10
N LEU G 87 -11.84 -45.23 19.75
CA LEU G 87 -11.93 -44.82 21.16
C LEU G 87 -11.13 -45.75 22.06
N TYR G 88 -11.10 -47.04 21.75
CA TYR G 88 -10.45 -48.03 22.61
C TYR G 88 -8.99 -48.28 22.26
N THR G 89 -8.47 -47.67 21.19
CA THR G 89 -7.11 -47.97 20.77
C THR G 89 -6.05 -47.19 21.54
N ALA G 90 -6.44 -46.24 22.38
CA ALA G 90 -5.52 -45.45 23.17
C ALA G 90 -5.42 -45.91 24.62
N THR G 91 -5.92 -47.12 24.91
CA THR G 91 -5.96 -47.65 26.26
C THR G 91 -5.14 -48.93 26.33
N ASN G 92 -4.23 -49.02 27.28
CA ASN G 92 -3.42 -50.21 27.49
C ASN G 92 -3.76 -50.84 28.83
N PRO G 93 -4.61 -51.86 28.88
CA PRO G 93 -4.90 -52.56 30.15
C PRO G 93 -3.98 -53.72 30.45
N SER G 94 -2.89 -53.87 29.69
CA SER G 94 -1.99 -55.01 29.86
C SER G 94 -1.12 -54.96 31.12
N PRO G 95 -0.63 -53.80 31.63
CA PRO G 95 -0.02 -53.85 32.97
C PRO G 95 -0.99 -54.16 34.11
N LEU G 96 -2.29 -54.03 33.91
CA LEU G 96 -3.23 -54.29 35.00
C LEU G 96 -3.72 -55.73 34.99
N VAL G 97 -2.78 -56.68 34.81
CA VAL G 97 -2.99 -58.12 34.85
C VAL G 97 -1.61 -58.74 34.92
N ALA G 98 -1.51 -59.99 35.42
CA ALA G 98 -0.34 -60.88 35.33
C ALA G 98 0.90 -60.26 36.00
N GLU G 99 0.80 -60.16 37.33
CA GLU G 99 1.83 -59.54 38.16
C GLU G 99 3.15 -60.32 38.10
N SER G 100 4.14 -59.74 37.44
CA SER G 100 5.44 -60.38 37.21
C SER G 100 6.51 -59.30 37.18
N THR G 101 7.67 -59.64 36.62
CA THR G 101 8.79 -58.71 36.55
C THR G 101 8.53 -57.62 35.51
N ASP G 102 9.37 -56.57 35.56
CA ASP G 102 9.20 -55.42 34.68
C ASP G 102 9.64 -55.70 33.25
N ASP G 103 10.43 -56.76 33.01
CA ASP G 103 10.76 -57.14 31.64
C ASP G 103 9.54 -57.70 30.92
N VAL G 104 8.66 -58.40 31.66
CA VAL G 104 7.41 -58.89 31.10
C VAL G 104 6.49 -57.73 30.74
N ILE G 105 6.48 -56.69 31.59
CA ILE G 105 5.73 -55.47 31.30
C ILE G 105 6.32 -54.73 30.11
N ALA G 106 7.66 -54.79 29.97
CA ALA G 106 8.32 -54.24 28.78
C ALA G 106 8.01 -55.04 27.52
N HIS G 107 7.65 -56.32 27.66
CA HIS G 107 7.17 -57.11 26.53
C HIS G 107 5.69 -56.95 26.25
N GLN G 108 4.99 -56.08 26.98
CA GLN G 108 3.54 -55.92 26.87
C GLN G 108 3.14 -54.70 26.07
N ARG G 109 3.88 -54.37 25.00
CA ARG G 109 3.48 -53.30 24.10
C ARG G 109 2.39 -53.84 23.19
N ASP G 110 1.14 -53.71 23.64
CA ASP G 110 0.02 -54.36 22.98
C ASP G 110 -0.82 -53.37 22.19
N VAL G 111 -1.47 -53.87 21.15
CA VAL G 111 -2.39 -53.11 20.33
C VAL G 111 -3.69 -53.91 20.25
N LEU G 112 -4.81 -53.20 20.09
CA LEU G 112 -6.10 -53.86 20.04
C LEU G 112 -6.30 -54.59 18.72
N PHE G 113 -6.85 -55.80 18.79
CA PHE G 113 -7.06 -56.61 17.60
C PHE G 113 -8.44 -57.26 17.49
N GLU G 114 -9.24 -57.29 18.55
CA GLU G 114 -10.60 -57.77 18.49
C GLU G 114 -11.49 -56.95 19.40
N THR G 115 -12.74 -56.74 18.97
CA THR G 115 -13.72 -55.99 19.76
C THR G 115 -15.10 -56.51 19.40
N ILE G 116 -15.83 -57.04 20.38
CA ILE G 116 -17.15 -57.62 20.17
C ILE G 116 -18.16 -56.82 20.97
N ILE G 117 -19.22 -56.36 20.29
CA ILE G 117 -20.30 -55.59 20.92
C ILE G 117 -21.58 -56.37 20.71
N GLU G 118 -22.32 -56.61 21.79
CA GLU G 118 -23.57 -57.36 21.76
C GLU G 118 -24.75 -56.43 21.94
N PHE G 119 -25.78 -56.61 21.12
CA PHE G 119 -27.01 -55.85 21.16
C PHE G 119 -28.20 -56.79 21.42
N GLU G 120 -29.40 -56.21 21.43
CA GLU G 120 -30.61 -57.01 21.51
C GLU G 120 -30.92 -57.68 20.17
N ARG G 121 -30.76 -56.96 19.08
CA ARG G 121 -31.16 -57.41 17.75
C ARG G 121 -29.96 -57.50 16.81
N GLY G 122 -28.84 -58.01 17.32
CA GLY G 122 -27.67 -58.21 16.49
C GLY G 122 -26.41 -58.23 17.32
N LYS G 123 -25.31 -58.52 16.63
CA LYS G 123 -23.98 -58.48 17.21
C LYS G 123 -23.03 -57.80 16.24
N LEU G 124 -21.98 -57.20 16.77
CA LEU G 124 -20.97 -56.52 15.96
C LEU G 124 -19.59 -56.96 16.42
N LEU G 125 -18.73 -57.28 15.46
CA LEU G 125 -17.36 -57.68 15.74
C LEU G 125 -16.44 -56.80 14.91
N ILE G 126 -15.52 -56.11 15.57
CA ILE G 126 -14.53 -55.26 14.91
C ILE G 126 -13.16 -55.87 15.17
N ALA G 127 -12.48 -56.28 14.10
CA ALA G 127 -11.17 -56.89 14.20
C ALA G 127 -10.20 -56.15 13.28
N ALA G 128 -9.04 -55.78 13.81
CA ALA G 128 -8.04 -55.07 13.02
C ALA G 128 -7.24 -56.06 12.19
N ILE G 129 -7.17 -55.80 10.88
CA ILE G 129 -6.42 -56.65 9.97
C ILE G 129 -4.97 -56.21 10.01
N SER G 130 -4.10 -57.07 10.53
CA SER G 130 -2.67 -56.79 10.59
C SER G 130 -2.08 -57.04 9.21
N ILE G 131 -1.96 -55.96 8.43
CA ILE G 131 -1.51 -56.06 7.05
C ILE G 131 0.00 -56.31 7.01
N ASP G 132 0.41 -57.26 6.17
CA ASP G 132 1.81 -57.64 6.06
C ASP G 132 2.48 -56.84 4.93
N GLY G 133 3.68 -57.28 4.55
CA GLY G 133 4.43 -56.60 3.51
C GLY G 133 5.35 -55.53 4.07
N ALA G 134 4.77 -54.44 4.58
CA ALA G 134 5.54 -53.36 5.16
C ALA G 134 4.68 -52.64 6.19
N GLU G 135 5.36 -51.88 7.07
CA GLU G 135 4.68 -51.08 8.07
C GLU G 135 4.12 -49.77 7.51
N ASP G 136 4.52 -49.40 6.29
CA ASP G 136 3.99 -48.20 5.62
C ASP G 136 3.71 -48.52 4.16
N LYS G 137 3.09 -49.67 3.90
CA LYS G 137 2.85 -50.10 2.53
C LYS G 137 1.69 -49.33 1.89
N LEU G 138 0.49 -49.49 2.45
CA LEU G 138 -0.67 -48.79 1.90
C LEU G 138 -1.59 -48.29 3.01
N TYR G 139 -1.03 -47.91 4.16
CA TYR G 139 -1.83 -47.28 5.20
C TYR G 139 -0.97 -46.25 5.93
N SER G 140 -1.58 -45.12 6.25
CA SER G 140 -0.91 -44.05 6.99
C SER G 140 -1.36 -44.06 8.45
N LYS G 141 -0.84 -45.08 9.16
CA LYS G 141 -0.97 -45.32 10.60
C LYS G 141 -2.45 -45.57 10.94
N ASP G 142 -3.19 -46.09 9.96
CA ASP G 142 -4.55 -46.57 10.21
C ASP G 142 -4.76 -48.01 9.73
N PRO G 143 -4.87 -48.97 10.66
CA PRO G 143 -5.07 -50.37 10.24
C PRO G 143 -6.47 -50.59 9.70
N LEU G 144 -6.57 -51.46 8.70
CA LEU G 144 -7.85 -51.82 8.15
C LEU G 144 -8.61 -52.70 9.12
N LEU G 145 -9.90 -52.42 9.29
CA LEU G 145 -10.73 -53.10 10.27
C LEU G 145 -11.76 -53.96 9.57
N LEU G 146 -11.94 -55.18 10.07
CA LEU G 146 -12.92 -56.11 9.53
C LEU G 146 -14.17 -56.07 10.39
N GLY G 147 -15.27 -55.63 9.81
CA GLY G 147 -16.52 -55.54 10.54
C GLY G 147 -17.48 -56.66 10.19
N ILE G 148 -17.89 -57.42 11.19
CA ILE G 148 -18.79 -58.56 11.01
C ILE G 148 -20.08 -58.28 11.77
N VAL G 149 -21.19 -58.29 11.05
CA VAL G 149 -22.51 -57.97 11.61
C VAL G 149 -23.26 -59.28 11.83
N GLY G 150 -23.77 -59.47 13.05
CA GLY G 150 -24.54 -60.64 13.39
C GLY G 150 -26.01 -60.32 13.63
N THR G 151 -26.74 -61.35 14.02
CA THR G 151 -28.17 -61.27 14.31
C THR G 151 -28.43 -61.85 15.71
N GLU G 152 -29.71 -62.03 16.02
CA GLU G 152 -30.09 -62.60 17.33
C GLU G 152 -29.70 -64.06 17.44
N ASN G 153 -29.84 -64.82 16.35
CA ASN G 153 -29.50 -66.25 16.36
C ASN G 153 -28.03 -66.49 16.06
N ALA G 154 -27.24 -65.45 15.82
CA ALA G 154 -25.82 -65.62 15.53
C ALA G 154 -25.06 -65.98 16.81
N LYS G 155 -23.95 -66.68 16.61
CA LYS G 155 -23.09 -67.12 17.70
C LYS G 155 -21.73 -66.43 17.57
N GLU G 156 -21.22 -65.92 18.70
CA GLU G 156 -20.05 -65.06 18.67
C GLU G 156 -18.75 -65.83 18.42
N GLY G 157 -18.72 -67.12 18.78
CA GLY G 157 -17.51 -67.89 18.58
C GLY G 157 -17.26 -68.28 17.14
N MET G 158 -18.34 -68.50 16.38
CA MET G 158 -18.21 -68.74 14.94
C MET G 158 -17.77 -67.48 14.21
N MET G 159 -18.19 -66.31 14.72
CA MET G 159 -17.78 -65.03 14.14
C MET G 159 -16.28 -64.79 14.35
N GLN G 160 -15.72 -65.27 15.45
CA GLN G 160 -14.28 -65.14 15.67
C GLN G 160 -13.47 -66.03 14.72
N ILE G 161 -13.98 -67.24 14.44
CA ILE G 161 -13.33 -68.14 13.49
C ILE G 161 -13.40 -67.57 12.08
N LYS G 162 -14.57 -67.04 11.70
CA LYS G 162 -14.71 -66.38 10.41
C LYS G 162 -13.86 -65.12 10.31
N SER G 163 -13.70 -64.40 11.42
CA SER G 163 -12.85 -63.21 11.45
C SER G 163 -11.39 -63.55 11.28
N GLU G 164 -10.91 -64.62 11.93
CA GLU G 164 -9.50 -64.98 11.79
C GLU G 164 -9.21 -65.59 10.43
N LEU G 165 -10.19 -66.30 9.83
CA LEU G 165 -10.01 -66.81 8.46
C LEU G 165 -10.00 -65.68 7.44
N LEU G 166 -10.90 -64.69 7.61
CA LEU G 166 -10.95 -63.56 6.69
C LEU G 166 -9.72 -62.66 6.86
N LYS G 167 -9.20 -62.55 8.08
CA LYS G 167 -7.99 -61.78 8.32
C LYS G 167 -6.76 -62.45 7.70
N GLU G 168 -6.64 -63.77 7.88
CA GLU G 168 -5.48 -64.48 7.32
C GLU G 168 -5.60 -64.66 5.80
N CYS G 169 -6.79 -64.49 5.23
CA CYS G 169 -6.89 -64.49 3.77
C CYS G 169 -6.70 -63.09 3.17
N ILE G 170 -7.19 -62.05 3.84
CA ILE G 170 -7.03 -60.68 3.36
C ILE G 170 -5.57 -60.24 3.47
N THR G 171 -4.89 -60.65 4.56
CA THR G 171 -3.48 -60.32 4.76
C THR G 171 -2.59 -60.96 3.68
N ASN G 172 -2.88 -62.21 3.32
CA ASN G 172 -2.18 -62.83 2.20
C ASN G 172 -2.60 -62.23 0.86
N GLU G 173 -3.84 -61.73 0.77
CA GLU G 173 -4.28 -61.06 -0.46
C GLU G 173 -3.64 -59.68 -0.59
N LEU G 174 -3.45 -58.99 0.54
CA LEU G 174 -2.83 -57.67 0.53
C LEU G 174 -1.32 -57.73 0.76
N SER G 175 -0.74 -58.93 0.77
CA SER G 175 0.71 -59.05 0.86
C SER G 175 1.39 -58.70 -0.47
N THR G 176 0.65 -58.74 -1.57
CA THR G 176 1.17 -58.39 -2.89
C THR G 176 0.81 -56.97 -3.29
N LEU G 177 0.79 -56.06 -2.33
CA LEU G 177 0.46 -54.67 -2.60
C LEU G 177 1.71 -53.94 -3.11
N GLY G 178 1.59 -52.62 -3.29
CA GLY G 178 2.62 -51.87 -3.97
C GLY G 178 2.73 -52.22 -5.44
N LYS G 179 1.60 -52.33 -6.12
CA LYS G 179 1.60 -52.67 -7.54
C LYS G 179 2.17 -51.51 -8.37
N PRO G 180 3.03 -51.80 -9.34
CA PRO G 180 3.74 -50.73 -10.04
C PRO G 180 2.88 -50.08 -11.12
N VAL G 181 3.51 -49.14 -11.84
CA VAL G 181 2.99 -48.23 -12.89
C VAL G 181 1.48 -47.98 -13.02
N MET H 1 -20.69 -58.50 55.70
CA MET H 1 -20.13 -57.58 54.72
C MET H 1 -19.82 -58.31 53.43
N SER H 2 -20.73 -58.20 52.45
CA SER H 2 -20.59 -58.87 51.17
C SER H 2 -19.50 -58.25 50.31
N VAL H 3 -19.14 -57.00 50.59
CA VAL H 3 -18.04 -56.33 49.89
C VAL H 3 -16.71 -57.02 50.18
N SER H 4 -16.45 -57.33 51.45
CA SER H 4 -15.24 -58.07 51.82
C SER H 4 -15.29 -59.52 51.35
N GLN H 5 -16.50 -60.09 51.27
CA GLN H 5 -16.70 -61.43 50.75
C GLN H 5 -16.30 -61.53 49.27
N GLN H 6 -16.82 -60.63 48.43
CA GLN H 6 -16.40 -60.63 47.03
C GLN H 6 -14.99 -60.10 46.86
N LEU H 7 -14.50 -59.29 47.81
CA LEU H 7 -13.16 -58.74 47.74
C LEU H 7 -12.12 -59.81 48.02
N SER H 8 -12.51 -60.87 48.72
CA SER H 8 -11.70 -62.07 48.80
C SER H 8 -11.98 -63.07 47.66
N GLU H 9 -13.22 -63.15 47.17
CA GLU H 9 -13.53 -64.25 46.24
C GLU H 9 -13.36 -63.90 44.76
N LEU H 10 -13.28 -62.62 44.39
CA LEU H 10 -13.11 -62.23 43.00
C LEU H 10 -11.76 -61.58 42.74
N ALA H 11 -10.87 -61.61 43.73
CA ALA H 11 -9.51 -61.10 43.57
C ALA H 11 -8.47 -62.18 43.82
N SER H 12 -8.87 -63.41 44.08
CA SER H 12 -7.96 -64.49 44.44
C SER H 12 -7.92 -65.61 43.42
N LYS H 13 -9.08 -66.19 43.08
CA LYS H 13 -9.11 -67.40 42.27
C LYS H 13 -9.20 -67.12 40.77
N GLU H 14 -9.32 -65.85 40.35
CA GLU H 14 -9.18 -65.54 38.93
C GLU H 14 -8.34 -64.29 38.65
N LYS H 15 -8.03 -63.47 39.65
CA LYS H 15 -7.13 -62.30 39.58
C LYS H 15 -7.59 -61.26 38.55
N THR H 16 -8.76 -60.69 38.82
CA THR H 16 -9.34 -59.65 37.98
C THR H 16 -9.61 -58.40 38.78
N VAL H 17 -9.41 -57.25 38.13
CA VAL H 17 -9.83 -55.98 38.72
C VAL H 17 -11.31 -55.75 38.46
N LEU H 18 -11.94 -54.92 39.30
CA LEU H 18 -13.36 -54.62 39.18
C LEU H 18 -13.58 -53.14 39.40
N TYR H 19 -14.16 -52.45 38.41
CA TYR H 19 -14.50 -51.04 38.51
C TYR H 19 -15.98 -50.85 38.20
N VAL H 20 -16.69 -50.16 39.09
CA VAL H 20 -18.14 -50.01 38.99
C VAL H 20 -18.31 -48.48 38.88
N ALA H 21 -17.39 -47.85 38.14
CA ALA H 21 -17.34 -46.39 38.06
C ALA H 21 -18.47 -45.84 37.17
N ASP H 22 -18.47 -44.52 36.98
CA ASP H 22 -19.58 -43.83 36.31
C ASP H 22 -19.01 -42.62 35.57
N GLN H 23 -19.89 -41.67 35.22
CA GLN H 23 -19.48 -40.46 34.48
C GLN H 23 -18.56 -39.57 35.31
N ASN H 24 -18.94 -39.28 36.55
CA ASN H 24 -18.23 -38.32 37.38
C ASN H 24 -17.13 -38.96 38.23
N LEU H 25 -16.67 -40.15 37.82
CA LEU H 25 -15.50 -40.85 38.40
C LEU H 25 -15.67 -41.16 39.88
N GLU H 26 -16.89 -41.55 40.28
CA GLU H 26 -17.11 -42.10 41.61
C GLU H 26 -16.52 -43.51 41.59
N GLU H 27 -15.25 -43.62 41.99
CA GLU H 27 -14.46 -44.81 41.72
C GLU H 27 -14.73 -45.87 42.78
N VAL H 28 -15.52 -46.88 42.41
CA VAL H 28 -15.46 -48.15 43.12
C VAL H 28 -14.14 -48.78 42.70
N LEU H 29 -13.16 -48.74 43.61
CA LEU H 29 -11.75 -48.85 43.24
C LEU H 29 -11.35 -50.30 42.97
N CYS H 30 -10.04 -50.53 42.86
CA CYS H 30 -9.48 -51.82 42.47
C CYS H 30 -9.74 -52.88 43.54
N PHE H 31 -10.36 -53.98 43.13
CA PHE H 31 -10.72 -55.01 44.10
C PHE H 31 -9.57 -55.89 44.61
N PRO H 32 -8.45 -56.10 43.89
CA PRO H 32 -7.23 -56.56 44.60
C PRO H 32 -6.50 -55.49 45.38
N GLU H 33 -6.97 -54.23 45.34
CA GLU H 33 -6.33 -53.05 45.96
C GLU H 33 -4.89 -52.86 45.48
N SER H 34 -4.70 -52.94 44.16
CA SER H 34 -3.44 -52.65 43.53
C SER H 34 -3.32 -51.15 43.29
N THR H 35 -2.29 -50.75 42.53
CA THR H 35 -2.17 -49.37 42.10
C THR H 35 -3.23 -49.04 41.06
N ASP H 36 -3.83 -47.85 41.21
CA ASP H 36 -5.03 -47.52 40.45
C ASP H 36 -4.71 -47.18 39.00
N ARG H 37 -3.57 -46.51 38.76
CA ARG H 37 -3.10 -46.00 37.48
C ARG H 37 -4.09 -45.07 36.79
N THR H 38 -3.96 -44.90 35.47
CA THR H 38 -4.83 -44.04 34.70
C THR H 38 -5.73 -44.82 33.73
N THR H 39 -5.76 -46.14 33.85
CA THR H 39 -6.52 -46.97 32.91
C THR H 39 -8.01 -46.95 33.22
N LEU H 40 -8.39 -46.63 34.47
CA LEU H 40 -9.79 -46.60 34.87
C LEU H 40 -10.57 -45.50 34.14
N VAL H 41 -10.03 -44.28 34.14
CA VAL H 41 -10.71 -43.15 33.53
C VAL H 41 -10.71 -43.28 32.01
N GLN H 42 -9.66 -43.87 31.43
CA GLN H 42 -9.59 -44.11 29.99
C GLN H 42 -10.62 -45.14 29.55
N LEU H 43 -10.71 -46.26 30.28
CA LEU H 43 -11.66 -47.32 29.95
C LEU H 43 -13.10 -46.86 30.18
N THR H 44 -13.35 -46.10 31.24
CA THR H 44 -14.70 -45.62 31.53
C THR H 44 -15.14 -44.56 30.52
N ASP H 45 -14.22 -43.67 30.12
CA ASP H 45 -14.53 -42.67 29.11
C ASP H 45 -14.78 -43.31 27.74
N ALA H 46 -13.97 -44.31 27.38
CA ALA H 46 -14.18 -45.03 26.13
C ALA H 46 -15.48 -45.83 26.14
N CYS H 47 -15.86 -46.37 27.30
CA CYS H 47 -17.09 -47.14 27.39
C CYS H 47 -18.32 -46.25 27.34
N LEU H 48 -18.26 -45.07 27.95
CA LEU H 48 -19.39 -44.14 27.86
C LEU H 48 -19.53 -43.56 26.46
N HIS H 49 -18.41 -43.29 25.78
CA HIS H 49 -18.49 -42.79 24.41
C HIS H 49 -18.93 -43.89 23.44
N ALA H 50 -18.55 -45.14 23.71
CA ALA H 50 -19.02 -46.24 22.87
C ALA H 50 -20.47 -46.58 23.12
N ASN H 51 -20.96 -46.41 24.35
CA ASN H 51 -22.37 -46.59 24.64
C ASN H 51 -23.20 -45.45 24.04
N GLU H 52 -22.64 -44.25 23.97
CA GLU H 52 -23.30 -43.17 23.26
C GLU H 52 -23.33 -43.43 21.75
N LEU H 53 -22.24 -43.98 21.20
CA LEU H 53 -22.13 -44.17 19.76
C LEU H 53 -23.00 -45.32 19.27
N ALA H 54 -23.08 -46.42 20.03
CA ALA H 54 -23.75 -47.61 19.54
C ALA H 54 -25.26 -47.56 19.69
N LYS H 55 -25.81 -46.51 20.30
CA LYS H 55 -27.26 -46.33 20.30
C LYS H 55 -27.79 -45.95 18.92
N HIS H 56 -26.96 -45.28 18.12
CA HIS H 56 -27.37 -44.83 16.79
C HIS H 56 -27.35 -45.93 15.75
N LEU H 57 -26.83 -47.10 16.07
CA LEU H 57 -26.92 -48.24 15.17
C LEU H 57 -28.36 -48.79 15.18
N GLU H 58 -28.65 -49.59 14.15
CA GLU H 58 -29.99 -50.14 13.99
C GLU H 58 -30.30 -51.27 14.97
N PHE H 59 -29.27 -51.89 15.56
CA PHE H 59 -29.46 -53.10 16.34
C PHE H 59 -30.06 -52.84 17.72
N GLY H 60 -30.02 -51.61 18.21
CA GLY H 60 -30.64 -51.27 19.48
C GLY H 60 -29.62 -50.90 20.54
N LYS H 61 -30.00 -51.11 21.81
CA LYS H 61 -29.16 -50.76 22.94
C LYS H 61 -28.05 -51.80 23.14
N PRO H 62 -26.86 -51.38 23.54
CA PRO H 62 -25.79 -52.36 23.81
C PRO H 62 -26.01 -53.05 25.15
N LEU H 63 -25.66 -54.33 25.20
CA LEU H 63 -25.61 -55.06 26.47
C LEU H 63 -24.19 -55.13 27.03
N SER H 64 -23.23 -55.54 26.21
CA SER H 64 -21.87 -55.73 26.69
C SER H 64 -20.89 -55.44 25.56
N ILE H 65 -19.67 -55.08 25.96
CA ILE H 65 -18.57 -54.85 25.04
C ILE H 65 -17.43 -55.76 25.49
N THR H 66 -17.14 -56.79 24.72
CA THR H 66 -16.08 -57.75 25.02
C THR H 66 -14.86 -57.35 24.20
N ASN H 67 -13.96 -56.60 24.81
CA ASN H 67 -12.80 -56.04 24.12
C ASN H 67 -11.58 -56.90 24.45
N GLN H 68 -11.19 -57.75 23.50
CA GLN H 68 -10.09 -58.69 23.70
C GLN H 68 -8.82 -58.08 23.14
N TYR H 69 -7.81 -57.92 23.99
CA TYR H 69 -6.51 -57.40 23.59
C TYR H 69 -5.55 -58.57 23.33
N SER H 70 -4.35 -58.26 22.88
CA SER H 70 -3.37 -59.28 22.57
C SER H 70 -2.67 -59.76 23.83
N ARG H 71 -2.06 -60.96 23.72
CA ARG H 71 -1.30 -61.74 24.72
C ARG H 71 -1.95 -61.83 26.10
N GLY H 72 -3.28 -61.83 26.17
CA GLY H 72 -3.95 -62.05 27.44
C GLY H 72 -4.22 -60.80 28.24
N SER H 73 -4.92 -59.85 27.63
CA SER H 73 -5.33 -58.62 28.30
C SER H 73 -6.79 -58.31 27.96
N CYS H 74 -7.62 -59.35 28.00
CA CYS H 74 -8.99 -59.26 27.53
C CYS H 74 -9.87 -58.56 28.56
N VAL H 75 -10.69 -57.61 28.09
CA VAL H 75 -11.50 -56.76 28.95
C VAL H 75 -12.97 -56.92 28.54
N LEU H 76 -13.85 -57.09 29.52
CA LEU H 76 -15.29 -57.11 29.28
C LEU H 76 -15.95 -56.04 30.15
N GLN H 77 -16.96 -55.39 29.61
CA GLN H 77 -17.72 -54.39 30.34
C GLN H 77 -19.21 -54.56 30.09
N ILE H 78 -20.01 -54.13 31.07
CA ILE H 78 -21.46 -54.00 30.94
C ILE H 78 -21.84 -52.64 31.50
N ALA H 79 -22.51 -51.82 30.69
CA ALA H 79 -22.94 -50.49 31.10
C ALA H 79 -24.45 -50.50 31.33
N LYS H 80 -24.86 -49.96 32.48
CA LYS H 80 -26.27 -49.94 32.85
C LYS H 80 -26.60 -48.57 33.42
N GLU H 81 -27.78 -48.06 33.11
CA GLU H 81 -28.13 -46.69 33.44
C GLU H 81 -28.58 -46.55 34.89
N LYS H 82 -28.49 -45.33 35.42
CA LYS H 82 -28.85 -45.08 36.81
C LYS H 82 -30.37 -45.05 36.98
N LYS H 83 -30.82 -45.44 38.16
CA LYS H 83 -32.26 -45.54 38.42
C LYS H 83 -32.89 -44.17 38.60
N ASP H 84 -32.14 -43.18 39.07
CA ASP H 84 -32.65 -41.83 39.26
C ASP H 84 -32.48 -40.96 38.03
N GLY H 85 -31.98 -41.52 36.93
CA GLY H 85 -31.79 -40.78 35.69
C GLY H 85 -30.70 -39.73 35.75
N SER H 86 -29.58 -40.03 36.42
CA SER H 86 -28.47 -39.11 36.52
C SER H 86 -27.22 -39.62 35.81
N GLY H 87 -27.37 -40.64 34.98
CA GLY H 87 -26.23 -41.16 34.23
C GLY H 87 -26.23 -42.67 34.08
N MET H 88 -25.04 -43.24 33.91
CA MET H 88 -24.86 -44.67 33.67
C MET H 88 -23.73 -45.19 34.54
N VAL H 89 -23.82 -46.49 34.87
CA VAL H 89 -22.81 -47.18 35.66
C VAL H 89 -22.22 -48.29 34.80
N VAL H 90 -20.90 -48.33 34.70
CA VAL H 90 -20.20 -49.35 33.94
C VAL H 90 -19.73 -50.45 34.89
N SER H 91 -19.29 -51.57 34.33
CA SER H 91 -18.78 -52.69 35.14
C SER H 91 -17.56 -53.26 34.43
N THR H 92 -16.39 -52.70 34.74
CA THR H 92 -15.15 -53.01 34.03
C THR H 92 -14.40 -54.13 34.73
N THR H 93 -13.93 -55.11 33.94
CA THR H 93 -13.11 -56.19 34.46
C THR H 93 -12.11 -56.65 33.40
N ILE H 94 -10.87 -56.86 33.84
CA ILE H 94 -9.73 -57.15 32.97
C ILE H 94 -9.14 -58.49 33.38
N ALA H 95 -8.82 -59.34 32.40
CA ALA H 95 -8.29 -60.66 32.69
C ALA H 95 -7.28 -61.07 31.62
N ALA H 96 -6.93 -62.35 31.61
CA ALA H 96 -6.02 -62.94 30.64
C ALA H 96 -6.82 -63.49 29.46
N HIS H 97 -6.19 -64.32 28.62
CA HIS H 97 -6.81 -64.93 27.46
C HIS H 97 -7.97 -65.85 27.82
N ASN H 98 -7.69 -66.94 28.52
CA ASN H 98 -8.71 -67.86 28.96
C ASN H 98 -9.29 -67.52 30.32
N ALA H 99 -8.78 -66.47 30.96
CA ALA H 99 -9.34 -66.06 32.25
C ALA H 99 -10.66 -65.31 32.07
N LEU H 100 -10.76 -64.48 31.02
CA LEU H 100 -12.07 -63.93 30.66
C LEU H 100 -12.99 -65.02 30.11
N ARG H 101 -12.46 -65.84 29.20
CA ARG H 101 -13.25 -66.89 28.57
C ARG H 101 -13.38 -68.04 29.57
N GLY H 102 -14.32 -67.87 30.50
CA GLY H 102 -14.37 -68.69 31.69
C GLY H 102 -15.15 -68.04 32.82
N ALA H 103 -14.53 -67.90 33.98
CA ALA H 103 -15.21 -67.52 35.21
C ALA H 103 -15.39 -66.01 35.39
N LEU H 104 -15.07 -65.20 34.38
CA LEU H 104 -15.33 -63.76 34.47
C LEU H 104 -16.80 -63.42 34.33
N LYS H 105 -17.58 -64.27 33.66
CA LYS H 105 -19.03 -64.07 33.57
C LYS H 105 -19.71 -64.23 34.92
N CYS H 106 -19.11 -65.02 35.83
CA CYS H 106 -19.53 -65.03 37.24
C CYS H 106 -19.33 -63.66 37.89
N SER H 107 -18.18 -63.01 37.62
CA SER H 107 -17.88 -61.71 38.22
C SER H 107 -18.83 -60.63 37.72
N ASN H 108 -19.13 -60.65 36.41
CA ASN H 108 -20.14 -59.71 35.90
C ASN H 108 -21.55 -60.10 36.32
N ALA H 109 -21.79 -61.39 36.62
CA ALA H 109 -23.09 -61.81 37.13
C ALA H 109 -23.34 -61.30 38.54
N LEU H 110 -22.30 -61.23 39.37
CA LEU H 110 -22.47 -60.57 40.67
C LEU H 110 -22.51 -59.05 40.52
N ASP H 111 -21.74 -58.50 39.55
CA ASP H 111 -21.67 -57.05 39.39
C ASP H 111 -22.97 -56.46 38.84
N GLN H 112 -23.74 -57.22 38.06
CA GLN H 112 -25.02 -56.70 37.58
C GLN H 112 -26.09 -56.71 38.68
N VAL H 113 -25.99 -57.64 39.63
CA VAL H 113 -26.82 -57.56 40.84
C VAL H 113 -26.42 -56.36 41.69
N ILE H 114 -25.11 -56.06 41.75
CA ILE H 114 -24.62 -54.90 42.49
C ILE H 114 -25.11 -53.60 41.87
N SER H 115 -25.04 -53.50 40.54
CA SER H 115 -25.52 -52.31 39.86
C SER H 115 -27.04 -52.21 39.89
N GLN H 116 -27.75 -53.33 40.04
CA GLN H 116 -29.18 -53.26 40.30
C GLN H 116 -29.46 -52.77 41.72
N LEU H 117 -28.74 -53.30 42.71
CA LEU H 117 -28.98 -52.94 44.10
C LEU H 117 -27.75 -52.35 44.78
N MET I 1 -21.68 -71.86 9.03
CA MET I 1 -21.62 -73.21 9.57
C MET I 1 -21.39 -74.23 8.47
N ASP I 2 -20.38 -75.08 8.66
CA ASP I 2 -20.04 -76.10 7.67
C ASP I 2 -21.04 -77.24 7.72
N SER I 3 -21.13 -77.98 6.61
CA SER I 3 -22.09 -79.07 6.52
C SER I 3 -21.66 -80.27 7.36
N GLN I 4 -20.36 -80.55 7.43
CA GLN I 4 -19.90 -81.69 8.21
C GLN I 4 -19.98 -81.41 9.71
N LEU I 5 -19.83 -80.15 10.12
CA LEU I 5 -20.06 -79.79 11.52
C LEU I 5 -21.54 -79.82 11.86
N SER I 6 -22.40 -79.48 10.88
CA SER I 6 -23.84 -79.56 11.07
C SER I 6 -24.31 -80.99 11.23
N GLU I 7 -23.80 -81.91 10.41
CA GLU I 7 -24.21 -83.31 10.56
C GLU I 7 -23.56 -83.96 11.77
N ASN I 8 -22.38 -83.49 12.19
CA ASN I 8 -21.79 -83.97 13.44
C ASN I 8 -22.59 -83.49 14.64
N LEU I 9 -23.08 -82.24 14.61
CA LEU I 9 -23.94 -81.73 15.66
C LEU I 9 -25.32 -82.40 15.66
N LEU I 10 -25.80 -82.81 14.48
CA LEU I 10 -27.02 -83.62 14.45
C LEU I 10 -26.77 -85.02 14.97
N LYS I 11 -25.53 -85.52 14.83
CA LYS I 11 -25.17 -86.79 15.45
C LYS I 11 -24.99 -86.65 16.96
N CYS I 12 -24.70 -85.43 17.45
CA CYS I 12 -24.65 -85.19 18.89
C CYS I 12 -26.01 -85.37 19.54
N VAL I 13 -27.07 -84.85 18.91
CA VAL I 13 -28.40 -84.91 19.49
C VAL I 13 -29.06 -86.24 19.12
N ASN I 14 -29.78 -86.83 20.09
CA ASN I 14 -30.46 -88.11 19.91
C ASN I 14 -31.68 -88.15 20.83
N GLU I 15 -32.26 -89.33 21.00
CA GLU I 15 -33.41 -89.48 21.87
C GLU I 15 -33.04 -89.48 23.35
N THR I 16 -31.75 -89.66 23.67
CA THR I 16 -31.29 -89.61 25.05
C THR I 16 -30.83 -88.20 25.43
N TYR I 17 -29.86 -87.66 24.70
CA TYR I 17 -29.44 -86.26 24.85
C TYR I 17 -30.31 -85.42 23.93
N ARG I 18 -31.29 -84.73 24.50
CA ARG I 18 -32.25 -83.97 23.70
C ARG I 18 -31.70 -82.62 23.24
N GLY I 19 -30.55 -82.18 23.77
CA GLY I 19 -29.98 -80.91 23.34
C GLY I 19 -28.47 -80.96 23.24
N ALA I 20 -27.95 -80.40 22.15
CA ALA I 20 -26.51 -80.34 21.90
C ALA I 20 -26.03 -78.90 22.03
N MET I 21 -24.91 -78.71 22.71
CA MET I 21 -24.37 -77.37 22.97
C MET I 21 -22.87 -77.40 22.73
N LEU I 22 -22.43 -76.79 21.63
CA LEU I 22 -21.02 -76.60 21.36
C LEU I 22 -20.62 -75.17 21.69
N VAL I 23 -19.49 -75.03 22.37
CA VAL I 23 -19.06 -73.75 22.91
C VAL I 23 -17.54 -73.79 23.03
N ARG I 24 -16.90 -72.63 22.84
CA ARG I 24 -15.48 -72.47 23.12
C ARG I 24 -15.26 -72.29 24.62
N ASN I 25 -14.07 -71.78 24.96
CA ASN I 25 -13.76 -71.44 26.35
C ASN I 25 -14.66 -70.32 26.87
N GLY I 26 -15.10 -69.40 26.00
CA GLY I 26 -16.03 -68.38 26.43
C GLY I 26 -17.20 -68.07 25.52
N LEU I 27 -17.18 -68.56 24.27
CA LEU I 27 -18.18 -68.15 23.30
C LEU I 27 -18.81 -69.35 22.61
N PRO I 28 -20.12 -69.31 22.37
CA PRO I 28 -20.78 -70.43 21.68
C PRO I 28 -20.49 -70.44 20.19
N ILE I 29 -20.48 -71.64 19.62
CA ILE I 29 -20.18 -71.81 18.20
C ILE I 29 -21.31 -72.55 17.47
N ALA I 30 -22.06 -73.37 18.20
CA ALA I 30 -23.06 -74.23 17.57
C ALA I 30 -24.07 -74.69 18.61
N THR I 31 -25.35 -74.64 18.25
CA THR I 31 -26.43 -75.09 19.12
C THR I 31 -27.34 -76.04 18.34
N ALA I 32 -27.92 -77.00 19.05
CA ALA I 32 -28.90 -77.91 18.47
C ALA I 32 -29.88 -78.33 19.56
N GLY I 33 -31.10 -78.63 19.15
CA GLY I 33 -32.13 -79.01 20.09
C GLY I 33 -32.66 -77.83 20.87
N ASP I 34 -33.15 -78.12 22.07
CA ASP I 34 -33.76 -77.11 22.95
C ASP I 34 -32.70 -76.48 23.85
N VAL I 35 -32.03 -75.46 23.32
CA VAL I 35 -31.10 -74.66 24.12
C VAL I 35 -31.71 -73.28 24.33
N ASN I 36 -32.46 -73.14 25.43
CA ASN I 36 -33.12 -71.90 25.79
C ASN I 36 -33.47 -71.98 27.27
N ALA I 37 -33.95 -70.85 27.82
CA ALA I 37 -34.36 -70.67 29.21
C ALA I 37 -33.19 -70.98 30.16
N GLU I 38 -32.19 -70.10 30.08
CA GLU I 38 -30.83 -70.22 30.65
C GLU I 38 -30.18 -71.45 30.01
N GLU I 39 -29.49 -72.30 30.80
CA GLU I 39 -28.82 -73.56 30.41
C GLU I 39 -27.81 -73.42 29.26
N GLN I 40 -27.37 -72.21 28.94
CA GLN I 40 -26.30 -71.90 28.00
C GLN I 40 -25.24 -71.00 28.64
N ARG I 41 -25.66 -70.02 29.45
CA ARG I 41 -24.73 -69.15 30.15
C ARG I 41 -23.96 -69.90 31.23
N VAL I 42 -24.59 -70.91 31.86
CA VAL I 42 -23.88 -71.73 32.83
C VAL I 42 -22.88 -72.66 32.16
N ILE I 43 -23.06 -72.97 30.88
CA ILE I 43 -22.05 -73.72 30.14
C ILE I 43 -20.93 -72.80 29.68
N CYS I 44 -21.28 -71.56 29.31
CA CYS I 44 -20.28 -70.59 28.85
C CYS I 44 -19.37 -70.13 30.00
N GLU I 45 -19.94 -69.94 31.18
CA GLU I 45 -19.17 -69.46 32.33
C GLU I 45 -18.46 -70.59 33.09
N TRP I 46 -18.64 -71.84 32.66
CA TRP I 46 -18.12 -72.98 33.40
C TRP I 46 -16.61 -73.11 33.23
N ASN I 47 -15.93 -73.42 34.35
CA ASN I 47 -14.50 -73.66 34.35
C ASN I 47 -14.16 -74.51 35.57
N SER I 48 -13.34 -75.54 35.37
CA SER I 48 -12.92 -76.41 36.46
C SER I 48 -11.59 -77.07 36.08
N ASN I 49 -10.93 -77.63 37.10
CA ASN I 49 -9.63 -78.26 36.89
C ASN I 49 -9.73 -79.62 36.18
N ALA I 50 -10.73 -80.44 36.54
CA ALA I 50 -10.85 -81.76 35.96
C ALA I 50 -11.53 -81.67 34.59
N VAL I 51 -11.67 -82.82 33.93
CA VAL I 51 -12.08 -82.87 32.53
C VAL I 51 -13.46 -83.51 32.37
N SER I 52 -13.92 -84.31 33.33
CA SER I 52 -15.18 -85.02 33.21
C SER I 52 -16.06 -84.67 34.41
N GLU I 53 -17.17 -83.99 34.14
CA GLU I 53 -18.10 -83.57 35.19
C GLU I 53 -19.53 -83.79 34.74
N VAL I 54 -20.41 -83.99 35.72
CA VAL I 54 -21.85 -84.07 35.52
C VAL I 54 -22.48 -83.04 36.46
N LEU I 55 -23.26 -82.13 35.90
CA LEU I 55 -23.84 -81.03 36.67
C LEU I 55 -25.32 -80.91 36.37
N HIS I 56 -26.10 -80.65 37.41
CA HIS I 56 -27.51 -80.31 37.26
C HIS I 56 -27.84 -79.21 38.26
N LEU I 57 -28.81 -78.37 37.90
CA LEU I 57 -29.20 -77.27 38.76
C LEU I 57 -30.01 -77.80 39.96
N HIS I 58 -29.82 -77.16 41.11
CA HIS I 58 -30.58 -77.52 42.29
C HIS I 58 -31.92 -76.80 42.37
N ASP I 59 -32.20 -75.90 41.43
CA ASP I 59 -33.52 -75.30 41.27
C ASP I 59 -34.17 -75.73 39.97
N SER I 60 -33.67 -76.79 39.34
CA SER I 60 -34.22 -77.33 38.11
C SER I 60 -33.97 -78.83 38.09
N ASN I 61 -34.25 -79.46 36.95
CA ASN I 61 -34.06 -80.90 36.80
C ASN I 61 -33.46 -81.22 35.43
N THR I 62 -32.46 -80.45 35.02
CA THR I 62 -31.79 -80.65 33.74
C THR I 62 -30.33 -81.01 34.01
N LYS I 63 -29.92 -82.20 33.58
CA LYS I 63 -28.58 -82.71 33.85
C LYS I 63 -27.70 -82.52 32.62
N ILE I 64 -26.51 -81.96 32.82
CA ILE I 64 -25.63 -81.57 31.73
C ILE I 64 -24.35 -82.40 31.80
N LEU I 65 -23.98 -83.01 30.68
CA LEU I 65 -22.72 -83.73 30.54
C LEU I 65 -21.68 -82.77 29.95
N ILE I 66 -20.59 -82.56 30.67
CA ILE I 66 -19.60 -81.53 30.34
C ILE I 66 -18.22 -82.16 30.22
N ALA I 67 -17.58 -81.97 29.07
CA ALA I 67 -16.17 -82.30 28.89
C ALA I 67 -15.42 -81.08 28.38
N THR I 68 -14.16 -80.95 28.78
CA THR I 68 -13.35 -79.79 28.41
C THR I 68 -11.92 -80.23 28.17
N LYS I 69 -11.48 -80.14 26.91
CA LYS I 69 -10.06 -80.27 26.58
C LYS I 69 -9.80 -79.43 25.33
N GLU I 70 -8.55 -78.95 25.22
CA GLU I 70 -8.02 -78.14 24.11
C GLU I 70 -8.84 -76.86 23.88
N SER I 71 -9.28 -76.26 25.00
CA SER I 71 -10.09 -75.02 25.05
C SER I 71 -11.39 -75.14 24.24
N CYS I 72 -12.05 -76.29 24.35
CA CYS I 72 -13.33 -76.51 23.69
C CYS I 72 -14.21 -77.37 24.59
N VAL I 73 -15.43 -76.90 24.84
CA VAL I 73 -16.35 -77.53 25.78
C VAL I 73 -17.56 -78.04 25.02
N LEU I 74 -17.97 -79.28 25.30
CA LEU I 74 -19.17 -79.85 24.70
C LEU I 74 -20.21 -80.08 25.80
N GLY I 75 -21.42 -79.58 25.57
CA GLY I 75 -22.50 -79.75 26.52
C GLY I 75 -23.66 -80.54 25.97
N LEU I 76 -24.15 -81.52 26.73
CA LEU I 76 -25.26 -82.38 26.33
C LEU I 76 -26.41 -82.15 27.30
N ILE I 77 -27.58 -81.82 26.76
CA ILE I 77 -28.74 -81.45 27.57
C ILE I 77 -29.70 -82.64 27.61
N TYR I 78 -30.00 -83.11 28.83
CA TYR I 78 -30.97 -84.18 29.03
C TYR I 78 -31.58 -84.00 30.41
N ARG I 79 -32.85 -84.40 30.54
CA ARG I 79 -33.58 -84.15 31.78
C ARG I 79 -33.18 -85.14 32.86
N ASN I 80 -33.07 -84.65 34.09
CA ASN I 80 -32.76 -85.51 35.23
C ASN I 80 -33.95 -86.37 35.62
N THR I 81 -35.16 -85.81 35.51
CA THR I 81 -36.46 -86.42 35.86
C THR I 81 -36.52 -86.99 37.28
#